data_7VN0
#
_entry.id   7VN0
#
_cell.length_a   124.944
_cell.length_b   120.786
_cell.length_c   184.747
_cell.angle_alpha   90.000
_cell.angle_beta   101.900
_cell.angle_gamma   90.000
#
_symmetry.space_group_name_H-M   'I 1 2 1'
#
loop_
_entity.id
_entity.type
_entity.pdbx_description
1 polymer Catalase
2 non-polymer 'CIS-HEME D HYDROXYCHLORIN GAMMA-SPIROLACTONE'
3 non-polymer 'CALCIUM ION'
4 non-polymer ALANINE
5 water water
#
_entity_poly.entity_id   1
_entity_poly.type   'polypeptide(L)'
_entity_poly.pdbx_seq_one_letter_code
;MGSSHHHHHHSSGENLYFQGHMTCPFADPAALYSRQDTTSGQSPLAAYEVDDSTGYLTSDVGGPIQDQTSLKAGIRGPTL
LEDFMFRQKIQHFDHERVPERAVHARGAGAHGTFTSYADWSNITAASFLNATGKQTPVFVRFSTVAGSRGSADTARDVHG
FATRFYTDEGNFDIVGNNIPVFFIQDAIQFPDLIHSVKPRPDNEIPQAAAAHDSAWDFFSQQPSTMHTLFWAMSGHGIPR
SYRHMDGFGVHTFRFVKDDGSSKLIKWHFKSRQGKASLVWEEAQVLSGKNADFHRQDLWDAIESGNGPEWDVCVQIVDES
QAQAFGFDLLDPTKIIPEEYAPLTKLGLLKLDRNPTNYFAETEQVMFQPGHIVRGIDFTEDPLLQGRLFSYLDTQLNRNG
GPNFEQLPINMPRVPIHNNNRDGAGQMFIHRNKYPYTPNTLNSGYPRQANQNAGRGFFTAPGRTASGALVREVSPTFNDH
WSQPRLFFNSLTPVEQQFLVNAMRFEISLVKSEEVKKNVLTQLNRVSHDVAVRVAAAIGLGAPDADDTYYHNNKTAGVSI
VGSGPLPTIKTLRVGILATTSESSALDQAAQLRTRLEKDGLVVTVVAETLREGVDQTYSTADATGFDGVVVVDGAAALFA
STASSPLFPTGRPLQIFVDAYRWGKPVGVCGGKSSEVLDAADVPEDGDGVYSEESVDMFVEEFEKGLATFRFTDRFALDS
;
_entity_poly.pdbx_strand_id   A,B,C,D
#
# COMPACT_ATOMS: atom_id res chain seq x y z
N SER A 43 -29.41 3.80 -4.54
CA SER A 43 -28.36 3.37 -3.58
C SER A 43 -27.09 3.09 -4.36
N PRO A 44 -25.91 3.58 -3.92
CA PRO A 44 -24.63 3.10 -4.47
C PRO A 44 -24.47 1.57 -4.29
N LEU A 45 -25.10 1.01 -3.25
CA LEU A 45 -25.03 -0.46 -3.01
C LEU A 45 -25.78 -1.19 -4.15
N ALA A 46 -27.03 -0.82 -4.41
CA ALA A 46 -27.85 -1.51 -5.46
C ALA A 46 -27.08 -1.51 -6.80
N ALA A 47 -26.45 -0.41 -7.16
CA ALA A 47 -25.75 -0.21 -8.45
C ALA A 47 -24.56 -1.18 -8.65
N TYR A 48 -23.91 -1.57 -7.56
CA TYR A 48 -22.68 -2.37 -7.59
C TYR A 48 -22.96 -3.81 -7.24
N GLU A 49 -24.22 -4.22 -7.10
CA GLU A 49 -24.54 -5.66 -6.84
C GLU A 49 -24.27 -6.48 -8.09
N VAL A 50 -23.63 -7.63 -7.92
CA VAL A 50 -23.23 -8.51 -9.02
C VAL A 50 -23.96 -9.85 -8.88
N ASP A 51 -24.71 -10.20 -9.90
CA ASP A 51 -25.48 -11.46 -9.98
C ASP A 51 -24.69 -12.53 -10.73
N ASP A 52 -24.41 -13.65 -10.06
CA ASP A 52 -23.70 -14.81 -10.62
C ASP A 52 -24.58 -16.05 -10.51
N SER A 53 -25.91 -15.87 -10.57
CA SER A 53 -26.90 -16.98 -10.48
C SER A 53 -26.98 -17.71 -11.84
N THR A 54 -26.46 -17.12 -12.90
CA THR A 54 -26.37 -17.76 -14.22
C THR A 54 -25.06 -17.34 -14.90
N GLY A 55 -24.75 -17.98 -16.03
CA GLY A 55 -23.70 -17.51 -16.90
C GLY A 55 -22.44 -18.36 -16.83
N TYR A 56 -21.59 -18.11 -17.80
CA TYR A 56 -20.26 -18.73 -17.92
C TYR A 56 -19.26 -17.87 -17.17
N LEU A 57 -18.30 -18.58 -16.57
CA LEU A 57 -17.11 -18.00 -15.91
C LEU A 57 -16.38 -17.05 -16.87
N THR A 58 -16.00 -15.87 -16.40
CA THR A 58 -15.18 -14.91 -17.15
C THR A 58 -14.01 -14.41 -16.29
N SER A 59 -13.00 -13.89 -16.93
CA SER A 59 -11.98 -13.06 -16.24
C SER A 59 -12.65 -11.79 -15.71
N ASP A 60 -11.86 -10.98 -14.99
CA ASP A 60 -12.33 -9.65 -14.53
C ASP A 60 -12.50 -8.71 -15.71
N VAL A 61 -12.05 -9.08 -16.92
CA VAL A 61 -12.27 -8.22 -18.10
C VAL A 61 -13.26 -8.89 -19.06
N GLY A 62 -14.06 -9.82 -18.59
CA GLY A 62 -15.23 -10.32 -19.35
C GLY A 62 -14.89 -11.39 -20.38
N GLY A 63 -13.67 -11.93 -20.38
CA GLY A 63 -13.30 -13.01 -21.31
C GLY A 63 -13.74 -14.33 -20.73
N PRO A 64 -14.60 -15.13 -21.39
CA PRO A 64 -14.99 -16.43 -20.83
C PRO A 64 -13.74 -17.32 -20.69
N ILE A 65 -13.65 -18.01 -19.55
CA ILE A 65 -12.49 -18.84 -19.19
C ILE A 65 -12.95 -20.05 -18.39
N GLN A 66 -11.98 -20.88 -18.05
CA GLN A 66 -12.15 -21.95 -17.04
C GLN A 66 -11.24 -21.67 -15.85
N ASP A 67 -11.38 -22.43 -14.77
CA ASP A 67 -10.50 -22.16 -13.59
C ASP A 67 -10.30 -23.41 -12.74
N GLN A 68 -10.35 -24.59 -13.37
CA GLN A 68 -10.26 -25.86 -12.59
C GLN A 68 -9.01 -26.68 -12.86
N THR A 69 -8.35 -26.50 -14.00
CA THR A 69 -7.10 -27.19 -14.30
C THR A 69 -6.07 -26.19 -14.83
N SER A 70 -4.86 -26.28 -14.31
CA SER A 70 -3.69 -25.53 -14.79
C SER A 70 -3.31 -25.95 -16.21
N LEU A 71 -2.79 -25.01 -16.99
CA LEU A 71 -2.19 -25.30 -18.31
C LEU A 71 -0.78 -25.86 -18.11
N LYS A 72 -0.53 -27.02 -18.71
CA LYS A 72 0.73 -27.75 -18.47
C LYS A 72 1.39 -28.18 -19.78
N ALA A 73 2.69 -28.37 -19.75
CA ALA A 73 3.46 -28.89 -20.89
C ALA A 73 3.39 -30.41 -20.84
N GLY A 74 2.30 -30.96 -21.38
CA GLY A 74 1.97 -32.39 -21.30
C GLY A 74 1.20 -32.76 -20.06
N ILE A 75 0.51 -33.90 -20.10
CA ILE A 75 -0.52 -34.32 -19.12
C ILE A 75 0.08 -34.49 -17.71
N ARG A 76 1.36 -34.81 -17.60
CA ARG A 76 2.11 -34.93 -16.32
C ARG A 76 3.22 -33.88 -16.28
N GLY A 77 3.02 -32.73 -16.92
CA GLY A 77 4.10 -31.75 -17.10
C GLY A 77 3.98 -30.55 -16.17
N PRO A 78 4.99 -29.67 -16.23
CA PRO A 78 5.05 -28.48 -15.40
C PRO A 78 4.04 -27.44 -15.88
N THR A 79 3.59 -26.58 -14.97
CA THR A 79 2.65 -25.51 -15.26
C THR A 79 3.32 -24.36 -16.00
N LEU A 80 2.58 -23.79 -16.94
CA LEU A 80 3.12 -22.73 -17.81
C LEU A 80 2.91 -21.34 -17.22
N LEU A 81 3.93 -20.52 -17.38
CA LEU A 81 3.83 -19.08 -17.02
C LEU A 81 2.73 -18.41 -17.83
N GLU A 82 2.46 -18.84 -19.07
CA GLU A 82 1.45 -18.14 -19.92
C GLU A 82 0.04 -18.48 -19.46
N ASP A 83 -0.13 -19.26 -18.38
CA ASP A 83 -1.48 -19.52 -17.85
C ASP A 83 -2.00 -18.29 -17.10
N PHE A 84 -2.60 -17.37 -17.83
CA PHE A 84 -3.21 -16.15 -17.23
C PHE A 84 -4.44 -16.52 -16.42
N MET A 85 -5.12 -17.62 -16.70
CA MET A 85 -6.35 -17.98 -15.97
C MET A 85 -5.92 -18.28 -14.54
N PHE A 86 -4.88 -19.11 -14.41
CA PHE A 86 -4.29 -19.45 -13.11
C PHE A 86 -3.84 -18.18 -12.38
N ARG A 87 -2.99 -17.37 -13.00
CA ARG A 87 -2.40 -16.24 -12.25
C ARG A 87 -3.41 -15.19 -11.86
N GLN A 88 -4.41 -14.88 -12.67
CA GLN A 88 -5.37 -13.81 -12.25
C GLN A 88 -6.19 -14.32 -11.07
N LYS A 89 -6.53 -15.62 -11.08
CA LYS A 89 -7.34 -16.19 -10.00
C LYS A 89 -6.53 -16.22 -8.69
N ILE A 90 -5.30 -16.71 -8.78
CA ILE A 90 -4.47 -16.90 -7.57
C ILE A 90 -3.94 -15.53 -7.11
N GLN A 91 -3.62 -14.60 -7.99
CA GLN A 91 -3.27 -13.22 -7.54
C GLN A 91 -4.45 -12.66 -6.74
N HIS A 92 -5.68 -12.78 -7.20
CA HIS A 92 -6.83 -12.24 -6.45
C HIS A 92 -6.86 -12.91 -5.07
N PHE A 93 -6.74 -14.22 -5.03
CA PHE A 93 -6.84 -14.95 -3.76
C PHE A 93 -5.73 -14.48 -2.80
N ASP A 94 -4.53 -14.35 -3.35
CA ASP A 94 -3.33 -13.98 -2.58
C ASP A 94 -3.52 -12.61 -1.91
N HIS A 95 -4.33 -11.76 -2.51
CA HIS A 95 -4.52 -10.36 -2.08
C HIS A 95 -5.90 -10.17 -1.46
N GLU A 96 -6.63 -11.19 -1.06
CA GLU A 96 -8.02 -10.99 -0.54
C GLU A 96 -8.01 -10.19 0.74
N ARG A 97 -7.01 -10.38 1.59
CA ARG A 97 -7.06 -9.85 2.95
C ARG A 97 -6.63 -8.38 3.02
N VAL A 98 -7.25 -7.66 3.94
CA VAL A 98 -6.88 -6.27 4.29
C VAL A 98 -6.54 -6.23 5.78
N PRO A 99 -5.81 -5.22 6.29
CA PRO A 99 -5.53 -5.17 7.72
C PRO A 99 -6.86 -5.17 8.46
N GLU A 100 -6.91 -5.89 9.57
CA GLU A 100 -8.06 -5.76 10.47
C GLU A 100 -8.03 -4.38 11.12
N ARG A 101 -9.17 -3.90 11.59
CA ARG A 101 -9.22 -2.63 12.36
C ARG A 101 -8.26 -2.69 13.55
N ALA A 102 -7.61 -1.57 13.86
CA ALA A 102 -6.59 -1.56 14.96
C ALA A 102 -7.26 -1.85 16.30
N VAL A 103 -8.53 -1.47 16.45
CA VAL A 103 -9.38 -1.88 17.59
C VAL A 103 -10.75 -2.21 17.02
N HIS A 104 -11.55 -2.95 17.76
CA HIS A 104 -12.89 -3.37 17.28
C HIS A 104 -12.75 -4.22 16.03
N ALA A 105 -11.71 -5.03 15.93
CA ALA A 105 -11.51 -5.90 14.75
C ALA A 105 -12.64 -6.92 14.59
N ARG A 106 -13.17 -7.42 15.68
CA ARG A 106 -14.25 -8.45 15.69
C ARG A 106 -15.62 -7.80 15.77
N GLY A 107 -16.43 -7.89 14.72
CA GLY A 107 -17.76 -7.25 14.77
C GLY A 107 -18.65 -7.65 13.63
N ALA A 108 -19.88 -7.16 13.63
CA ALA A 108 -20.90 -7.57 12.64
C ALA A 108 -21.85 -6.40 12.46
N GLY A 109 -22.35 -6.26 11.23
CA GLY A 109 -23.17 -5.09 10.86
C GLY A 109 -24.49 -5.46 10.19
N ALA A 110 -25.35 -4.45 10.14
CA ALA A 110 -26.66 -4.58 9.46
C ALA A 110 -27.17 -3.22 9.04
N HIS A 111 -28.01 -3.24 8.00
CA HIS A 111 -28.70 -2.05 7.45
C HIS A 111 -30.03 -1.83 8.19
N GLY A 112 -30.47 -0.58 8.19
CA GLY A 112 -31.80 -0.27 8.69
C GLY A 112 -32.21 1.13 8.36
N THR A 113 -33.07 1.68 9.22
N THR A 113 -33.04 1.69 9.24
CA THR A 113 -33.67 3.01 9.04
CA THR A 113 -33.67 3.00 9.06
C THR A 113 -33.73 3.70 10.40
C THR A 113 -33.73 3.70 10.40
N PHE A 114 -33.49 5.01 10.39
CA PHE A 114 -33.78 5.90 11.52
C PHE A 114 -35.02 6.74 11.13
N THR A 115 -35.95 6.86 12.06
CA THR A 115 -37.19 7.70 11.85
C THR A 115 -37.28 8.74 12.96
N SER A 116 -37.29 10.02 12.60
CA SER A 116 -37.44 11.10 13.61
C SER A 116 -38.84 11.10 14.22
N TYR A 117 -38.95 11.36 15.50
CA TYR A 117 -40.28 11.46 16.16
C TYR A 117 -40.86 12.85 16.00
N ALA A 118 -40.09 13.82 15.59
CA ALA A 118 -40.55 15.23 15.62
C ALA A 118 -39.69 16.11 14.72
N ASP A 119 -40.09 17.38 14.58
CA ASP A 119 -39.23 18.45 14.06
C ASP A 119 -38.42 18.95 15.24
N TRP A 120 -37.14 18.65 15.28
CA TRP A 120 -36.25 19.09 16.39
C TRP A 120 -35.52 20.40 16.10
N SER A 121 -36.02 21.23 15.17
N SER A 121 -36.00 21.23 15.17
CA SER A 121 -35.46 22.56 14.86
CA SER A 121 -35.36 22.53 14.85
C SER A 121 -35.23 23.42 16.12
C SER A 121 -35.25 23.42 16.10
N ASN A 122 -36.05 23.24 17.15
CA ASN A 122 -35.97 24.05 18.38
C ASN A 122 -34.66 23.78 19.13
N ILE A 123 -33.98 22.65 18.86
CA ILE A 123 -32.73 22.26 19.58
C ILE A 123 -31.57 22.01 18.61
N THR A 124 -31.81 21.73 17.34
CA THR A 124 -30.70 21.48 16.39
C THR A 124 -31.13 21.81 14.96
N ALA A 125 -30.18 22.28 14.16
CA ALA A 125 -30.35 22.48 12.72
C ALA A 125 -30.28 21.15 11.97
N ALA A 126 -29.93 20.02 12.61
CA ALA A 126 -29.64 18.76 11.88
C ALA A 126 -30.82 18.37 10.99
N SER A 127 -30.58 18.19 9.69
CA SER A 127 -31.63 17.92 8.68
C SER A 127 -32.31 16.60 8.95
N PHE A 128 -31.59 15.57 9.37
CA PHE A 128 -32.20 14.24 9.55
C PHE A 128 -33.22 14.27 10.72
N LEU A 129 -33.13 15.30 11.55
CA LEU A 129 -34.02 15.47 12.74
C LEU A 129 -35.06 16.59 12.50
N ASN A 130 -35.28 17.04 11.27
CA ASN A 130 -36.06 18.30 11.06
C ASN A 130 -37.55 18.07 10.76
N ALA A 131 -38.09 16.87 10.86
CA ALA A 131 -39.53 16.63 10.56
C ALA A 131 -39.98 15.33 11.21
N THR A 132 -41.18 15.31 11.77
CA THR A 132 -41.87 14.11 12.25
C THR A 132 -41.91 13.09 11.12
N GLY A 133 -41.43 11.87 11.37
CA GLY A 133 -41.51 10.71 10.45
C GLY A 133 -40.40 10.73 9.41
N LYS A 134 -39.49 11.70 9.44
CA LYS A 134 -38.41 11.77 8.43
C LYS A 134 -37.52 10.52 8.60
N GLN A 135 -37.32 9.80 7.50
CA GLN A 135 -36.59 8.51 7.45
C GLN A 135 -35.21 8.72 6.85
N THR A 136 -34.22 8.12 7.50
CA THR A 136 -32.82 8.19 7.04
C THR A 136 -32.25 6.77 7.03
N PRO A 137 -31.67 6.28 5.91
CA PRO A 137 -31.04 4.95 5.94
C PRO A 137 -29.88 4.93 6.93
N VAL A 138 -29.67 3.79 7.58
CA VAL A 138 -28.52 3.60 8.49
C VAL A 138 -27.79 2.30 8.18
N PHE A 139 -26.53 2.25 8.62
CA PHE A 139 -25.75 1.01 8.74
C PHE A 139 -25.10 1.01 10.12
N VAL A 140 -25.20 -0.07 10.85
CA VAL A 140 -24.65 -0.18 12.21
C VAL A 140 -23.65 -1.33 12.19
N ARG A 141 -22.49 -1.13 12.83
CA ARG A 141 -21.58 -2.25 13.19
C ARG A 141 -21.38 -2.32 14.70
N PHE A 142 -21.56 -3.51 15.23
CA PHE A 142 -21.31 -3.83 16.65
C PHE A 142 -20.00 -4.61 16.72
N SER A 143 -19.33 -4.62 17.88
CA SER A 143 -17.95 -5.17 17.94
C SER A 143 -17.56 -5.41 19.40
N THR A 144 -16.52 -6.20 19.58
CA THR A 144 -15.68 -6.11 20.81
C THR A 144 -14.63 -5.05 20.54
N VAL A 145 -13.60 -5.00 21.41
CA VAL A 145 -12.52 -4.00 21.25
C VAL A 145 -11.16 -4.68 21.05
N ALA A 146 -10.75 -5.56 21.96
CA ALA A 146 -9.35 -6.05 22.05
C ALA A 146 -9.06 -7.19 21.06
N GLY A 147 -10.00 -8.10 20.86
CA GLY A 147 -9.72 -9.31 20.09
C GLY A 147 -9.48 -9.02 18.62
N SER A 148 -8.68 -9.87 17.99
CA SER A 148 -8.49 -9.83 16.53
C SER A 148 -9.74 -10.41 15.84
N ARG A 149 -9.72 -10.39 14.52
N ARG A 149 -9.74 -10.33 14.52
CA ARG A 149 -10.90 -10.66 13.67
CA ARG A 149 -10.83 -10.96 13.75
C ARG A 149 -11.63 -11.96 13.91
C ARG A 149 -10.70 -12.50 14.02
N GLY A 150 -10.90 -12.99 14.29
N GLY A 150 -11.83 -13.17 14.14
CA GLY A 150 -11.47 -14.34 14.46
CA GLY A 150 -11.91 -14.58 14.53
C GLY A 150 -11.73 -14.75 15.91
C GLY A 150 -11.92 -14.81 16.03
N SER A 151 -11.61 -13.79 16.84
CA SER A 151 -11.79 -13.99 18.29
C SER A 151 -13.28 -14.06 18.63
N ALA A 152 -13.57 -14.53 19.84
CA ALA A 152 -14.97 -14.91 20.18
C ALA A 152 -15.79 -13.67 20.50
N ASP A 153 -17.07 -13.70 20.13
CA ASP A 153 -18.01 -12.61 20.42
C ASP A 153 -18.14 -12.43 21.93
N THR A 154 -18.12 -13.54 22.68
CA THR A 154 -18.47 -13.52 24.14
C THR A 154 -17.23 -13.43 25.03
N ALA A 155 -16.15 -12.89 24.51
CA ALA A 155 -15.07 -12.37 25.39
C ALA A 155 -15.65 -11.34 26.35
N ARG A 156 -15.02 -11.17 27.52
CA ARG A 156 -15.39 -10.03 28.36
C ARG A 156 -14.69 -8.80 27.80
N ASP A 157 -15.43 -7.76 27.43
CA ASP A 157 -14.83 -6.57 26.78
C ASP A 157 -15.80 -5.42 26.80
N VAL A 158 -15.30 -4.22 26.51
CA VAL A 158 -16.13 -3.11 26.03
C VAL A 158 -16.63 -3.50 24.62
N HIS A 159 -17.78 -2.99 24.22
CA HIS A 159 -18.37 -3.31 22.90
C HIS A 159 -18.60 -2.02 22.12
N GLY A 160 -18.37 -2.07 20.81
CA GLY A 160 -18.68 -0.98 19.91
C GLY A 160 -20.12 -1.02 19.47
N PHE A 161 -20.62 0.16 19.15
CA PHE A 161 -21.97 0.35 18.60
C PHE A 161 -21.85 1.59 17.74
N ALA A 162 -21.54 1.38 16.46
CA ALA A 162 -21.21 2.46 15.51
C ALA A 162 -22.37 2.58 14.54
N THR A 163 -22.97 3.78 14.43
CA THR A 163 -24.15 4.02 13.59
C THR A 163 -23.83 5.10 12.55
N ARG A 164 -24.02 4.78 11.28
CA ARG A 164 -23.95 5.74 10.17
C ARG A 164 -25.39 6.11 9.76
N PHE A 165 -25.68 7.40 9.76
CA PHE A 165 -26.94 7.96 9.19
C PHE A 165 -26.57 8.55 7.83
N TYR A 166 -27.12 7.98 6.77
CA TYR A 166 -26.88 8.47 5.40
C TYR A 166 -27.82 9.65 5.16
N THR A 167 -27.53 10.81 5.76
CA THR A 167 -28.52 11.89 5.78
C THR A 167 -28.55 12.62 4.44
N ASP A 168 -29.60 13.43 4.26
CA ASP A 168 -29.74 14.29 3.06
C ASP A 168 -28.86 15.53 3.10
N GLU A 169 -28.01 15.66 4.14
N GLU A 169 -28.01 15.69 4.14
CA GLU A 169 -26.98 16.73 4.27
CA GLU A 169 -26.97 16.73 4.19
C GLU A 169 -25.64 16.07 4.61
C GLU A 169 -25.64 16.08 4.58
N GLY A 170 -25.46 14.81 4.21
CA GLY A 170 -24.18 14.10 4.36
C GLY A 170 -24.25 12.96 5.35
N ASN A 171 -23.25 12.08 5.28
CA ASN A 171 -23.18 10.97 6.24
C ASN A 171 -22.81 11.52 7.62
N PHE A 172 -23.52 11.07 8.62
CA PHE A 172 -23.28 11.46 10.03
C PHE A 172 -23.07 10.16 10.79
N ASP A 173 -21.89 9.98 11.40
CA ASP A 173 -21.61 8.75 12.18
C ASP A 173 -21.63 9.10 13.67
N ILE A 174 -22.25 8.26 14.49
CA ILE A 174 -22.09 8.24 15.94
C ILE A 174 -21.33 6.97 16.26
N VAL A 175 -20.07 7.16 16.63
CA VAL A 175 -19.18 6.00 16.81
C VAL A 175 -19.15 5.74 18.31
N GLY A 176 -20.04 4.89 18.79
CA GLY A 176 -20.28 4.71 20.23
C GLY A 176 -19.80 3.40 20.79
N ASN A 177 -20.01 3.18 22.09
CA ASN A 177 -19.78 1.89 22.76
C ASN A 177 -21.02 1.53 23.61
N ASN A 178 -21.05 0.33 24.18
CA ASN A 178 -22.21 -0.10 25.02
C ASN A 178 -22.03 0.35 26.46
N ILE A 179 -20.92 1.04 26.76
CA ILE A 179 -20.56 1.55 28.09
C ILE A 179 -20.39 3.05 27.90
N PRO A 180 -21.02 3.90 28.75
CA PRO A 180 -21.09 5.34 28.48
C PRO A 180 -19.86 6.16 28.84
N VAL A 181 -18.86 5.52 29.43
CA VAL A 181 -17.61 6.19 29.87
C VAL A 181 -16.44 5.43 29.30
N PHE A 182 -15.33 6.12 29.13
CA PHE A 182 -14.13 5.54 28.52
C PHE A 182 -13.01 5.46 29.55
N PHE A 183 -12.04 4.57 29.32
CA PHE A 183 -10.91 4.32 30.23
C PHE A 183 -9.97 5.50 30.51
N ILE A 184 -9.82 6.38 29.52
CA ILE A 184 -8.75 7.41 29.55
C ILE A 184 -9.35 8.76 29.21
N GLN A 185 -8.65 9.81 29.58
CA GLN A 185 -9.14 11.21 29.49
C GLN A 185 -8.46 12.02 28.40
N ASP A 186 -7.56 11.41 27.63
CA ASP A 186 -6.84 12.11 26.54
C ASP A 186 -6.55 11.09 25.46
N ALA A 187 -6.87 11.40 24.21
CA ALA A 187 -6.68 10.47 23.08
C ALA A 187 -5.21 10.06 22.92
N ILE A 188 -4.28 10.87 23.37
CA ILE A 188 -2.83 10.55 23.17
C ILE A 188 -2.48 9.26 23.94
N GLN A 189 -3.25 8.89 24.95
CA GLN A 189 -3.01 7.70 25.78
C GLN A 189 -3.59 6.45 25.13
N PHE A 190 -4.33 6.54 24.02
CA PHE A 190 -5.02 5.36 23.48
C PHE A 190 -4.07 4.20 23.16
N PRO A 191 -2.89 4.43 22.55
CA PRO A 191 -1.98 3.30 22.27
C PRO A 191 -1.49 2.65 23.57
N ASP A 192 -1.37 3.44 24.65
CA ASP A 192 -0.95 2.87 25.95
C ASP A 192 -2.03 1.91 26.47
N LEU A 193 -3.29 2.36 26.54
CA LEU A 193 -4.41 1.49 26.96
C LEU A 193 -4.47 0.25 26.09
N ILE A 194 -4.43 0.44 24.76
CA ILE A 194 -4.66 -0.72 23.86
C ILE A 194 -3.48 -1.68 23.89
N HIS A 195 -2.24 -1.18 23.89
CA HIS A 195 -1.07 -2.08 24.02
C HIS A 195 -1.22 -2.88 25.31
N SER A 196 -1.68 -2.25 26.39
CA SER A 196 -1.73 -2.98 27.70
C SER A 196 -2.79 -4.07 27.70
N VAL A 197 -3.91 -3.88 27.00
N VAL A 197 -3.92 -3.88 27.01
CA VAL A 197 -5.06 -4.83 27.07
CA VAL A 197 -5.05 -4.85 27.08
C VAL A 197 -4.88 -5.93 26.02
C VAL A 197 -4.91 -5.93 26.01
N LYS A 198 -4.30 -5.59 24.88
CA LYS A 198 -3.99 -6.56 23.81
C LYS A 198 -2.92 -7.51 24.29
N PRO A 199 -2.68 -8.61 23.57
CA PRO A 199 -1.78 -9.66 24.02
C PRO A 199 -0.35 -9.17 24.27
N ARG A 200 0.34 -9.82 25.19
CA ARG A 200 1.73 -9.46 25.49
C ARG A 200 2.55 -9.62 24.20
N PRO A 201 3.38 -8.62 23.82
CA PRO A 201 3.90 -8.60 22.46
C PRO A 201 5.11 -9.48 22.15
N ASP A 202 5.64 -10.21 23.13
CA ASP A 202 6.67 -11.22 22.85
C ASP A 202 6.01 -12.51 22.31
N ASN A 203 4.86 -12.95 22.84
CA ASN A 203 4.26 -14.24 22.47
C ASN A 203 2.83 -14.08 21.99
N GLU A 204 2.31 -12.84 21.93
CA GLU A 204 0.89 -12.58 21.55
C GLU A 204 -0.06 -13.49 22.35
N ILE A 205 0.08 -13.52 23.66
CA ILE A 205 -0.85 -14.18 24.60
C ILE A 205 -1.22 -13.15 25.64
N PRO A 206 -2.47 -13.00 26.09
CA PRO A 206 -3.64 -13.80 25.69
C PRO A 206 -4.62 -13.05 24.80
N GLN A 207 -5.36 -13.82 24.02
CA GLN A 207 -6.33 -13.28 23.03
C GLN A 207 -7.57 -12.73 23.74
N ALA A 208 -8.04 -11.59 23.30
CA ALA A 208 -9.40 -11.05 23.60
C ALA A 208 -9.65 -11.07 25.10
N ALA A 209 -8.69 -10.60 25.90
CA ALA A 209 -8.84 -10.73 27.37
C ALA A 209 -8.02 -9.69 28.07
N ALA A 210 -8.60 -9.08 29.11
CA ALA A 210 -7.84 -8.20 30.00
C ALA A 210 -7.18 -9.00 31.13
N ALA A 211 -7.32 -10.33 31.18
CA ALA A 211 -6.87 -11.17 32.32
C ALA A 211 -5.37 -11.48 32.19
N HIS A 212 -4.52 -10.44 32.27
CA HIS A 212 -3.06 -10.57 32.19
C HIS A 212 -2.42 -9.36 32.84
N ASP A 213 -1.19 -9.55 33.28
CA ASP A 213 -0.44 -8.57 34.06
C ASP A 213 -0.47 -7.16 33.43
N SER A 214 -0.19 -7.06 32.12
CA SER A 214 0.01 -5.73 31.52
C SER A 214 -1.26 -4.89 31.69
N ALA A 215 -2.43 -5.48 31.47
CA ALA A 215 -3.69 -4.72 31.49
C ALA A 215 -3.92 -4.18 32.88
N TRP A 216 -3.81 -5.05 33.87
CA TRP A 216 -4.03 -4.66 35.29
C TRP A 216 -2.92 -3.72 35.77
N ASP A 217 -1.70 -3.84 35.23
CA ASP A 217 -0.63 -2.85 35.48
C ASP A 217 -1.15 -1.46 35.06
N PHE A 218 -1.60 -1.37 33.82
CA PHE A 218 -2.14 -0.10 33.29
C PHE A 218 -3.31 0.39 34.15
N PHE A 219 -4.31 -0.45 34.42
CA PHE A 219 -5.49 0.00 35.19
C PHE A 219 -5.02 0.56 36.53
N SER A 220 -4.08 -0.15 37.17
CA SER A 220 -3.68 0.26 38.54
C SER A 220 -2.84 1.51 38.51
N GLN A 221 -2.08 1.78 37.44
CA GLN A 221 -1.21 2.98 37.36
C GLN A 221 -1.98 4.18 36.79
N GLN A 222 -3.11 3.94 36.11
CA GLN A 222 -3.87 5.01 35.43
C GLN A 222 -5.28 5.03 35.99
N PRO A 223 -5.50 5.69 37.15
CA PRO A 223 -6.75 5.55 37.88
C PRO A 223 -8.01 6.03 37.15
N SER A 224 -7.83 6.83 36.11
CA SER A 224 -8.96 7.22 35.22
C SER A 224 -9.71 5.98 34.72
N THR A 225 -9.02 4.84 34.61
CA THR A 225 -9.58 3.59 34.07
C THR A 225 -10.69 3.04 34.98
N MET A 226 -10.77 3.46 36.25
CA MET A 226 -11.67 2.73 37.19
C MET A 226 -13.12 2.70 36.71
N HIS A 227 -13.67 3.78 36.19
CA HIS A 227 -15.13 3.77 35.89
C HIS A 227 -15.44 2.75 34.79
N THR A 228 -14.77 2.84 33.64
CA THR A 228 -15.01 1.85 32.59
C THR A 228 -14.64 0.45 33.06
N LEU A 229 -13.59 0.28 33.85
CA LEU A 229 -13.20 -1.03 34.37
C LEU A 229 -14.38 -1.65 35.14
N PHE A 230 -15.04 -0.89 36.00
CA PHE A 230 -16.20 -1.41 36.79
C PHE A 230 -17.31 -1.79 35.81
N TRP A 231 -17.60 -0.97 34.77
CA TRP A 231 -18.62 -1.37 33.79
C TRP A 231 -18.22 -2.69 33.10
N ALA A 232 -16.96 -2.81 32.67
CA ALA A 232 -16.54 -4.00 31.89
C ALA A 232 -16.56 -5.24 32.78
N MET A 233 -16.34 -5.09 34.09
CA MET A 233 -16.37 -6.21 35.04
C MET A 233 -17.79 -6.57 35.48
N SER A 234 -18.77 -5.75 35.11
CA SER A 234 -20.21 -6.00 35.32
C SER A 234 -20.71 -6.87 34.17
N GLY A 235 -22.02 -7.16 34.16
CA GLY A 235 -22.67 -7.84 33.03
C GLY A 235 -22.53 -7.08 31.73
N HIS A 236 -22.23 -5.79 31.76
CA HIS A 236 -22.09 -5.00 30.52
C HIS A 236 -20.87 -5.49 29.72
N GLY A 237 -19.91 -6.14 30.37
CA GLY A 237 -18.76 -6.79 29.71
C GLY A 237 -19.14 -8.02 28.90
N ILE A 238 -20.28 -8.67 29.22
CA ILE A 238 -20.68 -9.94 28.55
C ILE A 238 -22.17 -9.83 28.24
N PRO A 239 -22.57 -8.90 27.37
CA PRO A 239 -23.98 -8.77 27.01
C PRO A 239 -24.52 -10.07 26.38
N ARG A 240 -25.81 -10.36 26.61
CA ARG A 240 -26.51 -11.51 25.98
C ARG A 240 -26.50 -11.40 24.45
N SER A 241 -26.59 -10.20 23.92
CA SER A 241 -26.59 -10.00 22.44
C SER A 241 -26.33 -8.53 22.18
N TYR A 242 -26.02 -8.17 20.94
CA TYR A 242 -25.94 -6.76 20.52
C TYR A 242 -27.30 -6.08 20.72
N ARG A 243 -28.37 -6.87 20.60
CA ARG A 243 -29.76 -6.32 20.65
C ARG A 243 -30.15 -6.01 22.08
N HIS A 244 -29.44 -6.59 23.04
CA HIS A 244 -29.75 -6.49 24.49
C HIS A 244 -28.74 -5.58 25.21
N MET A 245 -28.09 -4.68 24.46
CA MET A 245 -27.20 -3.65 25.03
C MET A 245 -27.62 -2.29 24.44
N ASP A 246 -27.21 -1.23 25.10
CA ASP A 246 -27.46 0.15 24.67
C ASP A 246 -26.23 0.64 23.90
N GLY A 247 -26.36 1.81 23.31
CA GLY A 247 -25.25 2.51 22.66
C GLY A 247 -25.10 3.89 23.25
N PHE A 248 -23.88 4.34 23.39
CA PHE A 248 -23.55 5.66 23.97
C PHE A 248 -22.52 6.38 23.11
N GLY A 249 -22.75 7.66 22.86
CA GLY A 249 -21.75 8.51 22.22
C GLY A 249 -20.55 8.76 23.13
N VAL A 250 -20.69 8.56 24.44
CA VAL A 250 -19.66 8.74 25.51
C VAL A 250 -19.36 10.21 25.72
N HIS A 251 -18.88 10.90 24.70
CA HIS A 251 -18.50 12.31 24.80
C HIS A 251 -19.74 13.22 24.90
N THR A 252 -19.54 14.34 25.57
CA THR A 252 -20.43 15.48 25.39
C THR A 252 -20.24 16.03 23.97
N PHE A 253 -21.33 16.19 23.24
CA PHE A 253 -21.28 16.87 21.93
C PHE A 253 -22.11 18.14 22.04
N ARG A 254 -22.23 18.91 20.97
CA ARG A 254 -23.16 20.07 20.97
C ARG A 254 -24.23 19.89 19.91
N PHE A 255 -25.44 20.30 20.29
CA PHE A 255 -26.53 20.58 19.33
C PHE A 255 -26.47 22.07 19.02
N VAL A 256 -26.44 22.42 17.75
CA VAL A 256 -26.27 23.80 17.28
C VAL A 256 -27.48 24.15 16.41
N LYS A 257 -28.12 25.26 16.75
CA LYS A 257 -29.32 25.69 16.02
C LYS A 257 -28.89 26.53 14.83
N ASP A 258 -29.82 26.78 13.92
CA ASP A 258 -29.54 27.69 12.79
C ASP A 258 -29.41 29.15 13.24
N ASP A 259 -29.77 29.51 14.47
CA ASP A 259 -29.46 30.85 15.02
C ASP A 259 -28.06 30.89 15.63
N GLY A 260 -27.32 29.78 15.64
CA GLY A 260 -25.93 29.77 16.14
C GLY A 260 -25.83 29.39 17.62
N SER A 261 -26.94 29.33 18.34
CA SER A 261 -26.96 28.96 19.76
C SER A 261 -26.65 27.45 19.89
N SER A 262 -26.09 27.07 21.02
CA SER A 262 -25.67 25.67 21.23
C SER A 262 -26.07 25.20 22.63
N LYS A 263 -26.31 23.90 22.74
CA LYS A 263 -26.46 23.21 24.02
C LYS A 263 -25.54 21.99 24.04
N LEU A 264 -25.27 21.48 25.22
CA LEU A 264 -24.43 20.28 25.37
C LEU A 264 -25.30 19.04 25.44
N ILE A 265 -24.88 17.96 24.77
CA ILE A 265 -25.73 16.75 24.67
C ILE A 265 -24.92 15.47 24.93
N LYS A 266 -25.59 14.48 25.41
CA LYS A 266 -25.10 13.09 25.44
C LYS A 266 -26.06 12.21 24.64
N TRP A 267 -25.51 11.35 23.77
CA TRP A 267 -26.31 10.38 22.99
C TRP A 267 -26.47 9.08 23.78
N HIS A 268 -27.71 8.62 23.89
N HIS A 268 -27.68 8.53 23.86
CA HIS A 268 -28.06 7.33 24.47
CA HIS A 268 -28.03 7.27 24.60
C HIS A 268 -28.98 6.63 23.47
C HIS A 268 -29.04 6.52 23.73
N PHE A 269 -28.62 5.43 23.07
CA PHE A 269 -29.49 4.55 22.25
C PHE A 269 -30.00 3.49 23.20
N LYS A 270 -31.30 3.55 23.52
N LYS A 270 -31.30 3.54 23.51
CA LYS A 270 -31.92 2.73 24.58
CA LYS A 270 -31.92 2.72 24.57
C LYS A 270 -32.60 1.52 23.93
C LYS A 270 -32.61 1.51 23.93
N SER A 271 -32.13 0.31 24.22
CA SER A 271 -32.64 -0.94 23.64
C SER A 271 -34.13 -1.14 23.93
N ARG A 272 -34.92 -1.44 22.90
N ARG A 272 -34.91 -1.41 22.87
CA ARG A 272 -36.33 -1.90 23.08
CA ARG A 272 -36.33 -1.85 23.01
C ARG A 272 -36.43 -3.39 23.42
C ARG A 272 -36.44 -3.37 23.21
N GLN A 273 -35.33 -4.12 23.30
CA GLN A 273 -35.32 -5.56 23.58
C GLN A 273 -35.11 -5.83 25.08
N GLY A 274 -34.68 -4.81 25.83
CA GLY A 274 -34.31 -4.91 27.24
C GLY A 274 -32.81 -5.21 27.39
N LYS A 275 -32.28 -5.05 28.59
CA LYS A 275 -30.85 -5.24 28.93
C LYS A 275 -30.72 -6.65 29.43
N ALA A 276 -29.73 -7.39 28.95
CA ALA A 276 -29.50 -8.76 29.45
C ALA A 276 -28.03 -9.05 29.28
N SER A 277 -27.54 -9.89 30.15
CA SER A 277 -26.13 -10.33 30.17
C SER A 277 -26.08 -11.84 30.13
N LEU A 278 -24.92 -12.36 29.78
CA LEU A 278 -24.52 -13.73 30.08
C LEU A 278 -24.01 -13.83 31.52
N VAL A 279 -23.85 -15.04 32.09
CA VAL A 279 -22.92 -15.19 33.22
C VAL A 279 -21.55 -15.66 32.71
N TRP A 280 -20.53 -15.37 33.47
CA TRP A 280 -19.13 -15.51 32.99
C TRP A 280 -18.84 -16.93 32.55
N GLU A 281 -19.21 -17.93 33.35
N GLU A 281 -19.20 -17.92 33.35
CA GLU A 281 -18.88 -19.32 32.93
CA GLU A 281 -18.88 -19.33 33.05
C GLU A 281 -19.53 -19.59 31.57
C GLU A 281 -19.57 -19.74 31.73
N GLU A 282 -20.80 -19.25 31.47
CA GLU A 282 -21.54 -19.43 30.22
C GLU A 282 -20.81 -18.73 29.06
N ALA A 283 -20.38 -17.48 29.26
CA ALA A 283 -19.62 -16.76 28.22
C ALA A 283 -18.36 -17.54 27.81
N GLN A 284 -17.65 -18.12 28.78
N GLN A 284 -17.66 -18.14 28.79
CA GLN A 284 -16.42 -18.87 28.44
CA GLN A 284 -16.42 -18.90 28.55
C GLN A 284 -16.80 -20.06 27.57
C GLN A 284 -16.71 -20.13 27.68
N VAL A 285 -17.80 -20.84 27.96
CA VAL A 285 -18.15 -22.04 27.18
C VAL A 285 -18.62 -21.59 25.79
N LEU A 286 -19.46 -20.56 25.72
CA LEU A 286 -19.94 -20.05 24.43
C LEU A 286 -18.78 -19.64 23.54
N SER A 287 -17.74 -19.05 24.11
N SER A 287 -17.70 -19.09 24.11
CA SER A 287 -16.55 -18.64 23.33
CA SER A 287 -16.53 -18.62 23.32
C SER A 287 -16.06 -19.85 22.51
C SER A 287 -15.84 -19.81 22.63
N GLY A 288 -16.05 -21.02 23.12
CA GLY A 288 -15.59 -22.24 22.44
C GLY A 288 -16.65 -22.86 21.59
N LYS A 289 -17.88 -22.99 22.10
CA LYS A 289 -18.92 -23.73 21.35
C LYS A 289 -19.46 -22.89 20.18
N ASN A 290 -19.48 -21.56 20.27
CA ASN A 290 -20.00 -20.70 19.19
C ASN A 290 -19.37 -19.32 19.26
N ALA A 291 -18.18 -19.17 18.68
CA ALA A 291 -17.47 -17.88 18.63
C ALA A 291 -18.31 -16.82 17.89
N ASP A 292 -19.30 -17.25 17.08
CA ASP A 292 -20.13 -16.35 16.24
C ASP A 292 -21.47 -16.04 16.93
N PHE A 293 -21.58 -16.23 18.25
CA PHE A 293 -22.90 -16.17 18.92
C PHE A 293 -23.57 -14.82 18.66
N HIS A 294 -22.92 -13.68 18.87
CA HIS A 294 -23.61 -12.38 18.71
C HIS A 294 -23.92 -12.09 17.26
N ARG A 295 -23.00 -12.36 16.35
CA ARG A 295 -23.30 -12.12 14.92
C ARG A 295 -24.42 -13.05 14.43
N GLN A 296 -24.46 -14.28 14.89
CA GLN A 296 -25.56 -15.22 14.49
C GLN A 296 -26.90 -14.72 15.07
N ASP A 297 -26.88 -14.30 16.32
CA ASP A 297 -28.09 -13.80 17.00
C ASP A 297 -28.65 -12.66 16.19
N LEU A 298 -27.83 -11.69 15.78
CA LEU A 298 -28.26 -10.50 15.04
C LEU A 298 -28.79 -10.92 13.67
N TRP A 299 -28.03 -11.72 12.96
N TRP A 299 -28.04 -11.72 12.94
CA TRP A 299 -28.42 -12.17 11.61
CA TRP A 299 -28.42 -12.17 11.59
C TRP A 299 -29.80 -12.84 11.67
C TRP A 299 -29.80 -12.84 11.66
N ASP A 300 -29.96 -13.77 12.58
CA ASP A 300 -31.20 -14.59 12.74
C ASP A 300 -32.38 -13.68 13.12
N ALA A 301 -32.21 -12.74 14.04
CA ALA A 301 -33.31 -11.83 14.45
C ALA A 301 -33.81 -11.04 13.25
N ILE A 302 -32.90 -10.55 12.42
CA ILE A 302 -33.25 -9.79 11.21
C ILE A 302 -33.95 -10.71 10.20
N GLU A 303 -33.42 -11.89 9.93
CA GLU A 303 -34.05 -12.82 8.95
C GLU A 303 -35.46 -13.22 9.38
N SER A 304 -35.73 -13.31 10.69
CA SER A 304 -37.03 -13.77 11.25
C SER A 304 -38.01 -12.60 11.31
N GLY A 305 -37.66 -11.39 10.88
CA GLY A 305 -38.57 -10.22 10.98
C GLY A 305 -38.63 -9.67 12.40
N ASN A 306 -37.59 -9.86 13.19
CA ASN A 306 -37.43 -9.38 14.58
C ASN A 306 -36.23 -8.44 14.67
N GLY A 307 -36.14 -7.54 13.72
CA GLY A 307 -35.05 -6.56 13.60
C GLY A 307 -35.00 -5.72 14.86
N PRO A 308 -33.85 -5.61 15.51
CA PRO A 308 -33.79 -4.86 16.75
C PRO A 308 -33.98 -3.35 16.59
N GLU A 309 -34.51 -2.79 17.69
CA GLU A 309 -34.89 -1.37 17.80
C GLU A 309 -34.23 -0.72 19.00
N TRP A 310 -33.93 0.55 18.84
CA TRP A 310 -33.51 1.46 19.92
C TRP A 310 -34.25 2.78 19.79
N ASP A 311 -34.54 3.38 20.94
CA ASP A 311 -34.87 4.81 21.01
C ASP A 311 -33.57 5.60 21.01
N VAL A 312 -33.38 6.43 20.01
CA VAL A 312 -32.24 7.35 19.95
C VAL A 312 -32.64 8.52 20.84
N CYS A 313 -31.89 8.71 21.91
CA CYS A 313 -32.19 9.73 22.96
C CYS A 313 -31.01 10.64 23.20
N VAL A 314 -31.31 11.81 23.73
CA VAL A 314 -30.25 12.70 24.23
C VAL A 314 -30.57 13.15 25.65
N GLN A 315 -29.52 13.41 26.43
CA GLN A 315 -29.58 14.40 27.53
C GLN A 315 -29.18 15.72 26.93
N ILE A 316 -29.87 16.79 27.33
N ILE A 316 -29.85 16.82 27.29
CA ILE A 316 -29.63 18.16 26.84
CA ILE A 316 -29.52 18.16 26.73
C ILE A 316 -29.42 19.06 28.04
C ILE A 316 -29.48 19.17 27.88
N VAL A 317 -28.31 19.77 28.07
CA VAL A 317 -28.08 20.74 29.18
C VAL A 317 -27.46 21.98 28.58
N ASP A 318 -27.55 23.08 29.31
N ASP A 318 -27.51 23.07 29.34
CA ASP A 318 -27.04 24.39 28.83
CA ASP A 318 -26.99 24.39 28.91
C ASP A 318 -25.51 24.41 28.92
C ASP A 318 -25.46 24.38 28.94
N GLU A 319 -24.85 25.20 28.09
CA GLU A 319 -23.40 25.44 28.13
C GLU A 319 -22.97 25.86 29.53
N SER A 320 -23.83 26.60 30.23
CA SER A 320 -23.48 27.08 31.60
C SER A 320 -23.35 25.92 32.60
N GLN A 321 -23.81 24.70 32.25
CA GLN A 321 -23.82 23.55 33.18
C GLN A 321 -22.59 22.66 33.00
N ALA A 322 -21.55 23.15 32.31
CA ALA A 322 -20.39 22.29 31.98
C ALA A 322 -19.72 21.78 33.26
N GLN A 323 -19.70 22.59 34.31
N GLN A 323 -19.78 22.54 34.37
CA GLN A 323 -19.08 22.24 35.59
CA GLN A 323 -19.11 22.28 35.67
C GLN A 323 -20.13 22.43 36.70
C GLN A 323 -20.16 22.01 36.77
N ALA A 324 -21.44 22.18 36.45
CA ALA A 324 -22.52 22.35 37.46
C ALA A 324 -22.90 21.04 38.18
N PHE A 325 -22.52 19.87 37.63
CA PHE A 325 -23.00 18.57 38.15
C PHE A 325 -21.96 17.92 39.06
N GLY A 326 -20.92 18.63 39.48
CA GLY A 326 -19.87 18.08 40.36
C GLY A 326 -18.72 17.42 39.61
N PHE A 327 -18.74 17.53 38.28
CA PHE A 327 -17.64 17.03 37.42
C PHE A 327 -17.69 17.86 36.15
N ASP A 328 -16.72 17.62 35.27
CA ASP A 328 -16.53 18.38 34.03
C ASP A 328 -17.18 17.62 32.86
N LEU A 329 -18.12 18.23 32.14
CA LEU A 329 -18.75 17.56 30.97
C LEU A 329 -17.74 17.34 29.83
N LEU A 330 -16.52 17.89 29.89
CA LEU A 330 -15.46 17.57 28.91
C LEU A 330 -14.77 16.24 29.24
N ASP A 331 -15.02 15.71 30.44
CA ASP A 331 -14.36 14.48 30.95
C ASP A 331 -15.13 13.21 30.54
N PRO A 332 -14.56 12.37 29.65
CA PRO A 332 -15.27 11.21 29.11
C PRO A 332 -15.29 10.00 30.07
N THR A 333 -14.85 10.18 31.31
CA THR A 333 -14.93 9.14 32.35
C THR A 333 -16.16 9.33 33.24
N LYS A 334 -17.01 10.31 32.90
CA LYS A 334 -18.14 10.69 33.78
C LYS A 334 -19.45 10.55 33.00
N ILE A 335 -20.49 10.09 33.67
CA ILE A 335 -21.89 10.17 33.16
C ILE A 335 -22.59 11.34 33.84
N ILE A 336 -23.60 11.91 33.16
CA ILE A 336 -24.58 12.78 33.83
C ILE A 336 -25.66 11.86 34.38
N PRO A 337 -25.82 11.76 35.72
CA PRO A 337 -26.89 10.94 36.26
C PRO A 337 -28.23 11.39 35.68
N GLU A 338 -29.05 10.41 35.31
CA GLU A 338 -30.37 10.74 34.72
C GLU A 338 -31.23 11.54 35.71
N GLU A 339 -30.97 11.43 37.00
CA GLU A 339 -31.69 12.25 38.00
C GLU A 339 -31.43 13.72 37.71
N TYR A 340 -30.27 14.08 37.12
CA TYR A 340 -29.90 15.49 36.91
C TYR A 340 -30.40 15.99 35.54
N ALA A 341 -30.57 15.08 34.58
CA ALA A 341 -30.86 15.42 33.17
C ALA A 341 -31.55 14.24 32.53
N PRO A 342 -32.88 14.28 32.34
CA PRO A 342 -33.60 13.15 31.78
C PRO A 342 -33.34 12.99 30.29
N LEU A 343 -33.74 11.84 29.78
CA LEU A 343 -33.56 11.48 28.35
C LEU A 343 -34.74 12.06 27.58
N THR A 344 -34.45 12.65 26.46
CA THR A 344 -35.47 13.03 25.46
C THR A 344 -35.36 12.06 24.30
N LYS A 345 -36.47 11.45 23.89
N LYS A 345 -36.46 11.44 23.89
CA LYS A 345 -36.51 10.50 22.76
CA LYS A 345 -36.51 10.49 22.76
C LYS A 345 -36.61 11.28 21.46
C LYS A 345 -36.61 11.28 21.46
N LEU A 346 -35.63 11.14 20.58
CA LEU A 346 -35.59 11.88 19.30
C LEU A 346 -36.18 11.05 18.15
N GLY A 347 -35.94 9.74 18.15
CA GLY A 347 -36.38 8.90 17.05
C GLY A 347 -36.10 7.43 17.26
N LEU A 348 -36.48 6.65 16.27
CA LEU A 348 -36.40 5.19 16.29
C LEU A 348 -35.29 4.73 15.35
N LEU A 349 -34.38 3.92 15.89
CA LEU A 349 -33.36 3.19 15.08
C LEU A 349 -33.83 1.74 14.96
N LYS A 350 -33.97 1.24 13.75
CA LYS A 350 -34.37 -0.18 13.56
C LYS A 350 -33.38 -0.82 12.58
N LEU A 351 -32.87 -1.98 12.90
CA LEU A 351 -32.01 -2.74 11.95
C LEU A 351 -32.87 -3.88 11.40
N ASP A 352 -32.96 -4.01 10.09
CA ASP A 352 -33.93 -4.96 9.50
C ASP A 352 -33.46 -5.53 8.17
N ARG A 353 -32.22 -5.30 7.75
CA ARG A 353 -31.71 -5.98 6.55
C ARG A 353 -30.24 -6.37 6.77
N ASN A 354 -29.93 -7.62 6.51
CA ASN A 354 -28.55 -8.11 6.61
C ASN A 354 -27.78 -7.73 5.35
N PRO A 355 -26.45 -7.71 5.46
CA PRO A 355 -25.65 -7.45 4.26
C PRO A 355 -25.74 -8.55 3.21
N THR A 356 -25.32 -8.21 2.00
CA THR A 356 -25.24 -9.16 0.87
C THR A 356 -23.84 -9.81 0.84
N ASN A 357 -22.80 -8.99 1.02
CA ASN A 357 -21.40 -9.44 1.08
C ASN A 357 -20.77 -8.84 2.34
N TYR A 358 -20.42 -9.74 3.27
CA TYR A 358 -19.84 -9.29 4.55
C TYR A 358 -18.59 -8.45 4.35
N PHE A 359 -17.67 -8.91 3.52
CA PHE A 359 -16.39 -8.19 3.33
C PHE A 359 -16.70 -6.81 2.78
N ALA A 360 -17.50 -6.75 1.71
CA ALA A 360 -17.65 -5.47 0.98
C ALA A 360 -18.36 -4.43 1.85
N GLU A 361 -19.32 -4.88 2.66
CA GLU A 361 -20.17 -3.97 3.45
C GLU A 361 -19.66 -3.87 4.89
N THR A 362 -19.67 -4.94 5.64
CA THR A 362 -19.25 -4.88 7.04
C THR A 362 -17.73 -4.72 7.21
N GLU A 363 -16.91 -5.49 6.53
CA GLU A 363 -15.45 -5.38 6.79
C GLU A 363 -15.02 -4.00 6.31
N GLN A 364 -15.53 -3.50 5.19
CA GLN A 364 -15.07 -2.23 4.59
C GLN A 364 -15.73 -0.97 5.16
N VAL A 365 -16.76 -1.07 6.02
CA VAL A 365 -17.37 0.21 6.49
C VAL A 365 -16.32 0.97 7.32
N MET A 366 -16.14 2.25 7.04
CA MET A 366 -15.05 3.07 7.64
C MET A 366 -15.70 4.26 8.36
N PHE A 367 -16.02 4.05 9.62
CA PHE A 367 -16.68 5.07 10.46
C PHE A 367 -15.72 6.18 10.85
N GLN A 368 -16.24 7.39 11.05
CA GLN A 368 -15.39 8.52 11.52
C GLN A 368 -16.24 9.49 12.34
N PRO A 369 -15.81 9.92 13.53
CA PRO A 369 -16.50 11.04 14.20
C PRO A 369 -16.38 12.32 13.37
N GLY A 370 -15.38 12.42 12.48
CA GLY A 370 -15.26 13.53 11.53
C GLY A 370 -16.43 13.59 10.55
N HIS A 371 -17.18 12.51 10.38
CA HIS A 371 -18.43 12.54 9.58
C HIS A 371 -19.51 13.22 10.41
N ILE A 372 -19.53 14.55 10.34
CA ILE A 372 -20.45 15.39 11.17
C ILE A 372 -21.30 16.18 10.17
N VAL A 373 -22.45 16.64 10.63
CA VAL A 373 -23.40 17.41 9.80
C VAL A 373 -23.72 18.72 10.51
N ARG A 374 -24.15 19.70 9.73
CA ARG A 374 -24.65 20.98 10.27
C ARG A 374 -25.70 20.71 11.35
N GLY A 375 -25.56 21.37 12.50
CA GLY A 375 -26.48 21.15 13.62
C GLY A 375 -25.85 20.38 14.77
N ILE A 376 -24.66 19.81 14.56
CA ILE A 376 -23.91 19.05 15.56
C ILE A 376 -22.54 19.70 15.62
N ASP A 377 -21.93 19.74 16.79
CA ASP A 377 -20.53 20.24 16.89
C ASP A 377 -19.79 19.39 17.92
N PHE A 378 -18.46 19.50 17.89
CA PHE A 378 -17.59 18.82 18.87
C PHE A 378 -17.57 19.63 20.17
N THR A 379 -16.99 18.99 21.20
CA THR A 379 -16.53 19.71 22.38
C THR A 379 -15.03 19.50 22.57
N GLU A 380 -14.50 20.27 23.53
CA GLU A 380 -13.06 20.24 23.90
C GLU A 380 -12.75 19.04 24.81
N ASP A 381 -13.47 17.95 24.72
CA ASP A 381 -13.11 16.67 25.40
C ASP A 381 -11.83 16.16 24.74
N PRO A 382 -10.67 16.08 25.45
CA PRO A 382 -9.39 15.74 24.83
C PRO A 382 -9.34 14.33 24.23
N LEU A 383 -10.26 13.47 24.58
CA LEU A 383 -10.39 12.11 24.00
C LEU A 383 -11.08 12.24 22.66
N LEU A 384 -12.22 12.93 22.58
CA LEU A 384 -12.90 13.21 21.29
C LEU A 384 -11.96 13.96 20.33
N GLN A 385 -11.29 15.00 20.83
CA GLN A 385 -10.46 15.87 19.98
C GLN A 385 -9.47 15.02 19.17
N GLY A 386 -8.76 14.08 19.82
CA GLY A 386 -7.74 13.31 19.10
C GLY A 386 -8.35 12.21 18.27
N ARG A 387 -9.53 11.68 18.63
CA ARG A 387 -10.21 10.70 17.79
C ARG A 387 -10.34 11.29 16.39
N LEU A 388 -10.70 12.56 16.29
CA LEU A 388 -10.98 13.16 14.96
C LEU A 388 -9.82 12.89 13.99
N PHE A 389 -8.58 12.97 14.44
CA PHE A 389 -7.38 12.68 13.62
C PHE A 389 -7.34 11.21 13.25
N SER A 390 -7.49 10.36 14.25
CA SER A 390 -7.23 8.91 14.11
C SER A 390 -8.09 8.28 13.00
N TYR A 391 -9.38 8.55 13.00
CA TYR A 391 -10.29 7.77 12.13
C TYR A 391 -10.16 8.20 10.67
N LEU A 392 -9.64 9.39 10.38
CA LEU A 392 -9.36 9.73 8.95
C LEU A 392 -8.08 9.01 8.49
N ASP A 393 -7.05 9.07 9.32
CA ASP A 393 -5.73 8.48 9.03
C ASP A 393 -5.82 6.97 8.91
N THR A 394 -6.51 6.30 9.83
CA THR A 394 -6.45 4.80 9.86
C THR A 394 -7.05 4.18 8.60
N GLN A 395 -7.97 4.84 7.94
CA GLN A 395 -8.60 4.24 6.76
C GLN A 395 -7.56 4.14 5.62
N LEU A 396 -6.50 4.91 5.63
CA LEU A 396 -5.39 4.75 4.65
C LEU A 396 -4.72 3.39 4.83
N ASN A 397 -4.56 3.01 6.09
CA ASN A 397 -3.98 1.69 6.39
C ASN A 397 -4.92 0.58 5.89
N ARG A 398 -6.21 0.67 6.23
CA ARG A 398 -7.16 -0.41 5.89
C ARG A 398 -7.36 -0.49 4.37
N ASN A 399 -7.56 0.66 3.74
CA ASN A 399 -7.98 0.69 2.32
C ASN A 399 -6.76 0.62 1.40
N GLY A 400 -5.59 1.03 1.89
CA GLY A 400 -4.35 1.08 1.11
C GLY A 400 -4.25 2.27 0.16
N GLY A 401 -5.18 3.21 0.26
CA GLY A 401 -5.18 4.38 -0.62
C GLY A 401 -6.27 5.33 -0.14
N PRO A 402 -6.30 6.54 -0.74
CA PRO A 402 -7.07 7.65 -0.17
C PRO A 402 -8.53 7.75 -0.61
N ASN A 403 -8.99 6.84 -1.47
CA ASN A 403 -10.35 6.94 -2.05
C ASN A 403 -11.34 6.02 -1.37
N PHE A 404 -11.14 5.77 -0.08
CA PHE A 404 -12.01 4.87 0.70
C PHE A 404 -13.45 5.36 0.81
N GLU A 405 -13.73 6.69 0.69
CA GLU A 405 -15.13 7.17 0.75
C GLU A 405 -15.87 6.76 -0.53
N GLN A 406 -15.18 6.26 -1.56
CA GLN A 406 -15.84 5.82 -2.80
C GLN A 406 -16.37 4.40 -2.71
N LEU A 407 -16.00 3.65 -1.69
CA LEU A 407 -16.51 2.28 -1.53
C LEU A 407 -18.01 2.41 -1.33
N PRO A 408 -18.84 1.55 -1.96
CA PRO A 408 -20.29 1.77 -1.91
C PRO A 408 -20.83 1.98 -0.49
N ILE A 409 -20.33 1.24 0.49
CA ILE A 409 -20.86 1.34 1.87
C ILE A 409 -20.49 2.69 2.48
N ASN A 410 -19.43 3.33 2.01
CA ASN A 410 -18.95 4.63 2.54
C ASN A 410 -19.57 5.82 1.79
N MET A 411 -20.11 5.61 0.59
CA MET A 411 -20.65 6.72 -0.24
C MET A 411 -21.81 7.38 0.49
N PRO A 412 -22.01 8.67 0.22
CA PRO A 412 -23.22 9.36 0.67
C PRO A 412 -24.37 9.06 -0.30
N ARG A 413 -25.54 9.63 0.04
N ARG A 413 -25.56 9.60 0.04
CA ARG A 413 -26.79 9.58 -0.74
CA ARG A 413 -26.79 9.50 -0.78
C ARG A 413 -27.18 10.99 -1.19
C ARG A 413 -27.08 10.83 -1.50
N VAL A 414 -26.19 11.84 -1.42
CA VAL A 414 -26.35 13.17 -2.02
C VAL A 414 -25.16 13.40 -2.93
N PRO A 415 -25.22 14.38 -3.83
CA PRO A 415 -24.13 14.73 -4.72
C PRO A 415 -22.87 15.16 -3.97
N ILE A 416 -21.72 14.76 -4.51
CA ILE A 416 -20.42 15.24 -4.02
C ILE A 416 -19.88 16.34 -4.90
N HIS A 417 -19.57 17.49 -4.33
CA HIS A 417 -18.98 18.59 -5.13
C HIS A 417 -17.72 19.09 -4.46
N ASN A 418 -16.56 18.60 -4.89
CA ASN A 418 -15.31 19.17 -4.32
C ASN A 418 -14.13 18.93 -5.26
N ASN A 419 -12.99 19.50 -4.88
CA ASN A 419 -11.79 19.55 -5.70
C ASN A 419 -10.75 18.51 -5.27
N ASN A 420 -11.18 17.51 -4.51
CA ASN A 420 -10.37 16.30 -4.26
C ASN A 420 -10.21 15.53 -5.58
N ARG A 421 -8.98 15.13 -5.87
CA ARG A 421 -8.64 14.51 -7.16
C ARG A 421 -7.63 13.38 -7.01
N ASP A 422 -7.62 12.55 -8.03
CA ASP A 422 -6.56 11.55 -8.27
C ASP A 422 -6.52 10.58 -7.07
N GLY A 423 -5.32 10.14 -6.74
CA GLY A 423 -5.14 9.10 -5.71
C GLY A 423 -5.36 7.70 -6.28
N ALA A 424 -4.68 6.73 -5.71
CA ALA A 424 -4.91 5.31 -6.08
C ALA A 424 -6.38 4.98 -5.96
N GLY A 425 -6.86 4.16 -6.89
CA GLY A 425 -8.23 3.67 -6.82
C GLY A 425 -9.30 4.72 -7.12
N GLN A 426 -8.98 5.72 -7.92
CA GLN A 426 -9.93 6.80 -8.23
C GLN A 426 -11.03 6.27 -9.15
N MET A 427 -12.27 6.27 -8.70
CA MET A 427 -13.43 5.64 -9.38
C MET A 427 -14.28 6.69 -10.11
N PHE A 428 -14.00 7.95 -9.92
CA PHE A 428 -14.78 9.03 -10.56
C PHE A 428 -14.03 9.53 -11.80
N ILE A 429 -14.79 10.15 -12.71
CA ILE A 429 -14.24 10.87 -13.86
C ILE A 429 -14.74 12.30 -13.73
N HIS A 430 -13.93 13.15 -13.19
CA HIS A 430 -14.34 14.53 -12.86
C HIS A 430 -14.39 15.39 -14.14
N ARG A 431 -15.54 16.03 -14.40
N ARG A 431 -15.55 16.00 -14.40
CA ARG A 431 -15.71 16.92 -15.57
CA ARG A 431 -15.75 16.94 -15.56
C ARG A 431 -15.17 18.33 -15.35
C ARG A 431 -15.04 18.29 -15.33
N ASN A 432 -14.99 18.78 -14.09
CA ASN A 432 -14.50 20.14 -13.82
C ASN A 432 -12.99 20.12 -13.97
N LYS A 433 -12.45 20.72 -15.03
N LYS A 433 -12.51 20.76 -15.04
CA LYS A 433 -10.98 20.74 -15.28
CA LYS A 433 -11.09 20.93 -15.45
C LYS A 433 -10.32 21.97 -14.64
C LYS A 433 -10.32 21.96 -14.62
N TYR A 434 -11.00 22.69 -13.74
CA TYR A 434 -10.37 23.79 -12.97
C TYR A 434 -10.66 23.58 -11.48
N PRO A 435 -10.19 22.45 -10.89
CA PRO A 435 -10.50 22.14 -9.48
C PRO A 435 -9.67 22.92 -8.46
N TYR A 436 -9.83 24.22 -8.49
CA TYR A 436 -9.19 25.16 -7.54
C TYR A 436 -10.20 26.27 -7.23
N THR A 437 -10.04 26.80 -6.03
CA THR A 437 -10.80 27.95 -5.50
C THR A 437 -9.76 28.96 -5.08
N PRO A 438 -9.89 30.27 -5.40
CA PRO A 438 -10.95 30.82 -6.25
C PRO A 438 -10.65 30.63 -7.73
N ASN A 439 -11.72 30.40 -8.51
CA ASN A 439 -11.58 30.29 -9.98
C ASN A 439 -12.59 31.20 -10.68
N THR A 440 -12.28 31.55 -11.94
CA THR A 440 -13.28 32.05 -12.90
C THR A 440 -13.54 31.02 -13.99
N LEU A 441 -12.58 30.13 -14.27
CA LEU A 441 -12.69 29.21 -15.43
C LEU A 441 -13.73 28.12 -15.22
N ASN A 442 -14.17 27.82 -13.98
CA ASN A 442 -15.36 27.02 -13.72
C ASN A 442 -16.44 27.87 -13.06
N SER A 443 -16.46 29.17 -13.36
N SER A 443 -16.42 29.17 -13.37
CA SER A 443 -17.53 30.10 -12.92
CA SER A 443 -17.47 30.12 -12.96
C SER A 443 -17.65 30.11 -11.40
C SER A 443 -17.64 30.08 -11.43
N GLY A 444 -16.55 29.88 -10.69
CA GLY A 444 -16.57 29.99 -9.24
C GLY A 444 -17.23 28.85 -8.50
N TYR A 445 -17.47 27.73 -9.17
CA TYR A 445 -18.02 26.50 -8.56
C TYR A 445 -16.89 25.52 -8.29
N PRO A 446 -17.01 24.71 -7.22
CA PRO A 446 -18.12 24.76 -6.26
C PRO A 446 -18.09 26.01 -5.36
N ARG A 447 -19.25 26.38 -4.84
N ARG A 447 -19.25 26.40 -4.84
CA ARG A 447 -19.43 27.55 -3.93
CA ARG A 447 -19.38 27.57 -3.94
C ARG A 447 -19.08 27.17 -2.48
C ARG A 447 -19.06 27.17 -2.49
N GLN A 448 -18.46 28.08 -1.74
CA GLN A 448 -18.20 27.85 -0.31
C GLN A 448 -19.51 27.77 0.47
N ALA A 449 -19.66 26.82 1.38
CA ALA A 449 -20.85 26.67 2.26
C ALA A 449 -20.44 26.99 3.71
N ASN A 450 -21.31 27.67 4.43
CA ASN A 450 -20.95 28.17 5.78
C ASN A 450 -22.25 28.42 6.55
N GLN A 451 -22.18 29.09 7.69
CA GLN A 451 -23.39 29.28 8.51
C GLN A 451 -24.42 30.06 7.65
N ASN A 452 -23.97 30.97 6.79
CA ASN A 452 -24.92 31.91 6.14
C ASN A 452 -25.54 31.29 4.93
N ALA A 453 -24.82 30.44 4.23
CA ALA A 453 -25.26 30.00 2.90
C ALA A 453 -24.79 28.59 2.57
N GLY A 454 -25.63 27.89 1.84
CA GLY A 454 -25.35 26.55 1.30
C GLY A 454 -25.51 25.49 2.36
N ARG A 455 -26.09 25.80 3.50
CA ARG A 455 -26.28 24.83 4.60
C ARG A 455 -24.90 24.30 5.00
N GLY A 456 -23.89 25.16 5.04
CA GLY A 456 -22.54 24.72 5.46
C GLY A 456 -22.52 24.23 6.90
N PHE A 457 -21.67 23.26 7.20
CA PHE A 457 -21.24 23.02 8.58
C PHE A 457 -20.64 24.29 9.10
N PHE A 458 -20.86 24.59 10.37
CA PHE A 458 -20.14 25.70 11.03
C PHE A 458 -19.85 25.28 12.48
N THR A 459 -18.66 25.65 12.93
CA THR A 459 -18.29 25.52 14.35
C THR A 459 -19.26 26.38 15.19
N ALA A 460 -19.75 25.88 16.32
CA ALA A 460 -20.66 26.66 17.19
C ALA A 460 -20.02 28.02 17.46
N PRO A 461 -20.67 29.15 17.07
CA PRO A 461 -20.00 30.43 17.10
C PRO A 461 -19.81 31.03 18.50
N GLY A 462 -20.40 30.44 19.52
CA GLY A 462 -20.14 30.82 20.94
C GLY A 462 -18.84 30.24 21.46
N ARG A 463 -18.20 29.32 20.73
CA ARG A 463 -17.02 28.64 21.27
C ARG A 463 -15.81 29.57 21.29
N THR A 464 -15.01 29.50 22.35
CA THR A 464 -13.78 30.29 22.51
C THR A 464 -12.65 29.44 23.07
N ALA A 465 -11.45 29.96 23.04
CA ALA A 465 -10.31 29.37 23.80
C ALA A 465 -9.59 30.51 24.44
N SER A 466 -9.02 30.26 25.59
CA SER A 466 -8.21 31.28 26.28
C SER A 466 -7.16 30.57 27.11
N GLY A 467 -5.94 31.06 27.07
CA GLY A 467 -4.92 30.65 28.05
C GLY A 467 -3.64 30.26 27.36
N ALA A 468 -2.78 29.61 28.09
CA ALA A 468 -1.47 29.20 27.59
C ALA A 468 -1.68 27.99 26.67
N LEU A 469 -0.73 27.78 25.78
CA LEU A 469 -0.64 26.52 24.99
C LEU A 469 0.03 25.47 25.88
N VAL A 470 -0.74 24.51 26.37
CA VAL A 470 -0.29 23.64 27.49
C VAL A 470 -0.50 22.16 27.14
N ARG A 471 0.40 21.35 27.67
CA ARG A 471 0.25 19.89 27.78
C ARG A 471 0.00 19.57 29.25
N GLU A 472 -1.13 20.08 29.73
N GLU A 472 -1.10 20.08 29.79
CA GLU A 472 -1.56 20.04 31.16
CA GLU A 472 -1.46 19.80 31.18
C GLU A 472 -2.96 19.41 31.24
C GLU A 472 -2.93 19.38 31.26
N VAL A 473 -3.21 18.55 32.24
CA VAL A 473 -4.57 17.99 32.49
C VAL A 473 -5.34 18.95 33.36
N SER A 474 -6.62 19.18 33.05
CA SER A 474 -7.47 20.05 33.88
C SER A 474 -7.61 19.43 35.26
N PRO A 475 -7.42 20.19 36.36
CA PRO A 475 -7.70 19.67 37.70
C PRO A 475 -9.16 19.26 37.87
N THR A 476 -10.06 19.76 37.00
CA THR A 476 -11.48 19.36 37.06
C THR A 476 -11.67 17.88 36.67
N PHE A 477 -10.63 17.24 36.15
CA PHE A 477 -10.68 15.83 35.70
C PHE A 477 -10.19 14.85 36.78
N ASN A 478 -9.83 15.34 37.97
CA ASN A 478 -8.99 14.55 38.89
C ASN A 478 -9.73 13.54 39.77
N ASP A 479 -11.04 13.58 39.86
CA ASP A 479 -11.78 12.59 40.67
C ASP A 479 -12.02 11.34 39.82
N HIS A 480 -11.18 10.33 40.01
CA HIS A 480 -11.24 9.05 39.27
C HIS A 480 -12.09 8.01 39.99
N TRP A 481 -12.62 8.26 41.18
CA TRP A 481 -13.15 7.16 42.05
C TRP A 481 -14.61 7.33 42.47
N SER A 482 -15.13 8.56 42.54
N SER A 482 -15.15 8.55 42.53
CA SER A 482 -16.52 8.80 43.00
CA SER A 482 -16.52 8.71 43.05
C SER A 482 -17.50 8.09 42.06
C SER A 482 -17.53 8.12 42.06
N GLN A 483 -17.34 8.25 40.75
CA GLN A 483 -18.38 7.72 39.83
C GLN A 483 -18.26 6.19 39.70
N PRO A 484 -17.05 5.59 39.70
CA PRO A 484 -16.99 4.13 39.81
C PRO A 484 -17.81 3.66 41.03
N ARG A 485 -17.69 4.38 42.13
CA ARG A 485 -18.45 3.98 43.36
C ARG A 485 -19.96 4.15 43.14
N LEU A 486 -20.36 5.24 42.49
CA LEU A 486 -21.78 5.49 42.14
C LEU A 486 -22.29 4.31 41.33
N PHE A 487 -21.55 3.90 40.29
CA PHE A 487 -21.93 2.75 39.46
C PHE A 487 -22.06 1.51 40.35
N PHE A 488 -21.05 1.17 41.13
CA PHE A 488 -21.05 -0.04 41.99
C PHE A 488 -22.28 -0.02 42.93
N ASN A 489 -22.55 1.13 43.51
CA ASN A 489 -23.66 1.31 44.49
C ASN A 489 -25.00 1.02 43.83
N SER A 490 -25.12 1.21 42.53
CA SER A 490 -26.36 1.19 41.75
C SER A 490 -26.67 -0.23 41.25
N LEU A 491 -25.78 -1.16 41.46
CA LEU A 491 -25.98 -2.58 41.11
C LEU A 491 -26.69 -3.33 42.25
N THR A 492 -27.43 -4.38 41.92
CA THR A 492 -28.09 -5.23 42.97
C THR A 492 -27.03 -6.03 43.70
N PRO A 493 -27.32 -6.62 44.88
CA PRO A 493 -26.30 -7.40 45.59
C PRO A 493 -25.69 -8.53 44.75
N VAL A 494 -26.49 -9.32 44.06
CA VAL A 494 -25.93 -10.42 43.24
C VAL A 494 -25.12 -9.83 42.09
N GLU A 495 -25.52 -8.70 41.51
CA GLU A 495 -24.73 -8.03 40.48
C GLU A 495 -23.38 -7.56 41.03
N GLN A 496 -23.39 -6.98 42.23
CA GLN A 496 -22.14 -6.61 42.90
C GLN A 496 -21.27 -7.86 43.07
N GLN A 497 -21.88 -8.98 43.44
CA GLN A 497 -21.12 -10.24 43.62
C GLN A 497 -20.53 -10.68 42.28
N PHE A 498 -21.30 -10.64 41.19
CA PHE A 498 -20.74 -11.00 39.86
C PHE A 498 -19.53 -10.13 39.53
N LEU A 499 -19.61 -8.82 39.80
CA LEU A 499 -18.51 -7.88 39.49
C LEU A 499 -17.30 -8.23 40.34
N VAL A 500 -17.48 -8.44 41.64
CA VAL A 500 -16.39 -8.90 42.51
C VAL A 500 -15.80 -10.20 41.95
N ASN A 501 -16.65 -11.10 41.47
CA ASN A 501 -16.18 -12.43 41.01
C ASN A 501 -15.43 -12.32 39.66
N ALA A 502 -15.82 -11.37 38.82
CA ALA A 502 -15.07 -11.08 37.57
C ALA A 502 -13.66 -10.58 37.91
N MET A 503 -13.55 -9.66 38.86
CA MET A 503 -12.24 -9.15 39.33
C MET A 503 -11.46 -10.28 40.00
N ARG A 504 -12.11 -11.12 40.81
CA ARG A 504 -11.41 -12.24 41.46
C ARG A 504 -10.83 -13.14 40.37
N PHE A 505 -11.63 -13.46 39.38
CA PHE A 505 -11.20 -14.33 38.25
C PHE A 505 -9.96 -13.71 37.57
N GLU A 506 -10.12 -12.49 37.06
CA GLU A 506 -9.01 -11.89 36.27
C GLU A 506 -7.78 -11.59 37.10
N ILE A 507 -7.92 -10.98 38.27
CA ILE A 507 -6.72 -10.56 39.04
C ILE A 507 -5.99 -11.82 39.54
N SER A 508 -6.71 -12.92 39.80
CA SER A 508 -6.02 -14.16 40.24
C SER A 508 -5.07 -14.69 39.15
N LEU A 509 -5.28 -14.30 37.89
CA LEU A 509 -4.42 -14.73 36.76
C LEU A 509 -3.26 -13.76 36.54
N VAL A 510 -3.19 -12.66 37.30
CA VAL A 510 -2.04 -11.73 37.27
C VAL A 510 -0.87 -12.39 38.01
N LYS A 511 0.28 -12.55 37.36
CA LYS A 511 1.41 -13.28 37.98
C LYS A 511 2.14 -12.39 38.98
N SER A 512 2.30 -11.11 38.68
CA SER A 512 3.04 -10.15 39.52
C SER A 512 2.28 -9.85 40.81
N GLU A 513 2.87 -10.20 41.96
N GLU A 513 2.88 -10.19 41.96
CA GLU A 513 2.32 -9.84 43.30
CA GLU A 513 2.37 -9.83 43.31
C GLU A 513 2.28 -8.31 43.42
C GLU A 513 2.27 -8.31 43.41
N GLU A 514 3.26 -7.58 42.88
CA GLU A 514 3.26 -6.11 42.99
C GLU A 514 2.11 -5.49 42.18
N VAL A 515 1.86 -5.98 40.96
CA VAL A 515 0.69 -5.47 40.21
C VAL A 515 -0.60 -5.79 41.00
N LYS A 516 -0.72 -7.00 41.56
CA LYS A 516 -1.96 -7.31 42.31
C LYS A 516 -2.14 -6.36 43.50
N LYS A 517 -1.07 -6.09 44.25
CA LYS A 517 -1.14 -5.12 45.39
C LYS A 517 -1.57 -3.75 44.85
N ASN A 518 -0.96 -3.32 43.73
CA ASN A 518 -1.30 -1.98 43.20
C ASN A 518 -2.77 -1.93 42.76
N VAL A 519 -3.27 -3.03 42.20
CA VAL A 519 -4.71 -3.10 41.84
C VAL A 519 -5.55 -2.91 43.11
N LEU A 520 -5.23 -3.64 44.17
CA LEU A 520 -6.02 -3.48 45.43
C LEU A 520 -5.96 -2.03 45.93
N THR A 521 -4.82 -1.36 45.84
CA THR A 521 -4.69 0.05 46.28
C THR A 521 -5.72 0.89 45.52
N GLN A 522 -5.84 0.68 44.20
CA GLN A 522 -6.77 1.48 43.40
C GLN A 522 -8.21 1.11 43.71
N LEU A 523 -8.54 -0.19 43.74
CA LEU A 523 -9.92 -0.63 43.98
C LEU A 523 -10.40 -0.10 45.34
N ASN A 524 -9.48 -0.13 46.30
CA ASN A 524 -9.78 0.34 47.68
C ASN A 524 -10.24 1.80 47.72
N ARG A 525 -9.82 2.61 46.77
N ARG A 525 -9.79 2.61 46.77
CA ARG A 525 -10.21 4.04 46.74
CA ARG A 525 -10.16 4.04 46.70
C ARG A 525 -11.65 4.16 46.25
C ARG A 525 -11.62 4.17 46.23
N VAL A 526 -12.14 3.18 45.48
CA VAL A 526 -13.56 3.13 45.09
C VAL A 526 -14.38 2.56 46.23
N SER A 527 -13.99 1.38 46.73
CA SER A 527 -14.78 0.67 47.77
C SER A 527 -13.84 -0.24 48.57
N HIS A 528 -13.79 -0.02 49.87
CA HIS A 528 -13.02 -0.92 50.74
C HIS A 528 -13.58 -2.34 50.64
N ASP A 529 -14.91 -2.47 50.63
CA ASP A 529 -15.57 -3.81 50.59
C ASP A 529 -15.12 -4.57 49.34
N VAL A 530 -15.09 -3.89 48.20
CA VAL A 530 -14.68 -4.57 46.94
C VAL A 530 -13.24 -5.02 47.13
N ALA A 531 -12.34 -4.15 47.62
CA ALA A 531 -10.93 -4.54 47.79
C ALA A 531 -10.80 -5.74 48.74
N VAL A 532 -11.50 -5.71 49.86
CA VAL A 532 -11.49 -6.85 50.83
C VAL A 532 -11.95 -8.15 50.16
N ARG A 533 -13.04 -8.11 49.42
CA ARG A 533 -13.63 -9.32 48.79
C ARG A 533 -12.71 -9.84 47.68
N VAL A 534 -12.15 -8.95 46.91
CA VAL A 534 -11.18 -9.37 45.85
C VAL A 534 -9.92 -9.93 46.48
N ALA A 535 -9.38 -9.21 47.47
CA ALA A 535 -8.13 -9.59 48.15
C ALA A 535 -8.25 -11.03 48.69
N ALA A 536 -9.44 -11.40 49.19
CA ALA A 536 -9.62 -12.75 49.81
C ALA A 536 -9.33 -13.82 48.77
N ALA A 537 -9.66 -13.60 47.49
CA ALA A 537 -9.50 -14.65 46.47
C ALA A 537 -8.03 -14.80 46.09
N ILE A 538 -7.22 -13.74 46.27
CA ILE A 538 -5.80 -13.78 45.82
C ILE A 538 -4.84 -13.91 47.01
N GLY A 539 -5.33 -14.06 48.23
CA GLY A 539 -4.48 -14.35 49.41
C GLY A 539 -3.67 -13.17 49.88
N LEU A 540 -4.08 -11.95 49.51
CA LEU A 540 -3.43 -10.69 49.97
C LEU A 540 -4.37 -10.00 50.94
N GLY A 541 -3.84 -9.10 51.75
CA GLY A 541 -4.67 -8.23 52.59
C GLY A 541 -5.03 -6.98 51.82
N ALA A 542 -6.26 -6.49 51.95
CA ALA A 542 -6.66 -5.20 51.39
C ALA A 542 -6.03 -4.12 52.23
N PRO A 543 -5.63 -2.99 51.61
CA PRO A 543 -5.18 -1.84 52.34
C PRO A 543 -6.33 -1.31 53.20
N ASP A 544 -5.97 -0.57 54.26
CA ASP A 544 -6.96 0.06 55.15
C ASP A 544 -7.88 0.98 54.35
N ALA A 545 -9.15 1.03 54.72
CA ALA A 545 -10.14 1.97 54.18
C ALA A 545 -9.56 3.38 53.99
N ASP A 546 -9.81 3.95 52.80
CA ASP A 546 -9.43 5.33 52.45
C ASP A 546 -10.73 5.99 51.98
N ASP A 547 -11.38 6.73 52.85
CA ASP A 547 -12.78 7.10 52.60
C ASP A 547 -12.92 8.38 51.77
N THR A 548 -11.84 8.89 51.18
CA THR A 548 -11.87 10.19 50.50
C THR A 548 -13.06 10.27 49.52
N TYR A 549 -13.29 9.25 48.70
CA TYR A 549 -14.25 9.25 47.58
C TYR A 549 -15.44 8.33 47.87
N TYR A 550 -15.49 7.72 49.05
CA TYR A 550 -16.61 6.81 49.39
C TYR A 550 -17.89 7.62 49.57
N HIS A 551 -19.00 7.02 49.19
CA HIS A 551 -20.35 7.62 49.30
C HIS A 551 -21.36 6.51 49.03
N ASN A 552 -22.61 6.79 49.35
CA ASN A 552 -23.71 5.80 49.24
C ASN A 552 -24.72 6.24 48.18
N ASN A 553 -24.39 7.17 47.27
CA ASN A 553 -25.33 7.63 46.22
C ASN A 553 -25.49 6.54 45.15
N LYS A 554 -26.68 6.52 44.56
CA LYS A 554 -27.04 5.59 43.46
C LYS A 554 -27.66 6.37 42.31
N THR A 555 -27.73 5.75 41.14
CA THR A 555 -28.29 6.35 39.91
C THR A 555 -29.10 5.27 39.20
N ALA A 556 -30.22 5.66 38.63
CA ALA A 556 -31.08 4.75 37.85
C ALA A 556 -30.46 4.39 36.48
N GLY A 557 -30.79 3.21 36.01
CA GLY A 557 -30.67 2.89 34.58
C GLY A 557 -29.32 2.29 34.23
N VAL A 558 -28.47 1.97 35.21
CA VAL A 558 -27.14 1.31 34.91
C VAL A 558 -27.17 -0.18 35.27
N SER A 559 -28.08 -0.61 36.13
CA SER A 559 -28.23 -2.04 36.51
C SER A 559 -28.89 -2.87 35.40
N ILE A 560 -28.34 -4.05 35.15
CA ILE A 560 -28.99 -5.05 34.26
C ILE A 560 -30.01 -5.85 35.09
N VAL A 561 -29.57 -6.43 36.21
CA VAL A 561 -30.36 -7.34 37.08
C VAL A 561 -31.57 -6.52 37.57
N GLY A 562 -31.36 -5.23 37.83
CA GLY A 562 -32.40 -4.30 38.29
C GLY A 562 -33.35 -3.82 37.20
N SER A 563 -33.12 -4.06 35.90
CA SER A 563 -33.89 -3.45 34.78
C SER A 563 -35.21 -4.18 34.56
N GLY A 564 -35.50 -5.23 35.34
CA GLY A 564 -36.82 -5.86 35.38
C GLY A 564 -36.94 -6.85 34.24
N PRO A 565 -38.12 -7.48 34.06
CA PRO A 565 -38.27 -8.50 33.03
C PRO A 565 -38.10 -7.89 31.64
N LEU A 566 -37.65 -8.70 30.69
CA LEU A 566 -37.55 -8.26 29.29
C LEU A 566 -38.93 -7.85 28.80
N PRO A 567 -39.04 -6.80 27.97
CA PRO A 567 -40.32 -6.36 27.41
C PRO A 567 -40.81 -7.26 26.26
N THR A 568 -39.97 -8.13 25.73
CA THR A 568 -40.34 -9.10 24.68
C THR A 568 -39.49 -10.34 24.83
N ILE A 569 -40.09 -11.52 24.63
CA ILE A 569 -39.36 -12.82 24.62
C ILE A 569 -39.20 -13.32 23.19
N LYS A 570 -39.58 -12.55 22.19
CA LYS A 570 -39.42 -13.01 20.79
C LYS A 570 -37.91 -13.18 20.55
N THR A 571 -37.56 -14.22 19.79
CA THR A 571 -36.16 -14.62 19.41
C THR A 571 -35.52 -15.47 20.49
N LEU A 572 -36.00 -15.46 21.74
CA LEU A 572 -35.30 -16.23 22.79
C LEU A 572 -35.36 -17.72 22.43
N ARG A 573 -34.42 -18.47 22.92
CA ARG A 573 -34.11 -19.83 22.43
C ARG A 573 -34.61 -20.82 23.46
N VAL A 574 -35.42 -21.80 23.03
CA VAL A 574 -35.84 -22.89 23.95
C VAL A 574 -35.31 -24.21 23.40
N GLY A 575 -34.51 -24.90 24.19
CA GLY A 575 -34.04 -26.26 23.90
C GLY A 575 -35.01 -27.25 24.54
N ILE A 576 -35.61 -28.08 23.71
CA ILE A 576 -36.47 -29.18 24.22
C ILE A 576 -35.67 -30.48 24.12
N LEU A 577 -35.31 -31.08 25.25
CA LEU A 577 -34.48 -32.31 25.30
C LEU A 577 -35.39 -33.54 25.25
N ALA A 578 -35.35 -34.26 24.13
CA ALA A 578 -36.28 -35.36 23.85
C ALA A 578 -35.47 -36.63 23.55
N THR A 579 -36.14 -37.67 23.05
CA THR A 579 -35.49 -38.95 22.70
C THR A 579 -36.21 -39.55 21.49
N THR A 580 -35.49 -40.26 20.64
CA THR A 580 -36.09 -40.99 19.50
C THR A 580 -36.66 -42.35 19.98
N SER A 581 -36.24 -42.81 21.16
N SER A 581 -36.39 -42.73 21.23
CA SER A 581 -36.66 -44.07 21.82
CA SER A 581 -36.63 -44.07 21.81
C SER A 581 -38.20 -44.15 21.90
C SER A 581 -38.07 -44.22 22.33
N GLU A 582 -38.82 -43.11 22.43
CA GLU A 582 -40.24 -43.10 22.86
C GLU A 582 -41.02 -42.16 21.95
N SER A 583 -42.02 -42.66 21.22
CA SER A 583 -42.88 -41.80 20.37
C SER A 583 -43.58 -40.73 21.22
N SER A 584 -43.88 -41.00 22.50
CA SER A 584 -44.54 -40.03 23.43
C SER A 584 -43.61 -38.82 23.64
N ALA A 585 -42.31 -39.06 23.84
CA ALA A 585 -41.28 -37.99 23.97
C ALA A 585 -41.33 -37.06 22.75
N LEU A 586 -41.39 -37.59 21.53
CA LEU A 586 -41.41 -36.75 20.30
C LEU A 586 -42.75 -36.01 20.14
N ASP A 587 -43.86 -36.68 20.47
N ASP A 587 -43.90 -36.63 20.46
CA ASP A 587 -45.21 -36.07 20.51
CA ASP A 587 -45.19 -35.89 20.40
C ASP A 587 -45.18 -34.86 21.46
C ASP A 587 -45.20 -34.79 21.47
N GLN A 588 -44.72 -35.07 22.70
CA GLN A 588 -44.61 -34.04 23.78
C GLN A 588 -43.78 -32.88 23.21
N ALA A 589 -42.61 -33.18 22.63
CA ALA A 589 -41.73 -32.15 22.04
C ALA A 589 -42.45 -31.39 20.93
N ALA A 590 -43.15 -32.07 20.02
CA ALA A 590 -43.88 -31.38 18.95
C ALA A 590 -45.00 -30.50 19.52
N GLN A 591 -45.66 -30.93 20.60
CA GLN A 591 -46.78 -30.14 21.18
C GLN A 591 -46.19 -28.85 21.79
N LEU A 592 -45.15 -28.98 22.63
CA LEU A 592 -44.40 -27.82 23.20
C LEU A 592 -43.93 -26.90 22.07
N ARG A 593 -43.36 -27.45 21.01
CA ARG A 593 -42.83 -26.70 19.84
C ARG A 593 -43.89 -25.75 19.28
N THR A 594 -45.07 -26.30 18.96
CA THR A 594 -46.17 -25.48 18.41
C THR A 594 -46.55 -24.46 19.49
N ARG A 595 -46.62 -24.81 20.78
CA ARG A 595 -47.11 -23.83 21.80
C ARG A 595 -46.06 -22.70 22.01
N LEU A 596 -44.76 -22.98 21.90
CA LEU A 596 -43.69 -21.96 22.07
C LEU A 596 -43.43 -21.18 20.77
N GLU A 597 -43.41 -21.82 19.58
CA GLU A 597 -43.14 -21.12 18.30
C GLU A 597 -44.24 -20.11 18.02
N LYS A 598 -45.46 -20.40 18.46
CA LYS A 598 -46.63 -19.48 18.44
C LYS A 598 -46.20 -18.08 18.91
N ASP A 599 -45.42 -18.02 20.01
CA ASP A 599 -45.08 -16.80 20.78
C ASP A 599 -43.72 -16.24 20.34
N GLY A 600 -43.13 -16.78 19.26
CA GLY A 600 -41.99 -16.19 18.54
C GLY A 600 -40.65 -16.69 19.10
N LEU A 601 -40.70 -17.74 19.90
CA LEU A 601 -39.52 -18.42 20.50
C LEU A 601 -38.86 -19.28 19.43
N VAL A 602 -37.52 -19.29 19.40
CA VAL A 602 -36.79 -20.17 18.45
C VAL A 602 -36.61 -21.49 19.17
N VAL A 603 -37.30 -22.52 18.68
CA VAL A 603 -37.30 -23.82 19.36
C VAL A 603 -36.34 -24.75 18.63
N THR A 604 -35.55 -25.46 19.42
CA THR A 604 -34.65 -26.55 19.01
C THR A 604 -35.14 -27.78 19.74
N VAL A 605 -35.61 -28.77 18.99
CA VAL A 605 -35.78 -30.11 19.59
C VAL A 605 -34.48 -30.89 19.43
N VAL A 606 -33.99 -31.44 20.52
CA VAL A 606 -32.72 -32.17 20.60
C VAL A 606 -33.03 -33.65 20.84
N ALA A 607 -32.36 -34.54 20.13
CA ALA A 607 -32.44 -35.99 20.39
C ALA A 607 -31.13 -36.65 19.98
N GLU A 608 -31.05 -37.97 20.15
CA GLU A 608 -29.81 -38.73 19.90
C GLU A 608 -29.40 -38.60 18.45
N THR A 609 -30.35 -38.58 17.53
CA THR A 609 -30.11 -38.59 16.07
C THR A 609 -31.14 -37.68 15.42
N LEU A 610 -30.86 -37.12 14.25
CA LEU A 610 -31.83 -36.28 13.52
C LEU A 610 -32.92 -37.15 12.86
N ARG A 611 -34.07 -36.52 12.67
N ARG A 611 -34.07 -36.54 12.67
CA ARG A 611 -35.21 -37.06 11.91
CA ARG A 611 -35.25 -37.11 11.96
C ARG A 611 -36.18 -35.91 11.74
C ARG A 611 -36.27 -36.00 11.95
N GLU A 612 -37.36 -36.16 11.18
CA GLU A 612 -38.45 -35.16 11.14
C GLU A 612 -38.79 -34.74 12.58
N GLY A 613 -38.75 -33.44 12.85
CA GLY A 613 -39.15 -32.88 14.15
C GLY A 613 -37.97 -32.65 15.09
N VAL A 614 -36.82 -33.27 14.81
CA VAL A 614 -35.55 -33.11 15.61
C VAL A 614 -34.60 -32.20 14.84
N ASP A 615 -34.14 -31.12 15.47
CA ASP A 615 -33.31 -30.08 14.83
C ASP A 615 -31.82 -30.34 15.05
N GLN A 616 -31.49 -30.99 16.16
N GLN A 616 -31.45 -30.83 16.24
CA GLN A 616 -30.09 -31.05 16.66
CA GLN A 616 -30.03 -30.99 16.65
C GLN A 616 -29.86 -32.33 17.42
C GLN A 616 -29.86 -32.31 17.39
N THR A 617 -28.65 -32.87 17.30
CA THR A 617 -28.23 -34.03 18.10
C THR A 617 -27.71 -33.58 19.47
N TYR A 618 -27.74 -34.48 20.45
CA TYR A 618 -27.08 -34.24 21.75
C TYR A 618 -25.61 -33.90 21.53
N SER A 619 -24.95 -34.55 20.57
CA SER A 619 -23.50 -34.32 20.30
C SER A 619 -23.21 -32.84 20.03
N THR A 620 -24.08 -32.12 19.31
CA THR A 620 -23.81 -30.70 18.94
C THR A 620 -24.48 -29.76 19.93
N ALA A 621 -25.33 -30.24 20.84
CA ALA A 621 -26.13 -29.36 21.70
C ALA A 621 -25.30 -28.97 22.92
N ASP A 622 -25.64 -27.81 23.46
CA ASP A 622 -25.02 -27.28 24.69
C ASP A 622 -26.01 -26.30 25.31
N ALA A 623 -25.98 -26.15 26.65
CA ALA A 623 -26.88 -25.21 27.33
C ALA A 623 -26.62 -23.77 26.89
N THR A 624 -25.38 -23.44 26.42
CA THR A 624 -25.09 -22.07 25.95
C THR A 624 -25.93 -21.75 24.68
N GLY A 625 -26.50 -22.77 24.03
CA GLY A 625 -27.38 -22.59 22.85
C GLY A 625 -28.80 -22.15 23.20
N PHE A 626 -29.18 -22.08 24.47
CA PHE A 626 -30.60 -21.89 24.87
C PHE A 626 -30.74 -20.81 25.94
N ASP A 627 -31.87 -20.10 25.91
CA ASP A 627 -32.27 -19.20 27.01
C ASP A 627 -33.14 -19.95 28.03
N GLY A 628 -33.70 -21.08 27.63
CA GLY A 628 -34.45 -21.95 28.56
C GLY A 628 -34.39 -23.39 28.07
N VAL A 629 -34.52 -24.33 28.98
CA VAL A 629 -34.37 -25.75 28.62
C VAL A 629 -35.57 -26.48 29.25
N VAL A 630 -36.23 -27.27 28.38
CA VAL A 630 -37.38 -28.13 28.76
C VAL A 630 -36.98 -29.59 28.50
N VAL A 631 -37.18 -30.47 29.49
CA VAL A 631 -37.03 -31.95 29.36
C VAL A 631 -38.46 -32.53 29.24
N VAL A 632 -38.71 -33.32 28.21
CA VAL A 632 -40.04 -34.00 28.08
C VAL A 632 -39.94 -35.29 28.88
N ASP A 633 -40.97 -35.63 29.67
CA ASP A 633 -40.73 -36.64 30.74
C ASP A 633 -40.51 -38.03 30.11
N GLY A 634 -40.96 -38.23 28.88
CA GLY A 634 -40.71 -39.44 28.07
C GLY A 634 -39.24 -39.72 27.81
N ALA A 635 -38.38 -38.70 27.96
CA ALA A 635 -36.91 -38.82 27.82
C ALA A 635 -36.25 -39.05 29.16
N ALA A 636 -37.01 -39.28 30.23
CA ALA A 636 -36.46 -39.48 31.60
C ALA A 636 -35.24 -40.42 31.58
N ALA A 637 -35.25 -41.48 30.78
CA ALA A 637 -34.21 -42.55 30.82
C ALA A 637 -32.81 -41.99 30.46
N LEU A 638 -32.72 -40.95 29.63
CA LEU A 638 -31.41 -40.38 29.18
C LEU A 638 -30.66 -39.70 30.33
N PHE A 639 -31.35 -39.38 31.42
CA PHE A 639 -30.82 -38.51 32.51
C PHE A 639 -30.14 -39.35 33.62
N ALA A 640 -30.23 -40.69 33.56
CA ALA A 640 -29.60 -41.61 34.55
C ALA A 640 -28.08 -41.60 34.37
N SER A 641 -27.29 -41.70 35.45
CA SER A 641 -25.80 -41.67 35.50
C SER A 641 -25.18 -42.85 34.72
N THR A 642 -25.96 -43.94 34.64
CA THR A 642 -25.77 -45.21 33.88
C THR A 642 -25.81 -44.99 32.36
N ALA A 643 -26.48 -43.93 31.88
CA ALA A 643 -26.69 -43.60 30.45
C ALA A 643 -25.34 -43.46 29.72
N SER A 644 -25.25 -44.03 28.52
CA SER A 644 -24.05 -44.02 27.65
C SER A 644 -24.51 -44.25 26.21
N SER A 645 -23.83 -43.67 25.22
CA SER A 645 -24.15 -43.85 23.78
C SER A 645 -22.93 -43.47 22.94
N PRO A 646 -22.64 -44.21 21.85
CA PRO A 646 -21.62 -43.75 20.91
C PRO A 646 -22.01 -42.47 20.17
N LEU A 647 -23.25 -42.00 20.30
CA LEU A 647 -23.79 -40.84 19.55
C LEU A 647 -23.62 -39.52 20.28
N PHE A 648 -23.16 -39.53 21.53
CA PHE A 648 -22.92 -38.28 22.29
C PHE A 648 -22.06 -38.58 23.50
N PRO A 649 -21.36 -37.56 24.05
CA PRO A 649 -20.49 -37.78 25.19
C PRO A 649 -21.25 -38.21 26.46
N THR A 650 -20.58 -39.01 27.29
CA THR A 650 -21.18 -39.55 28.52
C THR A 650 -21.80 -38.41 29.33
N GLY A 651 -23.07 -38.54 29.71
CA GLY A 651 -23.77 -37.57 30.58
C GLY A 651 -24.20 -36.30 29.86
N ARG A 652 -24.19 -36.24 28.54
CA ARG A 652 -24.52 -34.98 27.80
C ARG A 652 -25.93 -34.49 28.09
N PRO A 653 -27.00 -35.31 27.99
CA PRO A 653 -28.34 -34.77 28.18
C PRO A 653 -28.48 -34.12 29.55
N LEU A 654 -28.03 -34.80 30.60
CA LEU A 654 -28.20 -34.24 31.98
C LEU A 654 -27.31 -32.99 32.12
N GLN A 655 -26.11 -32.99 31.55
N GLN A 655 -26.10 -33.01 31.56
CA GLN A 655 -25.20 -31.81 31.70
CA GLN A 655 -25.18 -31.84 31.61
C GLN A 655 -25.84 -30.57 31.04
C GLN A 655 -25.87 -30.59 31.06
N ILE A 656 -26.61 -30.70 29.94
CA ILE A 656 -27.27 -29.52 29.32
C ILE A 656 -28.23 -28.95 30.36
N PHE A 657 -29.06 -29.81 30.98
CA PHE A 657 -30.09 -29.34 31.94
C PHE A 657 -29.42 -28.72 33.16
N VAL A 658 -28.41 -29.39 33.69
CA VAL A 658 -27.67 -28.96 34.91
C VAL A 658 -26.94 -27.64 34.64
N ASP A 659 -26.30 -27.49 33.48
CA ASP A 659 -25.65 -26.22 33.09
C ASP A 659 -26.69 -25.10 32.99
N ALA A 660 -27.82 -25.34 32.34
CA ALA A 660 -28.87 -24.32 32.15
C ALA A 660 -29.31 -23.86 33.54
N TYR A 661 -29.49 -24.81 34.47
CA TYR A 661 -29.94 -24.47 35.84
C TYR A 661 -28.88 -23.60 36.55
N ARG A 662 -27.61 -24.03 36.53
N ARG A 662 -27.62 -24.06 36.45
CA ARG A 662 -26.50 -23.36 37.26
CA ARG A 662 -26.44 -23.51 37.16
C ARG A 662 -26.36 -21.94 36.69
C ARG A 662 -26.21 -22.08 36.65
N TRP A 663 -26.63 -21.76 35.42
CA TRP A 663 -26.42 -20.43 34.79
C TRP A 663 -27.66 -19.54 34.92
N GLY A 664 -28.69 -19.99 35.66
CA GLY A 664 -29.77 -19.07 36.07
C GLY A 664 -30.97 -19.14 35.17
N LYS A 665 -30.97 -20.02 34.19
CA LYS A 665 -32.02 -20.02 33.13
C LYS A 665 -33.30 -20.72 33.62
N PRO A 666 -34.46 -20.33 33.05
CA PRO A 666 -35.71 -21.07 33.29
C PRO A 666 -35.50 -22.50 32.80
N VAL A 667 -35.81 -23.50 33.64
CA VAL A 667 -35.66 -24.94 33.30
C VAL A 667 -36.87 -25.70 33.81
N GLY A 668 -37.25 -26.77 33.13
CA GLY A 668 -38.43 -27.51 33.60
C GLY A 668 -38.55 -28.88 32.97
N VAL A 669 -39.40 -29.69 33.57
CA VAL A 669 -39.82 -31.01 33.00
C VAL A 669 -41.30 -30.91 32.72
N CYS A 670 -41.72 -31.31 31.52
CA CYS A 670 -43.12 -31.25 31.06
C CYS A 670 -43.62 -32.69 30.92
N GLY A 671 -44.68 -33.09 31.68
CA GLY A 671 -45.35 -34.41 31.62
C GLY A 671 -45.15 -35.24 32.89
N GLU A 676 -38.16 -37.26 38.94
CA GLU A 676 -37.10 -38.20 38.48
C GLU A 676 -35.94 -37.41 37.84
N VAL A 677 -36.30 -36.59 36.87
CA VAL A 677 -35.35 -35.73 36.11
C VAL A 677 -34.81 -34.67 37.09
N LEU A 678 -35.71 -34.07 37.89
CA LEU A 678 -35.32 -32.97 38.82
C LEU A 678 -34.41 -33.54 39.91
N ASP A 679 -34.66 -34.77 40.35
CA ASP A 679 -33.80 -35.48 41.35
C ASP A 679 -32.41 -35.78 40.76
N ALA A 680 -32.35 -36.26 39.51
CA ALA A 680 -31.06 -36.58 38.86
C ALA A 680 -30.21 -35.29 38.79
N ALA A 681 -30.87 -34.17 38.49
CA ALA A 681 -30.22 -32.85 38.21
C ALA A 681 -29.94 -32.15 39.52
N ASP A 682 -30.46 -32.71 40.62
CA ASP A 682 -30.35 -32.11 41.96
C ASP A 682 -31.01 -30.73 41.87
N VAL A 683 -32.10 -30.59 41.11
CA VAL A 683 -32.81 -29.29 40.91
C VAL A 683 -34.10 -29.32 41.73
N PRO A 684 -34.30 -28.35 42.66
CA PRO A 684 -35.48 -28.37 43.52
C PRO A 684 -36.75 -27.96 42.79
N GLU A 685 -37.81 -28.74 42.96
CA GLU A 685 -39.07 -28.46 42.26
C GLU A 685 -39.67 -27.12 42.70
N ASP A 686 -39.43 -26.65 43.93
CA ASP A 686 -40.05 -25.40 44.45
C ASP A 686 -39.28 -24.16 43.92
N GLY A 687 -38.10 -24.39 43.37
CA GLY A 687 -37.21 -23.33 42.81
C GLY A 687 -37.92 -22.31 41.94
N ASP A 688 -37.59 -21.05 42.17
CA ASP A 688 -37.90 -19.92 41.27
C ASP A 688 -37.27 -20.24 39.90
N GLY A 689 -38.03 -20.14 38.81
CA GLY A 689 -37.59 -20.49 37.44
C GLY A 689 -37.38 -21.99 37.26
N VAL A 690 -37.99 -22.85 38.09
CA VAL A 690 -38.03 -24.33 37.88
C VAL A 690 -39.51 -24.73 37.66
N TYR A 691 -39.84 -25.36 36.53
CA TYR A 691 -41.24 -25.65 36.10
C TYR A 691 -41.43 -27.17 36.05
N SER A 692 -42.60 -27.60 36.51
CA SER A 692 -42.99 -29.03 36.71
C SER A 692 -44.49 -29.12 36.44
N GLU A 693 -44.89 -29.29 35.17
CA GLU A 693 -46.33 -29.38 34.81
C GLU A 693 -46.56 -30.64 33.97
N GLU A 694 -47.62 -31.39 34.30
CA GLU A 694 -48.13 -32.50 33.45
C GLU A 694 -48.73 -31.85 32.19
N SER A 695 -49.43 -30.74 32.35
CA SER A 695 -50.09 -29.97 31.26
C SER A 695 -49.06 -29.19 30.44
N VAL A 696 -49.21 -29.12 29.11
CA VAL A 696 -48.31 -28.39 28.18
C VAL A 696 -48.70 -26.90 28.19
N ASP A 697 -50.00 -26.61 28.14
CA ASP A 697 -50.57 -25.24 28.22
C ASP A 697 -50.11 -24.49 29.47
N MET A 698 -50.19 -25.11 30.66
N MET A 698 -50.26 -25.15 30.63
CA MET A 698 -49.83 -24.44 31.94
CA MET A 698 -49.91 -24.68 32.00
C MET A 698 -48.31 -24.49 32.14
C MET A 698 -48.38 -24.49 32.06
N PHE A 699 -47.64 -25.51 31.62
CA PHE A 699 -46.15 -25.54 31.61
C PHE A 699 -45.63 -24.32 30.86
N VAL A 700 -46.26 -24.01 29.74
CA VAL A 700 -45.77 -22.99 28.78
C VAL A 700 -46.07 -21.59 29.33
N GLU A 701 -47.32 -21.32 29.72
N GLU A 701 -47.32 -21.32 29.73
CA GLU A 701 -47.72 -20.04 30.33
CA GLU A 701 -47.72 -20.03 30.36
C GLU A 701 -46.72 -19.68 31.43
C GLU A 701 -46.69 -19.67 31.43
N GLU A 702 -46.30 -20.66 32.25
CA GLU A 702 -45.36 -20.45 33.39
C GLU A 702 -43.93 -20.23 32.87
N PHE A 703 -43.50 -21.09 31.95
CA PHE A 703 -42.13 -21.08 31.39
C PHE A 703 -41.83 -19.72 30.73
N GLU A 704 -42.78 -19.17 29.97
CA GLU A 704 -42.64 -17.89 29.23
C GLU A 704 -42.50 -16.70 30.19
N LYS A 705 -43.12 -16.75 31.38
CA LYS A 705 -42.83 -15.74 32.44
C LYS A 705 -41.37 -15.85 32.87
N GLY A 706 -40.87 -17.06 33.01
CA GLY A 706 -39.46 -17.35 33.30
C GLY A 706 -38.55 -16.78 32.22
N LEU A 707 -38.93 -16.87 30.95
CA LEU A 707 -38.07 -16.36 29.84
C LEU A 707 -37.97 -14.84 29.94
N ALA A 708 -39.06 -14.16 30.33
CA ALA A 708 -39.10 -12.69 30.53
C ALA A 708 -38.23 -12.34 31.74
N THR A 709 -38.35 -13.05 32.85
CA THR A 709 -37.47 -12.86 34.05
C THR A 709 -36.00 -13.02 33.63
N PHE A 710 -35.75 -14.05 32.82
CA PHE A 710 -34.50 -14.29 32.02
C PHE A 710 -33.43 -14.97 32.87
N ARG A 711 -33.15 -14.39 34.03
CA ARG A 711 -32.19 -14.98 34.97
C ARG A 711 -32.77 -15.04 36.38
N PHE A 712 -32.58 -16.20 36.99
CA PHE A 712 -32.98 -16.53 38.38
C PHE A 712 -31.72 -16.40 39.22
N THR A 713 -31.52 -15.23 39.82
CA THR A 713 -30.23 -14.86 40.47
C THR A 713 -30.10 -15.43 41.89
N ASP A 714 -31.15 -16.04 42.46
N ASP A 714 -31.17 -16.00 42.44
CA ASP A 714 -31.07 -16.68 43.79
CA ASP A 714 -31.16 -16.70 43.74
C ASP A 714 -30.23 -17.97 43.72
C ASP A 714 -30.17 -17.90 43.72
N ARG A 715 -29.76 -18.38 42.52
CA ARG A 715 -28.93 -19.61 42.37
C ARG A 715 -27.45 -19.31 42.55
N PHE A 716 -27.08 -18.08 42.89
CA PHE A 716 -25.66 -17.67 42.96
C PHE A 716 -25.32 -17.29 44.40
N ALA A 717 -24.25 -17.86 44.91
CA ALA A 717 -23.78 -17.66 46.29
C ALA A 717 -23.27 -16.23 46.48
N LEU A 718 -23.50 -15.63 47.63
CA LEU A 718 -23.00 -14.29 48.01
C LEU A 718 -21.95 -14.42 49.09
N ASP A 719 -21.03 -13.48 49.13
CA ASP A 719 -20.03 -13.36 50.20
C ASP A 719 -20.75 -13.09 51.54
N SER A 720 -20.17 -13.51 52.64
CA SER A 720 -20.75 -13.28 54.00
C SER A 720 -20.56 -11.80 54.39
N SER B 43 26.74 6.51 11.46
CA SER B 43 25.90 6.57 10.21
C SER B 43 25.15 5.26 9.99
N PRO B 44 23.80 5.24 10.07
CA PRO B 44 23.02 4.07 9.69
C PRO B 44 23.11 3.78 8.18
N LEU B 45 23.71 4.70 7.40
CA LEU B 45 23.99 4.40 5.96
C LEU B 45 25.14 3.38 5.83
N ALA B 46 26.22 3.53 6.59
CA ALA B 46 27.43 2.66 6.49
C ALA B 46 27.02 1.18 6.61
N ALA B 47 26.21 0.86 7.59
CA ALA B 47 25.79 -0.50 7.92
C ALA B 47 25.00 -1.08 6.75
N TYR B 48 24.36 -0.20 5.96
CA TYR B 48 23.46 -0.69 4.90
C TYR B 48 24.07 -0.66 3.51
N GLU B 49 25.32 -0.29 3.40
CA GLU B 49 26.04 -0.27 2.11
C GLU B 49 26.25 -1.70 1.66
N VAL B 50 25.99 -1.96 0.38
CA VAL B 50 26.10 -3.33 -0.15
C VAL B 50 27.11 -3.28 -1.27
N ASP B 51 28.15 -4.10 -1.18
N ASP B 51 28.14 -4.13 -1.17
CA ASP B 51 29.23 -4.11 -2.18
CA ASP B 51 29.28 -4.25 -2.11
C ASP B 51 28.99 -5.32 -3.10
C ASP B 51 28.94 -5.36 -3.11
N ASP B 52 28.91 -5.05 -4.40
CA ASP B 52 28.76 -6.08 -5.45
C ASP B 52 29.92 -5.96 -6.43
N SER B 53 31.11 -5.63 -5.93
CA SER B 53 32.32 -5.52 -6.78
C SER B 53 32.87 -6.90 -7.09
N THR B 54 32.50 -7.91 -6.32
CA THR B 54 32.91 -9.32 -6.45
C THR B 54 31.69 -10.19 -6.19
N GLY B 55 31.84 -11.47 -6.47
CA GLY B 55 30.82 -12.44 -6.03
C GLY B 55 29.96 -12.97 -7.16
N TYR B 56 29.34 -14.11 -6.89
CA TYR B 56 28.33 -14.76 -7.73
C TYR B 56 26.96 -14.19 -7.37
N LEU B 57 26.16 -14.08 -8.41
CA LEU B 57 24.75 -13.64 -8.34
C LEU B 57 23.98 -14.52 -7.34
N THR B 58 23.18 -13.90 -6.47
CA THR B 58 22.29 -14.63 -5.55
C THR B 58 20.88 -14.06 -5.63
N SER B 59 19.92 -14.86 -5.19
CA SER B 59 18.57 -14.34 -4.86
C SER B 59 18.69 -13.38 -3.66
N ASP B 60 17.57 -12.75 -3.32
CA ASP B 60 17.51 -11.89 -2.10
C ASP B 60 17.66 -12.71 -0.83
N VAL B 61 17.61 -14.04 -0.91
CA VAL B 61 17.84 -14.87 0.30
C VAL B 61 19.16 -15.65 0.18
N GLY B 62 20.07 -15.20 -0.68
CA GLY B 62 21.46 -15.65 -0.65
C GLY B 62 21.69 -16.95 -1.41
N GLY B 63 20.75 -17.41 -2.19
CA GLY B 63 20.94 -18.62 -2.98
C GLY B 63 21.55 -18.28 -4.32
N PRO B 64 22.76 -18.82 -4.65
CA PRO B 64 23.40 -18.52 -5.94
C PRO B 64 22.52 -18.96 -7.12
N ILE B 65 22.37 -18.03 -8.09
CA ILE B 65 21.43 -18.21 -9.24
C ILE B 65 22.07 -17.59 -10.48
N GLN B 66 21.35 -17.76 -11.58
CA GLN B 66 21.59 -17.04 -12.84
C GLN B 66 20.39 -16.13 -13.13
N ASP B 67 20.49 -15.25 -14.12
CA ASP B 67 19.34 -14.34 -14.39
C ASP B 67 19.26 -13.92 -15.85
N GLN B 68 19.85 -14.73 -16.75
CA GLN B 68 19.97 -14.35 -18.17
C GLN B 68 19.10 -15.16 -19.10
N THR B 69 18.72 -16.37 -18.74
CA THR B 69 17.80 -17.16 -19.61
C THR B 69 16.68 -17.74 -18.75
N SER B 70 15.44 -17.63 -19.24
CA SER B 70 14.24 -18.24 -18.64
C SER B 70 14.31 -19.77 -18.74
N LEU B 71 13.69 -20.43 -17.78
CA LEU B 71 13.52 -21.89 -17.79
C LEU B 71 12.33 -22.27 -18.65
N LYS B 72 12.59 -23.14 -19.65
CA LYS B 72 11.57 -23.46 -20.67
C LYS B 72 11.41 -24.97 -20.81
N ALA B 73 10.21 -25.37 -21.23
CA ALA B 73 9.92 -26.78 -21.61
C ALA B 73 10.44 -27.01 -23.04
N GLY B 74 11.72 -27.33 -23.13
CA GLY B 74 12.42 -27.49 -24.42
C GLY B 74 13.03 -26.19 -24.91
N ILE B 75 13.99 -26.31 -25.82
N ILE B 75 14.00 -26.29 -25.81
CA ILE B 75 14.85 -25.19 -26.28
CA ILE B 75 14.86 -25.17 -26.27
C ILE B 75 14.02 -24.12 -27.01
C ILE B 75 14.03 -24.11 -27.02
N ARG B 76 12.89 -24.49 -27.62
CA ARG B 76 11.97 -23.51 -28.26
C ARG B 76 10.62 -23.53 -27.54
N GLY B 77 10.62 -23.84 -26.25
CA GLY B 77 9.37 -24.08 -25.53
C GLY B 77 8.91 -22.90 -24.67
N PRO B 78 7.72 -23.06 -24.07
CA PRO B 78 7.14 -22.03 -23.22
C PRO B 78 7.88 -21.95 -21.88
N THR B 79 7.82 -20.76 -21.28
CA THR B 79 8.46 -20.51 -19.96
C THR B 79 7.68 -21.16 -18.83
N LEU B 80 8.40 -21.72 -17.85
CA LEU B 80 7.76 -22.44 -16.74
C LEU B 80 7.42 -21.52 -15.55
N LEU B 81 6.26 -21.72 -14.97
CA LEU B 81 5.84 -21.06 -13.71
C LEU B 81 6.85 -21.34 -12.61
N GLU B 82 7.51 -22.51 -12.62
CA GLU B 82 8.46 -22.85 -11.53
C GLU B 82 9.78 -22.06 -11.61
N ASP B 83 9.95 -21.18 -12.61
CA ASP B 83 11.15 -20.35 -12.74
C ASP B 83 11.12 -19.23 -11.72
N PHE B 84 11.51 -19.53 -10.48
CA PHE B 84 11.58 -18.54 -9.39
C PHE B 84 12.67 -17.51 -9.67
N MET B 85 13.70 -17.83 -10.45
CA MET B 85 14.76 -16.85 -10.75
C MET B 85 14.16 -15.70 -11.55
N PHE B 86 13.38 -16.07 -12.57
CA PHE B 86 12.65 -15.13 -13.44
C PHE B 86 11.74 -14.29 -12.54
N ARG B 87 10.85 -14.94 -11.80
CA ARG B 87 9.77 -14.16 -11.15
C ARG B 87 10.33 -13.25 -10.06
N GLN B 88 11.31 -13.65 -9.25
CA GLN B 88 11.82 -12.74 -8.18
C GLN B 88 12.43 -11.52 -8.84
N LYS B 89 13.12 -11.69 -9.96
CA LYS B 89 13.81 -10.58 -10.61
C LYS B 89 12.79 -9.63 -11.23
N ILE B 90 11.84 -10.21 -11.95
CA ILE B 90 10.82 -9.36 -12.63
C ILE B 90 9.82 -8.75 -11.64
N GLN B 91 9.49 -9.45 -10.56
CA GLN B 91 8.66 -8.85 -9.51
C GLN B 91 9.37 -7.62 -8.97
N HIS B 92 10.64 -7.74 -8.64
CA HIS B 92 11.37 -6.56 -8.13
C HIS B 92 11.31 -5.42 -9.14
N PHE B 93 11.58 -5.70 -10.41
CA PHE B 93 11.58 -4.66 -11.45
C PHE B 93 10.20 -3.97 -11.49
N ASP B 94 9.16 -4.79 -11.56
CA ASP B 94 7.75 -4.40 -11.67
C ASP B 94 7.37 -3.45 -10.55
N HIS B 95 8.05 -3.54 -9.40
CA HIS B 95 7.70 -2.76 -8.18
C HIS B 95 8.78 -1.75 -7.85
N GLU B 96 9.68 -1.40 -8.77
CA GLU B 96 10.78 -0.47 -8.42
C GLU B 96 10.25 0.93 -8.09
N ARG B 97 9.18 1.37 -8.71
CA ARG B 97 8.76 2.77 -8.62
C ARG B 97 7.93 3.00 -7.36
N VAL B 98 8.03 4.23 -6.87
CA VAL B 98 7.18 4.76 -5.77
C VAL B 98 6.57 6.06 -6.25
N PRO B 99 5.48 6.51 -5.64
CA PRO B 99 4.89 7.80 -6.03
C PRO B 99 5.96 8.90 -5.95
N GLU B 100 6.00 9.77 -6.95
CA GLU B 100 6.80 10.99 -6.84
C GLU B 100 6.22 11.89 -5.75
N ARG B 101 7.02 12.78 -5.23
CA ARG B 101 6.57 13.78 -4.24
C ARG B 101 5.40 14.56 -4.88
N ALA B 102 4.40 14.92 -4.08
CA ALA B 102 3.19 15.65 -4.58
C ALA B 102 3.56 17.02 -5.13
N VAL B 103 4.60 17.61 -4.52
CA VAL B 103 5.26 18.82 -5.05
C VAL B 103 6.75 18.61 -4.88
N HIS B 104 7.56 19.37 -5.61
CA HIS B 104 9.03 19.26 -5.59
C HIS B 104 9.47 17.86 -6.02
N ALA B 105 8.73 17.24 -6.95
CA ALA B 105 9.06 15.91 -7.47
C ALA B 105 10.45 15.87 -8.11
N ARG B 106 10.84 16.94 -8.78
CA ARG B 106 12.13 17.04 -9.52
C ARG B 106 13.16 17.70 -8.61
N GLY B 107 14.23 16.96 -8.28
CA GLY B 107 15.23 17.51 -7.37
C GLY B 107 16.41 16.60 -7.20
N ALA B 108 17.40 17.06 -6.45
CA ALA B 108 18.68 16.36 -6.30
C ALA B 108 19.32 16.74 -4.97
N GLY B 109 20.08 15.81 -4.40
CA GLY B 109 20.58 15.94 -3.05
C GLY B 109 22.06 15.72 -2.93
N ALA B 110 22.56 16.07 -1.74
CA ALA B 110 23.96 15.79 -1.36
C ALA B 110 24.10 15.81 0.17
N HIS B 111 25.12 15.11 0.63
CA HIS B 111 25.58 15.10 2.02
C HIS B 111 26.56 16.23 2.30
N GLY B 112 26.59 16.66 3.54
CA GLY B 112 27.68 17.55 3.98
C GLY B 112 27.71 17.72 5.47
N THR B 113 28.17 18.88 5.90
CA THR B 113 28.36 19.19 7.34
C THR B 113 27.91 20.61 7.61
N PHE B 114 27.35 20.83 8.78
CA PHE B 114 27.09 22.17 9.32
C PHE B 114 28.01 22.36 10.51
N THR B 115 28.65 23.53 10.57
CA THR B 115 29.57 23.83 11.69
C THR B 115 29.09 25.12 12.35
N SER B 116 28.85 25.10 13.65
CA SER B 116 28.42 26.31 14.40
C SER B 116 29.62 27.26 14.53
N TYR B 117 29.38 28.56 14.43
CA TYR B 117 30.44 29.60 14.62
C TYR B 117 30.60 29.94 16.10
N ALA B 118 29.66 29.58 16.96
CA ALA B 118 29.64 30.04 18.35
C ALA B 118 28.76 29.16 19.23
N ASP B 119 28.86 29.37 20.54
CA ASP B 119 27.88 28.86 21.51
C ASP B 119 26.71 29.82 21.47
N TRP B 120 25.57 29.44 20.90
CA TRP B 120 24.39 30.30 20.78
C TRP B 120 23.35 30.09 21.90
N SER B 121 23.78 29.55 23.04
N SER B 121 23.77 29.59 23.06
CA SER B 121 22.95 29.34 24.26
CA SER B 121 22.84 29.28 24.18
C SER B 121 22.22 30.62 24.65
C SER B 121 22.19 30.56 24.72
N ASN B 122 22.81 31.78 24.37
N ASN B 122 22.72 31.74 24.43
CA ASN B 122 22.24 33.10 24.74
CA ASN B 122 22.10 33.02 24.89
C ASN B 122 20.90 33.33 24.03
C ASN B 122 20.87 33.35 24.03
N ILE B 123 20.68 32.66 22.89
CA ILE B 123 19.45 32.89 22.05
C ILE B 123 18.67 31.59 21.84
N THR B 124 19.29 30.41 21.99
CA THR B 124 18.50 29.17 21.80
C THR B 124 19.11 28.02 22.59
N ALA B 125 18.25 27.10 23.00
CA ALA B 125 18.69 25.87 23.67
C ALA B 125 19.17 24.83 22.66
N ALA B 126 19.06 25.07 21.34
CA ALA B 126 19.33 24.03 20.32
C ALA B 126 20.73 23.47 20.45
N SER B 127 20.84 22.16 20.64
CA SER B 127 22.14 21.50 20.92
C SER B 127 23.10 21.67 19.77
N PHE B 128 22.62 21.61 18.51
CA PHE B 128 23.55 21.68 17.36
C PHE B 128 24.18 23.07 17.24
N LEU B 129 23.66 24.05 17.99
CA LEU B 129 24.18 25.43 18.00
C LEU B 129 24.85 25.79 19.34
N ASN B 130 25.23 24.81 20.16
CA ASN B 130 25.59 25.09 21.57
C ASN B 130 27.09 25.20 21.79
N ALA B 131 27.92 25.17 20.74
CA ALA B 131 29.39 25.27 20.91
C ALA B 131 30.05 25.74 19.62
N THR B 132 31.08 26.58 19.77
CA THR B 132 31.96 26.96 18.66
C THR B 132 32.55 25.70 18.05
N GLY B 133 32.43 25.58 16.74
CA GLY B 133 33.04 24.50 15.97
C GLY B 133 32.21 23.22 16.00
N LYS B 134 31.04 23.21 16.64
CA LYS B 134 30.27 21.93 16.75
C LYS B 134 29.78 21.51 15.37
N GLN B 135 30.06 20.28 14.97
CA GLN B 135 29.75 19.81 13.61
C GLN B 135 28.58 18.84 13.67
N THR B 136 27.66 19.00 12.72
CA THR B 136 26.47 18.14 12.59
C THR B 136 26.37 17.71 11.13
N PRO B 137 26.23 16.39 10.85
CA PRO B 137 26.03 15.96 9.48
C PRO B 137 24.73 16.54 8.90
N VAL B 138 24.74 16.80 7.61
CA VAL B 138 23.51 17.26 6.92
C VAL B 138 23.28 16.42 5.67
N PHE B 139 22.02 16.45 5.22
CA PHE B 139 21.64 16.10 3.82
C PHE B 139 20.72 17.19 3.33
N VAL B 140 21.01 17.68 2.13
CA VAL B 140 20.19 18.72 1.47
C VAL B 140 19.60 18.16 0.18
N ARG B 141 18.34 18.48 -0.10
CA ARG B 141 17.72 18.26 -1.43
C ARG B 141 17.26 19.63 -1.95
N PHE B 142 17.59 19.90 -3.19
CA PHE B 142 17.14 21.08 -3.95
C PHE B 142 16.12 20.61 -4.98
N SER B 143 15.24 21.48 -5.45
CA SER B 143 14.15 21.02 -6.33
C SER B 143 13.51 22.17 -7.07
N THR B 144 12.71 21.85 -8.08
CA THR B 144 11.66 22.75 -8.53
C THR B 144 10.40 22.43 -7.72
N VAL B 145 9.23 22.95 -8.11
CA VAL B 145 7.95 22.69 -7.40
C VAL B 145 6.92 21.94 -8.26
N ALA B 146 6.63 22.44 -9.47
CA ALA B 146 5.43 22.01 -10.22
C ALA B 146 5.72 20.76 -11.07
N GLY B 147 6.89 20.67 -11.68
CA GLY B 147 7.16 19.60 -12.64
C GLY B 147 7.19 18.23 -11.97
N SER B 148 6.89 17.22 -12.77
CA SER B 148 7.02 15.81 -12.37
C SER B 148 8.49 15.41 -12.40
N ARG B 149 8.77 14.18 -11.95
N ARG B 149 8.83 14.23 -11.90
CA ARG B 149 10.07 13.49 -12.20
CA ARG B 149 10.23 13.96 -11.51
C ARG B 149 10.36 13.51 -13.71
C ARG B 149 11.16 13.83 -12.72
N GLY B 150 11.61 13.82 -14.03
N GLY B 150 10.65 13.75 -13.96
CA GLY B 150 12.10 13.91 -15.41
CA GLY B 150 11.46 13.74 -15.20
C GLY B 150 11.85 15.29 -16.01
C GLY B 150 11.54 15.07 -15.97
N SER B 151 11.03 16.15 -15.38
CA SER B 151 10.91 17.51 -15.98
C SER B 151 12.26 18.26 -15.85
N ALA B 152 12.41 19.35 -16.60
CA ALA B 152 13.71 20.00 -16.73
C ALA B 152 14.04 20.78 -15.48
N ASP B 153 15.31 20.77 -15.12
CA ASP B 153 15.79 21.62 -14.01
C ASP B 153 15.54 23.09 -14.27
N THR B 154 15.65 23.53 -15.54
CA THR B 154 15.66 24.98 -15.86
C THR B 154 14.27 25.47 -16.29
N ALA B 155 13.22 24.82 -15.86
CA ALA B 155 11.85 25.39 -15.87
C ALA B 155 11.87 26.68 -15.04
N ARG B 156 11.02 27.64 -15.35
CA ARG B 156 10.78 28.78 -14.47
C ARG B 156 9.90 28.29 -13.33
N ASP B 157 10.35 28.45 -12.09
CA ASP B 157 9.60 27.93 -10.92
C ASP B 157 10.15 28.53 -9.63
N VAL B 158 9.39 28.32 -8.58
CA VAL B 158 9.96 28.36 -7.20
C VAL B 158 10.88 27.15 -7.04
N HIS B 159 11.90 27.23 -6.20
CA HIS B 159 12.81 26.09 -5.96
C HIS B 159 12.87 25.76 -4.46
N GLY B 160 12.90 24.48 -4.18
CA GLY B 160 13.10 23.97 -2.82
C GLY B 160 14.57 23.97 -2.42
N PHE B 161 14.80 24.12 -1.12
CA PHE B 161 16.10 24.05 -0.45
C PHE B 161 15.83 23.44 0.93
N ALA B 162 15.86 22.11 1.02
CA ALA B 162 15.44 21.35 2.20
C ALA B 162 16.71 20.81 2.85
N THR B 163 16.89 21.11 4.14
CA THR B 163 18.13 20.75 4.86
C THR B 163 17.79 19.93 6.10
N ARG B 164 18.40 18.77 6.21
CA ARG B 164 18.30 17.90 7.43
C ARG B 164 19.61 18.05 8.19
N PHE B 165 19.49 18.39 9.46
CA PHE B 165 20.60 18.40 10.43
C PHE B 165 20.42 17.15 11.30
N TYR B 166 21.34 16.20 11.21
CA TYR B 166 21.24 14.96 12.02
C TYR B 166 21.85 15.29 13.38
N THR B 167 21.10 16.02 14.21
CA THR B 167 21.71 16.55 15.45
C THR B 167 21.83 15.45 16.51
N ASP B 168 22.61 15.76 17.53
CA ASP B 168 22.76 14.92 18.74
C ASP B 168 21.56 14.98 19.68
N GLU B 169 20.50 15.73 19.34
N GLU B 169 20.50 15.71 19.34
CA GLU B 169 19.20 15.71 20.04
CA GLU B 169 19.22 15.65 20.06
C GLU B 169 18.06 15.46 19.05
C GLU B 169 18.08 15.49 19.05
N GLY B 170 18.37 14.84 17.93
CA GLY B 170 17.32 14.43 16.96
C GLY B 170 17.49 15.08 15.62
N ASN B 171 16.78 14.55 14.62
CA ASN B 171 16.85 15.19 13.31
C ASN B 171 16.04 16.49 13.31
N PHE B 172 16.64 17.54 12.74
CA PHE B 172 16.01 18.87 12.62
C PHE B 172 16.01 19.23 11.15
N ASP B 173 14.84 19.43 10.55
CA ASP B 173 14.74 19.80 9.14
C ASP B 173 14.32 21.25 9.05
N ILE B 174 14.96 21.99 8.14
CA ILE B 174 14.50 23.33 7.70
C ILE B 174 14.13 23.14 6.21
N VAL B 175 12.83 23.10 5.97
CA VAL B 175 12.26 22.75 4.64
C VAL B 175 11.96 24.09 3.98
N GLY B 176 12.94 24.62 3.25
CA GLY B 176 12.88 26.00 2.73
C GLY B 176 12.74 26.08 1.22
N ASN B 177 12.69 27.31 0.72
CA ASN B 177 12.64 27.60 -0.73
C ASN B 177 13.71 28.62 -1.07
N ASN B 178 13.96 28.86 -2.36
CA ASN B 178 14.95 29.90 -2.76
C ASN B 178 14.30 31.28 -2.77
N ILE B 179 13.01 31.38 -2.46
CA ILE B 179 12.27 32.66 -2.44
C ILE B 179 11.75 32.76 -1.01
N PRO B 180 11.91 33.94 -0.36
CA PRO B 180 11.63 34.07 1.06
C PRO B 180 10.15 34.22 1.43
N VAL B 181 9.26 34.28 0.44
CA VAL B 181 7.83 34.49 0.66
C VAL B 181 7.05 33.44 -0.13
N PHE B 182 5.87 33.10 0.36
CA PHE B 182 5.03 32.06 -0.29
C PHE B 182 3.77 32.69 -0.91
N PHE B 183 3.16 31.97 -1.87
CA PHE B 183 2.02 32.46 -2.67
C PHE B 183 0.77 32.64 -1.83
N ILE B 184 0.60 31.90 -0.75
CA ILE B 184 -0.70 31.79 -0.05
C ILE B 184 -0.48 31.97 1.47
N GLN B 185 -1.54 32.37 2.15
CA GLN B 185 -1.48 32.75 3.58
C GLN B 185 -2.07 31.69 4.51
N ASP B 186 -2.58 30.61 3.96
CA ASP B 186 -3.21 29.54 4.74
C ASP B 186 -2.92 28.22 4.04
N ALA B 187 -2.42 27.23 4.77
CA ALA B 187 -2.09 25.92 4.20
C ALA B 187 -3.32 25.26 3.53
N ILE B 188 -4.54 25.55 3.97
CA ILE B 188 -5.73 24.88 3.40
C ILE B 188 -5.89 25.22 1.91
N GLN B 189 -5.20 26.27 1.45
CA GLN B 189 -5.29 26.69 0.04
C GLN B 189 -4.22 26.01 -0.81
N PHE B 190 -3.34 25.19 -0.23
CA PHE B 190 -2.22 24.65 -1.02
C PHE B 190 -2.72 23.82 -2.21
N PRO B 191 -3.74 22.96 -2.10
CA PRO B 191 -4.18 22.19 -3.27
C PRO B 191 -4.77 23.10 -4.36
N ASP B 192 -5.34 24.24 -4.00
CA ASP B 192 -5.87 25.21 -4.99
C ASP B 192 -4.72 25.78 -5.79
N LEU B 193 -3.68 26.28 -5.10
CA LEU B 193 -2.47 26.82 -5.76
C LEU B 193 -1.89 25.74 -6.66
N ILE B 194 -1.63 24.57 -6.10
CA ILE B 194 -0.88 23.53 -6.84
C ILE B 194 -1.74 22.99 -7.99
N HIS B 195 -3.02 22.71 -7.83
CA HIS B 195 -3.85 22.29 -8.99
C HIS B 195 -3.71 23.37 -10.08
N SER B 196 -3.75 24.64 -9.69
CA SER B 196 -3.76 25.73 -10.70
C SER B 196 -2.47 25.82 -11.48
N VAL B 197 -1.29 25.56 -10.88
N VAL B 197 -1.32 25.56 -10.84
CA VAL B 197 0.02 25.73 -11.61
CA VAL B 197 0.00 25.73 -11.47
C VAL B 197 0.43 24.42 -12.29
C VAL B 197 0.34 24.45 -12.28
N LYS B 198 -0.03 23.28 -11.76
CA LYS B 198 0.24 21.98 -12.42
C LYS B 198 -0.57 21.92 -13.71
N PRO B 199 -0.29 20.91 -14.56
CA PRO B 199 -0.91 20.81 -15.90
C PRO B 199 -2.44 20.73 -15.80
N ARG B 200 -3.10 21.30 -16.83
CA ARG B 200 -4.56 21.21 -16.88
C ARG B 200 -4.99 19.74 -16.82
N PRO B 201 -5.98 19.36 -16.00
CA PRO B 201 -6.18 17.93 -15.71
C PRO B 201 -6.95 17.09 -16.72
N ASP B 202 -7.40 17.69 -17.82
CA ASP B 202 -8.05 16.87 -18.88
C ASP B 202 -6.95 16.29 -19.76
N ASN B 203 -5.91 17.06 -20.06
CA ASN B 203 -4.86 16.62 -21.01
C ASN B 203 -3.46 16.56 -20.41
N GLU B 204 -3.31 16.97 -19.15
CA GLU B 204 -2.01 17.10 -18.46
C GLU B 204 -1.03 17.92 -19.32
N ILE B 205 -1.47 19.10 -19.74
CA ILE B 205 -0.61 20.10 -20.43
C ILE B 205 -0.83 21.43 -19.72
N PRO B 206 0.20 22.25 -19.46
CA PRO B 206 1.61 22.04 -19.77
C PRO B 206 2.47 21.58 -18.60
N GLN B 207 3.57 20.91 -18.95
CA GLN B 207 4.55 20.44 -17.93
C GLN B 207 5.36 21.60 -17.35
N ALA B 208 5.56 21.60 -16.03
CA ALA B 208 6.62 22.38 -15.32
C ALA B 208 6.50 23.84 -15.75
N ALA B 209 5.32 24.39 -15.72
CA ALA B 209 5.15 25.77 -16.22
C ALA B 209 3.90 26.41 -15.68
N ALA B 210 4.00 27.68 -15.29
CA ALA B 210 2.80 28.44 -14.91
C ALA B 210 2.22 29.19 -16.14
N ALA B 211 2.79 29.02 -17.32
CA ALA B 211 2.36 29.72 -18.57
C ALA B 211 1.07 29.10 -19.14
N HIS B 212 0.00 29.13 -18.38
CA HIS B 212 -1.33 28.63 -18.81
C HIS B 212 -2.46 29.31 -18.05
N ASP B 213 -3.67 29.25 -18.58
CA ASP B 213 -4.80 30.03 -18.06
C ASP B 213 -5.01 29.77 -16.56
N SER B 214 -5.01 28.52 -16.12
CA SER B 214 -5.48 28.16 -14.75
C SER B 214 -4.56 28.85 -13.74
N ALA B 215 -3.26 28.86 -14.00
CA ALA B 215 -2.31 29.43 -13.03
C ALA B 215 -2.60 30.93 -12.87
N TRP B 216 -2.70 31.62 -14.02
CA TRP B 216 -2.91 33.09 -13.99
C TRP B 216 -4.31 33.43 -13.52
N ASP B 217 -5.27 32.55 -13.71
CA ASP B 217 -6.60 32.71 -13.11
C ASP B 217 -6.42 32.77 -11.59
N PHE B 218 -5.77 31.75 -11.02
CA PHE B 218 -5.56 31.68 -9.56
C PHE B 218 -4.79 32.93 -9.12
N PHE B 219 -3.69 33.29 -9.78
CA PHE B 219 -2.89 34.45 -9.31
C PHE B 219 -3.79 35.69 -9.27
N SER B 220 -4.56 35.91 -10.33
CA SER B 220 -5.40 37.13 -10.42
C SER B 220 -6.58 37.10 -9.47
N GLN B 221 -7.06 35.94 -9.02
CA GLN B 221 -8.21 35.86 -8.10
C GLN B 221 -7.73 35.84 -6.63
N GLN B 222 -6.48 35.46 -6.40
CA GLN B 222 -5.92 35.30 -5.05
C GLN B 222 -4.73 36.24 -4.93
N PRO B 223 -4.96 37.53 -4.59
CA PRO B 223 -3.91 38.52 -4.68
C PRO B 223 -2.72 38.33 -3.73
N SER B 224 -2.87 37.51 -2.68
CA SER B 224 -1.74 37.13 -1.83
C SER B 224 -0.57 36.65 -2.69
N THR B 225 -0.87 36.09 -3.85
CA THR B 225 0.14 35.47 -4.73
C THR B 225 1.15 36.49 -5.30
N MET B 226 0.82 37.78 -5.24
CA MET B 226 1.64 38.75 -6.00
C MET B 226 3.09 38.71 -5.57
N HIS B 227 3.44 38.64 -4.28
CA HIS B 227 4.85 38.80 -3.90
C HIS B 227 5.66 37.64 -4.47
N THR B 228 5.25 36.40 -4.19
CA THR B 228 6.02 35.24 -4.71
C THR B 228 5.99 35.27 -6.23
N LEU B 229 4.89 35.72 -6.82
CA LEU B 229 4.82 35.75 -8.32
C LEU B 229 5.90 36.66 -8.89
N PHE B 230 6.05 37.87 -8.32
CA PHE B 230 7.15 38.78 -8.72
C PHE B 230 8.52 38.12 -8.56
N TRP B 231 8.79 37.45 -7.43
CA TRP B 231 10.06 36.71 -7.30
C TRP B 231 10.20 35.64 -8.41
N ALA B 232 9.18 34.86 -8.66
CA ALA B 232 9.27 33.76 -9.64
C ALA B 232 9.44 34.31 -11.07
N MET B 233 8.92 35.51 -11.34
CA MET B 233 9.07 36.14 -12.68
C MET B 233 10.43 36.83 -12.81
N SER B 234 11.16 37.03 -11.71
CA SER B 234 12.52 37.59 -11.71
C SER B 234 13.51 36.49 -12.06
N GLY B 235 14.80 36.76 -12.02
CA GLY B 235 15.83 35.75 -12.24
C GLY B 235 15.80 34.65 -11.17
N HIS B 236 15.21 34.92 -10.01
CA HIS B 236 15.07 33.92 -8.94
C HIS B 236 14.24 32.71 -9.45
N GLY B 237 13.42 32.86 -10.49
CA GLY B 237 12.69 31.75 -11.09
C GLY B 237 13.56 30.84 -11.94
N ILE B 238 14.73 31.30 -12.41
CA ILE B 238 15.63 30.53 -13.30
C ILE B 238 17.05 30.72 -12.81
N PRO B 239 17.37 30.24 -11.60
CA PRO B 239 18.71 30.39 -11.07
C PRO B 239 19.74 29.67 -11.95
N ARG B 240 20.97 30.19 -11.95
CA ARG B 240 22.08 29.58 -12.71
C ARG B 240 22.37 28.18 -12.13
N SER B 241 22.27 27.98 -10.82
CA SER B 241 22.48 26.66 -10.22
C SER B 241 21.89 26.66 -8.81
N TYR B 242 21.86 25.48 -8.20
CA TYR B 242 21.44 25.35 -6.79
C TYR B 242 22.45 26.08 -5.91
N ARG B 243 23.71 26.16 -6.40
CA ARG B 243 24.82 26.73 -5.62
C ARG B 243 24.71 28.25 -5.65
N HIS B 244 24.01 28.82 -6.62
CA HIS B 244 23.93 30.28 -6.88
C HIS B 244 22.56 30.81 -6.48
N MET B 245 21.95 30.16 -5.50
CA MET B 245 20.68 30.62 -4.93
C MET B 245 20.80 30.49 -3.40
N ASP B 246 19.97 31.24 -2.72
CA ASP B 246 19.86 31.21 -1.25
C ASP B 246 18.75 30.25 -0.86
N GLY B 247 18.72 29.95 0.45
CA GLY B 247 17.61 29.22 1.07
C GLY B 247 16.91 30.05 2.11
N PHE B 248 15.61 29.90 2.23
CA PHE B 248 14.82 30.65 3.23
C PHE B 248 13.84 29.70 3.91
N GLY B 249 13.70 29.82 5.23
CA GLY B 249 12.66 29.09 5.98
C GLY B 249 11.29 29.62 5.69
N VAL B 250 11.21 30.85 5.14
CA VAL B 250 9.94 31.58 4.80
C VAL B 250 9.19 32.03 6.04
N HIS B 251 8.73 31.09 6.85
CA HIS B 251 7.96 31.42 8.05
C HIS B 251 8.84 32.06 9.14
N THR B 252 8.18 32.84 9.95
CA THR B 252 8.73 33.18 11.27
C THR B 252 8.67 31.91 12.14
N PHE B 253 9.78 31.59 12.78
CA PHE B 253 9.84 30.54 13.79
C PHE B 253 10.23 31.18 15.12
N ARG B 254 10.35 30.37 16.15
CA ARG B 254 10.85 30.84 17.46
C ARG B 254 12.16 30.17 17.81
N PHE B 255 13.10 30.97 18.35
CA PHE B 255 14.22 30.47 19.16
C PHE B 255 13.78 30.50 20.61
N VAL B 256 13.93 29.39 21.30
CA VAL B 256 13.48 29.21 22.70
C VAL B 256 14.73 28.87 23.52
N LYS B 257 14.94 29.64 24.59
CA LYS B 257 16.04 29.37 25.54
C LYS B 257 15.60 28.35 26.57
N ASP B 258 16.57 27.76 27.27
CA ASP B 258 16.28 26.83 28.37
C ASP B 258 15.50 27.52 29.48
N ASP B 259 15.59 28.84 29.60
CA ASP B 259 14.90 29.60 30.65
C ASP B 259 13.45 29.82 30.22
N GLY B 260 13.07 29.37 29.02
CA GLY B 260 11.68 29.49 28.54
C GLY B 260 11.41 30.74 27.73
N SER B 261 12.33 31.71 27.70
CA SER B 261 12.07 32.92 26.90
C SER B 261 12.17 32.57 25.40
N SER B 262 11.52 33.36 24.57
CA SER B 262 11.53 33.14 23.10
C SER B 262 11.74 34.45 22.35
N LYS B 263 12.34 34.32 21.17
CA LYS B 263 12.41 35.38 20.17
C LYS B 263 11.88 34.84 18.84
N LEU B 264 11.52 35.76 17.96
CA LEU B 264 11.00 35.44 16.61
C LEU B 264 12.17 35.46 15.63
N ILE B 265 12.25 34.43 14.77
CA ILE B 265 13.40 34.34 13.86
C ILE B 265 12.95 34.11 12.42
N LYS B 266 13.79 34.51 11.50
CA LYS B 266 13.72 34.07 10.09
C LYS B 266 15.03 33.41 9.71
N TRP B 267 14.97 32.25 9.04
CA TRP B 267 16.18 31.55 8.53
C TRP B 267 16.54 32.08 7.13
N HIS B 268 17.82 32.45 6.97
N HIS B 268 17.81 32.40 6.86
CA HIS B 268 18.41 32.78 5.65
CA HIS B 268 18.31 32.89 5.55
C HIS B 268 19.71 32.00 5.47
C HIS B 268 19.66 32.20 5.32
N PHE B 269 19.76 31.23 4.40
CA PHE B 269 20.99 30.51 4.03
C PHE B 269 21.58 31.32 2.88
N LYS B 270 22.69 32.02 3.14
N LYS B 270 22.70 31.98 3.12
CA LYS B 270 23.31 32.98 2.19
CA LYS B 270 23.26 32.97 2.16
C LYS B 270 24.43 32.30 1.41
C LYS B 270 24.43 32.33 1.41
N SER B 271 24.27 32.25 0.09
CA SER B 271 25.22 31.58 -0.81
C SER B 271 26.58 32.22 -0.73
N ARG B 272 27.61 31.43 -0.57
CA ARG B 272 29.03 31.86 -0.69
C ARG B 272 29.51 31.81 -2.14
N GLN B 273 28.72 31.28 -3.06
CA GLN B 273 29.09 31.28 -4.49
C GLN B 273 28.59 32.54 -5.19
N GLY B 274 27.73 33.33 -4.56
CA GLY B 274 27.09 34.52 -5.14
C GLY B 274 25.75 34.15 -5.71
N LYS B 275 25.04 35.14 -6.20
CA LYS B 275 23.69 34.96 -6.79
C LYS B 275 23.81 35.10 -8.31
N ALA B 276 23.19 34.22 -9.06
CA ALA B 276 23.19 34.30 -10.54
C ALA B 276 21.96 33.61 -11.09
N SER B 277 21.54 34.08 -12.25
CA SER B 277 20.34 33.63 -12.98
C SER B 277 20.77 33.28 -14.42
N LEU B 278 19.99 32.45 -15.07
CA LEU B 278 19.94 32.33 -16.54
C LEU B 278 19.12 33.49 -17.11
N VAL B 279 19.16 33.68 -18.43
CA VAL B 279 18.05 34.42 -19.09
C VAL B 279 17.06 33.43 -19.68
N TRP B 280 15.82 33.84 -19.82
CA TRP B 280 14.70 32.93 -20.18
C TRP B 280 15.00 32.20 -21.49
N GLU B 281 15.33 32.91 -22.58
N GLU B 281 15.47 32.94 -22.50
CA GLU B 281 15.57 32.20 -23.89
CA GLU B 281 15.58 32.39 -23.88
C GLU B 281 16.59 31.07 -23.67
C GLU B 281 16.72 31.36 -23.94
N GLU B 282 17.64 31.36 -22.94
CA GLU B 282 18.71 30.39 -22.62
C GLU B 282 18.12 29.21 -21.84
N ALA B 283 17.37 29.48 -20.78
CA ALA B 283 16.73 28.43 -19.95
C ALA B 283 15.87 27.51 -20.81
N GLN B 284 15.12 28.06 -21.75
CA GLN B 284 14.24 27.25 -22.61
C GLN B 284 15.07 26.28 -23.45
N VAL B 285 16.20 26.72 -23.98
CA VAL B 285 17.06 25.82 -24.79
C VAL B 285 17.68 24.78 -23.87
N LEU B 286 18.16 25.23 -22.70
CA LEU B 286 18.87 24.35 -21.76
C LEU B 286 17.93 23.24 -21.29
N SER B 287 16.64 23.54 -21.13
N SER B 287 16.63 23.50 -21.18
CA SER B 287 15.64 22.52 -20.73
CA SER B 287 15.66 22.50 -20.69
C SER B 287 15.72 21.33 -21.72
C SER B 287 15.43 21.40 -21.75
N GLY B 288 15.87 21.61 -23.00
CA GLY B 288 15.95 20.59 -24.07
C GLY B 288 17.32 19.94 -24.14
N LYS B 289 18.37 20.74 -24.15
CA LYS B 289 19.76 20.30 -24.38
C LYS B 289 20.26 19.51 -23.16
N ASN B 290 19.82 19.89 -21.96
CA ASN B 290 20.28 19.20 -20.73
C ASN B 290 19.27 19.43 -19.60
N ALA B 291 18.23 18.61 -19.56
CA ALA B 291 17.22 18.59 -18.48
C ALA B 291 17.88 18.43 -17.09
N ASP B 292 19.08 17.87 -17.03
CA ASP B 292 19.77 17.55 -15.77
C ASP B 292 20.76 18.64 -15.34
N PHE B 293 20.68 19.85 -15.92
CA PHE B 293 21.78 20.83 -15.73
C PHE B 293 22.07 21.10 -14.24
N HIS B 294 21.04 21.38 -13.43
CA HIS B 294 21.32 21.78 -12.03
C HIS B 294 21.86 20.56 -11.27
N ARG B 295 21.25 19.39 -11.45
CA ARG B 295 21.79 18.21 -10.73
C ARG B 295 23.24 17.90 -11.16
N GLN B 296 23.56 18.07 -12.45
CA GLN B 296 24.92 17.79 -12.93
C GLN B 296 25.88 18.82 -12.34
N ASP B 297 25.47 20.08 -12.36
CA ASP B 297 26.30 21.19 -11.83
C ASP B 297 26.65 20.88 -10.38
N LEU B 298 25.69 20.47 -9.57
CA LEU B 298 25.94 20.17 -8.14
C LEU B 298 26.84 18.96 -7.99
N TRP B 299 26.57 17.90 -8.73
N TRP B 299 26.54 17.90 -8.72
CA TRP B 299 27.35 16.64 -8.63
CA TRP B 299 27.33 16.65 -8.68
C TRP B 299 28.80 16.91 -9.02
C TRP B 299 28.79 16.97 -8.97
N ASP B 300 29.02 17.66 -10.09
CA ASP B 300 30.40 17.97 -10.59
C ASP B 300 31.13 18.89 -9.60
N ALA B 301 30.46 19.88 -9.02
CA ALA B 301 31.10 20.81 -8.07
C ALA B 301 31.62 20.03 -6.88
N ILE B 302 30.80 19.07 -6.41
CA ILE B 302 31.21 18.25 -5.24
C ILE B 302 32.36 17.33 -5.66
N GLU B 303 32.27 16.69 -6.82
CA GLU B 303 33.34 15.75 -7.21
C GLU B 303 34.66 16.50 -7.38
N SER B 304 34.66 17.76 -7.77
CA SER B 304 35.90 18.53 -8.11
C SER B 304 36.50 19.15 -6.85
N GLY B 305 35.93 18.91 -5.69
CA GLY B 305 36.45 19.56 -4.45
C GLY B 305 35.92 20.98 -4.29
N ASN B 306 34.87 21.34 -5.00
CA ASN B 306 34.30 22.70 -4.92
C ASN B 306 32.91 22.62 -4.30
N GLY B 307 32.77 21.89 -3.20
CA GLY B 307 31.44 21.72 -2.57
C GLY B 307 30.89 23.07 -2.17
N PRO B 308 29.62 23.36 -2.48
CA PRO B 308 29.08 24.67 -2.20
C PRO B 308 28.84 24.92 -0.71
N GLU B 309 28.89 26.20 -0.37
CA GLU B 309 28.78 26.71 1.01
C GLU B 309 27.74 27.80 1.08
N TRP B 310 27.09 27.85 2.25
CA TRP B 310 26.15 28.88 2.69
C TRP B 310 26.49 29.26 4.11
N ASP B 311 26.36 30.55 4.40
CA ASP B 311 26.24 31.01 5.79
C ASP B 311 24.80 30.80 6.24
N VAL B 312 24.63 30.03 7.29
CA VAL B 312 23.29 29.85 7.89
C VAL B 312 23.08 31.00 8.84
N CYS B 313 22.11 31.82 8.55
CA CYS B 313 21.84 33.09 9.23
C CYS B 313 20.41 33.13 9.76
N VAL B 314 20.21 34.03 10.70
CA VAL B 314 18.86 34.41 11.14
C VAL B 314 18.76 35.92 11.26
N GLN B 315 17.55 36.42 11.03
CA GLN B 315 17.05 37.67 11.62
C GLN B 315 16.41 37.27 12.94
N ILE B 316 16.72 38.04 13.98
N ILE B 316 16.62 38.06 13.99
CA ILE B 316 16.19 37.84 15.37
CA ILE B 316 16.05 37.72 15.33
C ILE B 316 15.45 39.11 15.78
C ILE B 316 15.50 39.00 15.95
N VAL B 317 14.19 38.98 16.23
CA VAL B 317 13.43 40.15 16.74
C VAL B 317 12.59 39.71 17.92
N ASP B 318 12.16 40.68 18.70
CA ASP B 318 11.45 40.38 19.97
C ASP B 318 10.02 39.95 19.63
N GLU B 319 9.39 39.19 20.52
CA GLU B 319 7.96 38.84 20.41
C GLU B 319 7.13 40.13 20.26
N SER B 320 7.50 41.20 20.94
CA SER B 320 6.73 42.46 20.91
C SER B 320 6.76 43.11 19.52
N GLN B 321 7.57 42.63 18.59
CA GLN B 321 7.74 43.26 17.25
C GLN B 321 6.89 42.54 16.21
N ALA B 322 5.99 41.64 16.61
CA ALA B 322 5.21 40.82 15.65
C ALA B 322 4.48 41.71 14.64
N GLN B 323 4.03 42.86 15.11
N GLN B 323 4.00 42.94 15.01
CA GLN B 323 3.20 43.79 14.32
CA GLN B 323 3.30 43.88 14.07
C GLN B 323 3.88 45.17 14.34
C GLN B 323 4.11 45.16 13.83
N ALA B 324 5.23 45.27 14.47
CA ALA B 324 5.94 46.57 14.58
C ALA B 324 6.46 47.08 13.23
N PHE B 325 6.63 46.21 12.23
CA PHE B 325 7.33 46.55 10.95
C PHE B 325 6.33 46.93 9.85
N GLY B 326 5.06 47.12 10.16
CA GLY B 326 4.03 47.53 9.20
C GLY B 326 3.37 46.33 8.52
N PHE B 327 3.63 45.13 9.01
CA PHE B 327 2.94 43.90 8.54
C PHE B 327 3.01 42.93 9.71
N ASP B 328 2.39 41.78 9.54
CA ASP B 328 2.31 40.75 10.61
C ASP B 328 3.39 39.68 10.38
N LEU B 329 4.24 39.39 11.38
CA LEU B 329 5.28 38.34 11.24
C LEU B 329 4.66 36.95 11.09
N LEU B 330 3.35 36.77 11.32
CA LEU B 330 2.67 35.48 11.09
C LEU B 330 2.37 35.29 9.60
N ASP B 331 2.58 36.33 8.77
CA ASP B 331 2.10 36.33 7.35
C ASP B 331 3.26 35.92 6.47
N PRO B 332 3.22 34.73 5.84
CA PRO B 332 4.36 34.23 5.06
C PRO B 332 4.51 34.84 3.65
N THR B 333 3.74 35.89 3.34
CA THR B 333 3.89 36.64 2.07
C THR B 333 4.77 37.87 2.31
N LYS B 334 5.33 38.03 3.50
CA LYS B 334 6.08 39.26 3.86
C LYS B 334 7.51 38.89 4.22
N ILE B 335 8.46 39.74 3.87
CA ILE B 335 9.86 39.70 4.36
C ILE B 335 10.03 40.77 5.43
N ILE B 336 10.96 40.54 6.34
CA ILE B 336 11.47 41.63 7.19
C ILE B 336 12.62 42.26 6.41
N PRO B 337 12.49 43.50 5.93
CA PRO B 337 13.62 44.14 5.26
C PRO B 337 14.88 44.13 6.12
N GLU B 338 16.02 43.83 5.51
CA GLU B 338 17.29 43.71 6.27
C GLU B 338 17.62 45.06 6.94
N GLU B 339 17.05 46.14 6.45
CA GLU B 339 17.32 47.47 7.06
C GLU B 339 16.63 47.53 8.43
N TYR B 340 15.61 46.70 8.70
CA TYR B 340 14.87 46.71 10.00
C TYR B 340 15.45 45.66 10.95
N ALA B 341 16.09 44.60 10.41
CA ALA B 341 16.61 43.50 11.22
C ALA B 341 17.78 42.88 10.49
N PRO B 342 19.02 43.06 10.94
CA PRO B 342 20.16 42.54 10.20
C PRO B 342 20.28 41.02 10.38
N LEU B 343 21.11 40.41 9.55
CA LEU B 343 21.37 38.96 9.61
C LEU B 343 22.48 38.71 10.61
N THR B 344 22.31 37.68 11.42
CA THR B 344 23.35 37.11 12.29
C THR B 344 23.79 35.81 11.67
N LYS B 345 25.08 35.67 11.42
CA LYS B 345 25.65 34.40 10.91
C LYS B 345 25.80 33.38 12.05
N LEU B 346 25.14 32.25 11.96
CA LEU B 346 25.19 31.22 13.04
C LEU B 346 26.26 30.17 12.72
N GLY B 347 26.41 29.79 11.44
CA GLY B 347 27.33 28.72 11.10
C GLY B 347 27.46 28.47 9.61
N LEU B 348 28.30 27.51 9.25
CA LEU B 348 28.62 27.19 7.84
C LEU B 348 27.96 25.87 7.44
N LEU B 349 27.23 25.91 6.32
CA LEU B 349 26.71 24.70 5.66
C LEU B 349 27.58 24.44 4.45
N LYS B 350 28.14 23.24 4.35
CA LYS B 350 28.96 22.80 3.22
C LYS B 350 28.43 21.46 2.73
N LEU B 351 28.17 21.38 1.44
CA LEU B 351 27.84 20.10 0.79
C LEU B 351 29.12 19.58 0.11
N ASP B 352 29.53 18.35 0.39
CA ASP B 352 30.85 17.86 -0.07
C ASP B 352 30.84 16.38 -0.37
N ARG B 353 29.68 15.71 -0.42
CA ARG B 353 29.66 14.27 -0.75
C ARG B 353 28.37 13.91 -1.47
N ASN B 354 28.52 13.34 -2.64
CA ASN B 354 27.36 12.88 -3.41
C ASN B 354 26.83 11.59 -2.84
N PRO B 355 25.55 11.29 -3.11
CA PRO B 355 24.98 10.00 -2.74
C PRO B 355 25.66 8.83 -3.43
N THR B 356 25.50 7.65 -2.83
CA THR B 356 25.91 6.35 -3.42
C THR B 356 24.80 5.80 -4.31
N ASN B 357 23.56 5.83 -3.79
CA ASN B 357 22.39 5.36 -4.54
C ASN B 357 21.32 6.46 -4.52
N TYR B 358 21.05 7.08 -5.67
CA TYR B 358 20.10 8.20 -5.75
C TYR B 358 18.72 7.77 -5.19
N PHE B 359 18.19 6.63 -5.60
CA PHE B 359 16.85 6.23 -5.13
C PHE B 359 16.87 6.13 -3.60
N ALA B 360 17.81 5.37 -3.06
CA ALA B 360 17.75 5.03 -1.63
C ALA B 360 17.88 6.29 -0.80
N GLU B 361 18.74 7.24 -1.24
CA GLU B 361 19.10 8.44 -0.44
C GLU B 361 18.26 9.63 -0.87
N THR B 362 18.42 10.10 -2.09
CA THR B 362 17.71 11.30 -2.56
C THR B 362 16.21 11.02 -2.75
N GLU B 363 15.82 10.02 -3.49
CA GLU B 363 14.39 9.82 -3.73
C GLU B 363 13.64 9.56 -2.43
N GLN B 364 14.23 8.79 -1.53
CA GLN B 364 13.53 8.37 -0.29
C GLN B 364 13.67 9.36 0.87
N VAL B 365 14.48 10.42 0.79
CA VAL B 365 14.58 11.35 1.94
C VAL B 365 13.19 11.99 2.15
N MET B 366 12.72 11.99 3.39
CA MET B 366 11.34 12.41 3.72
C MET B 366 11.44 13.49 4.79
N PHE B 367 11.47 14.73 4.30
CA PHE B 367 11.58 15.92 5.16
C PHE B 367 10.27 16.23 5.83
N GLN B 368 10.35 16.86 7.00
CA GLN B 368 9.14 17.32 7.75
C GLN B 368 9.50 18.53 8.58
N PRO B 369 8.70 19.61 8.53
CA PRO B 369 8.87 20.67 9.53
C PRO B 369 8.52 20.19 10.93
N GLY B 370 7.84 19.04 11.06
CA GLY B 370 7.61 18.40 12.37
C GLY B 370 8.88 17.84 12.97
N HIS B 371 9.92 17.67 12.18
CA HIS B 371 11.24 17.29 12.73
C HIS B 371 11.89 18.51 13.35
N ILE B 372 11.50 18.76 14.60
CA ILE B 372 11.91 19.94 15.38
C ILE B 372 12.71 19.44 16.58
N VAL B 373 13.60 20.31 17.10
CA VAL B 373 14.42 19.99 18.30
C VAL B 373 14.17 21.06 19.38
N ARG B 374 14.44 20.66 20.62
CA ARG B 374 14.46 21.58 21.76
C ARG B 374 15.23 22.82 21.39
N GLY B 375 14.68 23.99 21.67
CA GLY B 375 15.32 25.26 21.33
C GLY B 375 14.67 25.97 20.17
N ILE B 376 13.81 25.29 19.41
CA ILE B 376 13.10 25.85 18.25
C ILE B 376 11.61 25.68 18.52
N ASP B 377 10.76 26.61 18.12
CA ASP B 377 9.30 26.36 18.19
C ASP B 377 8.62 26.95 16.96
N PHE B 378 7.38 26.58 16.78
CA PHE B 378 6.54 27.06 15.70
C PHE B 378 6.00 28.44 16.04
N THR B 379 5.41 29.08 15.03
CA THR B 379 4.52 30.21 15.19
C THR B 379 3.15 29.88 14.61
N GLU B 380 2.20 30.76 14.88
CA GLU B 380 0.79 30.71 14.47
C GLU B 380 0.66 31.20 13.02
N ASP B 381 1.67 31.09 12.20
CA ASP B 381 1.56 31.31 10.74
C ASP B 381 0.63 30.22 10.19
N PRO B 382 -0.57 30.52 9.63
CA PRO B 382 -1.50 29.48 9.23
C PRO B 382 -0.98 28.59 8.09
N LEU B 383 0.04 29.06 7.39
CA LEU B 383 0.70 28.25 6.32
C LEU B 383 1.57 27.18 7.00
N LEU B 384 2.45 27.60 7.93
CA LEU B 384 3.30 26.67 8.68
C LEU B 384 2.41 25.68 9.45
N GLN B 385 1.36 26.15 10.11
CA GLN B 385 0.52 25.31 11.01
C GLN B 385 0.03 24.09 10.23
N GLY B 386 -0.45 24.28 9.01
CA GLY B 386 -1.04 23.16 8.24
C GLY B 386 0.04 22.30 7.60
N ARG B 387 1.20 22.88 7.26
CA ARG B 387 2.33 22.09 6.78
C ARG B 387 2.59 20.98 7.79
N LEU B 388 2.51 21.25 9.08
CA LEU B 388 2.97 20.21 10.02
C LEU B 388 2.17 18.92 9.82
N PHE B 389 0.88 19.01 9.52
CA PHE B 389 0.02 17.86 9.24
C PHE B 389 0.47 17.15 7.96
N SER B 390 0.68 17.94 6.90
N SER B 390 0.68 17.93 6.90
CA SER B 390 0.90 17.38 5.55
CA SER B 390 0.90 17.40 5.53
C SER B 390 2.12 16.47 5.46
C SER B 390 2.12 16.47 5.44
N TYR B 391 3.27 16.88 6.00
CA TYR B 391 4.53 16.18 5.73
C TYR B 391 4.55 14.84 6.48
N LEU B 392 3.87 14.71 7.61
CA LEU B 392 3.80 13.39 8.28
C LEU B 392 2.89 12.43 7.50
N ASP B 393 1.76 12.95 7.04
CA ASP B 393 0.77 12.16 6.28
C ASP B 393 1.36 11.70 4.94
N THR B 394 1.98 12.60 4.19
CA THR B 394 2.29 12.29 2.78
C THR B 394 3.30 11.14 2.69
N GLN B 395 4.14 10.98 3.73
CA GLN B 395 5.17 9.91 3.66
C GLN B 395 4.50 8.53 3.65
N LEU B 396 3.27 8.41 4.15
CA LEU B 396 2.50 7.14 4.03
C LEU B 396 2.25 6.82 2.57
N ASN B 397 1.92 7.85 1.79
CA ASN B 397 1.70 7.66 0.32
C ASN B 397 3.03 7.21 -0.28
N ARG B 398 4.13 7.93 0.00
CA ARG B 398 5.38 7.67 -0.72
C ARG B 398 5.94 6.29 -0.33
N ASN B 399 5.95 5.98 0.95
CA ASN B 399 6.63 4.79 1.50
C ASN B 399 5.71 3.57 1.48
N GLY B 400 4.40 3.77 1.43
CA GLY B 400 3.38 2.72 1.42
C GLY B 400 3.16 2.09 2.79
N GLY B 401 3.75 2.64 3.84
CA GLY B 401 3.60 2.09 5.18
C GLY B 401 4.26 3.04 6.18
N PRO B 402 4.05 2.77 7.47
CA PRO B 402 4.31 3.76 8.51
C PRO B 402 5.72 3.83 9.06
N ASN B 403 6.58 2.95 8.58
CA ASN B 403 7.96 2.82 9.13
C ASN B 403 8.97 3.56 8.28
N PHE B 404 8.58 4.64 7.60
CA PHE B 404 9.50 5.43 6.74
C PHE B 404 10.66 6.06 7.52
N GLU B 405 10.54 6.32 8.83
CA GLU B 405 11.69 6.92 9.56
C GLU B 405 12.79 5.86 9.76
N GLN B 406 12.55 4.59 9.42
CA GLN B 406 13.57 3.52 9.56
C GLN B 406 14.41 3.42 8.30
N LEU B 407 14.03 4.07 7.21
CA LEU B 407 14.95 4.08 6.04
C LEU B 407 16.26 4.74 6.45
N PRO B 408 17.42 4.21 6.03
CA PRO B 408 18.68 4.76 6.53
C PRO B 408 18.84 6.28 6.41
N ILE B 409 18.40 6.87 5.29
CA ILE B 409 18.53 8.33 5.11
C ILE B 409 17.64 9.09 6.11
N ASN B 410 16.56 8.48 6.59
CA ASN B 410 15.65 9.14 7.55
C ASN B 410 16.05 8.88 9.00
N MET B 411 16.87 7.85 9.26
CA MET B 411 17.21 7.49 10.65
C MET B 411 17.95 8.65 11.32
N PRO B 412 17.80 8.75 12.65
CA PRO B 412 18.63 9.67 13.44
C PRO B 412 20.00 9.07 13.75
N ARG B 413 20.81 9.89 14.41
N ARG B 413 20.83 9.83 14.45
CA ARG B 413 22.20 9.57 14.86
CA ARG B 413 22.18 9.34 14.82
C ARG B 413 22.25 9.51 16.40
C ARG B 413 22.29 9.18 16.34
N VAL B 414 21.15 9.09 17.02
CA VAL B 414 21.03 8.93 18.49
C VAL B 414 20.01 7.84 18.72
N PRO B 415 20.00 7.24 19.92
CA PRO B 415 19.05 6.18 20.23
C PRO B 415 17.59 6.64 20.13
N ILE B 416 16.76 5.69 19.72
CA ILE B 416 15.30 5.88 19.68
C ILE B 416 14.70 5.09 20.85
N HIS B 417 13.92 5.75 21.70
CA HIS B 417 13.22 5.11 22.82
C HIS B 417 11.76 5.49 22.77
N ASN B 418 10.92 4.65 22.17
CA ASN B 418 9.47 4.92 22.25
C ASN B 418 8.66 3.63 22.12
N ASN B 419 7.36 3.82 22.23
CA ASN B 419 6.41 2.69 22.27
C ASN B 419 5.68 2.55 20.93
N ASN B 420 6.20 3.17 19.88
CA ASN B 420 5.70 2.88 18.52
C ASN B 420 6.06 1.45 18.17
N ARG B 421 5.11 0.72 17.58
CA ARG B 421 5.26 -0.72 17.32
C ARG B 421 4.67 -1.13 15.98
N ASP B 422 5.15 -2.26 15.50
CA ASP B 422 4.52 -3.03 14.39
C ASP B 422 4.44 -2.14 13.15
N GLY B 423 3.39 -2.26 12.36
CA GLY B 423 3.35 -1.59 11.06
C GLY B 423 4.09 -2.37 9.99
N ALA B 424 3.61 -2.29 8.76
CA ALA B 424 4.29 -2.88 7.61
C ALA B 424 5.74 -2.40 7.58
N GLY B 425 6.65 -3.31 7.22
CA GLY B 425 8.07 -2.98 7.06
C GLY B 425 8.77 -2.66 8.37
N GLN B 426 8.34 -3.27 9.45
CA GLN B 426 8.98 -3.06 10.77
C GLN B 426 10.36 -3.72 10.79
N MET B 427 11.42 -2.93 10.91
N MET B 427 11.39 -2.90 10.91
CA MET B 427 12.82 -3.43 10.81
CA MET B 427 12.82 -3.32 10.79
C MET B 427 13.47 -3.59 12.20
C MET B 427 13.49 -3.48 12.15
N PHE B 428 12.82 -3.15 13.25
CA PHE B 428 13.38 -3.26 14.61
C PHE B 428 12.84 -4.52 15.27
N ILE B 429 13.59 -5.04 16.25
CA ILE B 429 13.09 -6.10 17.16
C ILE B 429 13.11 -5.51 18.55
N HIS B 430 11.96 -5.00 19.02
CA HIS B 430 11.88 -4.30 20.30
C HIS B 430 11.94 -5.29 21.47
N ARG B 431 12.82 -5.01 22.42
N ARG B 431 12.87 -5.05 22.39
CA ARG B 431 13.04 -5.87 23.62
CA ARG B 431 13.04 -5.87 23.61
C ARG B 431 12.11 -5.51 24.76
C ARG B 431 11.91 -5.60 24.63
N ASN B 432 11.45 -4.35 24.74
CA ASN B 432 10.55 -3.98 25.84
C ASN B 432 9.18 -4.52 25.54
N LYS B 433 8.75 -5.52 26.29
N LYS B 433 8.75 -5.52 26.32
CA LYS B 433 7.46 -6.17 25.99
CA LYS B 433 7.46 -6.22 26.11
C LYS B 433 6.35 -5.52 26.81
C LYS B 433 6.32 -5.46 26.78
N TYR B 434 6.59 -4.33 27.39
CA TYR B 434 5.54 -3.51 28.03
C TYR B 434 5.48 -2.09 27.48
N PRO B 435 5.20 -1.93 26.17
CA PRO B 435 5.22 -0.60 25.53
C PRO B 435 3.96 0.21 25.76
N TYR B 436 3.77 0.55 27.00
CA TYR B 436 2.68 1.43 27.46
C TYR B 436 3.21 2.25 28.62
N THR B 437 2.67 3.45 28.72
CA THR B 437 2.89 4.39 29.82
C THR B 437 1.54 4.74 30.39
N PRO B 438 1.33 4.75 31.73
CA PRO B 438 2.32 4.37 32.74
C PRO B 438 2.44 2.86 32.94
N ASN B 439 3.67 2.42 33.17
CA ASN B 439 3.93 0.99 33.44
C ASN B 439 4.76 0.87 34.70
N THR B 440 4.62 -0.29 35.37
CA THR B 440 5.63 -0.74 36.34
C THR B 440 6.44 -1.89 35.78
N LEU B 441 5.90 -2.63 34.81
CA LEU B 441 6.56 -3.88 34.37
C LEU B 441 7.81 -3.62 33.54
N ASN B 442 8.00 -2.40 33.01
CA ASN B 442 9.28 -1.96 32.44
C ASN B 442 9.87 -0.83 33.27
N SER B 443 9.54 -0.77 34.57
CA SER B 443 10.12 0.19 35.55
C SER B 443 9.91 1.64 35.09
N GLY B 444 8.84 1.94 34.35
CA GLY B 444 8.54 3.32 33.99
C GLY B 444 9.33 3.87 32.80
N TYR B 445 10.05 3.02 32.10
CA TYR B 445 10.78 3.43 30.91
C TYR B 445 9.95 3.10 29.68
N PRO B 446 10.09 3.87 28.58
CA PRO B 446 10.86 5.12 28.52
C PRO B 446 10.26 6.24 29.37
N ARG B 447 11.10 7.15 29.89
CA ARG B 447 10.66 8.23 30.76
C ARG B 447 10.21 9.44 29.92
N GLN B 448 9.22 10.16 30.40
CA GLN B 448 8.73 11.37 29.73
C GLN B 448 9.87 12.39 29.68
N ALA B 449 9.94 13.10 28.57
CA ALA B 449 10.88 14.24 28.44
C ALA B 449 10.10 15.51 28.25
N ASN B 450 10.58 16.59 28.88
CA ASN B 450 9.87 17.89 28.91
C ASN B 450 10.88 18.98 29.27
N GLN B 451 10.40 20.18 29.55
CA GLN B 451 11.28 21.30 29.87
C GLN B 451 12.25 20.93 31.00
N ASN B 452 11.82 20.07 31.94
CA ASN B 452 12.65 19.77 33.15
C ASN B 452 13.06 18.30 33.19
N ALA B 453 13.06 17.59 32.08
CA ALA B 453 13.45 16.16 32.11
C ALA B 453 13.92 15.76 30.72
N GLY B 454 15.06 15.11 30.68
CA GLY B 454 15.54 14.39 29.49
C GLY B 454 15.75 15.24 28.25
N ARG B 455 15.97 16.53 28.42
N ARG B 455 15.94 16.54 28.42
CA ARG B 455 16.13 17.49 27.29
CA ARG B 455 16.13 17.51 27.31
C ARG B 455 14.92 17.36 26.36
C ARG B 455 14.91 17.48 26.36
N GLY B 456 13.73 17.31 26.93
CA GLY B 456 12.50 17.28 26.12
C GLY B 456 12.30 18.53 25.28
N PHE B 457 11.70 18.35 24.09
CA PHE B 457 11.04 19.47 23.42
C PHE B 457 10.00 20.05 24.36
N PHE B 458 9.84 21.37 24.32
CA PHE B 458 8.70 22.02 24.97
C PHE B 458 8.23 23.20 24.12
N THR B 459 6.93 23.36 24.08
CA THR B 459 6.24 24.52 23.46
C THR B 459 6.73 25.76 24.22
N ALA B 460 7.08 26.84 23.52
CA ALA B 460 7.48 28.11 24.17
C ALA B 460 6.45 28.51 25.22
N PRO B 461 6.83 28.61 26.51
CA PRO B 461 5.82 28.72 27.55
C PRO B 461 5.11 30.08 27.58
N GLY B 462 5.64 31.08 26.89
CA GLY B 462 4.97 32.38 26.77
C GLY B 462 3.80 32.36 25.78
N ARG B 463 3.65 31.28 24.99
CA ARG B 463 2.61 31.26 23.95
C ARG B 463 1.22 31.12 24.56
N THR B 464 0.26 31.85 24.00
CA THR B 464 -1.14 31.84 24.44
C THR B 464 -2.05 31.87 23.23
N ALA B 465 -3.32 31.60 23.45
CA ALA B 465 -4.35 31.83 22.41
C ALA B 465 -5.54 32.42 23.12
N SER B 466 -6.27 33.27 22.42
CA SER B 466 -7.45 33.93 23.00
C SER B 466 -8.41 34.26 21.87
N GLY B 467 -9.68 33.96 22.05
CA GLY B 467 -10.74 34.47 21.19
C GLY B 467 -11.65 33.37 20.73
N ALA B 468 -12.48 33.67 19.77
CA ALA B 468 -13.44 32.72 19.20
C ALA B 468 -12.72 31.68 18.33
N LEU B 469 -13.33 30.53 18.22
CA LEU B 469 -12.81 29.51 17.27
C LEU B 469 -13.37 29.88 15.90
N VAL B 470 -12.49 30.35 15.06
CA VAL B 470 -12.90 31.01 13.80
C VAL B 470 -12.18 30.40 12.59
N ARG B 471 -12.91 30.46 11.48
CA ARG B 471 -12.35 30.30 10.11
C ARG B 471 -12.34 31.65 9.41
N GLU B 472 -11.57 32.59 9.96
N GLU B 472 -11.58 32.60 9.93
CA GLU B 472 -11.48 34.01 9.55
CA GLU B 472 -11.50 33.95 9.33
C GLU B 472 -10.00 34.37 9.30
C GLU B 472 -10.02 34.35 9.27
N VAL B 473 -9.72 35.19 8.29
CA VAL B 473 -8.36 35.71 7.99
C VAL B 473 -8.13 36.98 8.81
N SER B 474 -6.96 37.11 9.42
CA SER B 474 -6.59 38.32 10.18
C SER B 474 -6.58 39.50 9.22
N PRO B 475 -7.25 40.65 9.56
CA PRO B 475 -7.13 41.84 8.71
C PRO B 475 -5.69 42.35 8.57
N THR B 476 -4.80 41.95 9.47
CA THR B 476 -3.37 42.32 9.40
C THR B 476 -2.67 41.69 8.20
N PHE B 477 -3.32 40.72 7.57
CA PHE B 477 -2.77 39.99 6.38
C PHE B 477 -3.17 40.68 5.07
N ASN B 478 -3.98 41.76 5.07
CA ASN B 478 -4.72 42.21 3.87
C ASN B 478 -3.88 43.01 2.88
N ASP B 479 -2.67 43.49 3.20
CA ASP B 479 -1.90 44.24 2.19
C ASP B 479 -1.12 43.24 1.31
N HIS B 480 -1.66 42.93 0.13
CA HIS B 480 -1.09 41.95 -0.81
C HIS B 480 -0.15 42.59 -1.81
N TRP B 481 -0.02 43.94 -1.81
CA TRP B 481 0.62 44.66 -2.95
C TRP B 481 1.85 45.52 -2.62
N SER B 482 1.97 46.03 -1.39
N SER B 482 2.05 46.04 -1.42
CA SER B 482 3.08 46.92 -1.01
CA SER B 482 3.19 46.98 -1.21
C SER B 482 4.43 46.21 -1.15
C SER B 482 4.52 46.21 -1.16
N GLN B 483 4.56 44.96 -0.67
CA GLN B 483 5.87 44.26 -0.68
C GLN B 483 6.24 43.84 -2.10
N PRO B 484 5.31 43.32 -2.92
CA PRO B 484 5.61 43.12 -4.35
C PRO B 484 6.23 44.39 -4.97
N ARG B 485 5.71 45.55 -4.56
CA ARG B 485 6.21 46.83 -5.10
C ARG B 485 7.62 47.07 -4.56
N LEU B 486 7.83 46.83 -3.25
CA LEU B 486 9.14 46.97 -2.62
C LEU B 486 10.13 46.11 -3.39
N PHE B 487 9.80 44.84 -3.63
CA PHE B 487 10.68 43.92 -4.38
C PHE B 487 11.00 44.52 -5.76
N PHE B 488 9.98 44.89 -6.51
CA PHE B 488 10.14 45.39 -7.90
C PHE B 488 11.05 46.63 -7.90
N ASN B 489 10.85 47.55 -6.96
CA ASN B 489 11.66 48.79 -6.81
C ASN B 489 13.11 48.47 -6.58
N SER B 490 13.42 47.34 -5.96
CA SER B 490 14.78 46.99 -5.49
C SER B 490 15.58 46.30 -6.60
N LEU B 491 14.97 46.07 -7.74
CA LEU B 491 15.66 45.44 -8.89
C LEU B 491 16.29 46.53 -9.76
N THR B 492 17.31 46.17 -10.52
CA THR B 492 17.98 47.10 -11.48
C THR B 492 17.05 47.32 -12.67
N PRO B 493 17.25 48.38 -13.49
CA PRO B 493 16.35 48.56 -14.63
C PRO B 493 16.30 47.38 -15.61
N VAL B 494 17.41 46.73 -15.90
CA VAL B 494 17.36 45.56 -16.84
C VAL B 494 16.68 44.38 -16.12
N GLU B 495 16.88 44.21 -14.81
CA GLU B 495 16.13 43.17 -14.04
C GLU B 495 14.64 43.44 -14.05
N GLN B 496 14.19 44.68 -13.91
CA GLN B 496 12.77 45.03 -14.04
C GLN B 496 12.28 44.64 -15.44
N GLN B 497 13.11 44.89 -16.45
CA GLN B 497 12.74 44.56 -17.84
C GLN B 497 12.60 43.05 -17.97
N PHE B 498 13.56 42.29 -17.43
CA PHE B 498 13.46 40.81 -17.51
C PHE B 498 12.14 40.34 -16.87
N LEU B 499 11.77 40.95 -15.75
CA LEU B 499 10.56 40.53 -15.01
C LEU B 499 9.30 40.86 -15.82
N VAL B 500 9.23 42.08 -16.33
CA VAL B 500 8.16 42.45 -17.30
C VAL B 500 8.14 41.46 -18.47
N ASN B 501 9.28 41.09 -19.02
CA ASN B 501 9.33 40.24 -20.25
C ASN B 501 8.86 38.80 -19.91
N ALA B 502 9.14 38.32 -18.70
CA ALA B 502 8.69 37.00 -18.21
C ALA B 502 7.17 37.06 -18.12
N MET B 503 6.61 38.12 -17.54
CA MET B 503 5.14 38.24 -17.49
C MET B 503 4.56 38.39 -18.92
N ARG B 504 5.20 39.15 -19.77
CA ARG B 504 4.69 39.30 -21.17
C ARG B 504 4.66 37.93 -21.86
N PHE B 505 5.73 37.16 -21.67
CA PHE B 505 5.86 35.79 -22.24
C PHE B 505 4.67 34.95 -21.76
N GLU B 506 4.52 34.80 -20.45
CA GLU B 506 3.52 33.86 -19.89
C GLU B 506 2.11 34.33 -20.14
N ILE B 507 1.82 35.61 -19.89
CA ILE B 507 0.41 36.07 -19.97
C ILE B 507 -0.04 36.09 -21.45
N SER B 508 0.87 36.28 -22.39
CA SER B 508 0.53 36.19 -23.83
C SER B 508 0.07 34.78 -24.19
N LEU B 509 0.38 33.76 -23.38
CA LEU B 509 -0.06 32.36 -23.66
C LEU B 509 -1.36 32.02 -22.96
N VAL B 510 -1.93 32.96 -22.19
CA VAL B 510 -3.25 32.77 -21.58
C VAL B 510 -4.31 33.00 -22.64
N LYS B 511 -5.24 32.06 -22.84
N LYS B 511 -5.18 32.01 -22.87
CA LYS B 511 -6.23 32.17 -23.95
CA LYS B 511 -6.25 32.08 -23.90
C LYS B 511 -7.46 32.97 -23.52
C LYS B 511 -7.31 33.10 -23.46
N SER B 512 -7.78 33.00 -22.23
CA SER B 512 -8.95 33.72 -21.70
C SER B 512 -8.66 35.23 -21.68
N GLU B 513 -9.47 36.01 -22.39
CA GLU B 513 -9.33 37.49 -22.37
C GLU B 513 -9.70 37.97 -20.97
N GLU B 514 -10.66 37.33 -20.32
N GLU B 514 -10.72 37.39 -20.33
CA GLU B 514 -11.19 37.74 -18.99
CA GLU B 514 -11.14 37.73 -18.94
C GLU B 514 -10.13 37.45 -17.90
C GLU B 514 -9.92 37.56 -18.03
N VAL B 515 -9.34 36.39 -18.03
CA VAL B 515 -8.20 36.13 -17.10
C VAL B 515 -7.13 37.19 -17.35
N LYS B 516 -6.80 37.47 -18.61
CA LYS B 516 -5.73 38.47 -18.90
C LYS B 516 -6.15 39.85 -18.34
N LYS B 517 -7.42 40.27 -18.45
CA LYS B 517 -7.91 41.56 -17.87
C LYS B 517 -7.70 41.53 -16.35
N ASN B 518 -8.08 40.42 -15.71
CA ASN B 518 -8.03 40.28 -14.24
C ASN B 518 -6.57 40.31 -13.80
N VAL B 519 -5.68 39.69 -14.59
CA VAL B 519 -4.23 39.77 -14.31
C VAL B 519 -3.79 41.23 -14.30
N LEU B 520 -4.17 42.00 -15.30
CA LEU B 520 -3.68 43.41 -15.35
C LEU B 520 -4.25 44.19 -14.17
N THR B 521 -5.46 43.92 -13.74
CA THR B 521 -6.08 44.58 -12.56
C THR B 521 -5.17 44.37 -11.34
N GLN B 522 -4.69 43.14 -11.13
CA GLN B 522 -3.85 42.89 -9.94
C GLN B 522 -2.47 43.46 -10.12
N LEU B 523 -1.83 43.30 -11.28
CA LEU B 523 -0.49 43.86 -11.49
C LEU B 523 -0.54 45.38 -11.28
N ASN B 524 -1.60 46.01 -11.76
CA ASN B 524 -1.75 47.49 -11.66
C ASN B 524 -1.75 47.95 -10.19
N ARG B 525 -2.17 47.10 -9.27
CA ARG B 525 -2.21 47.48 -7.84
C ARG B 525 -0.80 47.49 -7.29
N VAL B 526 0.09 46.69 -7.85
CA VAL B 526 1.52 46.73 -7.48
C VAL B 526 2.23 47.91 -8.15
N SER B 527 2.07 48.04 -9.46
CA SER B 527 2.78 49.04 -10.29
C SER B 527 1.96 49.33 -11.54
N HIS B 528 1.57 50.59 -11.73
CA HIS B 528 0.92 50.98 -12.99
C HIS B 528 1.84 50.75 -14.19
N ASP B 529 3.10 51.05 -14.05
CA ASP B 529 4.11 50.91 -15.12
C ASP B 529 4.21 49.43 -15.52
N VAL B 530 4.31 48.51 -14.56
CA VAL B 530 4.30 47.08 -14.94
C VAL B 530 3.03 46.74 -15.71
N ALA B 531 1.85 47.12 -15.24
CA ALA B 531 0.58 46.80 -15.93
C ALA B 531 0.64 47.36 -17.35
N VAL B 532 1.11 48.60 -17.50
CA VAL B 532 1.14 49.24 -18.86
C VAL B 532 2.07 48.44 -19.78
N ARG B 533 3.26 48.09 -19.30
CA ARG B 533 4.28 47.42 -20.14
C ARG B 533 3.83 45.99 -20.50
N VAL B 534 3.19 45.29 -19.56
CA VAL B 534 2.69 43.92 -19.84
C VAL B 534 1.49 44.01 -20.79
N ALA B 535 0.56 44.93 -20.55
CA ALA B 535 -0.63 45.13 -21.41
C ALA B 535 -0.20 45.36 -22.88
N ALA B 536 0.92 46.03 -23.09
CA ALA B 536 1.38 46.40 -24.46
C ALA B 536 1.63 45.11 -25.26
N ALA B 537 2.16 44.06 -24.61
CA ALA B 537 2.52 42.81 -25.31
C ALA B 537 1.26 42.03 -25.67
N ILE B 538 0.17 42.21 -24.95
CA ILE B 538 -1.05 41.38 -25.12
C ILE B 538 -2.18 42.19 -25.80
N GLY B 539 -1.93 43.41 -26.26
CA GLY B 539 -2.91 44.24 -27.00
C GLY B 539 -4.13 44.65 -26.19
N LEU B 540 -4.05 44.71 -24.85
CA LEU B 540 -5.11 45.23 -23.97
C LEU B 540 -4.67 46.55 -23.37
N GLY B 541 -5.62 47.33 -22.89
CA GLY B 541 -5.29 48.56 -22.16
C GLY B 541 -5.15 48.25 -20.70
N ALA B 542 -4.15 48.82 -20.04
CA ALA B 542 -4.00 48.70 -18.58
C ALA B 542 -5.12 49.47 -17.91
N PRO B 543 -5.57 49.06 -16.72
CA PRO B 543 -6.43 49.90 -15.91
C PRO B 543 -5.68 51.18 -15.52
N ASP B 544 -6.47 52.22 -15.21
CA ASP B 544 -5.94 53.51 -14.69
C ASP B 544 -5.15 53.24 -13.40
N ALA B 545 -4.09 54.01 -13.18
CA ALA B 545 -3.28 53.98 -11.95
C ALA B 545 -4.22 53.91 -10.73
N ASP B 546 -3.89 53.04 -9.77
CA ASP B 546 -4.57 52.98 -8.45
C ASP B 546 -3.46 53.02 -7.41
N ASP B 547 -3.21 54.18 -6.81
CA ASP B 547 -1.94 54.39 -6.10
C ASP B 547 -2.01 53.94 -4.64
N THR B 548 -3.09 53.29 -4.20
CA THR B 548 -3.30 52.88 -2.79
C THR B 548 -2.01 52.29 -2.23
N TYR B 549 -1.36 51.37 -2.92
CA TYR B 549 -0.20 50.63 -2.38
C TYR B 549 1.11 51.02 -3.07
N TYR B 550 1.10 52.03 -3.96
CA TYR B 550 2.35 52.50 -4.60
C TYR B 550 3.24 53.26 -3.62
N HIS B 551 4.55 53.05 -3.79
CA HIS B 551 5.61 53.71 -2.99
C HIS B 551 6.93 53.51 -3.72
N ASN B 552 7.96 54.17 -3.19
N ASN B 552 7.99 54.24 -3.38
CA ASN B 552 9.29 54.30 -3.82
CA ASN B 552 9.34 54.08 -4.00
C ASN B 552 10.34 53.54 -3.00
C ASN B 552 10.35 53.61 -2.95
N ASN B 553 9.93 52.84 -1.94
CA ASN B 553 10.89 52.23 -1.00
C ASN B 553 11.60 51.07 -1.67
N LYS B 554 12.83 50.84 -1.26
CA LYS B 554 13.70 49.74 -1.72
C LYS B 554 14.28 49.01 -0.52
N THR B 555 14.79 47.80 -0.78
CA THR B 555 15.46 46.98 0.23
C THR B 555 16.68 46.31 -0.39
N ALA B 556 17.76 46.19 0.37
CA ALA B 556 19.01 45.50 -0.02
C ALA B 556 18.83 43.97 -0.10
N GLY B 557 19.62 43.33 -0.96
CA GLY B 557 19.87 41.88 -0.87
C GLY B 557 18.86 41.05 -1.67
N VAL B 558 17.94 41.67 -2.41
CA VAL B 558 16.93 40.87 -3.19
C VAL B 558 17.31 40.88 -4.68
N SER B 559 18.12 41.83 -5.14
CA SER B 559 18.49 41.92 -6.58
C SER B 559 19.60 40.92 -6.91
N ILE B 560 19.50 40.21 -8.04
CA ILE B 560 20.60 39.39 -8.58
C ILE B 560 21.58 40.31 -9.33
N VAL B 561 21.09 41.10 -10.29
CA VAL B 561 22.00 41.87 -11.20
C VAL B 561 22.76 42.86 -10.33
N GLY B 562 22.09 43.40 -9.30
CA GLY B 562 22.65 44.41 -8.39
C GLY B 562 23.65 43.85 -7.40
N SER B 563 23.82 42.52 -7.26
CA SER B 563 24.61 41.89 -6.17
C SER B 563 26.11 41.85 -6.53
N GLY B 564 26.50 42.44 -7.64
CA GLY B 564 27.92 42.75 -7.91
C GLY B 564 28.59 41.51 -8.48
N PRO B 565 29.90 41.54 -8.79
CA PRO B 565 30.53 40.41 -9.43
C PRO B 565 30.47 39.19 -8.51
N LEU B 566 30.56 38.02 -9.10
CA LEU B 566 30.58 36.76 -8.31
C LEU B 566 31.86 36.74 -7.48
N PRO B 567 31.80 36.23 -6.23
CA PRO B 567 32.97 36.21 -5.35
C PRO B 567 34.01 35.16 -5.73
N THR B 568 33.62 34.22 -6.58
CA THR B 568 34.50 33.17 -7.09
C THR B 568 34.00 32.78 -8.48
N ILE B 569 34.92 32.44 -9.36
CA ILE B 569 34.59 31.91 -10.71
C ILE B 569 34.95 30.43 -10.82
N LYS B 570 35.42 29.84 -9.74
CA LYS B 570 35.72 28.39 -9.74
C LYS B 570 34.42 27.68 -10.12
N THR B 571 34.58 26.66 -10.95
CA THR B 571 33.51 25.79 -11.50
C THR B 571 32.86 26.41 -12.74
N LEU B 572 33.02 27.68 -13.01
CA LEU B 572 32.36 28.26 -14.20
C LEU B 572 32.95 27.65 -15.49
N ARG B 573 32.11 27.54 -16.49
CA ARG B 573 32.35 26.70 -17.69
C ARG B 573 32.86 27.59 -18.84
N VAL B 574 33.97 27.21 -19.46
CA VAL B 574 34.47 27.96 -20.65
C VAL B 574 34.51 26.99 -21.82
N GLY B 575 33.76 27.33 -22.85
CA GLY B 575 33.79 26.66 -24.15
C GLY B 575 34.86 27.31 -25.03
N ILE B 576 35.82 26.51 -25.50
CA ILE B 576 36.86 26.98 -26.47
C ILE B 576 36.51 26.36 -27.82
N LEU B 577 36.10 27.18 -28.80
CA LEU B 577 35.69 26.66 -30.12
C LEU B 577 36.92 26.61 -31.03
N ALA B 578 37.36 25.41 -31.38
CA ALA B 578 38.61 25.17 -32.13
C ALA B 578 38.26 24.35 -33.38
N THR B 579 39.30 23.77 -33.99
CA THR B 579 39.16 22.97 -35.22
C THR B 579 40.33 22.00 -35.26
N THR B 580 40.10 20.83 -35.85
CA THR B 580 41.12 19.82 -36.19
C THR B 580 41.81 20.19 -37.53
N SER B 581 41.21 21.09 -38.32
N SER B 581 41.25 21.14 -38.28
CA SER B 581 41.73 21.60 -39.62
CA SER B 581 41.73 21.53 -39.64
C SER B 581 43.15 22.15 -39.46
C SER B 581 42.95 22.47 -39.56
N GLU B 582 43.41 22.84 -38.36
CA GLU B 582 44.57 23.74 -38.15
C GLU B 582 45.32 23.34 -36.88
N SER B 583 46.56 22.87 -37.04
CA SER B 583 47.47 22.47 -35.92
C SER B 583 47.57 23.63 -34.92
N SER B 584 47.59 24.88 -35.43
CA SER B 584 47.69 26.11 -34.60
C SER B 584 46.43 26.22 -33.70
N ALA B 585 45.26 25.85 -34.20
CA ALA B 585 43.97 26.06 -33.47
C ALA B 585 43.98 25.20 -32.20
N LEU B 586 44.48 23.97 -32.27
CA LEU B 586 44.55 23.03 -31.13
C LEU B 586 45.66 23.46 -30.17
N ASP B 587 46.74 24.06 -30.69
CA ASP B 587 47.78 24.64 -29.81
C ASP B 587 47.19 25.83 -29.06
N GLN B 588 46.44 26.72 -29.72
CA GLN B 588 45.88 27.92 -29.07
C GLN B 588 44.93 27.45 -27.95
N ALA B 589 44.11 26.44 -28.24
CA ALA B 589 43.11 25.86 -27.30
C ALA B 589 43.85 25.34 -26.07
N ALA B 590 44.93 24.59 -26.30
CA ALA B 590 45.72 23.97 -25.23
C ALA B 590 46.38 25.05 -24.37
N GLN B 591 46.78 26.18 -24.94
CA GLN B 591 47.38 27.26 -24.10
C GLN B 591 46.28 27.93 -23.26
N LEU B 592 45.14 28.28 -23.84
CA LEU B 592 43.99 28.85 -23.09
C LEU B 592 43.63 27.88 -21.97
N ARG B 593 43.63 26.58 -22.25
CA ARG B 593 43.19 25.54 -21.28
C ARG B 593 44.06 25.58 -20.03
N THR B 594 45.38 25.57 -20.20
CA THR B 594 46.31 25.65 -19.05
C THR B 594 46.01 26.88 -18.20
N ARG B 595 45.84 28.04 -18.83
N ARG B 595 45.81 28.05 -18.80
CA ARG B 595 45.69 29.36 -18.15
CA ARG B 595 45.71 29.32 -18.03
C ARG B 595 44.35 29.38 -17.40
C ARG B 595 44.31 29.47 -17.41
N LEU B 596 43.30 28.87 -18.03
CA LEU B 596 41.93 28.91 -17.45
C LEU B 596 41.79 27.83 -16.36
N GLU B 597 42.31 26.63 -16.61
CA GLU B 597 42.21 25.51 -15.63
C GLU B 597 42.98 25.87 -14.36
N LYS B 598 44.03 26.70 -14.49
CA LYS B 598 44.80 27.18 -13.32
C LYS B 598 43.85 27.79 -12.29
N ASP B 599 42.89 28.55 -12.81
CA ASP B 599 42.01 29.41 -11.98
C ASP B 599 40.73 28.66 -11.61
N GLY B 600 40.64 27.36 -11.88
CA GLY B 600 39.53 26.49 -11.39
C GLY B 600 38.35 26.47 -12.33
N LEU B 601 38.51 26.97 -13.56
CA LEU B 601 37.44 26.96 -14.58
C LEU B 601 37.36 25.56 -15.17
N VAL B 602 36.16 25.16 -15.59
CA VAL B 602 35.94 23.86 -16.26
C VAL B 602 36.00 24.16 -17.74
N VAL B 603 37.07 23.70 -18.38
CA VAL B 603 37.34 24.02 -19.81
C VAL B 603 36.85 22.88 -20.68
N THR B 604 36.06 23.21 -21.70
CA THR B 604 35.64 22.30 -22.77
C THR B 604 36.26 22.83 -24.07
N VAL B 605 37.15 22.04 -24.67
CA VAL B 605 37.62 22.31 -26.05
C VAL B 605 36.67 21.57 -26.98
N VAL B 606 36.07 22.30 -27.91
CA VAL B 606 35.07 21.79 -28.88
C VAL B 606 35.76 21.76 -30.25
N ALA B 607 35.62 20.66 -30.99
CA ALA B 607 36.13 20.60 -32.37
C ALA B 607 35.17 19.74 -33.17
N GLU B 608 35.49 19.52 -34.45
CA GLU B 608 34.61 18.74 -35.36
C GLU B 608 34.50 17.29 -34.87
N THR B 609 35.59 16.72 -34.36
CA THR B 609 35.72 15.30 -33.97
C THR B 609 36.54 15.23 -32.69
N LEU B 610 36.40 14.16 -31.92
CA LEU B 610 37.22 13.97 -30.70
C LEU B 610 38.64 13.56 -31.10
N ARG B 611 39.60 13.92 -30.25
CA ARG B 611 41.00 13.46 -30.26
C ARG B 611 41.60 13.97 -28.96
N GLU B 612 42.84 13.56 -28.67
CA GLU B 612 43.71 14.17 -27.64
C GLU B 612 43.45 15.67 -27.50
N GLY B 613 43.02 16.15 -26.33
CA GLY B 613 42.87 17.59 -26.04
C GLY B 613 41.50 18.16 -26.39
N VAL B 614 40.64 17.38 -27.06
CA VAL B 614 39.28 17.83 -27.46
C VAL B 614 38.26 17.04 -26.63
N ASP B 615 37.35 17.74 -25.97
CA ASP B 615 36.38 17.14 -25.01
C ASP B 615 35.03 16.84 -25.66
N GLN B 616 34.62 17.61 -26.67
N GLN B 616 34.51 17.73 -26.52
CA GLN B 616 33.25 17.48 -27.18
CA GLN B 616 33.18 17.58 -27.16
C GLN B 616 33.20 17.94 -28.64
C GLN B 616 33.30 17.82 -28.66
N THR B 617 32.34 17.30 -29.40
CA THR B 617 32.15 17.63 -30.81
C THR B 617 31.21 18.81 -30.91
N TYR B 618 31.32 19.55 -32.01
CA TYR B 618 30.31 20.58 -32.33
C TYR B 618 28.89 20.01 -32.23
N SER B 619 28.68 18.78 -32.67
CA SER B 619 27.35 18.17 -32.76
C SER B 619 26.70 18.19 -31.36
N THR B 620 27.46 17.92 -30.32
CA THR B 620 26.89 17.79 -28.94
C THR B 620 27.00 19.12 -28.19
N ALA B 621 27.72 20.11 -28.72
CA ALA B 621 27.96 21.39 -28.01
C ALA B 621 26.82 22.38 -28.19
N ASP B 622 26.65 23.26 -27.20
CA ASP B 622 25.59 24.29 -27.24
C ASP B 622 26.02 25.43 -26.34
N ALA B 623 25.61 26.66 -26.63
CA ALA B 623 26.02 27.81 -25.79
C ALA B 623 25.43 27.67 -24.37
N THR B 624 24.35 26.90 -24.20
CA THR B 624 23.76 26.73 -22.85
C THR B 624 24.73 25.93 -21.97
N GLY B 625 25.70 25.25 -22.57
CA GLY B 625 26.72 24.48 -21.84
C GLY B 625 27.88 25.29 -21.26
N PHE B 626 27.93 26.60 -21.49
CA PHE B 626 29.12 27.41 -21.14
C PHE B 626 28.67 28.71 -20.48
N ASP B 627 29.51 29.20 -19.56
CA ASP B 627 29.37 30.54 -18.94
C ASP B 627 30.16 31.59 -19.77
N GLY B 628 31.07 31.15 -20.61
CA GLY B 628 31.80 32.03 -21.53
C GLY B 628 32.30 31.22 -22.70
N VAL B 629 32.47 31.88 -23.84
CA VAL B 629 32.87 31.21 -25.10
C VAL B 629 34.03 31.97 -25.74
N VAL B 630 35.08 31.21 -26.06
CA VAL B 630 36.33 31.70 -26.70
C VAL B 630 36.47 30.99 -28.04
N VAL B 631 36.69 31.76 -29.11
CA VAL B 631 37.02 31.17 -30.44
C VAL B 631 38.51 31.36 -30.62
N VAL B 632 39.24 30.31 -30.99
CA VAL B 632 40.69 30.49 -31.34
C VAL B 632 40.74 30.94 -32.81
N ASP B 633 41.53 31.98 -33.12
CA ASP B 633 41.38 32.62 -34.46
C ASP B 633 41.76 31.59 -35.54
N GLY B 634 42.57 30.60 -35.20
CA GLY B 634 42.86 29.43 -36.06
C GLY B 634 41.63 28.74 -36.63
N ALA B 635 40.46 28.88 -35.99
CA ALA B 635 39.18 28.21 -36.35
C ALA B 635 38.26 29.12 -37.16
N ALA B 636 38.71 30.31 -37.58
CA ALA B 636 37.89 31.34 -38.26
C ALA B 636 37.03 30.76 -39.39
N ALA B 637 37.53 29.79 -40.16
CA ALA B 637 36.86 29.33 -41.41
C ALA B 637 35.55 28.61 -41.07
N LEU B 638 35.43 28.08 -39.85
CA LEU B 638 34.21 27.36 -39.40
C LEU B 638 33.05 28.35 -39.25
N PHE B 639 33.32 29.65 -39.13
CA PHE B 639 32.32 30.70 -38.84
C PHE B 639 31.77 31.34 -40.13
N ALA B 640 32.27 30.96 -41.32
CA ALA B 640 31.81 31.49 -42.64
C ALA B 640 30.38 31.00 -42.92
N SER B 641 29.59 31.82 -43.63
CA SER B 641 28.17 31.54 -43.99
C SER B 641 28.06 30.28 -44.88
N THR B 642 29.14 29.91 -45.57
CA THR B 642 29.16 28.80 -46.54
C THR B 642 29.66 27.52 -45.87
N ALA B 643 30.16 27.61 -44.62
CA ALA B 643 30.72 26.45 -43.85
C ALA B 643 29.66 25.34 -43.73
N SER B 644 30.03 24.11 -44.05
CA SER B 644 29.12 22.94 -44.00
C SER B 644 29.95 21.73 -43.63
N SER B 645 29.41 20.81 -42.81
CA SER B 645 30.09 19.53 -42.48
C SER B 645 29.01 18.50 -42.22
N PRO B 646 29.22 17.21 -42.59
CA PRO B 646 28.32 16.14 -42.16
C PRO B 646 28.49 15.81 -40.66
N LEU B 647 29.47 16.38 -39.97
CA LEU B 647 29.77 16.05 -38.55
C LEU B 647 29.02 16.95 -37.57
N PHE B 648 28.32 17.99 -38.04
CA PHE B 648 27.52 18.88 -37.15
C PHE B 648 26.53 19.67 -37.97
N PRO B 649 25.41 20.14 -37.35
CA PRO B 649 24.41 20.90 -38.07
C PRO B 649 24.94 22.21 -38.65
N THR B 650 24.39 22.55 -39.80
CA THR B 650 24.74 23.81 -40.52
C THR B 650 24.81 24.97 -39.52
N GLY B 651 25.92 25.71 -39.52
CA GLY B 651 26.11 26.96 -38.78
C GLY B 651 26.34 26.77 -37.28
N ARG B 652 26.57 25.54 -36.81
CA ARG B 652 26.61 25.24 -35.34
C ARG B 652 27.71 26.08 -34.68
N PRO B 653 28.96 26.12 -35.19
CA PRO B 653 30.03 26.85 -34.51
C PRO B 653 29.67 28.33 -34.29
N LEU B 654 29.17 28.99 -35.33
CA LEU B 654 28.79 30.42 -35.19
C LEU B 654 27.58 30.53 -34.26
N GLN B 655 26.60 29.64 -34.35
CA GLN B 655 25.39 29.76 -33.50
C GLN B 655 25.80 29.75 -32.02
N ILE B 656 26.77 28.92 -31.66
CA ILE B 656 27.25 28.83 -30.25
C ILE B 656 27.72 30.22 -29.83
N PHE B 657 28.50 30.88 -30.68
CA PHE B 657 29.13 32.17 -30.36
C PHE B 657 28.04 33.21 -30.27
N VAL B 658 27.14 33.21 -31.24
CA VAL B 658 26.06 34.23 -31.30
C VAL B 658 25.10 34.06 -30.13
N ASP B 659 24.68 32.81 -29.86
CA ASP B 659 23.79 32.54 -28.70
C ASP B 659 24.47 33.06 -27.42
N ALA B 660 25.75 32.72 -27.20
CA ALA B 660 26.45 33.10 -25.97
C ALA B 660 26.41 34.64 -25.89
N TYR B 661 26.69 35.33 -27.00
CA TYR B 661 26.73 36.82 -26.98
C TYR B 661 25.34 37.36 -26.63
N ARG B 662 24.32 36.88 -27.34
N ARG B 662 24.31 36.89 -27.35
CA ARG B 662 22.94 37.40 -27.22
CA ARG B 662 22.92 37.37 -27.21
C ARG B 662 22.42 37.11 -25.80
C ARG B 662 22.46 37.15 -25.76
N TRP B 663 22.95 36.08 -25.12
CA TRP B 663 22.48 35.70 -23.76
C TRP B 663 23.30 36.43 -22.71
N GLY B 664 24.21 37.32 -23.11
CA GLY B 664 24.89 38.20 -22.14
C GLY B 664 26.22 37.68 -21.68
N LYS B 665 26.73 36.55 -22.16
CA LYS B 665 27.94 35.91 -21.62
C LYS B 665 29.19 36.64 -22.11
N PRO B 666 30.30 36.56 -21.35
CA PRO B 666 31.59 36.97 -21.90
C PRO B 666 31.95 36.08 -23.10
N VAL B 667 32.30 36.70 -24.23
CA VAL B 667 32.72 36.01 -25.48
C VAL B 667 33.97 36.72 -26.00
N GLY B 668 34.83 36.00 -26.67
CA GLY B 668 35.93 36.69 -27.36
C GLY B 668 36.60 35.83 -28.38
N VAL B 669 37.52 36.44 -29.12
CA VAL B 669 38.40 35.70 -30.06
C VAL B 669 39.81 35.92 -29.57
N CYS B 670 40.59 34.84 -29.52
CA CYS B 670 41.99 34.88 -29.04
C CYS B 670 42.89 34.51 -30.22
N GLY B 671 43.82 35.39 -30.65
CA GLY B 671 44.92 34.95 -31.53
C GLY B 671 45.56 36.01 -32.40
N GLY B 672 44.85 37.03 -32.89
CA GLY B 672 45.48 38.05 -33.75
C GLY B 672 44.60 38.56 -34.88
N LYS B 673 43.94 37.65 -35.63
CA LYS B 673 42.83 37.95 -36.58
C LYS B 673 41.49 37.96 -35.81
N SER B 674 41.48 38.43 -34.57
CA SER B 674 40.29 38.61 -33.69
C SER B 674 39.15 39.32 -34.45
N SER B 675 39.49 40.36 -35.22
CA SER B 675 38.65 41.12 -36.19
C SER B 675 37.57 40.26 -36.87
N GLU B 676 38.01 39.28 -37.67
CA GLU B 676 37.23 38.52 -38.69
C GLU B 676 36.04 37.78 -38.08
N VAL B 677 36.27 37.01 -37.01
CA VAL B 677 35.22 36.17 -36.37
C VAL B 677 34.15 37.10 -35.81
N LEU B 678 34.56 38.19 -35.17
CA LEU B 678 33.62 39.18 -34.55
C LEU B 678 32.73 39.78 -35.66
N ASP B 679 33.23 39.94 -36.87
CA ASP B 679 32.43 40.47 -38.01
C ASP B 679 31.33 39.47 -38.40
N ALA B 680 31.66 38.17 -38.59
CA ALA B 680 30.70 37.12 -39.01
C ALA B 680 29.55 37.04 -38.00
N ALA B 681 29.84 37.26 -36.71
CA ALA B 681 28.88 37.13 -35.60
C ALA B 681 28.04 38.40 -35.50
N ASP B 682 28.42 39.45 -36.24
CA ASP B 682 27.87 40.80 -36.02
C ASP B 682 28.09 41.15 -34.54
N VAL B 683 29.25 40.80 -34.00
CA VAL B 683 29.59 41.09 -32.57
C VAL B 683 30.61 42.22 -32.53
N PRO B 684 30.21 43.36 -31.94
CA PRO B 684 31.02 44.57 -31.96
C PRO B 684 32.25 44.37 -31.07
N GLU B 685 33.45 44.60 -31.63
CA GLU B 685 34.75 44.44 -30.90
C GLU B 685 34.88 45.38 -29.72
N ASP B 686 34.17 46.50 -29.74
CA ASP B 686 34.24 47.52 -28.67
C ASP B 686 33.18 47.24 -27.61
N GLY B 687 32.45 46.13 -27.72
CA GLY B 687 31.39 45.73 -26.76
C GLY B 687 31.96 45.42 -25.38
N ASP B 688 31.23 45.85 -24.34
N ASP B 688 31.25 45.85 -24.33
CA ASP B 688 31.41 45.36 -22.93
CA ASP B 688 31.53 45.35 -22.96
C ASP B 688 31.27 43.83 -22.96
C ASP B 688 31.29 43.84 -22.97
N GLY B 689 32.22 43.10 -22.39
CA GLY B 689 32.15 41.63 -22.34
C GLY B 689 32.47 40.99 -23.67
N VAL B 690 33.10 41.72 -24.59
CA VAL B 690 33.64 41.15 -25.85
C VAL B 690 35.15 41.31 -25.82
N TYR B 691 35.89 40.24 -25.99
CA TYR B 691 37.36 40.25 -25.83
C TYR B 691 38.04 39.86 -27.14
N SER B 692 39.17 40.50 -27.40
CA SER B 692 39.89 40.44 -28.68
C SER B 692 41.37 40.72 -28.38
N GLU B 693 42.17 39.69 -28.22
CA GLU B 693 43.61 39.82 -27.87
C GLU B 693 44.39 38.75 -28.64
N GLU B 694 45.58 39.14 -29.11
CA GLU B 694 46.61 38.22 -29.63
C GLU B 694 47.24 37.46 -28.45
N SER B 695 47.54 38.14 -27.34
CA SER B 695 48.17 37.51 -26.15
C SER B 695 47.13 36.70 -25.36
N VAL B 696 47.40 35.41 -25.13
CA VAL B 696 46.55 34.52 -24.31
C VAL B 696 46.52 35.03 -22.85
N ASP B 697 47.67 35.42 -22.30
CA ASP B 697 47.79 36.00 -20.93
C ASP B 697 46.84 37.20 -20.77
N MET B 698 46.93 38.17 -21.67
CA MET B 698 46.03 39.37 -21.65
C MET B 698 44.57 38.92 -21.85
N PHE B 699 44.33 37.98 -22.78
CA PHE B 699 42.95 37.57 -23.14
C PHE B 699 42.27 37.00 -21.89
N VAL B 700 42.98 36.13 -21.19
CA VAL B 700 42.41 35.41 -20.04
C VAL B 700 42.17 36.40 -18.90
N GLU B 701 43.13 37.28 -18.60
CA GLU B 701 42.97 38.25 -17.49
C GLU B 701 41.68 39.04 -17.72
N GLU B 702 41.43 39.52 -18.94
CA GLU B 702 40.23 40.32 -19.28
C GLU B 702 39.00 39.38 -19.20
N PHE B 703 39.10 38.18 -19.78
CA PHE B 703 37.95 37.25 -19.93
C PHE B 703 37.47 36.79 -18.55
N GLU B 704 38.41 36.52 -17.63
CA GLU B 704 38.06 36.08 -16.25
C GLU B 704 37.32 37.20 -15.48
N LYS B 705 37.63 38.47 -15.75
CA LYS B 705 36.81 39.54 -15.13
C LYS B 705 35.39 39.48 -15.68
N GLY B 706 35.22 39.18 -16.96
CA GLY B 706 33.87 39.07 -17.55
C GLY B 706 33.10 37.93 -16.91
N LEU B 707 33.79 36.85 -16.58
CA LEU B 707 33.17 35.65 -15.97
C LEU B 707 32.63 36.04 -14.60
N ALA B 708 33.37 36.89 -13.85
CA ALA B 708 32.90 37.34 -12.53
C ALA B 708 31.69 38.26 -12.71
N THR B 709 31.75 39.23 -13.64
CA THR B 709 30.61 40.09 -13.99
C THR B 709 29.42 39.19 -14.33
N PHE B 710 29.70 38.13 -15.08
CA PHE B 710 28.83 36.96 -15.36
C PHE B 710 27.81 37.28 -16.47
N ARG B 711 27.12 38.40 -16.38
CA ARG B 711 26.18 38.81 -17.46
C ARG B 711 26.40 40.29 -17.83
N PHE B 712 26.46 40.54 -19.14
CA PHE B 712 26.60 41.90 -19.73
C PHE B 712 25.21 42.36 -20.14
N THR B 713 24.56 43.14 -19.28
CA THR B 713 23.12 43.47 -19.37
C THR B 713 22.87 44.59 -20.36
N ASP B 714 23.93 45.25 -20.88
CA ASP B 714 23.77 46.32 -21.88
C ASP B 714 23.31 45.72 -23.20
N ARG B 715 23.23 44.36 -23.32
CA ARG B 715 22.85 43.71 -24.60
C ARG B 715 21.35 43.49 -24.68
N PHE B 716 20.59 44.00 -23.73
CA PHE B 716 19.11 43.82 -23.65
C PHE B 716 18.39 45.14 -23.76
N ALA B 717 17.43 45.20 -24.67
CA ALA B 717 16.63 46.41 -24.94
C ALA B 717 15.66 46.68 -23.79
N LEU B 718 15.49 47.96 -23.42
CA LEU B 718 14.54 48.37 -22.36
C LEU B 718 13.37 49.12 -23.00
N ASP B 719 12.20 48.97 -22.38
CA ASP B 719 11.00 49.75 -22.72
C ASP B 719 11.36 51.24 -22.50
N SER B 720 10.86 52.10 -23.38
CA SER B 720 10.87 53.58 -23.23
C SER B 720 9.57 54.00 -22.53
N GLN C 42 22.98 -15.16 22.57
CA GLN C 42 22.23 -14.03 21.91
C GLN C 42 21.41 -14.53 20.70
N SER C 43 20.32 -13.84 20.38
CA SER C 43 19.43 -14.18 19.25
C SER C 43 20.25 -14.12 17.96
N PRO C 44 19.86 -14.94 16.95
CA PRO C 44 20.41 -14.75 15.61
C PRO C 44 20.03 -13.38 15.04
N LEU C 45 19.03 -12.68 15.59
CA LEU C 45 18.59 -11.33 15.10
C LEU C 45 19.03 -10.20 16.07
N ALA C 46 20.03 -10.44 16.91
CA ALA C 46 20.51 -9.44 17.90
C ALA C 46 20.88 -8.09 17.28
N ALA C 47 21.40 -8.05 16.05
CA ALA C 47 21.88 -6.80 15.43
C ALA C 47 20.71 -5.85 15.25
N TYR C 48 19.47 -6.38 15.21
CA TYR C 48 18.27 -5.56 14.95
C TYR C 48 17.52 -5.16 16.22
N GLU C 49 17.99 -5.61 17.38
CA GLU C 49 17.25 -5.40 18.64
C GLU C 49 17.36 -3.95 19.15
N VAL C 50 16.29 -3.49 19.76
CA VAL C 50 16.19 -2.12 20.30
C VAL C 50 15.90 -2.23 21.78
N ASP C 51 16.79 -1.67 22.59
CA ASP C 51 16.67 -1.73 24.04
C ASP C 51 15.96 -0.46 24.53
N ASP C 52 14.93 -0.66 25.33
CA ASP C 52 14.20 0.45 26.00
C ASP C 52 14.12 0.18 27.50
N SER C 53 15.16 -0.41 28.08
CA SER C 53 15.20 -0.69 29.54
C SER C 53 15.67 0.55 30.31
N THR C 54 16.17 1.56 29.62
CA THR C 54 16.65 2.86 30.16
C THR C 54 16.25 3.95 29.16
N GLY C 55 16.34 5.20 29.61
CA GLY C 55 16.31 6.37 28.73
C GLY C 55 15.00 7.09 28.69
N TYR C 56 15.06 8.21 27.98
CA TYR C 56 13.95 9.14 27.82
C TYR C 56 13.30 8.90 26.45
N LEU C 57 11.98 9.02 26.50
CA LEU C 57 11.11 8.93 25.31
C LEU C 57 11.59 9.87 24.22
N THR C 58 11.63 9.37 22.99
CA THR C 58 12.01 10.15 21.81
C THR C 58 11.02 9.89 20.68
N SER C 59 10.94 10.83 19.76
CA SER C 59 10.31 10.55 18.46
C SER C 59 11.11 9.46 17.77
N ASP C 60 10.63 9.06 16.59
CA ASP C 60 11.36 8.10 15.73
C ASP C 60 12.64 8.73 15.16
N VAL C 61 12.82 10.03 15.26
CA VAL C 61 14.06 10.67 14.77
C VAL C 61 14.86 11.18 15.97
N GLY C 62 14.64 10.63 17.15
CA GLY C 62 15.59 10.81 18.27
C GLY C 62 15.37 12.09 19.04
N GLY C 63 14.30 12.83 18.83
CA GLY C 63 14.02 14.08 19.55
C GLY C 63 13.35 13.71 20.85
N PRO C 64 13.89 14.03 22.05
CA PRO C 64 13.16 13.69 23.28
C PRO C 64 11.81 14.42 23.38
N ILE C 65 10.78 13.69 23.76
CA ILE C 65 9.38 14.15 23.80
C ILE C 65 8.61 13.56 24.99
N GLN C 66 7.37 13.99 25.12
CA GLN C 66 6.40 13.35 26.03
C GLN C 66 5.29 12.76 25.19
N ASP C 67 4.44 11.93 25.82
CA ASP C 67 3.34 11.32 25.03
C ASP C 67 2.11 11.05 25.86
N GLN C 68 1.90 11.81 26.94
CA GLN C 68 0.79 11.52 27.86
C GLN C 68 -0.29 12.59 27.90
N THR C 69 -0.03 13.82 27.48
CA THR C 69 -1.04 14.86 27.38
C THR C 69 -0.94 15.58 26.02
N SER C 70 -2.07 15.80 25.36
CA SER C 70 -2.20 16.59 24.11
C SER C 70 -1.88 18.05 24.40
N LEU C 71 -1.35 18.75 23.40
CA LEU C 71 -1.15 20.22 23.42
C LEU C 71 -2.46 20.92 23.08
N LYS C 72 -2.93 21.80 23.98
CA LYS C 72 -4.28 22.42 23.89
C LYS C 72 -4.15 23.94 23.98
N ALA C 73 -5.11 24.62 23.38
CA ALA C 73 -5.29 26.08 23.50
C ALA C 73 -6.02 26.35 24.81
N GLY C 74 -5.26 26.39 25.90
CA GLY C 74 -5.81 26.54 27.25
C GLY C 74 -6.10 25.20 27.91
N ILE C 75 -6.26 25.21 29.22
CA ILE C 75 -6.30 23.99 30.03
C ILE C 75 -7.58 23.18 29.73
N ARG C 76 -8.68 23.82 29.31
CA ARG C 76 -9.92 23.16 28.88
C ARG C 76 -10.14 23.40 27.39
N GLY C 77 -9.05 23.56 26.65
CA GLY C 77 -9.18 23.97 25.25
C GLY C 77 -9.04 22.83 24.23
N PRO C 78 -9.24 23.17 22.95
CA PRO C 78 -9.13 22.20 21.87
C PRO C 78 -7.66 21.85 21.60
N THR C 79 -7.47 20.64 21.08
CA THR C 79 -6.15 20.12 20.71
C THR C 79 -5.59 20.78 19.45
N LEU C 80 -4.32 21.09 19.47
CA LEU C 80 -3.64 21.81 18.35
C LEU C 80 -3.10 20.86 17.29
N LEU C 81 -3.31 21.26 16.03
CA LEU C 81 -2.72 20.57 14.86
C LEU C 81 -1.19 20.54 14.95
N GLU C 82 -0.55 21.52 15.59
CA GLU C 82 0.92 21.58 15.68
C GLU C 82 1.45 20.56 16.67
N ASP C 83 0.59 19.79 17.29
CA ASP C 83 1.04 18.74 18.25
C ASP C 83 1.57 17.53 17.47
N PHE C 84 2.82 17.61 17.08
CA PHE C 84 3.51 16.52 16.34
C PHE C 84 3.72 15.30 17.24
N MET C 85 3.78 15.49 18.55
CA MET C 85 3.99 14.35 19.47
C MET C 85 2.77 13.44 19.37
N PHE C 86 1.59 14.05 19.45
CA PHE C 86 0.30 13.35 19.32
C PHE C 86 0.27 12.64 17.95
N ARG C 87 0.46 13.41 16.86
CA ARG C 87 0.16 12.82 15.54
C ARG C 87 1.16 11.69 15.25
N GLN C 88 2.45 11.80 15.53
CA GLN C 88 3.36 10.70 15.16
C GLN C 88 3.00 9.43 15.91
N LYS C 89 2.59 9.58 17.16
CA LYS C 89 2.26 8.42 18.02
C LYS C 89 0.97 7.77 17.51
N ILE C 90 -0.04 8.57 17.24
CA ILE C 90 -1.35 7.99 16.82
C ILE C 90 -1.26 7.52 15.37
N GLN C 91 -0.52 8.21 14.52
CA GLN C 91 -0.29 7.69 13.15
C GLN C 91 0.30 6.28 13.27
N HIS C 92 1.36 6.12 14.06
CA HIS C 92 1.92 4.76 14.19
C HIS C 92 0.86 3.77 14.65
N PHE C 93 0.08 4.13 15.65
CA PHE C 93 -0.93 3.21 16.21
C PHE C 93 -1.92 2.82 15.10
N ASP C 94 -2.39 3.86 14.41
CA ASP C 94 -3.41 3.74 13.35
C ASP C 94 -2.95 2.80 12.25
N HIS C 95 -1.65 2.63 12.09
CA HIS C 95 -1.08 1.82 11.00
C HIS C 95 -0.34 0.59 11.54
N GLU C 96 -0.60 0.15 12.76
CA GLU C 96 0.10 -1.03 13.29
C GLU C 96 -0.25 -2.30 12.51
N ARG C 97 -1.48 -2.44 12.05
CA ARG C 97 -1.92 -3.73 11.49
C ARG C 97 -1.50 -3.93 10.04
N VAL C 98 -1.24 -5.19 9.72
CA VAL C 98 -0.97 -5.68 8.36
C VAL C 98 -2.02 -6.75 8.07
N PRO C 99 -2.29 -7.03 6.77
CA PRO C 99 -3.22 -8.10 6.44
C PRO C 99 -2.74 -9.41 7.08
N GLU C 100 -3.66 -10.17 7.64
CA GLU C 100 -3.35 -11.52 8.12
C GLU C 100 -3.06 -12.38 6.89
N ARG C 101 -2.37 -13.49 7.08
CA ARG C 101 -2.11 -14.43 6.00
C ARG C 101 -3.45 -14.95 5.44
N ALA C 102 -3.49 -15.14 4.12
CA ALA C 102 -4.74 -15.54 3.45
C ALA C 102 -5.20 -16.92 3.93
N VAL C 103 -4.26 -17.77 4.29
CA VAL C 103 -4.54 -19.02 5.05
C VAL C 103 -3.48 -19.12 6.13
N HIS C 104 -3.74 -19.95 7.13
CA HIS C 104 -2.81 -20.15 8.26
C HIS C 104 -2.60 -18.84 8.96
N ALA C 105 -3.64 -18.01 9.07
CA ALA C 105 -3.52 -16.73 9.76
C ALA C 105 -3.23 -16.91 11.24
N ARG C 106 -3.74 -17.97 11.85
CA ARG C 106 -3.52 -18.24 13.28
C ARG C 106 -2.35 -19.17 13.49
N GLY C 107 -1.34 -18.68 14.16
CA GLY C 107 -0.14 -19.52 14.34
C GLY C 107 0.91 -18.92 15.27
N ALA C 108 1.96 -19.67 15.54
CA ALA C 108 3.01 -19.24 16.49
C ALA C 108 4.34 -19.87 16.13
N GLY C 109 5.42 -19.17 16.46
CA GLY C 109 6.75 -19.57 15.97
C GLY C 109 7.82 -19.56 17.02
N ALA C 110 8.95 -20.17 16.65
CA ALA C 110 10.17 -20.16 17.49
C ALA C 110 11.40 -20.42 16.67
N HIS C 111 12.51 -19.95 17.23
CA HIS C 111 13.87 -20.16 16.69
C HIS C 111 14.40 -21.50 17.19
N GLY C 112 15.34 -22.03 16.46
CA GLY C 112 16.11 -23.19 16.92
C GLY C 112 17.24 -23.53 15.98
N THR C 113 17.64 -24.81 16.05
CA THR C 113 18.82 -25.30 15.31
C THR C 113 18.50 -26.62 14.64
N PHE C 114 19.02 -26.79 13.43
CA PHE C 114 19.06 -28.10 12.76
C PHE C 114 20.50 -28.60 12.76
N THR C 115 20.66 -29.90 13.05
CA THR C 115 21.98 -30.53 13.06
C THR C 115 21.93 -31.74 12.15
N SER C 116 22.79 -31.79 11.15
CA SER C 116 22.84 -32.96 10.26
C SER C 116 23.45 -34.18 10.96
N TYR C 117 22.89 -35.36 10.69
CA TYR C 117 23.39 -36.62 11.27
C TYR C 117 24.54 -37.16 10.42
N ALA C 118 24.80 -36.66 9.21
CA ALA C 118 25.75 -37.28 8.27
C ALA C 118 26.08 -36.30 7.15
N ASP C 119 27.03 -36.70 6.33
CA ASP C 119 27.28 -36.10 5.02
C ASP C 119 26.37 -36.79 4.02
N TRP C 120 25.39 -36.06 3.49
CA TRP C 120 24.38 -36.61 2.58
C TRP C 120 24.71 -36.30 1.10
N SER C 121 25.97 -36.03 0.75
N SER C 121 25.98 -36.01 0.78
CA SER C 121 26.35 -35.80 -0.66
CA SER C 121 26.47 -35.83 -0.62
C SER C 121 26.02 -37.01 -1.54
C SER C 121 26.01 -36.99 -1.50
N ASN C 122 25.84 -38.19 -0.94
CA ASN C 122 25.47 -39.41 -1.69
C ASN C 122 24.10 -39.28 -2.34
N ILE C 123 23.28 -38.35 -1.85
CA ILE C 123 21.88 -38.18 -2.33
C ILE C 123 21.56 -36.72 -2.66
N THR C 124 22.29 -35.75 -2.15
CA THR C 124 21.95 -34.31 -2.44
C THR C 124 23.19 -33.44 -2.36
N ALA C 125 23.24 -32.42 -3.20
CA ALA C 125 24.29 -31.38 -3.11
C ALA C 125 24.00 -30.40 -1.97
N ALA C 126 22.86 -30.48 -1.30
CA ALA C 126 22.45 -29.45 -0.33
C ALA C 126 23.54 -29.21 0.74
N SER C 127 23.99 -27.99 0.87
CA SER C 127 25.14 -27.63 1.74
C SER C 127 24.77 -27.86 3.20
N PHE C 128 23.53 -27.58 3.61
CA PHE C 128 23.13 -27.74 5.02
C PHE C 128 23.14 -29.23 5.43
N LEU C 129 23.22 -30.14 4.49
CA LEU C 129 23.23 -31.59 4.79
C LEU C 129 24.59 -32.21 4.47
N ASN C 130 25.65 -31.42 4.29
CA ASN C 130 26.91 -31.95 3.69
C ASN C 130 27.94 -32.42 4.72
N ALA C 131 27.65 -32.48 6.01
CA ALA C 131 28.65 -32.91 7.02
C ALA C 131 27.95 -33.34 8.29
N THR C 132 28.46 -34.38 8.91
CA THR C 132 28.00 -34.82 10.22
C THR C 132 28.16 -33.67 11.21
N GLY C 133 27.10 -33.37 11.95
CA GLY C 133 27.12 -32.37 13.02
C GLY C 133 26.93 -30.95 12.50
N LYS C 134 26.80 -30.75 11.20
CA LYS C 134 26.72 -29.36 10.66
C LYS C 134 25.42 -28.72 11.16
N GLN C 135 25.53 -27.50 11.67
N GLN C 135 25.54 -27.52 11.73
CA GLN C 135 24.38 -26.83 12.29
CA GLN C 135 24.41 -26.80 12.35
C GLN C 135 23.94 -25.65 11.43
C GLN C 135 23.95 -25.65 11.45
N THR C 136 22.63 -25.50 11.33
CA THR C 136 22.02 -24.40 10.59
C THR C 136 20.93 -23.80 11.47
N PRO C 137 20.87 -22.46 11.63
CA PRO C 137 19.72 -21.89 12.36
C PRO C 137 18.40 -22.13 11.64
N VAL C 138 17.35 -22.29 12.42
CA VAL C 138 15.97 -22.40 11.86
C VAL C 138 15.03 -21.43 12.54
N PHE C 139 13.93 -21.16 11.84
CA PHE C 139 12.72 -20.58 12.44
C PHE C 139 11.54 -21.40 11.95
N VAL C 140 10.65 -21.78 12.84
CA VAL C 140 9.46 -22.58 12.53
C VAL C 140 8.22 -21.80 12.97
N ARG C 141 7.18 -21.84 12.14
CA ARG C 141 5.84 -21.38 12.52
C ARG C 141 4.88 -22.53 12.33
N PHE C 142 4.07 -22.75 13.34
CA PHE C 142 2.96 -23.73 13.33
C PHE C 142 1.65 -22.97 13.29
N SER C 143 0.56 -23.60 12.79
CA SER C 143 -0.66 -22.82 12.52
C SER C 143 -1.84 -23.75 12.36
N THR C 144 -3.03 -23.20 12.42
CA THR C 144 -4.25 -23.81 11.80
C THR C 144 -4.28 -23.33 10.34
N VAL C 145 -5.42 -23.53 9.67
CA VAL C 145 -5.54 -23.13 8.24
C VAL C 145 -6.65 -22.09 8.02
N ALA C 146 -7.87 -22.41 8.45
CA ALA C 146 -9.10 -21.67 8.07
C ALA C 146 -9.31 -20.42 8.95
N GLY C 147 -9.05 -20.49 10.24
CA GLY C 147 -9.38 -19.39 11.14
C GLY C 147 -8.61 -18.11 10.88
N SER C 148 -9.22 -16.97 11.20
CA SER C 148 -8.52 -15.67 11.24
C SER C 148 -7.59 -15.59 12.47
N ARG C 149 -6.74 -14.57 12.54
N ARG C 149 -6.84 -14.50 12.54
CA ARG C 149 -5.52 -14.58 13.42
CA ARG C 149 -6.11 -14.12 13.76
C ARG C 149 -5.87 -14.59 14.93
C ARG C 149 -7.11 -14.06 14.92
N GLY C 150 -7.15 -14.31 15.27
N GLY C 150 -6.66 -14.62 16.03
CA GLY C 150 -7.63 -14.33 16.66
CA GLY C 150 -7.41 -14.66 17.28
C GLY C 150 -8.49 -15.54 17.06
C GLY C 150 -8.39 -15.81 17.31
N SER C 151 -8.58 -16.54 16.19
CA SER C 151 -9.35 -17.80 16.35
C SER C 151 -8.60 -18.80 17.23
N ALA C 152 -9.30 -19.81 17.69
CA ALA C 152 -8.78 -20.73 18.71
C ALA C 152 -7.76 -21.68 18.11
N ASP C 153 -6.73 -21.96 18.87
CA ASP C 153 -5.75 -22.98 18.47
C ASP C 153 -6.38 -24.37 18.31
N THR C 154 -7.37 -24.69 19.16
CA THR C 154 -7.94 -26.05 19.19
C THR C 154 -9.22 -26.21 18.34
N ALA C 155 -9.40 -25.43 17.31
CA ALA C 155 -10.37 -25.71 16.23
C ALA C 155 -9.98 -27.05 15.62
N ARG C 156 -10.92 -27.77 15.05
CA ARG C 156 -10.59 -28.92 14.20
C ARG C 156 -10.13 -28.40 12.84
N ASP C 157 -8.93 -28.79 12.42
CA ASP C 157 -8.37 -28.25 11.17
C ASP C 157 -7.12 -29.00 10.77
N VAL C 158 -6.70 -28.79 9.54
CA VAL C 158 -5.33 -29.11 9.11
C VAL C 158 -4.44 -28.09 9.84
N HIS C 159 -3.17 -28.42 10.08
CA HIS C 159 -2.22 -27.51 10.75
C HIS C 159 -1.00 -27.34 9.87
N GLY C 160 -0.45 -26.13 9.87
CA GLY C 160 0.83 -25.83 9.25
C GLY C 160 1.99 -26.17 10.13
N PHE C 161 3.09 -26.46 9.46
CA PHE C 161 4.42 -26.72 10.05
C PHE C 161 5.43 -26.22 9.01
N ALA C 162 5.83 -24.96 9.15
CA ALA C 162 6.68 -24.26 8.17
C ALA C 162 8.05 -24.03 8.78
N THR C 163 9.06 -24.57 8.13
CA THR C 163 10.44 -24.51 8.63
C THR C 163 11.38 -23.74 7.71
N ARG C 164 12.07 -22.74 8.23
CA ARG C 164 13.15 -22.07 7.49
C ARG C 164 14.48 -22.54 8.02
N PHE C 165 15.35 -22.93 7.09
CA PHE C 165 16.76 -23.26 7.36
C PHE C 165 17.54 -22.08 6.81
N TYR C 166 18.22 -21.34 7.66
CA TYR C 166 19.06 -20.20 7.19
C TYR C 166 20.44 -20.75 6.78
N THR C 167 20.49 -21.37 5.62
CA THR C 167 21.68 -22.17 5.21
C THR C 167 22.80 -21.24 4.75
N ASP C 168 24.00 -21.79 4.70
CA ASP C 168 25.21 -21.09 4.20
C ASP C 168 25.20 -21.01 2.67
N GLU C 169 24.14 -21.46 2.00
CA GLU C 169 23.92 -21.34 0.54
C GLU C 169 22.48 -20.84 0.30
N GLY C 170 21.95 -20.10 1.27
CA GLY C 170 20.67 -19.40 1.12
C GLY C 170 19.57 -19.96 2.00
N ASN C 171 18.51 -19.19 2.17
CA ASN C 171 17.35 -19.65 2.95
C ASN C 171 16.63 -20.77 2.21
N PHE C 172 16.37 -21.87 2.92
CA PHE C 172 15.60 -23.03 2.39
C PHE C 172 14.40 -23.19 3.28
N ASP C 173 13.20 -23.11 2.69
CA ASP C 173 11.95 -23.31 3.43
C ASP C 173 11.31 -24.63 3.04
N ILE C 174 10.86 -25.40 4.04
CA ILE C 174 9.93 -26.52 3.84
C ILE C 174 8.59 -26.11 4.45
N VAL C 175 7.65 -25.78 3.60
CA VAL C 175 6.35 -25.25 4.05
C VAL C 175 5.35 -26.40 4.08
N GLY C 176 5.25 -27.02 5.25
CA GLY C 176 4.53 -28.31 5.36
C GLY C 176 3.28 -28.19 6.23
N ASN C 177 2.62 -29.32 6.40
CA ASN C 177 1.41 -29.45 7.26
C ASN C 177 1.58 -30.67 8.16
N ASN C 178 0.72 -30.81 9.14
CA ASN C 178 0.79 -31.99 10.02
C ASN C 178 0.09 -33.21 9.44
N ILE C 179 -0.50 -33.09 8.27
CA ILE C 179 -1.17 -34.18 7.51
C ILE C 179 -0.45 -34.32 6.18
N PRO C 180 -0.09 -35.56 5.76
CA PRO C 180 0.85 -35.74 4.65
C PRO C 180 0.24 -35.59 3.25
N VAL C 181 -1.05 -35.37 3.17
CA VAL C 181 -1.83 -35.33 1.91
C VAL C 181 -2.66 -34.06 1.93
N PHE C 182 -2.95 -33.52 0.76
CA PHE C 182 -3.77 -32.31 0.61
C PHE C 182 -5.11 -32.61 -0.05
N PHE C 183 -6.05 -31.70 0.15
CA PHE C 183 -7.44 -31.84 -0.29
C PHE C 183 -7.56 -31.92 -1.82
N ILE C 184 -6.70 -31.22 -2.54
CA ILE C 184 -6.88 -30.95 -4.00
C ILE C 184 -5.61 -31.31 -4.78
N GLN C 185 -5.77 -31.56 -6.08
CA GLN C 185 -4.71 -32.06 -6.96
C GLN C 185 -4.17 -30.99 -7.90
N ASP C 186 -4.66 -29.74 -7.83
CA ASP C 186 -4.18 -28.67 -8.72
C ASP C 186 -4.29 -27.37 -7.95
N ALA C 187 -3.19 -26.62 -7.89
CA ALA C 187 -3.15 -25.32 -7.20
C ALA C 187 -4.25 -24.37 -7.65
N ILE C 188 -4.74 -24.49 -8.89
CA ILE C 188 -5.76 -23.52 -9.37
C ILE C 188 -7.05 -23.66 -8.57
N GLN C 189 -7.27 -24.78 -7.91
CA GLN C 189 -8.50 -25.02 -7.12
C GLN C 189 -8.39 -24.49 -5.69
N PHE C 190 -7.25 -23.94 -5.27
CA PHE C 190 -7.05 -23.57 -3.87
C PHE C 190 -8.08 -22.54 -3.43
N PRO C 191 -8.43 -21.49 -4.21
CA PRO C 191 -9.45 -20.56 -3.72
C PRO C 191 -10.83 -21.20 -3.55
N ASP C 192 -11.10 -22.23 -4.38
CA ASP C 192 -12.38 -22.97 -4.28
C ASP C 192 -12.43 -23.70 -2.92
N LEU C 193 -11.40 -24.47 -2.64
CA LEU C 193 -11.33 -25.16 -1.35
C LEU C 193 -11.43 -24.14 -0.22
N ILE C 194 -10.63 -23.08 -0.25
CA ILE C 194 -10.56 -22.18 0.93
C ILE C 194 -11.84 -21.36 1.08
N HIS C 195 -12.44 -20.90 -0.02
CA HIS C 195 -13.74 -20.16 0.07
C HIS C 195 -14.74 -21.11 0.73
N SER C 196 -14.71 -22.37 0.34
CA SER C 196 -15.73 -23.33 0.86
C SER C 196 -15.59 -23.60 2.35
N VAL C 197 -14.36 -23.56 2.86
N VAL C 197 -14.36 -23.66 2.88
CA VAL C 197 -14.07 -23.96 4.26
CA VAL C 197 -14.16 -24.00 4.33
C VAL C 197 -14.17 -22.73 5.17
C VAL C 197 -14.18 -22.74 5.19
N LYS C 198 -13.77 -21.58 4.66
CA LYS C 198 -13.89 -20.31 5.41
C LYS C 198 -15.36 -19.94 5.59
N PRO C 199 -15.66 -18.95 6.43
CA PRO C 199 -17.05 -18.60 6.77
C PRO C 199 -17.86 -18.24 5.53
N ARG C 200 -19.18 -18.44 5.60
CA ARG C 200 -20.06 -18.06 4.46
C ARG C 200 -20.00 -16.55 4.29
N PRO C 201 -19.83 -16.07 3.04
CA PRO C 201 -19.43 -14.69 2.81
C PRO C 201 -20.51 -13.64 2.91
N ASP C 202 -21.76 -14.00 3.15
CA ASP C 202 -22.79 -12.98 3.45
C ASP C 202 -22.68 -12.50 4.90
N ASN C 203 -22.43 -13.41 5.84
CA ASN C 203 -22.50 -13.08 7.28
C ASN C 203 -21.21 -13.44 8.01
N GLU C 204 -20.23 -13.99 7.29
CA GLU C 204 -18.93 -14.46 7.87
C GLU C 204 -19.16 -15.36 9.09
N ILE C 205 -19.98 -16.40 8.89
CA ILE C 205 -20.21 -17.47 9.88
C ILE C 205 -20.07 -18.80 9.13
N PRO C 206 -19.42 -19.85 9.68
CA PRO C 206 -18.83 -19.88 11.02
C PRO C 206 -17.30 -19.78 11.02
N GLN C 207 -16.75 -19.28 12.12
CA GLN C 207 -15.28 -19.14 12.31
C GLN C 207 -14.58 -20.47 12.49
N ALA C 208 -13.44 -20.64 11.84
CA ALA C 208 -12.46 -21.71 12.13
C ALA C 208 -13.12 -23.07 12.14
N ALA C 209 -13.96 -23.36 11.17
CA ALA C 209 -14.76 -24.63 11.22
C ALA C 209 -15.17 -25.04 9.83
N ALA C 210 -15.05 -26.33 9.54
CA ALA C 210 -15.62 -26.90 8.30
C ALA C 210 -17.07 -27.38 8.52
N ALA C 211 -17.64 -27.15 9.70
CA ALA C 211 -19.01 -27.64 10.06
C ALA C 211 -20.07 -26.71 9.49
N HIS C 212 -20.13 -26.60 8.16
CA HIS C 212 -21.17 -25.80 7.48
C HIS C 212 -21.36 -26.31 6.06
N ASP C 213 -22.52 -25.98 5.49
CA ASP C 213 -22.95 -26.52 4.20
C ASP C 213 -21.86 -26.37 3.14
N SER C 214 -21.28 -25.17 2.99
CA SER C 214 -20.39 -24.92 1.82
C SER C 214 -19.22 -25.92 1.83
N ALA C 215 -18.62 -26.17 2.98
CA ALA C 215 -17.40 -26.99 3.04
C ALA C 215 -17.78 -28.42 2.61
N TRP C 216 -18.89 -28.92 3.14
CA TRP C 216 -19.32 -30.32 2.85
C TRP C 216 -19.89 -30.42 1.44
N ASP C 217 -20.38 -29.33 0.88
CA ASP C 217 -20.77 -29.27 -0.55
C ASP C 217 -19.49 -29.50 -1.38
N PHE C 218 -18.42 -28.76 -1.07
CA PHE C 218 -17.16 -28.87 -1.84
C PHE C 218 -16.55 -30.27 -1.65
N PHE C 219 -16.52 -30.80 -0.42
CA PHE C 219 -15.95 -32.13 -0.18
C PHE C 219 -16.71 -33.18 -1.01
N SER C 220 -18.04 -33.06 -1.06
CA SER C 220 -18.88 -34.10 -1.68
C SER C 220 -18.78 -33.98 -3.20
N GLN C 221 -18.50 -32.78 -3.75
CA GLN C 221 -18.43 -32.57 -5.21
C GLN C 221 -17.01 -32.77 -5.74
N GLN C 222 -16.00 -32.69 -4.86
CA GLN C 222 -14.58 -32.78 -5.25
C GLN C 222 -13.99 -33.96 -4.51
N PRO C 223 -14.16 -35.20 -5.02
CA PRO C 223 -13.79 -36.40 -4.28
C PRO C 223 -12.30 -36.53 -3.91
N SER C 224 -11.41 -35.81 -4.61
CA SER C 224 -9.99 -35.72 -4.21
C SER C 224 -9.88 -35.40 -2.71
N THR C 225 -10.84 -34.65 -2.16
CA THR C 225 -10.79 -34.18 -0.75
C THR C 225 -10.82 -35.34 0.25
N MET C 226 -11.17 -36.56 -0.16
CA MET C 226 -11.56 -37.58 0.83
C MET C 226 -10.35 -37.89 1.71
N HIS C 227 -9.12 -37.99 1.17
CA HIS C 227 -8.00 -38.48 2.02
C HIS C 227 -7.66 -37.49 3.14
N THR C 228 -7.43 -36.23 2.78
CA THR C 228 -7.20 -35.19 3.80
C THR C 228 -8.41 -35.07 4.72
N LEU C 229 -9.63 -35.18 4.20
CA LEU C 229 -10.84 -35.07 5.06
C LEU C 229 -10.79 -36.14 6.17
N PHE C 230 -10.47 -37.39 5.83
CA PHE C 230 -10.38 -38.46 6.83
C PHE C 230 -9.28 -38.11 7.83
N TRP C 231 -8.13 -37.62 7.38
CA TRP C 231 -7.08 -37.20 8.33
C TRP C 231 -7.62 -36.10 9.25
N ALA C 232 -8.30 -35.10 8.70
CA ALA C 232 -8.72 -33.95 9.54
C ALA C 232 -9.82 -34.38 10.54
N MET C 233 -10.62 -35.40 10.19
CA MET C 233 -11.70 -35.91 11.07
C MET C 233 -11.15 -36.90 12.09
N SER C 234 -9.92 -37.33 11.96
CA SER C 234 -9.18 -38.12 12.97
C SER C 234 -8.61 -37.20 14.05
N GLY C 235 -7.94 -37.76 15.03
CA GLY C 235 -7.26 -36.94 16.06
C GLY C 235 -6.21 -36.01 15.47
N HIS C 236 -5.75 -36.24 14.24
CA HIS C 236 -4.78 -35.32 13.59
C HIS C 236 -5.41 -33.95 13.37
N GLY C 237 -6.73 -33.84 13.36
CA GLY C 237 -7.40 -32.53 13.29
C GLY C 237 -7.39 -31.74 14.58
N ILE C 238 -7.15 -32.41 15.72
CA ILE C 238 -7.11 -31.75 17.05
C ILE C 238 -5.90 -32.27 17.82
N PRO C 239 -4.67 -31.98 17.35
CA PRO C 239 -3.48 -32.38 18.07
C PRO C 239 -3.39 -31.82 19.49
N ARG C 240 -2.76 -32.60 20.35
CA ARG C 240 -2.56 -32.16 21.76
C ARG C 240 -1.68 -30.92 21.81
N SER C 241 -0.72 -30.80 20.91
CA SER C 241 0.17 -29.62 20.87
C SER C 241 0.91 -29.63 19.55
N TYR C 242 1.54 -28.52 19.19
CA TYR C 242 2.43 -28.49 18.02
C TYR C 242 3.59 -29.48 18.18
N ARG C 243 3.98 -29.72 19.43
CA ARG C 243 5.13 -30.59 19.75
C ARG C 243 4.74 -32.07 19.58
N HIS C 244 3.43 -32.39 19.60
CA HIS C 244 2.90 -33.77 19.54
C HIS C 244 2.30 -34.06 18.18
N MET C 245 2.76 -33.34 17.13
CA MET C 245 2.37 -33.61 15.75
C MET C 245 3.64 -33.67 14.91
N ASP C 246 3.50 -34.31 13.76
CA ASP C 246 4.57 -34.40 12.76
C ASP C 246 4.40 -33.27 11.73
N GLY C 247 5.41 -33.12 10.90
CA GLY C 247 5.42 -32.21 9.76
C GLY C 247 5.69 -33.00 8.47
N PHE C 248 5.02 -32.62 7.41
CA PHE C 248 5.16 -33.30 6.12
C PHE C 248 5.27 -32.25 5.02
N GLY C 249 6.17 -32.49 4.09
CA GLY C 249 6.27 -31.64 2.89
C GLY C 249 5.09 -31.82 1.97
N VAL C 250 4.42 -32.95 2.08
CA VAL C 250 3.23 -33.38 1.27
C VAL C 250 3.69 -33.76 -0.15
N HIS C 251 4.25 -32.83 -0.92
CA HIS C 251 4.64 -33.12 -2.30
C HIS C 251 5.85 -34.05 -2.33
N THR C 252 5.92 -34.79 -3.41
CA THR C 252 7.19 -35.34 -3.86
C THR C 252 8.09 -34.18 -4.33
N PHE C 253 9.31 -34.14 -3.82
CA PHE C 253 10.36 -33.22 -4.31
C PHE C 253 11.48 -34.05 -4.92
N ARG C 254 12.51 -33.38 -5.40
CA ARG C 254 13.73 -34.08 -5.87
C ARG C 254 14.92 -33.70 -5.01
N PHE C 255 15.75 -34.72 -4.76
CA PHE C 255 17.12 -34.51 -4.25
C PHE C 255 18.00 -34.66 -5.47
N VAL C 256 18.88 -33.69 -5.67
CA VAL C 256 19.78 -33.58 -6.85
C VAL C 256 21.20 -33.56 -6.36
N LYS C 257 21.96 -34.54 -6.82
CA LYS C 257 23.40 -34.60 -6.49
C LYS C 257 24.16 -33.58 -7.34
N ASP C 258 25.36 -33.24 -6.88
CA ASP C 258 26.29 -32.39 -7.67
C ASP C 258 26.58 -32.99 -9.05
N ASP C 259 26.49 -34.29 -9.22
CA ASP C 259 26.71 -34.92 -10.55
C ASP C 259 25.46 -34.83 -11.45
N GLY C 260 24.34 -34.29 -10.96
CA GLY C 260 23.16 -34.03 -11.79
C GLY C 260 22.10 -35.09 -11.63
N SER C 261 22.43 -36.25 -11.07
CA SER C 261 21.43 -37.33 -10.88
C SER C 261 20.41 -36.90 -9.82
N SER C 262 19.22 -37.44 -9.95
CA SER C 262 18.11 -37.07 -9.03
C SER C 262 17.39 -38.31 -8.49
N LYS C 263 16.81 -38.16 -7.31
CA LYS C 263 15.88 -39.11 -6.69
C LYS C 263 14.63 -38.38 -6.25
N LEU C 264 13.53 -39.11 -6.08
CA LEU C 264 12.25 -38.54 -5.63
C LEU C 264 12.16 -38.71 -4.12
N ILE C 265 11.79 -37.64 -3.40
CA ILE C 265 11.73 -37.68 -1.92
C ILE C 265 10.39 -37.17 -1.39
N LYS C 266 10.08 -37.59 -0.17
CA LYS C 266 9.04 -37.02 0.71
C LYS C 266 9.72 -36.64 2.00
N TRP C 267 9.42 -35.43 2.47
CA TRP C 267 9.87 -34.94 3.79
C TRP C 267 8.90 -35.40 4.88
N HIS C 268 9.45 -35.92 5.97
N HIS C 268 9.43 -35.99 5.95
CA HIS C 268 8.67 -36.33 7.16
CA HIS C 268 8.66 -36.37 7.16
C HIS C 268 9.43 -35.89 8.40
C HIS C 268 9.48 -35.81 8.34
N PHE C 269 8.84 -34.98 9.18
CA PHE C 269 9.43 -34.49 10.45
C PHE C 269 8.73 -35.29 11.55
N LYS C 270 9.46 -36.19 12.18
CA LYS C 270 8.92 -37.16 13.15
C LYS C 270 9.15 -36.67 14.58
N SER C 271 8.05 -36.43 15.26
CA SER C 271 8.06 -35.87 16.62
C SER C 271 8.80 -36.77 17.60
N ARG C 272 9.77 -36.23 18.33
N ARG C 272 9.79 -36.24 18.32
CA ARG C 272 10.40 -36.98 19.44
CA ARG C 272 10.45 -36.96 19.44
C ARG C 272 9.54 -36.96 20.69
C ARG C 272 9.66 -36.80 20.76
N GLN C 273 8.52 -36.11 20.77
CA GLN C 273 7.64 -35.99 21.96
C GLN C 273 6.54 -37.06 21.91
N GLY C 274 6.30 -37.67 20.75
CA GLY C 274 5.18 -38.61 20.56
C GLY C 274 3.99 -37.97 19.91
N LYS C 275 3.10 -38.76 19.36
CA LYS C 275 1.86 -38.29 18.72
C LYS C 275 0.77 -38.29 19.78
N ALA C 276 -0.02 -37.23 19.85
CA ALA C 276 -1.13 -37.16 20.83
C ALA C 276 -2.19 -36.21 20.34
N SER C 277 -3.41 -36.50 20.67
CA SER C 277 -4.61 -35.74 20.27
C SER C 277 -5.35 -35.29 21.50
N LEU C 278 -6.19 -34.28 21.35
CA LEU C 278 -7.32 -34.01 22.26
C LEU C 278 -8.48 -34.94 21.88
N VAL C 279 -9.52 -35.02 22.73
CA VAL C 279 -10.84 -35.48 22.26
C VAL C 279 -11.69 -34.27 21.91
N TRP C 280 -12.66 -34.43 21.04
CA TRP C 280 -13.37 -33.28 20.48
C TRP C 280 -14.04 -32.44 21.57
N GLU C 281 -14.77 -33.06 22.49
CA GLU C 281 -15.48 -32.25 23.52
C GLU C 281 -14.48 -31.42 24.32
N GLU C 282 -13.33 -31.97 24.61
CA GLU C 282 -12.25 -31.27 25.32
C GLU C 282 -11.77 -30.09 24.45
N ALA C 283 -11.50 -30.33 23.18
CA ALA C 283 -11.05 -29.25 22.26
C ALA C 283 -12.04 -28.07 22.26
N GLN C 284 -13.35 -28.36 22.19
CA GLN C 284 -14.40 -27.31 22.16
C GLN C 284 -14.34 -26.45 23.45
N VAL C 285 -14.19 -27.10 24.61
CA VAL C 285 -14.08 -26.33 25.86
C VAL C 285 -12.77 -25.54 25.87
N LEU C 286 -11.68 -26.15 25.41
CA LEU C 286 -10.37 -25.48 25.44
C LEU C 286 -10.41 -24.25 24.55
N SER C 287 -11.11 -24.32 23.43
N SER C 287 -11.16 -24.29 23.45
CA SER C 287 -11.24 -23.18 22.50
CA SER C 287 -11.24 -23.19 22.46
C SER C 287 -11.74 -21.95 23.27
C SER C 287 -11.94 -21.96 23.09
N GLY C 288 -12.65 -22.15 24.20
CA GLY C 288 -13.24 -21.03 24.99
C GLY C 288 -12.38 -20.69 26.20
N LYS C 289 -11.86 -21.70 26.93
CA LYS C 289 -11.11 -21.48 28.19
C LYS C 289 -9.68 -21.01 27.87
N ASN C 290 -9.11 -21.40 26.72
CA ASN C 290 -7.71 -20.99 26.39
C ASN C 290 -7.53 -21.10 24.89
N ALA C 291 -7.94 -20.06 24.20
CA ALA C 291 -7.73 -19.94 22.74
C ALA C 291 -6.25 -20.06 22.36
N ASP C 292 -5.34 -19.75 23.27
CA ASP C 292 -3.88 -19.68 23.06
C ASP C 292 -3.19 -20.97 23.46
N PHE C 293 -3.94 -22.06 23.67
CA PHE C 293 -3.37 -23.28 24.28
C PHE C 293 -2.12 -23.78 23.56
N HIS C 294 -2.13 -23.91 22.23
CA HIS C 294 -0.94 -24.46 21.55
C HIS C 294 0.21 -23.47 21.62
N ARG C 295 -0.02 -22.18 21.39
CA ARG C 295 1.10 -21.23 21.44
C ARG C 295 1.68 -21.14 22.86
N GLN C 296 0.85 -21.23 23.90
N GLN C 296 0.82 -21.22 23.89
CA GLN C 296 1.37 -21.23 25.28
CA GLN C 296 1.19 -21.23 25.33
C GLN C 296 2.17 -22.52 25.54
C GLN C 296 2.05 -22.47 25.62
N ASP C 297 1.63 -23.65 25.14
CA ASP C 297 2.32 -24.94 25.32
C ASP C 297 3.72 -24.86 24.73
N LEU C 298 3.85 -24.29 23.51
CA LEU C 298 5.16 -24.21 22.84
C LEU C 298 6.07 -23.25 23.59
N TRP C 299 5.57 -22.06 23.88
N TRP C 299 5.55 -22.07 23.89
CA TRP C 299 6.33 -21.00 24.58
CA TRP C 299 6.30 -21.01 24.59
C TRP C 299 6.84 -21.59 25.90
C TRP C 299 6.84 -21.59 25.89
N ASP C 300 5.98 -22.21 26.67
CA ASP C 300 6.37 -22.72 28.00
C ASP C 300 7.41 -23.83 27.87
N ALA C 301 7.25 -24.76 26.91
CA ALA C 301 8.19 -25.89 26.72
C ALA C 301 9.57 -25.30 26.47
N ILE C 302 9.63 -24.25 25.65
CA ILE C 302 10.94 -23.61 25.39
C ILE C 302 11.47 -22.95 26.65
N GLU C 303 10.67 -22.20 27.38
CA GLU C 303 11.21 -21.46 28.56
C GLU C 303 11.69 -22.47 29.63
N SER C 304 11.12 -23.67 29.70
CA SER C 304 11.45 -24.69 30.75
C SER C 304 12.68 -25.49 30.34
N GLY C 305 13.24 -25.27 29.15
CA GLY C 305 14.37 -26.09 28.68
C GLY C 305 13.93 -27.40 28.09
N ASN C 306 12.68 -27.51 27.72
CA ASN C 306 12.08 -28.71 27.06
C ASN C 306 11.77 -28.37 25.58
N GLY C 307 12.70 -27.73 24.90
CA GLY C 307 12.49 -27.32 23.49
C GLY C 307 12.17 -28.53 22.63
N PRO C 308 11.06 -28.51 21.86
CA PRO C 308 10.65 -29.69 21.12
C PRO C 308 11.63 -30.08 20.02
N GLU C 309 11.65 -31.37 19.73
CA GLU C 309 12.56 -31.99 18.77
C GLU C 309 11.84 -32.83 17.74
N TRP C 310 12.36 -32.87 16.53
CA TRP C 310 11.88 -33.74 15.44
C TRP C 310 13.09 -34.35 14.75
N ASP C 311 12.97 -35.61 14.38
CA ASP C 311 13.90 -36.17 13.38
C ASP C 311 13.40 -35.75 12.01
N VAL C 312 14.23 -35.02 11.29
CA VAL C 312 13.97 -34.64 9.88
C VAL C 312 14.31 -35.82 8.98
N CYS C 313 13.30 -36.44 8.37
CA CYS C 313 13.45 -37.71 7.63
C CYS C 313 13.00 -37.50 6.19
N VAL C 314 13.46 -38.39 5.33
CA VAL C 314 12.92 -38.51 3.97
C VAL C 314 12.60 -39.97 3.65
N GLN C 315 11.62 -40.19 2.79
CA GLN C 315 11.51 -41.37 1.93
C GLN C 315 12.22 -41.02 0.63
N ILE C 316 13.01 -41.97 0.11
N ILE C 316 13.00 -41.94 0.06
CA ILE C 316 13.89 -41.77 -1.09
CA ILE C 316 13.78 -41.63 -1.17
C ILE C 316 13.53 -42.89 -2.05
C ILE C 316 13.69 -42.81 -2.11
N VAL C 317 13.12 -42.55 -3.27
CA VAL C 317 12.79 -43.58 -4.29
C VAL C 317 13.34 -43.11 -5.62
N ASP C 318 13.55 -44.04 -6.53
CA ASP C 318 14.09 -43.72 -7.86
C ASP C 318 13.07 -42.97 -8.72
N GLU C 319 13.55 -42.20 -9.68
CA GLU C 319 12.66 -41.59 -10.71
C GLU C 319 11.79 -42.65 -11.41
N SER C 320 12.32 -43.86 -11.59
CA SER C 320 11.60 -44.95 -12.30
C SER C 320 10.38 -45.43 -11.50
N GLN C 321 10.25 -45.05 -10.24
CA GLN C 321 9.17 -45.51 -9.33
C GLN C 321 8.04 -44.49 -9.26
N ALA C 322 8.02 -43.50 -10.14
CA ALA C 322 6.93 -42.49 -10.13
C ALA C 322 5.53 -43.12 -10.18
N GLN C 323 5.35 -44.26 -10.87
CA GLN C 323 4.02 -44.90 -11.01
C GLN C 323 4.08 -46.34 -10.45
N ALA C 324 5.16 -46.74 -9.79
CA ALA C 324 5.42 -48.14 -9.34
C ALA C 324 4.60 -48.55 -8.11
N PHE C 325 4.07 -47.64 -7.30
CA PHE C 325 3.44 -47.94 -6.00
C PHE C 325 1.90 -48.08 -6.13
N GLY C 326 1.30 -48.00 -7.32
CA GLY C 326 -0.18 -48.10 -7.45
C GLY C 326 -0.86 -46.75 -7.54
N PHE C 327 -0.07 -45.69 -7.59
CA PHE C 327 -0.57 -44.30 -7.71
C PHE C 327 0.61 -43.51 -8.26
N ASP C 328 0.38 -42.24 -8.53
CA ASP C 328 1.35 -41.36 -9.20
C ASP C 328 2.01 -40.52 -8.12
N LEU C 329 3.34 -40.48 -8.07
CA LEU C 329 4.03 -39.66 -7.06
C LEU C 329 3.84 -38.16 -7.32
N LEU C 330 3.29 -37.74 -8.44
CA LEU C 330 2.99 -36.31 -8.67
C LEU C 330 1.69 -35.92 -7.97
N ASP C 331 0.94 -36.88 -7.40
CA ASP C 331 -0.44 -36.69 -6.87
C ASP C 331 -0.35 -36.42 -5.37
N PRO C 332 -0.62 -35.17 -4.91
CA PRO C 332 -0.42 -34.81 -3.49
C PRO C 332 -1.53 -35.33 -2.57
N THR C 333 -2.46 -36.14 -3.09
CA THR C 333 -3.52 -36.80 -2.27
C THR C 333 -3.09 -38.21 -1.83
N LYS C 334 -1.85 -38.58 -2.12
CA LYS C 334 -1.37 -39.95 -1.87
C LYS C 334 -0.16 -39.93 -0.94
N ILE C 335 -0.06 -40.93 -0.03
CA ILE C 335 1.21 -41.21 0.69
C ILE C 335 1.91 -42.39 0.04
N ILE C 336 3.21 -42.44 0.19
CA ILE C 336 3.97 -43.70 -0.02
C ILE C 336 3.87 -44.46 1.29
N PRO C 337 3.15 -45.59 1.35
CA PRO C 337 3.16 -46.42 2.56
C PRO C 337 4.61 -46.70 3.00
N GLU C 338 4.89 -46.60 4.30
CA GLU C 338 6.25 -46.82 4.82
C GLU C 338 6.70 -48.26 4.55
N GLU C 339 5.77 -49.19 4.35
CA GLU C 339 6.14 -50.59 4.05
C GLU C 339 6.81 -50.65 2.68
N TYR C 340 6.58 -49.67 1.81
CA TYR C 340 7.17 -49.59 0.45
C TYR C 340 8.48 -48.83 0.41
N ALA C 341 8.68 -47.85 1.29
CA ALA C 341 9.84 -46.95 1.27
C ALA C 341 10.02 -46.47 2.71
N PRO C 342 11.03 -47.01 3.40
CA PRO C 342 11.22 -46.65 4.80
C PRO C 342 11.80 -45.24 4.91
N LEU C 343 11.74 -44.70 6.13
N LEU C 343 11.71 -44.70 6.12
CA LEU C 343 12.25 -43.34 6.43
CA LEU C 343 12.27 -43.37 6.42
C LEU C 343 13.74 -43.42 6.75
C LEU C 343 13.77 -43.48 6.63
N THR C 344 14.50 -42.47 6.19
CA THR C 344 15.94 -42.24 6.47
C THR C 344 16.00 -40.98 7.32
N LYS C 345 16.60 -41.06 8.49
CA LYS C 345 16.81 -39.91 9.37
C LYS C 345 17.94 -39.03 8.82
N LEU C 346 17.67 -37.75 8.52
CA LEU C 346 18.74 -36.85 8.01
C LEU C 346 19.40 -36.06 9.13
N GLY C 347 18.63 -35.58 10.09
CA GLY C 347 19.16 -34.71 11.16
C GLY C 347 18.11 -34.38 12.21
N LEU C 348 18.52 -33.57 13.17
CA LEU C 348 17.68 -33.15 14.30
C LEU C 348 17.24 -31.70 14.13
N LEU C 349 15.96 -31.49 14.28
CA LEU C 349 15.38 -30.12 14.40
C LEU C 349 15.00 -29.90 15.86
N LYS C 350 15.57 -28.86 16.49
CA LYS C 350 15.24 -28.52 17.88
C LYS C 350 14.85 -27.06 17.95
N LEU C 351 13.69 -26.77 18.53
CA LEU C 351 13.27 -25.37 18.81
C LEU C 351 13.57 -25.05 20.25
N ASP C 352 14.37 -24.02 20.50
CA ASP C 352 14.83 -23.76 21.88
C ASP C 352 14.93 -22.27 22.17
N ARG C 353 14.40 -21.38 21.35
CA ARG C 353 14.44 -19.93 21.66
C ARG C 353 13.12 -19.29 21.21
N ASN C 354 12.44 -18.65 22.12
CA ASN C 354 11.21 -17.92 21.76
C ASN C 354 11.57 -16.60 21.11
N PRO C 355 10.65 -16.03 20.33
CA PRO C 355 10.88 -14.70 19.79
C PRO C 355 10.97 -13.64 20.87
N THR C 356 11.55 -12.50 20.48
CA THR C 356 11.57 -11.27 21.31
C THR C 356 10.34 -10.40 21.02
N ASN C 357 10.00 -10.22 19.73
CA ASN C 357 8.79 -9.45 19.35
C ASN C 357 8.00 -10.35 18.41
N TYR C 358 6.82 -10.75 18.83
CA TYR C 358 5.92 -11.61 18.02
C TYR C 358 5.66 -11.00 16.66
N PHE C 359 5.24 -9.74 16.64
CA PHE C 359 4.86 -9.12 15.36
C PHE C 359 6.06 -9.18 14.41
N ALA C 360 7.21 -8.70 14.88
CA ALA C 360 8.39 -8.51 14.00
C ALA C 360 8.91 -9.84 13.47
N GLU C 361 8.81 -10.90 14.28
CA GLU C 361 9.41 -12.22 13.97
C GLU C 361 8.30 -13.16 13.46
N THR C 362 7.36 -13.54 14.30
CA THR C 362 6.32 -14.48 13.92
C THR C 362 5.35 -13.88 12.90
N GLU C 363 4.83 -12.69 13.13
CA GLU C 363 3.76 -12.23 12.20
C GLU C 363 4.40 -11.98 10.84
N GLN C 364 5.62 -11.44 10.81
CA GLN C 364 6.24 -11.00 9.53
C GLN C 364 7.02 -12.11 8.82
N VAL C 365 7.19 -13.33 9.40
CA VAL C 365 7.98 -14.34 8.65
C VAL C 365 7.20 -14.73 7.38
N MET C 366 7.89 -14.69 6.24
CA MET C 366 7.25 -14.87 4.93
C MET C 366 7.89 -16.06 4.22
N PHE C 367 7.29 -17.23 4.43
CA PHE C 367 7.82 -18.49 3.87
C PHE C 367 7.47 -18.59 2.39
N GLN C 368 8.29 -19.33 1.68
CA GLN C 368 8.06 -19.60 0.23
C GLN C 368 8.66 -20.94 -0.12
N PRO C 369 7.93 -21.82 -0.84
CA PRO C 369 8.59 -22.99 -1.48
C PRO C 369 9.57 -22.57 -2.57
N GLY C 370 9.50 -21.34 -3.06
CA GLY C 370 10.51 -20.80 -3.99
C GLY C 370 11.81 -20.53 -3.31
N HIS C 371 11.84 -20.51 -1.97
CA HIS C 371 13.12 -20.46 -1.22
C HIS C 371 13.74 -21.84 -1.27
N ILE C 372 14.41 -22.15 -2.37
CA ILE C 372 15.03 -23.48 -2.61
C ILE C 372 16.55 -23.31 -2.70
N VAL C 373 17.29 -24.39 -2.47
CA VAL C 373 18.77 -24.33 -2.51
C VAL C 373 19.26 -25.40 -3.46
N ARG C 374 20.49 -25.20 -3.96
CA ARG C 374 21.19 -26.23 -4.76
C ARG C 374 21.11 -27.57 -4.05
N GLY C 375 20.73 -28.60 -4.78
CA GLY C 375 20.60 -29.96 -4.26
C GLY C 375 19.15 -30.38 -4.05
N ILE C 376 18.22 -29.44 -4.19
CA ILE C 376 16.76 -29.73 -4.11
C ILE C 376 16.13 -29.27 -5.42
N ASP C 377 15.09 -29.95 -5.87
CA ASP C 377 14.33 -29.45 -7.04
C ASP C 377 12.87 -29.78 -6.84
N PHE C 378 12.07 -29.16 -7.66
CA PHE C 378 10.63 -29.37 -7.72
C PHE C 378 10.29 -30.63 -8.52
N THR C 379 9.05 -31.04 -8.40
CA THR C 379 8.41 -31.99 -9.32
C THR C 379 7.19 -31.31 -9.96
N GLU C 380 6.69 -32.01 -10.96
CA GLU C 380 5.51 -31.61 -11.74
C GLU C 380 4.19 -31.92 -11.02
N ASP C 381 4.16 -31.96 -9.71
CA ASP C 381 2.92 -32.01 -8.91
C ASP C 381 2.19 -30.69 -9.17
N PRO C 382 1.00 -30.69 -9.78
CA PRO C 382 0.34 -29.42 -10.17
C PRO C 382 -0.07 -28.55 -8.98
N LEU C 383 -0.11 -29.12 -7.79
CA LEU C 383 -0.41 -28.37 -6.54
C LEU C 383 0.86 -27.60 -6.18
N LEU C 384 2.00 -28.28 -6.15
CA LEU C 384 3.30 -27.62 -5.85
C LEU C 384 3.59 -26.54 -6.89
N GLN C 385 3.37 -26.85 -8.17
CA GLN C 385 3.77 -25.95 -9.27
C GLN C 385 3.12 -24.59 -9.03
N GLY C 386 1.84 -24.54 -8.68
CA GLY C 386 1.13 -23.25 -8.56
C GLY C 386 1.47 -22.55 -7.25
N ARG C 387 1.76 -23.32 -6.19
CA ARG C 387 2.27 -22.72 -4.94
C ARG C 387 3.45 -21.80 -5.20
N LEU C 388 4.35 -22.16 -6.13
CA LEU C 388 5.60 -21.37 -6.33
C LEU C 388 5.24 -19.94 -6.67
N PHE C 389 4.19 -19.76 -7.45
CA PHE C 389 3.68 -18.41 -7.81
C PHE C 389 3.09 -17.72 -6.60
N SER C 390 2.24 -18.40 -5.86
CA SER C 390 1.40 -17.76 -4.80
C SER C 390 2.25 -17.11 -3.70
N TYR C 391 3.27 -17.83 -3.24
CA TYR C 391 3.97 -17.37 -2.03
C TYR C 391 4.87 -16.17 -2.35
N LEU C 392 5.30 -15.99 -3.58
CA LEU C 392 6.07 -14.79 -3.89
C LEU C 392 5.12 -13.59 -3.97
N ASP C 393 4.00 -13.76 -4.65
CA ASP C 393 3.00 -12.71 -4.85
C ASP C 393 2.39 -12.27 -3.53
N THR C 394 1.97 -13.21 -2.68
CA THR C 394 1.19 -12.85 -1.49
C THR C 394 1.98 -11.96 -0.53
N GLN C 395 3.31 -12.01 -0.54
CA GLN C 395 4.06 -11.15 0.39
C GLN C 395 3.92 -9.68 0.02
N LEU C 396 3.60 -9.36 -1.24
CA LEU C 396 3.31 -7.97 -1.64
C LEU C 396 2.08 -7.47 -0.89
N ASN C 397 1.09 -8.33 -0.74
CA ASN C 397 -0.12 -7.97 0.03
C ASN C 397 0.27 -7.75 1.50
N ARG C 398 1.02 -8.67 2.07
CA ARG C 398 1.29 -8.60 3.52
C ARG C 398 2.18 -7.41 3.86
N ASN C 399 3.26 -7.23 3.10
CA ASN C 399 4.31 -6.24 3.39
C ASN C 399 3.95 -4.87 2.82
N GLY C 400 3.09 -4.83 1.80
CA GLY C 400 2.72 -3.60 1.12
C GLY C 400 3.80 -3.09 0.18
N GLY C 401 4.80 -3.87 -0.12
CA GLY C 401 5.92 -3.42 -0.97
C GLY C 401 6.85 -4.59 -1.22
N PRO C 402 7.79 -4.41 -2.12
CA PRO C 402 8.58 -5.53 -2.68
C PRO C 402 9.84 -5.94 -1.93
N ASN C 403 10.11 -5.24 -0.83
CA ASN C 403 11.40 -5.43 -0.13
C ASN C 403 11.20 -6.25 1.14
N PHE C 404 10.23 -7.16 1.14
CA PHE C 404 9.93 -8.03 2.29
C PHE C 404 11.12 -8.95 2.66
N GLU C 405 12.00 -9.31 1.74
CA GLU C 405 13.14 -10.18 2.10
C GLU C 405 14.14 -9.40 2.97
N GLN C 406 14.00 -8.10 3.11
CA GLN C 406 14.92 -7.29 3.94
C GLN C 406 14.47 -7.25 5.40
N LEU C 407 13.27 -7.71 5.71
CA LEU C 407 12.85 -7.79 7.13
C LEU C 407 13.81 -8.72 7.84
N PRO C 408 14.22 -8.40 9.08
CA PRO C 408 15.23 -9.21 9.76
C PRO C 408 14.94 -10.71 9.72
N ILE C 409 13.70 -11.10 10.03
CA ILE C 409 13.35 -12.54 10.07
C ILE C 409 13.47 -13.19 8.69
N ASN C 410 13.37 -12.41 7.61
CA ASN C 410 13.46 -12.96 6.23
C ASN C 410 14.85 -12.86 5.63
N MET C 411 15.76 -12.12 6.25
CA MET C 411 17.12 -11.94 5.70
C MET C 411 17.83 -13.29 5.72
N PRO C 412 18.73 -13.50 4.77
CA PRO C 412 19.64 -14.64 4.81
C PRO C 412 20.82 -14.32 5.73
N ARG C 413 21.62 -15.36 5.97
CA ARG C 413 22.82 -15.28 6.84
C ARG C 413 24.05 -15.35 5.95
N VAL C 414 23.95 -15.02 4.69
CA VAL C 414 25.09 -14.96 3.74
C VAL C 414 24.91 -13.74 2.87
N PRO C 415 25.95 -13.23 2.22
CA PRO C 415 25.83 -12.06 1.36
C PRO C 415 24.83 -12.21 0.22
N ILE C 416 24.25 -11.07 -0.12
CA ILE C 416 23.34 -10.91 -1.28
C ILE C 416 24.09 -10.16 -2.38
N HIS C 417 24.18 -10.74 -3.56
CA HIS C 417 24.80 -10.07 -4.73
C HIS C 417 23.82 -10.12 -5.90
N ASN C 418 23.04 -9.07 -6.10
CA ASN C 418 22.18 -9.07 -7.30
C ASN C 418 21.82 -7.64 -7.69
N ASN C 419 21.13 -7.54 -8.80
CA ASN C 419 20.82 -6.26 -9.46
C ASN C 419 19.37 -5.86 -9.22
N ASN C 420 18.74 -6.45 -8.21
CA ASN C 420 17.42 -5.95 -7.76
C ASN C 420 17.63 -4.58 -7.14
N ARG C 421 16.73 -3.65 -7.39
CA ARG C 421 16.92 -2.25 -6.92
C ARG C 421 15.59 -1.58 -6.57
N ASP C 422 15.72 -0.55 -5.74
CA ASP C 422 14.64 0.42 -5.50
C ASP C 422 13.46 -0.32 -4.88
N GLY C 423 12.24 0.12 -5.17
CA GLY C 423 11.04 -0.36 -4.51
C GLY C 423 10.77 0.32 -3.17
N ALA C 424 9.51 0.43 -2.78
CA ALA C 424 9.15 1.04 -1.47
C ALA C 424 9.92 0.32 -0.38
N GLY C 425 10.40 1.08 0.58
CA GLY C 425 11.01 0.48 1.77
C GLY C 425 12.41 -0.06 1.53
N GLN C 426 13.08 0.36 0.46
CA GLN C 426 14.45 -0.11 0.17
C GLN C 426 15.40 0.30 1.29
N MET C 427 16.00 -0.70 1.92
CA MET C 427 16.91 -0.48 3.09
C MET C 427 18.37 -0.48 2.65
N PHE C 428 18.72 -1.08 1.52
CA PHE C 428 20.14 -1.20 1.14
C PHE C 428 20.61 0.09 0.47
N ILE C 429 21.90 0.36 0.58
CA ILE C 429 22.57 1.44 -0.20
C ILE C 429 23.54 0.75 -1.13
N HIS C 430 23.11 0.48 -2.35
CA HIS C 430 23.93 -0.33 -3.28
C HIS C 430 25.08 0.50 -3.83
N ARG C 431 26.29 -0.02 -3.74
CA ARG C 431 27.51 0.64 -4.28
C ARG C 431 27.66 0.45 -5.78
N ASN C 432 27.14 -0.64 -6.34
CA ASN C 432 27.35 -0.95 -7.75
C ASN C 432 26.42 -0.11 -8.59
N LYS C 433 26.94 0.89 -9.30
N LYS C 433 27.03 0.83 -9.33
CA LYS C 433 26.06 1.80 -10.07
CA LYS C 433 26.36 1.84 -10.18
C LYS C 433 25.90 1.28 -11.51
C LYS C 433 25.93 1.28 -11.53
N TYR C 434 26.30 0.03 -11.80
CA TYR C 434 26.01 -0.61 -13.11
C TYR C 434 25.27 -1.91 -12.93
N PRO C 435 24.04 -1.90 -12.36
CA PRO C 435 23.31 -3.12 -12.06
C PRO C 435 22.57 -3.72 -13.24
N TYR C 436 23.34 -4.14 -14.25
CA TYR C 436 22.84 -4.86 -15.43
C TYR C 436 23.91 -5.88 -15.79
N THR C 437 23.43 -6.92 -16.42
CA THR C 437 24.21 -8.04 -17.01
C THR C 437 23.80 -8.09 -18.46
N PRO C 438 24.70 -8.22 -19.44
CA PRO C 438 26.15 -8.17 -19.24
C PRO C 438 26.69 -6.75 -19.16
N ASN C 439 27.70 -6.58 -18.33
CA ASN C 439 28.38 -5.29 -18.13
C ASN C 439 29.90 -5.47 -18.26
N THR C 440 30.60 -4.42 -18.68
CA THR C 440 32.05 -4.25 -18.44
C THR C 440 32.30 -3.23 -17.35
N LEU C 441 31.38 -2.29 -17.08
CA LEU C 441 31.69 -1.17 -16.17
C LEU C 441 31.69 -1.60 -14.70
N ASN C 442 31.16 -2.79 -14.36
CA ASN C 442 31.38 -3.41 -13.03
C ASN C 442 32.16 -4.73 -13.20
N SER C 443 32.96 -4.83 -14.27
CA SER C 443 33.87 -5.97 -14.53
C SER C 443 33.13 -7.31 -14.64
N GLY C 444 31.86 -7.31 -15.08
CA GLY C 444 31.09 -8.53 -15.23
C GLY C 444 30.57 -9.12 -13.94
N TYR C 445 30.57 -8.37 -12.86
CA TYR C 445 29.99 -8.84 -11.57
C TYR C 445 28.63 -8.19 -11.36
N PRO C 446 27.71 -8.87 -10.66
CA PRO C 446 27.90 -10.24 -10.16
C PRO C 446 28.01 -11.26 -11.30
N ARG C 447 28.73 -12.36 -11.04
CA ARG C 447 28.88 -13.46 -12.02
C ARG C 447 27.67 -14.41 -11.99
N GLN C 448 27.33 -15.01 -13.12
CA GLN C 448 26.22 -15.99 -13.19
C GLN C 448 26.63 -17.25 -12.44
N ALA C 449 25.71 -17.82 -11.65
CA ALA C 449 25.96 -19.08 -10.95
C ALA C 449 25.09 -20.14 -11.59
N ASN C 450 25.63 -21.35 -11.74
CA ASN C 450 24.91 -22.45 -12.41
C ASN C 450 25.47 -23.81 -11.94
N GLN C 451 25.13 -24.88 -12.64
CA GLN C 451 25.59 -26.23 -12.25
C GLN C 451 27.13 -26.21 -12.15
N ASN C 452 27.79 -25.55 -13.09
CA ASN C 452 29.26 -25.70 -13.25
C ASN C 452 30.03 -24.57 -12.58
N ALA C 453 29.41 -23.52 -12.04
CA ALA C 453 30.16 -22.39 -11.45
C ALA C 453 29.37 -21.72 -10.32
N GLY C 454 30.06 -21.31 -9.28
CA GLY C 454 29.48 -20.49 -8.22
C GLY C 454 28.40 -21.18 -7.42
N ARG C 455 28.33 -22.51 -7.43
CA ARG C 455 27.36 -23.30 -6.62
C ARG C 455 25.94 -22.84 -6.96
N GLY C 456 25.68 -22.55 -8.24
CA GLY C 456 24.32 -22.09 -8.56
C GLY C 456 23.29 -23.18 -8.34
N PHE C 457 22.06 -22.78 -8.05
CA PHE C 457 20.89 -23.65 -8.22
C PHE C 457 20.87 -24.15 -9.66
N PHE C 458 20.44 -25.38 -9.90
CA PHE C 458 20.13 -25.84 -11.26
C PHE C 458 18.97 -26.82 -11.20
N THR C 459 18.13 -26.75 -12.23
CA THR C 459 17.00 -27.68 -12.44
C THR C 459 17.59 -29.07 -12.70
N ALA C 460 17.02 -30.10 -12.12
CA ALA C 460 17.53 -31.48 -12.32
C ALA C 460 17.68 -31.69 -13.83
N PRO C 461 18.89 -31.96 -14.33
CA PRO C 461 19.08 -31.97 -15.78
C PRO C 461 18.43 -33.14 -16.53
N GLY C 462 17.98 -34.17 -15.82
CA GLY C 462 17.23 -35.30 -16.39
C GLY C 462 15.78 -34.97 -16.67
N ARG C 463 15.29 -33.81 -16.21
CA ARG C 463 13.85 -33.53 -16.30
C ARG C 463 13.49 -33.13 -17.73
N THR C 464 12.34 -33.61 -18.19
CA THR C 464 11.88 -33.36 -19.57
C THR C 464 10.40 -33.02 -19.54
N ALA C 465 9.88 -32.55 -20.65
CA ALA C 465 8.44 -32.44 -20.84
C ALA C 465 8.12 -32.91 -22.25
N SER C 466 6.96 -33.48 -22.44
CA SER C 466 6.59 -33.92 -23.80
C SER C 466 5.08 -33.97 -23.88
N GLY C 467 4.52 -33.44 -24.94
CA GLY C 467 3.08 -33.63 -25.24
C GLY C 467 2.43 -32.32 -25.59
N ALA C 468 1.10 -32.33 -25.64
CA ALA C 468 0.28 -31.15 -25.94
C ALA C 468 0.32 -30.22 -24.74
N LEU C 469 0.13 -28.95 -25.01
CA LEU C 469 -0.15 -27.94 -23.95
C LEU C 469 -1.61 -28.08 -23.55
N VAL C 470 -1.90 -28.63 -22.35
CA VAL C 470 -3.25 -29.10 -22.00
C VAL C 470 -3.66 -28.56 -20.62
N ARG C 471 -4.93 -28.31 -20.49
CA ARG C 471 -5.62 -28.09 -19.19
C ARG C 471 -6.43 -29.36 -18.92
N GLU C 472 -5.72 -30.49 -18.78
CA GLU C 472 -6.36 -31.80 -18.55
C GLU C 472 -5.70 -32.47 -17.34
N VAL C 473 -6.51 -33.19 -16.55
CA VAL C 473 -6.05 -33.99 -15.38
C VAL C 473 -5.51 -35.32 -15.84
N SER C 474 -4.37 -35.73 -15.32
CA SER C 474 -3.80 -37.06 -15.58
C SER C 474 -4.76 -38.12 -15.08
N PRO C 475 -5.13 -39.15 -15.89
CA PRO C 475 -5.99 -40.22 -15.41
C PRO C 475 -5.32 -41.01 -14.28
N THR C 476 -3.99 -40.90 -14.10
CA THR C 476 -3.27 -41.56 -13.00
C THR C 476 -3.68 -40.98 -11.63
N PHE C 477 -4.40 -39.86 -11.64
CA PHE C 477 -4.81 -39.15 -10.40
C PHE C 477 -6.22 -39.56 -9.95
N ASN C 478 -6.89 -40.44 -10.69
CA ASN C 478 -8.36 -40.58 -10.58
C ASN C 478 -8.82 -41.43 -9.37
N ASP C 479 -8.00 -42.22 -8.70
CA ASP C 479 -8.50 -43.02 -7.55
C ASP C 479 -8.49 -42.14 -6.28
N HIS C 480 -9.65 -41.60 -5.95
CA HIS C 480 -9.79 -40.68 -4.80
C HIS C 480 -10.16 -41.43 -3.51
N TRP C 481 -10.33 -42.75 -3.54
CA TRP C 481 -11.01 -43.44 -2.41
C TRP C 481 -10.18 -44.54 -1.76
N SER C 482 -9.26 -45.19 -2.47
CA SER C 482 -8.50 -46.35 -1.91
C SER C 482 -7.64 -45.90 -0.74
N GLN C 483 -6.98 -44.75 -0.84
CA GLN C 483 -6.04 -44.30 0.23
C GLN C 483 -6.83 -43.81 1.43
N PRO C 484 -7.95 -43.07 1.28
CA PRO C 484 -8.78 -42.81 2.45
C PRO C 484 -9.16 -44.10 3.20
N ARG C 485 -9.43 -45.15 2.43
CA ARG C 485 -9.84 -46.43 3.04
C ARG C 485 -8.63 -47.06 3.70
N LEU C 486 -7.42 -46.99 3.11
CA LEU C 486 -6.14 -47.44 3.72
C LEU C 486 -5.94 -46.73 5.07
N PHE C 487 -6.16 -45.41 5.10
CA PHE C 487 -5.98 -44.62 6.35
C PHE C 487 -6.99 -45.11 7.40
N PHE C 488 -8.25 -45.18 7.02
CA PHE C 488 -9.34 -45.59 7.95
C PHE C 488 -9.05 -46.99 8.53
N ASN C 489 -8.59 -47.91 7.68
CA ASN C 489 -8.32 -49.31 8.12
C ASN C 489 -7.18 -49.35 9.11
N SER C 490 -6.29 -48.35 9.11
CA SER C 490 -5.06 -48.32 9.92
C SER C 490 -5.32 -47.73 11.31
N LEU C 491 -6.52 -47.28 11.60
CA LEU C 491 -6.88 -46.68 12.90
C LEU C 491 -7.39 -47.83 13.78
N THR C 492 -7.31 -47.64 15.08
CA THR C 492 -7.83 -48.61 16.08
C THR C 492 -9.33 -48.46 16.14
N PRO C 493 -10.04 -49.45 16.70
CA PRO C 493 -11.49 -49.35 16.73
C PRO C 493 -12.02 -48.08 17.41
N VAL C 494 -11.42 -47.67 18.54
CA VAL C 494 -11.92 -46.45 19.24
C VAL C 494 -11.62 -45.22 18.37
N GLU C 495 -10.49 -45.25 17.70
CA GLU C 495 -10.10 -44.16 16.81
C GLU C 495 -11.02 -44.08 15.58
N GLN C 496 -11.45 -45.21 15.01
CA GLN C 496 -12.47 -45.22 13.95
C GLN C 496 -13.76 -44.60 14.48
N GLN C 497 -14.14 -44.93 15.72
CA GLN C 497 -15.35 -44.36 16.33
C GLN C 497 -15.21 -42.83 16.46
N PHE C 498 -14.06 -42.35 16.91
CA PHE C 498 -13.83 -40.88 17.03
C PHE C 498 -14.02 -40.21 15.67
N LEU C 499 -13.51 -40.86 14.63
CA LEU C 499 -13.57 -40.26 13.27
C LEU C 499 -15.02 -40.23 12.79
N VAL C 500 -15.72 -41.36 12.96
CA VAL C 500 -17.18 -41.42 12.67
C VAL C 500 -17.88 -40.31 13.45
N ASN C 501 -17.51 -40.14 14.74
CA ASN C 501 -18.24 -39.16 15.62
C ASN C 501 -17.92 -37.71 15.21
N ALA C 502 -16.73 -37.45 14.68
CA ALA C 502 -16.39 -36.11 14.14
C ALA C 502 -17.25 -35.84 12.90
N MET C 503 -17.37 -36.83 12.01
CA MET C 503 -18.24 -36.67 10.83
C MET C 503 -19.73 -36.54 11.22
N ARG C 504 -20.18 -37.33 12.19
CA ARG C 504 -21.58 -37.19 12.66
C ARG C 504 -21.83 -35.80 13.22
N PHE C 505 -20.88 -35.26 14.00
CA PHE C 505 -20.99 -33.91 14.59
C PHE C 505 -21.16 -32.90 13.45
N GLU C 506 -20.18 -32.85 12.56
CA GLU C 506 -20.12 -31.79 11.50
C GLU C 506 -21.26 -31.95 10.51
N ILE C 507 -21.51 -33.16 10.02
CA ILE C 507 -22.51 -33.33 8.94
C ILE C 507 -23.90 -33.10 9.51
N SER C 508 -24.11 -33.29 10.81
CA SER C 508 -25.45 -33.02 11.41
C SER C 508 -25.77 -31.54 11.40
N LEU C 509 -24.76 -30.65 11.26
CA LEU C 509 -24.94 -29.18 11.25
C LEU C 509 -25.10 -28.68 9.82
N VAL C 510 -24.97 -29.53 8.80
CA VAL C 510 -25.24 -29.17 7.39
C VAL C 510 -26.75 -29.05 7.18
N LYS C 511 -27.26 -27.91 6.76
CA LYS C 511 -28.73 -27.66 6.65
C LYS C 511 -29.29 -28.37 5.41
N SER C 512 -28.57 -28.36 4.30
CA SER C 512 -29.01 -28.92 2.99
C SER C 512 -29.12 -30.45 3.07
N GLU C 513 -30.33 -31.00 2.88
CA GLU C 513 -30.53 -32.46 2.76
C GLU C 513 -29.80 -33.03 1.54
N GLU C 514 -29.75 -32.30 0.41
N GLU C 514 -29.79 -32.28 0.45
CA GLU C 514 -29.05 -32.79 -0.81
CA GLU C 514 -29.08 -32.62 -0.81
C GLU C 514 -27.54 -32.80 -0.58
C GLU C 514 -27.60 -32.81 -0.50
N VAL C 515 -27.00 -31.84 0.15
CA VAL C 515 -25.53 -31.87 0.44
C VAL C 515 -25.29 -33.08 1.31
N LYS C 516 -26.13 -33.30 2.33
CA LYS C 516 -25.89 -34.45 3.25
C LYS C 516 -25.92 -35.78 2.46
N LYS C 517 -26.88 -35.91 1.55
N LYS C 517 -26.90 -35.91 1.56
CA LYS C 517 -27.01 -37.11 0.69
CA LYS C 517 -27.02 -37.08 0.67
C LYS C 517 -25.76 -37.25 -0.18
C LYS C 517 -25.73 -37.25 -0.14
N ASN C 518 -25.25 -36.16 -0.75
CA ASN C 518 -24.04 -36.19 -1.60
C ASN C 518 -22.83 -36.58 -0.74
N VAL C 519 -22.78 -36.12 0.51
CA VAL C 519 -21.65 -36.48 1.40
C VAL C 519 -21.70 -38.00 1.62
N LEU C 520 -22.88 -38.56 1.90
CA LEU C 520 -22.95 -40.02 2.14
C LEU C 520 -22.55 -40.81 0.88
N THR C 521 -22.92 -40.31 -0.30
CA THR C 521 -22.51 -40.95 -1.59
C THR C 521 -20.99 -41.03 -1.60
N GLN C 522 -20.28 -39.95 -1.26
CA GLN C 522 -18.80 -40.00 -1.35
C GLN C 522 -18.21 -40.86 -0.26
N LEU C 523 -18.68 -40.70 0.98
CA LEU C 523 -18.14 -41.49 2.09
C LEU C 523 -18.32 -42.98 1.77
N ASN C 524 -19.49 -43.33 1.23
CA ASN C 524 -19.79 -44.75 0.90
C ASN C 524 -18.76 -45.32 -0.07
N ARG C 525 -18.16 -44.51 -0.94
CA ARG C 525 -17.14 -45.04 -1.88
C ARG C 525 -15.86 -45.44 -1.15
N VAL C 526 -15.57 -44.83 0.02
CA VAL C 526 -14.44 -45.19 0.90
C VAL C 526 -14.79 -46.41 1.75
N SER C 527 -15.97 -46.36 2.42
CA SER C 527 -16.40 -47.38 3.41
C SER C 527 -17.92 -47.33 3.51
N HIS C 528 -18.59 -48.45 3.22
CA HIS C 528 -20.06 -48.49 3.43
C HIS C 528 -20.36 -48.34 4.92
N ASP C 529 -19.53 -48.93 5.75
CA ASP C 529 -19.72 -48.90 7.22
C ASP C 529 -19.63 -47.47 7.75
N VAL C 530 -18.68 -46.67 7.26
CA VAL C 530 -18.63 -45.22 7.60
C VAL C 530 -19.94 -44.55 7.18
N ALA C 531 -20.42 -44.81 5.97
CA ALA C 531 -21.62 -44.14 5.46
C ALA C 531 -22.79 -44.54 6.36
N VAL C 532 -22.89 -45.82 6.72
CA VAL C 532 -24.04 -46.33 7.54
C VAL C 532 -24.04 -45.65 8.91
N ARG C 533 -22.87 -45.57 9.51
CA ARG C 533 -22.75 -45.10 10.91
C ARG C 533 -22.96 -43.60 10.94
N VAL C 534 -22.45 -42.89 9.94
CA VAL C 534 -22.70 -41.43 9.83
C VAL C 534 -24.19 -41.19 9.56
N ALA C 535 -24.75 -41.90 8.57
CA ALA C 535 -26.17 -41.76 8.18
C ALA C 535 -27.11 -41.91 9.39
N ALA C 536 -26.78 -42.82 10.30
CA ALA C 536 -27.61 -43.11 11.49
C ALA C 536 -27.78 -41.84 12.33
N ALA C 537 -26.72 -41.02 12.44
CA ALA C 537 -26.80 -39.77 13.25
C ALA C 537 -27.66 -38.71 12.57
N ILE C 538 -27.77 -38.71 11.23
CA ILE C 538 -28.40 -37.60 10.48
C ILE C 538 -29.76 -38.03 9.86
N GLY C 539 -30.29 -39.19 10.22
CA GLY C 539 -31.67 -39.65 9.90
C GLY C 539 -31.85 -39.92 8.41
N LEU C 540 -30.76 -40.22 7.71
CA LEU C 540 -30.80 -40.60 6.28
C LEU C 540 -30.37 -42.05 6.18
N GLY C 541 -30.76 -42.70 5.10
CA GLY C 541 -30.23 -44.02 4.81
C GLY C 541 -28.97 -43.91 3.98
N ALA C 542 -28.00 -44.74 4.26
CA ALA C 542 -26.79 -44.77 3.45
C ALA C 542 -27.17 -45.39 2.12
N PRO C 543 -26.49 -44.99 1.05
CA PRO C 543 -26.66 -45.65 -0.24
C PRO C 543 -26.07 -47.06 -0.20
N ASP C 544 -26.48 -47.87 -1.16
CA ASP C 544 -26.02 -49.27 -1.20
C ASP C 544 -24.50 -49.26 -1.38
N ALA C 545 -23.87 -50.27 -0.82
CA ALA C 545 -22.43 -50.49 -0.90
C ALA C 545 -21.98 -50.41 -2.35
N ASP C 546 -20.84 -49.78 -2.56
CA ASP C 546 -20.17 -49.70 -3.89
C ASP C 546 -18.73 -50.13 -3.66
N ASP C 547 -18.39 -51.38 -3.96
CA ASP C 547 -17.12 -51.98 -3.47
C ASP C 547 -15.93 -51.73 -4.38
N THR C 548 -16.04 -50.85 -5.36
CA THR C 548 -14.98 -50.63 -6.40
C THR C 548 -13.66 -50.40 -5.68
N TYR C 549 -13.63 -49.54 -4.65
CA TYR C 549 -12.36 -49.14 -3.99
C TYR C 549 -12.21 -49.74 -2.59
N TYR C 550 -13.12 -50.61 -2.15
CA TYR C 550 -13.01 -51.22 -0.80
C TYR C 550 -11.84 -52.19 -0.79
N HIS C 551 -11.16 -52.26 0.33
CA HIS C 551 -10.04 -53.19 0.60
C HIS C 551 -9.71 -53.23 2.09
N ASN C 552 -8.88 -54.17 2.50
CA ASN C 552 -8.57 -54.41 3.93
C ASN C 552 -7.12 -54.05 4.24
N ASN C 553 -6.43 -53.33 3.35
CA ASN C 553 -4.98 -53.06 3.56
C ASN C 553 -4.79 -51.99 4.65
N LYS C 554 -3.67 -52.08 5.35
CA LYS C 554 -3.32 -51.18 6.48
C LYS C 554 -1.92 -50.65 6.26
N THR C 555 -1.60 -49.54 6.92
CA THR C 555 -0.23 -48.99 6.92
C THR C 555 0.15 -48.51 8.32
N ALA C 556 1.43 -48.68 8.64
CA ALA C 556 2.04 -48.32 9.92
C ALA C 556 2.25 -46.80 9.98
N GLY C 557 2.18 -46.28 11.19
CA GLY C 557 2.68 -44.90 11.44
C GLY C 557 1.62 -43.83 11.29
N VAL C 558 0.35 -44.13 11.02
CA VAL C 558 -0.67 -43.04 10.82
C VAL C 558 -1.60 -42.97 12.02
N SER C 559 -1.72 -44.05 12.78
CA SER C 559 -2.60 -44.09 13.98
C SER C 559 -1.98 -43.32 15.14
N ILE C 560 -2.77 -42.49 15.80
CA ILE C 560 -2.33 -41.85 17.07
C ILE C 560 -2.53 -42.84 18.22
N VAL C 561 -3.74 -43.40 18.36
CA VAL C 561 -4.13 -44.31 19.49
C VAL C 561 -3.18 -45.50 19.48
N GLY C 562 -2.78 -45.99 18.31
CA GLY C 562 -1.91 -47.18 18.19
C GLY C 562 -0.43 -46.87 18.24
N SER C 563 -0.01 -45.63 18.50
CA SER C 563 1.44 -45.25 18.46
C SER C 563 2.08 -45.48 19.82
N GLY C 564 1.30 -45.95 20.81
CA GLY C 564 1.82 -46.55 22.06
C GLY C 564 2.07 -45.44 23.06
N PRO C 565 2.72 -45.73 24.20
CA PRO C 565 2.90 -44.71 25.23
C PRO C 565 3.84 -43.61 24.72
N LEU C 566 3.62 -42.39 25.22
CA LEU C 566 4.51 -41.26 24.89
C LEU C 566 5.93 -41.61 25.30
N PRO C 567 6.94 -41.14 24.57
CA PRO C 567 8.32 -41.43 24.92
C PRO C 567 8.91 -40.57 26.05
N THR C 568 8.18 -39.53 26.44
CA THR C 568 8.53 -38.64 27.56
C THR C 568 7.25 -38.03 28.10
N ILE C 569 7.20 -37.83 29.40
CA ILE C 569 6.06 -37.12 30.05
C ILE C 569 6.52 -35.76 30.53
N LYS C 570 7.78 -35.39 30.30
CA LYS C 570 8.20 -34.02 30.65
C LYS C 570 7.25 -33.00 30.00
N THR C 571 6.95 -31.92 30.74
CA THR C 571 6.01 -30.86 30.36
C THR C 571 4.55 -31.22 30.55
N LEU C 572 4.21 -32.49 30.73
CA LEU C 572 2.77 -32.79 30.91
C LEU C 572 2.25 -32.17 32.22
N ARG C 573 0.98 -31.84 32.21
CA ARG C 573 0.37 -30.96 33.23
C ARG C 573 -0.42 -31.80 34.23
N VAL C 574 -0.10 -31.62 35.51
CA VAL C 574 -0.85 -32.33 36.59
C VAL C 574 -1.53 -31.30 37.46
N GLY C 575 -2.84 -31.35 37.47
CA GLY C 575 -3.68 -30.56 38.36
C GLY C 575 -3.93 -31.28 39.66
N ILE C 576 -3.52 -30.66 40.75
CA ILE C 576 -3.74 -31.18 42.13
C ILE C 576 -4.87 -30.36 42.76
N LEU C 577 -6.00 -31.01 43.03
CA LEU C 577 -7.20 -30.31 43.57
C LEU C 577 -7.13 -30.40 45.10
N ALA C 578 -6.95 -29.26 45.74
CA ALA C 578 -6.75 -29.18 47.20
C ALA C 578 -7.79 -28.25 47.81
N THR C 579 -7.58 -27.89 49.09
CA THR C 579 -8.49 -26.99 49.80
C THR C 579 -7.63 -26.20 50.78
N THR C 580 -8.01 -24.95 51.01
CA THR C 580 -7.40 -24.11 52.07
C THR C 580 -8.02 -24.44 53.44
N SER C 581 -9.14 -25.17 53.45
N SER C 581 -9.09 -25.24 53.46
CA SER C 581 -9.88 -25.57 54.69
CA SER C 581 -9.91 -25.52 54.67
C SER C 581 -8.96 -26.33 55.63
C SER C 581 -9.25 -26.60 55.55
N GLU C 582 -8.19 -27.24 55.06
CA GLU C 582 -7.48 -28.32 55.76
C GLU C 582 -5.99 -28.10 55.52
N SER C 583 -5.24 -27.74 56.54
CA SER C 583 -3.78 -27.51 56.43
C SER C 583 -3.12 -28.81 55.95
N SER C 584 -3.70 -29.96 56.29
CA SER C 584 -3.16 -31.26 55.82
C SER C 584 -3.37 -31.44 54.29
N ALA C 585 -4.44 -30.92 53.69
CA ALA C 585 -4.62 -30.97 52.20
C ALA C 585 -3.48 -30.18 51.52
N LEU C 586 -3.13 -29.01 52.03
CA LEU C 586 -2.04 -28.21 51.43
C LEU C 586 -0.71 -28.95 51.62
N ASP C 587 -0.54 -29.63 52.75
N ASP C 587 -0.51 -29.64 52.74
CA ASP C 587 0.70 -30.42 53.00
CA ASP C 587 0.74 -30.42 52.95
C ASP C 587 0.78 -31.57 51.99
C ASP C 587 0.78 -31.58 51.96
N GLN C 588 -0.33 -32.28 51.77
CA GLN C 588 -0.37 -33.38 50.78
C GLN C 588 -0.01 -32.80 49.40
N ALA C 589 -0.60 -31.67 49.05
CA ALA C 589 -0.36 -31.08 47.70
C ALA C 589 1.12 -30.71 47.54
N ALA C 590 1.74 -30.14 48.58
CA ALA C 590 3.16 -29.74 48.55
C ALA C 590 4.04 -30.98 48.39
N GLN C 591 3.72 -32.07 49.05
CA GLN C 591 4.52 -33.32 48.97
C GLN C 591 4.41 -33.89 47.55
N LEU C 592 3.20 -33.95 47.02
CA LEU C 592 2.95 -34.41 45.64
C LEU C 592 3.69 -33.53 44.65
N ARG C 593 3.62 -32.22 44.83
CA ARG C 593 4.29 -31.27 43.91
C ARG C 593 5.77 -31.59 43.79
N THR C 594 6.43 -31.72 44.95
N THR C 594 6.48 -31.72 44.92
CA THR C 594 7.88 -32.02 45.05
CA THR C 594 7.96 -31.96 44.90
C THR C 594 8.20 -33.27 44.22
C THR C 594 8.23 -33.29 44.17
N ARG C 595 7.41 -34.34 44.42
CA ARG C 595 7.66 -35.66 43.81
C ARG C 595 7.41 -35.57 42.29
N LEU C 596 6.40 -34.83 41.87
CA LEU C 596 6.05 -34.74 40.42
C LEU C 596 7.02 -33.81 39.68
N GLU C 597 7.40 -32.69 40.29
CA GLU C 597 8.31 -31.69 39.69
C GLU C 597 9.68 -32.31 39.47
N LYS C 598 10.07 -33.29 40.31
CA LYS C 598 11.39 -33.95 40.19
C LYS C 598 11.48 -34.58 38.80
N ASP C 599 10.35 -35.03 38.27
CA ASP C 599 10.29 -35.77 36.98
C ASP C 599 9.94 -34.84 35.80
N GLY C 600 9.88 -33.54 36.00
CA GLY C 600 9.66 -32.57 34.92
C GLY C 600 8.21 -32.39 34.54
N LEU C 601 7.26 -32.82 35.37
CA LEU C 601 5.84 -32.50 35.15
C LEU C 601 5.56 -31.08 35.58
N VAL C 602 4.57 -30.44 34.97
CA VAL C 602 4.17 -29.05 35.32
C VAL C 602 2.99 -29.16 36.27
N VAL C 603 3.22 -28.80 37.52
CA VAL C 603 2.24 -29.00 38.60
C VAL C 603 1.48 -27.70 38.81
N THR C 604 0.16 -27.79 38.86
CA THR C 604 -0.73 -26.73 39.27
C THR C 604 -1.47 -27.20 40.53
N VAL C 605 -1.26 -26.53 41.65
CA VAL C 605 -2.13 -26.75 42.86
C VAL C 605 -3.32 -25.81 42.76
N VAL C 606 -4.54 -26.32 42.84
CA VAL C 606 -5.80 -25.58 42.76
C VAL C 606 -6.44 -25.54 44.15
N ALA C 607 -6.95 -24.40 44.57
CA ALA C 607 -7.75 -24.35 45.80
C ALA C 607 -8.76 -23.22 45.68
N GLU C 608 -9.49 -22.91 46.74
CA GLU C 608 -10.59 -21.93 46.68
C GLU C 608 -10.03 -20.52 46.46
N THR C 609 -8.87 -20.26 47.03
CA THR C 609 -8.19 -18.95 47.04
C THR C 609 -6.70 -19.19 46.91
N LEU C 610 -5.98 -18.20 46.42
CA LEU C 610 -4.51 -18.27 46.27
C LEU C 610 -3.87 -18.02 47.63
N ARG C 611 -2.70 -18.63 47.79
CA ARG C 611 -1.76 -18.46 48.90
C ARG C 611 -0.45 -19.14 48.49
N GLU C 612 0.58 -19.04 49.31
CA GLU C 612 1.87 -19.68 48.98
C GLU C 612 1.61 -21.16 48.63
N GLY C 613 2.09 -21.61 47.49
CA GLY C 613 1.99 -23.02 47.10
C GLY C 613 0.72 -23.35 46.34
N VAL C 614 -0.22 -22.41 46.22
CA VAL C 614 -1.46 -22.59 45.40
C VAL C 614 -1.31 -21.72 44.15
N ASP C 615 -1.45 -22.30 42.98
CA ASP C 615 -1.18 -21.61 41.68
C ASP C 615 -2.46 -20.98 41.10
N GLN C 616 -3.59 -21.67 41.18
N GLN C 616 -3.61 -21.54 41.44
CA GLN C 616 -4.87 -21.21 40.59
CA GLN C 616 -4.83 -21.30 40.67
C GLN C 616 -6.01 -21.44 41.57
C GLN C 616 -6.06 -21.52 41.54
N THR C 617 -7.08 -20.68 41.38
CA THR C 617 -8.35 -20.84 42.08
C THR C 617 -9.22 -21.78 41.29
N TYR C 618 -10.15 -22.43 41.99
CA TYR C 618 -11.17 -23.24 41.30
C TYR C 618 -11.95 -22.41 40.29
N SER C 619 -12.06 -21.10 40.49
CA SER C 619 -12.81 -20.25 39.55
C SER C 619 -12.14 -20.27 38.17
N THR C 620 -10.82 -20.27 38.12
CA THR C 620 -10.11 -20.18 36.81
C THR C 620 -9.74 -21.56 36.29
N ALA C 621 -9.88 -22.60 37.11
CA ALA C 621 -9.36 -23.94 36.75
C ALA C 621 -10.37 -24.67 35.88
N ASP C 622 -9.85 -25.57 35.05
CA ASP C 622 -10.70 -26.39 34.17
C ASP C 622 -9.91 -27.66 33.86
N ALA C 623 -10.60 -28.77 33.63
CA ALA C 623 -9.92 -30.04 33.27
C ALA C 623 -9.11 -29.92 31.98
N THR C 624 -9.51 -29.01 31.09
CA THR C 624 -8.72 -28.80 29.84
C THR C 624 -7.34 -28.24 30.17
N GLY C 625 -7.09 -27.75 31.36
CA GLY C 625 -5.79 -27.25 31.77
C GLY C 625 -4.83 -28.34 32.17
N PHE C 626 -5.25 -29.61 32.17
CA PHE C 626 -4.42 -30.69 32.76
C PHE C 626 -4.38 -31.92 31.88
N ASP C 627 -3.27 -32.66 31.94
CA ASP C 627 -3.19 -34.01 31.31
C ASP C 627 -3.53 -35.10 32.33
N GLY C 628 -3.52 -34.74 33.60
CA GLY C 628 -3.89 -35.68 34.68
C GLY C 628 -4.40 -34.86 35.85
N VAL C 629 -5.34 -35.42 36.61
CA VAL C 629 -5.90 -34.73 37.77
C VAL C 629 -5.81 -35.61 39.01
N VAL C 630 -5.32 -35.04 40.08
CA VAL C 630 -5.19 -35.74 41.38
C VAL C 630 -5.94 -34.94 42.41
N VAL C 631 -6.75 -35.61 43.22
CA VAL C 631 -7.41 -34.99 44.40
C VAL C 631 -6.63 -35.46 45.61
N VAL C 632 -6.20 -34.54 46.47
CA VAL C 632 -5.61 -34.95 47.78
C VAL C 632 -6.77 -35.25 48.72
N ASP C 633 -6.71 -36.34 49.51
CA ASP C 633 -7.93 -36.80 50.22
C ASP C 633 -8.30 -35.84 51.34
N GLY C 634 -7.39 -34.98 51.79
CA GLY C 634 -7.74 -33.88 52.72
C GLY C 634 -8.79 -32.95 52.12
N ALA C 635 -8.97 -32.91 50.80
CA ALA C 635 -9.96 -32.03 50.13
C ALA C 635 -11.27 -32.75 49.82
N ALA C 636 -11.51 -33.96 50.35
CA ALA C 636 -12.67 -34.78 49.91
C ALA C 636 -14.01 -34.06 50.10
N ALA C 637 -14.13 -33.21 51.11
CA ALA C 637 -15.38 -32.48 51.41
C ALA C 637 -15.85 -31.62 50.23
N LEU C 638 -14.92 -31.09 49.43
N LEU C 638 -14.96 -31.07 49.40
CA LEU C 638 -15.25 -30.22 48.26
CA LEU C 638 -15.40 -30.23 48.25
C LEU C 638 -15.90 -31.03 47.13
C LEU C 638 -16.13 -31.07 47.20
N PHE C 639 -15.89 -32.37 47.20
CA PHE C 639 -16.34 -33.26 46.10
C PHE C 639 -17.77 -33.74 46.38
N ALA C 640 -18.43 -33.20 47.42
CA ALA C 640 -19.83 -33.49 47.85
C ALA C 640 -20.84 -32.51 47.24
N SER C 641 -22.08 -32.98 47.03
CA SER C 641 -23.32 -32.19 46.75
C SER C 641 -23.21 -30.73 47.24
N SER C 644 -20.78 -25.67 47.04
CA SER C 644 -21.26 -24.27 46.89
C SER C 644 -20.30 -23.24 47.53
N SER C 645 -20.17 -22.05 46.93
CA SER C 645 -19.23 -21.01 47.41
C SER C 645 -19.34 -19.80 46.50
N PRO C 646 -19.28 -18.56 47.03
CA PRO C 646 -19.22 -17.40 46.14
C PRO C 646 -17.88 -17.31 45.39
N LEU C 647 -16.91 -18.14 45.71
CA LEU C 647 -15.53 -18.09 45.13
C LEU C 647 -15.41 -18.95 43.86
N PHE C 648 -16.38 -19.77 43.50
CA PHE C 648 -16.34 -20.59 42.26
C PHE C 648 -17.74 -21.08 41.94
N PRO C 649 -18.02 -21.44 40.66
CA PRO C 649 -19.34 -21.93 40.31
C PRO C 649 -19.69 -23.24 41.02
N THR C 650 -20.99 -23.44 41.27
CA THR C 650 -21.46 -24.63 42.01
C THR C 650 -20.97 -25.90 41.33
N GLY C 651 -20.31 -26.79 42.07
CA GLY C 651 -19.97 -28.10 41.52
C GLY C 651 -18.61 -28.09 40.82
N ARG C 652 -17.88 -26.96 40.83
CA ARG C 652 -16.64 -26.82 40.01
C ARG C 652 -15.60 -27.87 40.38
N PRO C 653 -15.21 -28.08 41.66
CA PRO C 653 -14.14 -29.03 41.97
C PRO C 653 -14.46 -30.41 41.39
N LEU C 654 -15.66 -30.95 41.66
CA LEU C 654 -16.06 -32.30 41.16
C LEU C 654 -16.07 -32.26 39.62
N GLN C 655 -16.57 -31.18 39.01
CA GLN C 655 -16.67 -31.14 37.53
C GLN C 655 -15.27 -31.27 36.92
N ILE C 656 -14.24 -30.70 37.50
CA ILE C 656 -12.88 -30.84 36.93
C ILE C 656 -12.48 -32.30 36.92
N PHE C 657 -12.75 -33.00 38.02
CA PHE C 657 -12.43 -34.44 38.10
C PHE C 657 -13.23 -35.25 37.10
N VAL C 658 -14.54 -35.04 37.05
CA VAL C 658 -15.47 -35.80 36.16
C VAL C 658 -15.09 -35.55 34.70
N ASP C 659 -14.90 -34.28 34.32
CA ASP C 659 -14.47 -33.97 32.93
C ASP C 659 -13.16 -34.69 32.61
N ALA C 660 -12.16 -34.60 33.47
CA ALA C 660 -10.86 -35.27 33.25
C ALA C 660 -11.11 -36.76 32.99
N TYR C 661 -11.93 -37.41 33.82
CA TYR C 661 -12.23 -38.86 33.66
C TYR C 661 -12.90 -39.11 32.30
N ARG C 662 -13.96 -38.34 31.97
N ARG C 662 -13.92 -38.30 31.99
CA ARG C 662 -14.76 -38.55 30.73
CA ARG C 662 -14.78 -38.53 30.79
C ARG C 662 -13.84 -38.40 29.51
C ARG C 662 -13.97 -38.29 29.51
N TRP C 663 -12.91 -37.46 29.57
CA TRP C 663 -12.03 -37.19 28.42
C TRP C 663 -10.83 -38.13 28.34
N GLY C 664 -10.81 -39.16 29.19
CA GLY C 664 -9.82 -40.23 29.08
C GLY C 664 -8.54 -40.03 29.85
N LYS C 665 -8.42 -39.02 30.71
CA LYS C 665 -7.16 -38.69 31.37
C LYS C 665 -6.91 -39.61 32.58
N PRO C 666 -5.66 -39.85 32.96
CA PRO C 666 -5.36 -40.43 34.26
C PRO C 666 -5.88 -39.52 35.38
N VAL C 667 -6.56 -40.15 36.34
CA VAL C 667 -7.17 -39.42 37.48
C VAL C 667 -6.93 -40.23 38.74
N GLY C 668 -6.93 -39.57 39.89
CA GLY C 668 -6.80 -40.38 41.10
C GLY C 668 -6.89 -39.54 42.35
N VAL C 669 -6.93 -40.28 43.46
CA VAL C 669 -6.96 -39.69 44.81
C VAL C 669 -5.71 -40.12 45.53
N CYS C 670 -4.96 -39.19 46.09
CA CYS C 670 -3.76 -39.46 46.88
C CYS C 670 -4.03 -39.25 48.37
N GLY C 671 -3.67 -40.23 49.18
CA GLY C 671 -3.71 -40.12 50.66
C GLY C 671 -4.32 -41.35 51.34
N GLY C 672 -5.02 -42.20 50.62
CA GLY C 672 -5.55 -43.48 51.17
C GLY C 672 -7.06 -43.53 51.18
N LYS C 673 -7.72 -42.38 51.30
CA LYS C 673 -9.20 -42.31 51.35
C LYS C 673 -9.74 -41.83 50.01
N SER C 674 -10.28 -42.74 49.23
CA SER C 674 -10.67 -42.49 47.82
C SER C 674 -12.17 -42.66 47.61
N SER C 675 -12.91 -43.44 48.43
CA SER C 675 -14.28 -43.81 48.06
C SER C 675 -15.21 -42.59 47.98
N GLU C 676 -15.02 -41.55 48.80
CA GLU C 676 -15.94 -40.39 48.89
C GLU C 676 -15.83 -39.62 47.56
N VAL C 677 -14.61 -39.38 47.10
CA VAL C 677 -14.35 -38.64 45.83
C VAL C 677 -14.77 -39.49 44.64
N LEU C 678 -14.35 -40.74 44.58
CA LEU C 678 -14.62 -41.58 43.38
C LEU C 678 -16.11 -41.88 43.30
N ASP C 679 -16.79 -42.07 44.43
CA ASP C 679 -18.25 -42.35 44.35
C ASP C 679 -18.99 -41.07 43.93
N ALA C 680 -18.58 -39.90 44.42
CA ALA C 680 -19.20 -38.62 44.00
C ALA C 680 -19.03 -38.46 42.48
N ALA C 681 -17.89 -38.89 41.93
CA ALA C 681 -17.55 -38.71 40.49
C ALA C 681 -18.16 -39.82 39.63
N ASP C 682 -18.71 -40.87 40.27
CA ASP C 682 -19.17 -42.05 39.48
C ASP C 682 -17.98 -42.67 38.74
N VAL C 683 -16.83 -42.75 39.38
CA VAL C 683 -15.59 -43.30 38.77
C VAL C 683 -15.26 -44.58 39.51
N PRO C 684 -15.13 -45.71 38.79
CA PRO C 684 -14.83 -46.95 39.49
C PRO C 684 -13.39 -47.01 39.97
N GLU C 685 -13.14 -47.42 41.22
N GLU C 685 -13.19 -47.45 41.21
CA GLU C 685 -11.77 -47.49 41.78
CA GLU C 685 -11.84 -47.53 41.84
C GLU C 685 -10.92 -48.48 40.97
C GLU C 685 -10.96 -48.52 41.07
N ASP C 686 -11.54 -49.52 40.40
CA ASP C 686 -10.74 -50.52 39.65
C ASP C 686 -10.57 -50.12 38.16
N GLY C 687 -11.01 -48.92 37.76
CA GLY C 687 -10.86 -48.50 36.35
C GLY C 687 -9.41 -48.39 35.92
N ASP C 688 -9.09 -48.74 34.67
N ASP C 688 -9.15 -48.70 34.65
CA ASP C 688 -7.72 -48.46 34.18
CA ASP C 688 -7.83 -48.44 34.01
C ASP C 688 -7.59 -46.93 34.10
C ASP C 688 -7.60 -46.91 34.06
N GLY C 689 -6.43 -46.44 34.49
CA GLY C 689 -6.16 -45.00 34.56
C GLY C 689 -6.86 -44.32 35.72
N VAL C 690 -7.24 -45.06 36.75
CA VAL C 690 -7.82 -44.52 37.99
C VAL C 690 -6.92 -44.99 39.12
N TYR C 691 -6.38 -44.07 39.90
CA TYR C 691 -5.33 -44.40 40.90
C TYR C 691 -5.78 -44.00 42.30
N SER C 692 -5.44 -44.87 43.25
CA SER C 692 -5.66 -44.61 44.70
CA SER C 692 -5.63 -44.59 44.71
C SER C 692 -4.50 -45.24 45.50
N GLU C 693 -3.72 -44.42 46.15
CA GLU C 693 -2.62 -44.84 47.03
C GLU C 693 -2.49 -43.85 48.18
N GLU C 694 -2.09 -44.36 49.34
CA GLU C 694 -1.67 -43.48 50.44
C GLU C 694 -0.25 -42.98 50.18
N SER C 695 0.66 -43.84 49.74
CA SER C 695 2.08 -43.52 49.48
C SER C 695 2.18 -42.52 48.31
N VAL C 696 2.72 -41.34 48.55
CA VAL C 696 2.97 -40.33 47.46
C VAL C 696 3.86 -40.99 46.42
N ASP C 697 4.91 -41.69 46.84
CA ASP C 697 5.85 -42.32 45.89
C ASP C 697 5.12 -43.34 45.02
N MET C 698 4.37 -44.25 45.64
N MET C 698 4.33 -44.26 45.60
CA MET C 698 3.58 -45.29 44.93
CA MET C 698 3.63 -45.29 44.80
C MET C 698 2.61 -44.59 43.95
C MET C 698 2.56 -44.61 43.92
N PHE C 699 1.88 -43.59 44.46
CA PHE C 699 0.86 -42.85 43.69
C PHE C 699 1.51 -42.31 42.41
N VAL C 700 2.63 -41.63 42.58
CA VAL C 700 3.31 -40.95 41.46
C VAL C 700 3.85 -41.99 40.47
N GLU C 701 4.45 -43.07 40.94
N GLU C 701 4.42 -43.08 40.94
CA GLU C 701 4.94 -44.14 40.03
CA GLU C 701 4.96 -44.13 40.04
C GLU C 701 3.78 -44.61 39.15
C GLU C 701 3.82 -44.70 39.19
N GLU C 702 2.63 -44.94 39.74
CA GLU C 702 1.48 -45.45 38.96
C GLU C 702 0.95 -44.35 38.02
N PHE C 703 0.80 -43.13 38.53
CA PHE C 703 0.19 -41.98 37.82
C PHE C 703 1.03 -41.63 36.59
N GLU C 704 2.34 -41.71 36.71
CA GLU C 704 3.27 -41.39 35.59
C GLU C 704 3.11 -42.40 34.46
N LYS C 705 2.88 -43.65 34.79
CA LYS C 705 2.58 -44.64 33.72
C LYS C 705 1.32 -44.23 32.99
N GLY C 706 0.33 -43.75 33.73
CA GLY C 706 -0.94 -43.30 33.14
C GLY C 706 -0.72 -42.08 32.25
N LEU C 707 0.14 -41.15 32.66
CA LEU C 707 0.43 -39.95 31.83
C LEU C 707 1.08 -40.40 30.52
N ALA C 708 1.93 -41.42 30.54
CA ALA C 708 2.59 -41.92 29.32
C ALA C 708 1.54 -42.62 28.45
N THR C 709 0.62 -43.40 29.03
CA THR C 709 -0.51 -44.01 28.28
C THR C 709 -1.35 -42.90 27.63
N PHE C 710 -1.50 -41.82 28.39
CA PHE C 710 -2.04 -40.49 27.96
C PHE C 710 -3.56 -40.50 27.91
N ARG C 711 -4.15 -41.47 27.20
CA ARG C 711 -5.60 -41.57 27.10
C ARG C 711 -6.04 -43.02 27.34
N PHE C 712 -7.02 -43.16 28.22
CA PHE C 712 -7.70 -44.44 28.57
C PHE C 712 -8.94 -44.55 27.70
N THR C 713 -8.80 -45.23 26.55
CA THR C 713 -9.83 -45.24 25.50
C THR C 713 -10.95 -46.25 25.79
N ASP C 714 -10.84 -47.07 26.86
CA ASP C 714 -11.95 -47.96 27.29
C ASP C 714 -13.13 -47.15 27.84
N ARG C 715 -13.00 -45.82 28.01
CA ARG C 715 -14.10 -44.97 28.55
C ARG C 715 -15.02 -44.44 27.46
N PHE C 716 -14.86 -44.83 26.20
CA PHE C 716 -15.67 -44.29 25.09
C PHE C 716 -16.50 -45.41 24.45
N ALA C 717 -17.81 -45.16 24.31
CA ALA C 717 -18.77 -46.12 23.73
C ALA C 717 -18.46 -46.35 22.25
N LEU C 718 -18.71 -47.55 21.76
CA LEU C 718 -18.52 -47.89 20.34
C LEU C 718 -19.87 -48.23 19.72
N ASP C 719 -20.07 -47.97 18.42
CA ASP C 719 -21.24 -48.49 17.64
C ASP C 719 -21.34 -50.06 17.71
N GLN D 42 -22.04 10.99 -25.83
CA GLN D 42 -21.64 10.55 -24.44
C GLN D 42 -20.36 9.71 -24.53
N SER D 43 -19.38 10.02 -23.68
CA SER D 43 -18.20 9.16 -23.46
C SER D 43 -18.68 7.73 -23.17
N PRO D 44 -17.90 6.73 -23.60
CA PRO D 44 -18.12 5.35 -23.16
C PRO D 44 -18.05 5.24 -21.62
N LEU D 45 -17.48 6.22 -20.89
CA LEU D 45 -17.36 6.14 -19.40
C LEU D 45 -18.32 7.16 -18.73
N ALA D 46 -19.40 7.56 -19.41
CA ALA D 46 -20.29 8.59 -18.88
C ALA D 46 -20.91 8.16 -17.54
N ALA D 47 -21.12 6.89 -17.24
CA ALA D 47 -21.74 6.46 -15.98
C ALA D 47 -20.89 6.88 -14.77
N TYR D 48 -19.59 7.13 -14.97
CA TYR D 48 -18.66 7.41 -13.86
C TYR D 48 -18.38 8.91 -13.73
N GLU D 49 -18.96 9.75 -14.60
CA GLU D 49 -18.65 11.18 -14.61
C GLU D 49 -19.26 11.91 -13.43
N VAL D 50 -18.55 12.91 -12.94
CA VAL D 50 -19.00 13.74 -11.79
C VAL D 50 -19.06 15.16 -12.28
N ASP D 51 -20.24 15.80 -12.20
CA ASP D 51 -20.37 17.19 -12.66
C ASP D 51 -20.25 18.17 -11.47
N ASP D 52 -19.35 19.13 -11.58
CA ASP D 52 -19.16 20.20 -10.58
C ASP D 52 -19.38 21.55 -11.24
N SER D 53 -20.31 21.64 -12.18
CA SER D 53 -20.59 22.95 -12.88
C SER D 53 -21.55 23.79 -12.02
N THR D 54 -22.18 23.19 -11.01
CA THR D 54 -23.08 23.90 -10.09
C THR D 54 -22.83 23.36 -8.68
N GLY D 55 -23.39 24.02 -7.68
CA GLY D 55 -23.50 23.41 -6.36
C GLY D 55 -22.54 24.00 -5.33
N TYR D 56 -22.84 23.68 -4.09
CA TYR D 56 -21.99 24.03 -2.93
C TYR D 56 -20.96 22.91 -2.68
N LEU D 57 -19.79 23.35 -2.28
CA LEU D 57 -18.69 22.46 -1.82
C LEU D 57 -19.22 21.51 -0.76
N THR D 58 -18.84 20.24 -0.90
CA THR D 58 -19.13 19.19 0.09
C THR D 58 -17.86 18.40 0.39
N SER D 59 -17.88 17.74 1.53
CA SER D 59 -16.93 16.66 1.81
C SER D 59 -17.20 15.51 0.85
N ASP D 60 -16.32 14.52 0.91
CA ASP D 60 -16.54 13.29 0.14
C ASP D 60 -17.78 12.52 0.60
N VAL D 61 -18.36 12.84 1.75
CA VAL D 61 -19.59 12.21 2.24
C VAL D 61 -20.75 13.20 2.18
N GLY D 62 -20.65 14.22 1.33
CA GLY D 62 -21.85 15.03 0.99
C GLY D 62 -22.20 16.10 2.00
N GLY D 63 -21.39 16.35 3.00
CA GLY D 63 -21.61 17.42 3.99
C GLY D 63 -21.18 18.75 3.41
N PRO D 64 -22.04 19.77 3.24
CA PRO D 64 -21.58 21.05 2.73
C PRO D 64 -20.55 21.70 3.68
N ILE D 65 -19.45 22.16 3.11
CA ILE D 65 -18.32 22.72 3.87
C ILE D 65 -17.71 23.93 3.15
N GLN D 66 -16.67 24.53 3.74
CA GLN D 66 -15.79 25.50 3.09
C GLN D 66 -14.38 24.90 3.03
N ASP D 67 -13.47 25.52 2.30
CA ASP D 67 -12.11 24.92 2.17
C ASP D 67 -11.07 26.02 2.00
N GLN D 68 -11.35 27.26 2.43
CA GLN D 68 -10.44 28.41 2.15
C GLN D 68 -9.72 28.96 3.38
N THR D 69 -10.23 28.74 4.59
CA THR D 69 -9.59 29.23 5.83
C THR D 69 -9.64 28.09 6.84
N SER D 70 -8.50 27.86 7.47
CA SER D 70 -8.31 26.94 8.60
C SER D 70 -9.13 27.42 9.80
N LEU D 71 -9.50 26.47 10.64
CA LEU D 71 -10.14 26.78 11.96
C LEU D 71 -9.06 27.01 12.99
N LYS D 72 -9.11 28.15 13.66
CA LYS D 72 -8.02 28.62 14.55
C LYS D 72 -8.58 28.99 15.92
N ALA D 73 -7.73 28.85 16.94
CA ALA D 73 -8.05 29.37 18.28
C ALA D 73 -7.74 30.86 18.34
N GLY D 74 -8.68 31.67 17.90
CA GLY D 74 -8.46 33.12 17.77
C GLY D 74 -7.99 33.51 16.37
N ILE D 75 -8.20 34.78 16.03
CA ILE D 75 -7.94 35.29 14.65
C ILE D 75 -6.46 35.22 14.28
N ARG D 76 -5.51 35.26 15.22
CA ARG D 76 -4.06 35.07 14.99
C ARG D 76 -3.58 33.81 15.76
N GLY D 77 -4.48 32.85 15.91
CA GLY D 77 -4.21 31.64 16.70
C GLY D 77 -3.72 30.45 15.91
N PRO D 78 -3.36 29.38 16.63
CA PRO D 78 -2.97 28.13 16.00
C PRO D 78 -4.16 27.36 15.43
N THR D 79 -3.88 26.51 14.45
CA THR D 79 -4.92 25.71 13.81
C THR D 79 -5.33 24.53 14.68
N LEU D 80 -6.60 24.20 14.63
CA LEU D 80 -7.19 23.16 15.48
C LEU D 80 -7.14 21.80 14.81
N LEU D 81 -6.83 20.76 15.59
CA LEU D 81 -6.91 19.36 15.13
C LEU D 81 -8.34 18.99 14.75
N GLU D 82 -9.36 19.60 15.34
CA GLU D 82 -10.77 19.28 15.03
C GLU D 82 -11.19 19.82 13.65
N ASP D 83 -10.27 20.47 12.92
CA ASP D 83 -10.62 20.98 11.57
C ASP D 83 -10.59 19.84 10.57
N PHE D 84 -11.71 19.13 10.47
CA PHE D 84 -11.84 18.01 9.51
C PHE D 84 -11.86 18.52 8.07
N MET D 85 -12.36 19.75 7.86
CA MET D 85 -12.36 20.31 6.50
C MET D 85 -10.92 20.35 5.97
N PHE D 86 -10.03 20.91 6.76
CA PHE D 86 -8.62 21.01 6.43
C PHE D 86 -8.04 19.61 6.22
N ARG D 87 -8.24 18.71 7.16
CA ARG D 87 -7.49 17.44 7.09
C ARG D 87 -8.01 16.56 5.93
N GLN D 88 -9.29 16.54 5.61
CA GLN D 88 -9.71 15.65 4.51
C GLN D 88 -9.16 16.19 3.18
N LYS D 89 -9.14 17.49 3.02
CA LYS D 89 -8.65 18.11 1.77
C LYS D 89 -7.17 17.87 1.63
N ILE D 90 -6.42 18.12 2.70
CA ILE D 90 -4.94 17.97 2.64
C ILE D 90 -4.57 16.49 2.57
N GLN D 91 -5.27 15.60 3.28
CA GLN D 91 -4.95 14.15 3.14
C GLN D 91 -5.11 13.77 1.66
N HIS D 92 -6.19 14.21 1.05
CA HIS D 92 -6.42 13.84 -0.38
C HIS D 92 -5.27 14.35 -1.21
N PHE D 93 -4.90 15.61 -1.00
CA PHE D 93 -3.80 16.20 -1.79
C PHE D 93 -2.49 15.42 -1.57
N ASP D 94 -2.18 15.13 -0.31
CA ASP D 94 -0.96 14.40 0.10
C ASP D 94 -0.86 13.03 -0.54
N HIS D 95 -2.00 12.46 -0.95
CA HIS D 95 -2.05 11.08 -1.51
C HIS D 95 -2.45 11.10 -2.99
N GLU D 96 -2.40 12.22 -3.68
CA GLU D 96 -2.81 12.26 -5.11
C GLU D 96 -1.95 11.36 -5.98
N ARG D 97 -0.66 11.22 -5.69
CA ARG D 97 0.27 10.60 -6.64
C ARG D 97 0.27 9.07 -6.53
N VAL D 98 0.49 8.42 -7.65
CA VAL D 98 0.68 6.96 -7.71
C VAL D 98 2.03 6.73 -8.38
N PRO D 99 2.63 5.53 -8.22
CA PRO D 99 3.91 5.29 -8.91
C PRO D 99 3.73 5.45 -10.42
N GLU D 100 4.68 6.10 -11.07
CA GLU D 100 4.70 6.11 -12.56
C GLU D 100 4.98 4.70 -13.05
N ARG D 101 4.58 4.45 -14.29
CA ARG D 101 4.86 3.14 -14.92
C ARG D 101 6.36 2.85 -14.90
N ALA D 102 6.75 1.58 -14.71
CA ALA D 102 8.19 1.24 -14.59
C ALA D 102 8.91 1.56 -15.90
N VAL D 103 8.20 1.42 -17.01
CA VAL D 103 8.67 1.90 -18.34
C VAL D 103 7.47 2.56 -18.99
N HIS D 104 7.73 3.37 -20.01
CA HIS D 104 6.66 4.09 -20.73
C HIS D 104 5.93 5.08 -19.80
N ALA D 105 6.62 5.60 -18.80
CA ALA D 105 6.00 6.52 -17.81
C ALA D 105 5.44 7.78 -18.50
N ARG D 106 6.06 8.24 -19.59
CA ARG D 106 5.64 9.49 -20.27
C ARG D 106 4.77 9.11 -21.46
N GLY D 107 3.50 9.50 -21.43
CA GLY D 107 2.62 9.16 -22.57
C GLY D 107 1.29 9.83 -22.52
N ALA D 108 0.45 9.58 -23.50
CA ALA D 108 -0.84 10.28 -23.64
C ALA D 108 -1.78 9.39 -24.42
N GLY D 109 -3.07 9.50 -24.11
CA GLY D 109 -4.07 8.58 -24.66
C GLY D 109 -5.33 9.26 -25.16
N ALA D 110 -6.12 8.48 -25.89
CA ALA D 110 -7.41 8.92 -26.43
C ALA D 110 -8.30 7.73 -26.68
N HIS D 111 -9.61 8.00 -26.69
CA HIS D 111 -10.70 7.07 -27.01
C HIS D 111 -10.93 7.05 -28.54
N GLY D 112 -11.42 5.93 -29.02
CA GLY D 112 -11.94 5.87 -30.40
C GLY D 112 -12.68 4.59 -30.66
N THR D 113 -12.68 4.21 -31.94
CA THR D 113 -13.48 3.11 -32.47
C THR D 113 -12.59 2.31 -33.43
N PHE D 114 -12.72 0.99 -33.34
CA PHE D 114 -12.18 0.03 -34.32
C PHE D 114 -13.39 -0.47 -35.12
N THR D 115 -13.23 -0.51 -36.44
CA THR D 115 -14.29 -1.05 -37.34
C THR D 115 -13.67 -2.16 -38.20
N SER D 116 -14.23 -3.35 -38.17
CA SER D 116 -13.73 -4.50 -38.97
C SER D 116 -14.08 -4.29 -40.46
N TYR D 117 -13.14 -4.60 -41.34
CA TYR D 117 -13.41 -4.52 -42.81
C TYR D 117 -14.12 -5.77 -43.32
N ALA D 118 -14.19 -6.86 -42.57
CA ALA D 118 -14.71 -8.16 -43.07
C ALA D 118 -15.12 -9.07 -41.92
N ASP D 119 -15.68 -10.20 -42.29
CA ASP D 119 -15.88 -11.36 -41.39
C ASP D 119 -14.61 -12.19 -41.45
N TRP D 120 -13.78 -12.14 -40.39
CA TRP D 120 -12.48 -12.84 -40.38
C TRP D 120 -12.57 -14.20 -39.71
N SER D 121 -13.77 -14.77 -39.57
N SER D 121 -13.78 -14.76 -39.55
CA SER D 121 -13.99 -16.10 -38.92
CA SER D 121 -14.07 -16.12 -39.01
C SER D 121 -13.26 -17.19 -39.71
C SER D 121 -13.13 -17.13 -39.69
N ASN D 122 -12.86 -16.93 -40.97
CA ASN D 122 -12.09 -17.90 -41.78
C ASN D 122 -10.64 -17.99 -41.29
N ILE D 123 -10.17 -17.07 -40.44
CA ILE D 123 -8.78 -17.11 -39.91
C ILE D 123 -8.76 -17.00 -38.38
N THR D 124 -9.82 -16.48 -37.75
CA THR D 124 -9.79 -16.27 -36.27
C THR D 124 -11.21 -16.36 -35.74
N ALA D 125 -11.39 -16.96 -34.55
CA ALA D 125 -12.65 -16.93 -33.81
C ALA D 125 -12.87 -15.56 -33.13
N ALA D 126 -11.93 -14.63 -33.17
CA ALA D 126 -12.05 -13.35 -32.44
C ALA D 126 -13.37 -12.63 -32.76
N SER D 127 -14.24 -12.48 -31.78
CA SER D 127 -15.58 -11.86 -31.96
C SER D 127 -15.48 -10.46 -32.57
N PHE D 128 -14.53 -9.62 -32.16
CA PHE D 128 -14.48 -8.22 -32.63
C PHE D 128 -14.16 -8.17 -34.13
N LEU D 129 -13.69 -9.27 -34.70
CA LEU D 129 -13.32 -9.37 -36.14
C LEU D 129 -14.36 -10.22 -36.89
N ASN D 130 -15.54 -10.51 -36.35
CA ASN D 130 -16.40 -11.56 -36.95
C ASN D 130 -17.45 -11.02 -37.93
N ALA D 131 -17.44 -9.73 -38.26
CA ALA D 131 -18.43 -9.21 -39.24
C ALA D 131 -17.93 -7.92 -39.87
N THR D 132 -18.24 -7.76 -41.16
CA THR D 132 -18.02 -6.49 -41.88
C THR D 132 -18.73 -5.33 -41.15
N GLY D 133 -17.97 -4.30 -40.84
CA GLY D 133 -18.45 -3.07 -40.20
C GLY D 133 -18.63 -3.20 -38.69
N LYS D 134 -18.30 -4.34 -38.09
CA LYS D 134 -18.53 -4.49 -36.62
C LYS D 134 -17.62 -3.48 -35.89
N GLN D 135 -18.20 -2.71 -34.99
CA GLN D 135 -17.51 -1.62 -34.25
C GLN D 135 -17.24 -2.03 -32.80
N THR D 136 -16.03 -1.72 -32.35
CA THR D 136 -15.61 -1.98 -30.97
C THR D 136 -14.94 -0.72 -30.44
N PRO D 137 -15.36 -0.24 -29.24
CA PRO D 137 -14.67 0.90 -28.66
C PRO D 137 -13.21 0.57 -28.36
N VAL D 138 -12.35 1.58 -28.48
CA VAL D 138 -10.92 1.42 -28.10
C VAL D 138 -10.46 2.55 -27.20
N PHE D 139 -9.35 2.31 -26.51
CA PHE D 139 -8.53 3.35 -25.87
C PHE D 139 -7.09 3.05 -26.23
N VAL D 140 -6.37 4.07 -26.65
CA VAL D 140 -4.95 3.96 -27.04
C VAL D 140 -4.13 4.88 -26.16
N ARG D 141 -2.97 4.39 -25.73
CA ARG D 141 -1.93 5.25 -25.10
C ARG D 141 -0.64 5.09 -25.90
N PHE D 142 -0.01 6.21 -26.22
CA PHE D 142 1.31 6.34 -26.87
C PHE D 142 2.27 6.84 -25.81
N SER D 143 3.54 6.58 -26.02
CA SER D 143 4.50 6.88 -24.97
C SER D 143 5.90 6.84 -25.50
N THR D 144 6.84 7.39 -24.74
CA THR D 144 8.26 7.02 -24.84
C THR D 144 8.52 5.82 -23.93
N VAL D 145 9.77 5.46 -23.71
CA VAL D 145 10.08 4.26 -22.87
C VAL D 145 10.88 4.64 -21.63
N ALA D 146 11.99 5.32 -21.78
CA ALA D 146 12.98 5.50 -20.70
C ALA D 146 12.61 6.64 -19.75
N GLY D 147 12.11 7.79 -20.26
CA GLY D 147 11.95 8.97 -19.39
C GLY D 147 10.89 8.78 -18.32
N SER D 148 11.04 9.54 -17.23
CA SER D 148 10.00 9.64 -16.19
C SER D 148 8.84 10.49 -16.67
N ARG D 149 7.71 10.50 -15.94
N ARG D 149 7.85 10.61 -15.81
CA ARG D 149 6.38 10.95 -16.44
CA ARG D 149 6.77 11.60 -15.97
C ARG D 149 6.38 12.46 -16.81
C ARG D 149 7.37 12.99 -16.05
N GLY D 150 7.43 13.21 -16.41
N GLY D 150 6.86 13.77 -16.99
CA GLY D 150 7.53 14.66 -16.74
CA GLY D 150 7.33 15.14 -17.23
C GLY D 150 8.53 15.01 -17.85
C GLY D 150 8.56 15.16 -18.11
N SER D 151 9.15 14.01 -18.48
CA SER D 151 10.26 14.11 -19.45
C SER D 151 9.66 14.54 -20.80
N ALA D 152 10.53 14.95 -21.72
CA ALA D 152 10.06 15.53 -23.01
C ALA D 152 9.55 14.44 -23.94
N ASP D 153 8.48 14.77 -24.68
CA ASP D 153 7.93 13.89 -25.74
C ASP D 153 8.98 13.62 -26.80
N THR D 154 9.85 14.60 -27.10
CA THR D 154 10.75 14.53 -28.27
C THR D 154 12.16 14.08 -27.90
N ALA D 155 12.31 13.35 -26.77
CA ALA D 155 13.53 12.56 -26.54
C ALA D 155 13.72 11.57 -27.69
N ARG D 156 14.94 11.15 -27.96
CA ARG D 156 15.16 9.98 -28.85
C ARG D 156 14.87 8.70 -28.07
N ASP D 157 13.94 7.88 -28.55
CA ASP D 157 13.59 6.65 -27.81
C ASP D 157 12.77 5.73 -28.68
N VAL D 158 12.56 4.52 -28.22
CA VAL D 158 11.46 3.66 -28.69
C VAL D 158 10.16 4.29 -28.18
N HIS D 159 9.06 4.09 -28.85
CA HIS D 159 7.74 4.62 -28.46
C HIS D 159 6.79 3.47 -28.29
N GLY D 160 5.89 3.58 -27.30
CA GLY D 160 4.75 2.71 -27.13
C GLY D 160 3.56 3.12 -27.96
N PHE D 161 2.77 2.10 -28.30
CA PHE D 161 1.48 2.20 -28.97
C PHE D 161 0.64 1.03 -28.44
N ALA D 162 -0.14 1.31 -27.39
CA ALA D 162 -0.91 0.29 -26.66
C ALA D 162 -2.38 0.51 -26.96
N THR D 163 -3.07 -0.51 -27.43
CA THR D 163 -4.47 -0.41 -27.87
C THR D 163 -5.31 -1.41 -27.08
N ARG D 164 -6.37 -0.91 -26.47
CA ARG D 164 -7.39 -1.75 -25.83
C ARG D 164 -8.62 -1.76 -26.74
N PHE D 165 -9.07 -2.95 -27.07
CA PHE D 165 -10.35 -3.21 -27.73
C PHE D 165 -11.30 -3.71 -26.65
N TYR D 166 -12.35 -2.95 -26.32
CA TYR D 166 -13.40 -3.35 -25.34
C TYR D 166 -14.40 -4.26 -26.06
N THR D 167 -14.00 -5.50 -26.32
CA THR D 167 -14.79 -6.35 -27.22
C THR D 167 -15.99 -6.92 -26.47
N ASP D 168 -16.95 -7.44 -27.25
CA ASP D 168 -18.15 -8.11 -26.72
C ASP D 168 -17.82 -9.51 -26.18
N GLU D 169 -16.54 -9.95 -26.17
CA GLU D 169 -16.08 -11.19 -25.54
C GLU D 169 -14.86 -10.89 -24.67
N GLY D 170 -14.79 -9.66 -24.15
CA GLY D 170 -13.75 -9.29 -23.17
C GLY D 170 -12.80 -8.28 -23.70
N ASN D 171 -12.06 -7.61 -22.81
CA ASN D 171 -11.05 -6.64 -23.23
C ASN D 171 -9.87 -7.39 -23.85
N PHE D 172 -9.43 -6.90 -25.01
CA PHE D 172 -8.29 -7.44 -25.76
C PHE D 172 -7.28 -6.31 -25.92
N ASP D 173 -6.08 -6.47 -25.41
CA ASP D 173 -5.04 -5.44 -25.54
C ASP D 173 -3.94 -5.90 -26.49
N ILE D 174 -3.50 -5.00 -27.39
CA ILE D 174 -2.27 -5.20 -28.17
C ILE D 174 -1.30 -4.15 -27.66
N VAL D 175 -0.30 -4.57 -26.91
CA VAL D 175 0.65 -3.67 -26.27
C VAL D 175 1.91 -3.62 -27.13
N GLY D 176 1.90 -2.65 -28.06
CA GLY D 176 2.94 -2.54 -29.10
C GLY D 176 3.86 -1.36 -28.96
N ASN D 177 4.83 -1.25 -29.89
CA ASN D 177 5.78 -0.13 -30.00
C ASN D 177 5.76 0.39 -31.46
N ASN D 178 6.41 1.53 -31.69
CA ASN D 178 6.46 2.06 -33.09
C ASN D 178 7.60 1.42 -33.87
N ILE D 179 8.34 0.48 -33.27
CA ILE D 179 9.49 -0.23 -33.87
C ILE D 179 9.14 -1.70 -33.79
N PRO D 180 9.27 -2.47 -34.89
CA PRO D 180 8.72 -3.82 -34.91
C PRO D 180 9.54 -4.92 -34.26
N VAL D 181 10.71 -4.57 -33.78
CA VAL D 181 11.66 -5.50 -33.15
C VAL D 181 12.07 -4.93 -31.79
N PHE D 182 12.47 -5.84 -30.92
CA PHE D 182 12.84 -5.47 -29.55
C PHE D 182 14.31 -5.76 -29.32
N PHE D 183 14.86 -5.10 -28.31
CA PHE D 183 16.29 -5.11 -28.03
C PHE D 183 16.81 -6.49 -27.63
N ILE D 184 15.98 -7.27 -26.94
CA ILE D 184 16.40 -8.48 -26.21
C ILE D 184 15.49 -9.65 -26.60
N GLN D 185 16.00 -10.86 -26.38
CA GLN D 185 15.37 -12.11 -26.87
C GLN D 185 14.75 -12.90 -25.71
N ASP D 186 14.83 -12.41 -24.48
CA ASP D 186 14.28 -13.16 -23.31
C ASP D 186 13.83 -12.11 -22.28
N ALA D 187 12.59 -12.21 -21.83
CA ALA D 187 11.99 -11.26 -20.86
C ALA D 187 12.85 -11.12 -19.61
N ILE D 188 13.56 -12.18 -19.21
CA ILE D 188 14.34 -12.14 -17.95
C ILE D 188 15.44 -11.06 -18.03
N GLN D 189 15.78 -10.59 -19.22
CA GLN D 189 16.81 -9.56 -19.40
C GLN D 189 16.24 -8.14 -19.35
N PHE D 190 14.91 -8.00 -19.24
CA PHE D 190 14.29 -6.66 -19.31
C PHE D 190 14.90 -5.73 -18.26
N PRO D 191 15.09 -6.11 -16.99
CA PRO D 191 15.67 -5.17 -16.03
C PRO D 191 17.11 -4.73 -16.35
N ASP D 192 17.84 -5.62 -17.05
CA ASP D 192 19.22 -5.31 -17.48
C ASP D 192 19.18 -4.19 -18.53
N LEU D 193 18.39 -4.43 -19.57
CA LEU D 193 18.22 -3.40 -20.62
C LEU D 193 17.81 -2.08 -19.95
N ILE D 194 16.75 -2.13 -19.12
CA ILE D 194 16.10 -0.87 -18.67
C ILE D 194 17.02 -0.17 -17.66
N HIS D 195 17.64 -0.91 -16.75
CA HIS D 195 18.65 -0.27 -15.87
C HIS D 195 19.72 0.42 -16.71
N SER D 196 20.17 -0.22 -17.79
CA SER D 196 21.29 0.35 -18.56
C SER D 196 20.89 1.63 -19.28
N VAL D 197 19.64 1.75 -19.76
N VAL D 197 19.65 1.68 -19.79
CA VAL D 197 19.24 2.93 -20.56
CA VAL D 197 19.17 2.85 -20.57
C VAL D 197 18.66 4.05 -19.69
C VAL D 197 18.80 4.00 -19.63
N LYS D 198 18.10 3.69 -18.52
CA LYS D 198 17.66 4.70 -17.56
C LYS D 198 18.88 5.38 -16.95
N PRO D 199 18.67 6.49 -16.21
CA PRO D 199 19.77 7.26 -15.68
C PRO D 199 20.71 6.49 -14.75
N ARG D 200 21.97 6.86 -14.73
CA ARG D 200 22.94 6.18 -13.86
C ARG D 200 22.45 6.31 -12.41
N PRO D 201 22.43 5.22 -11.64
CA PRO D 201 21.70 5.21 -10.38
C PRO D 201 22.37 5.86 -9.17
N ASP D 202 23.59 6.36 -9.34
CA ASP D 202 24.20 7.18 -8.27
C ASP D 202 23.64 8.60 -8.26
N ASN D 203 23.47 9.21 -9.42
CA ASN D 203 23.09 10.62 -9.52
C ASN D 203 21.81 10.83 -10.33
N GLU D 204 21.23 9.76 -10.88
CA GLU D 204 20.04 9.80 -11.77
C GLU D 204 20.26 10.81 -12.91
N ILE D 205 21.36 10.64 -13.62
CA ILE D 205 21.67 11.40 -14.87
C ILE D 205 22.10 10.38 -15.91
N PRO D 206 21.68 10.46 -17.18
CA PRO D 206 20.82 11.50 -17.75
C PRO D 206 19.36 11.06 -18.01
N GLN D 207 18.47 12.01 -17.99
CA GLN D 207 17.02 11.81 -18.21
C GLN D 207 16.71 11.46 -19.66
N ALA D 208 15.85 10.47 -19.88
CA ALA D 208 15.18 10.24 -21.18
C ALA D 208 16.22 10.12 -22.31
N ALA D 209 17.32 9.40 -22.10
CA ALA D 209 18.41 9.39 -23.12
C ALA D 209 19.20 8.12 -22.99
N ALA D 210 19.58 7.55 -24.14
CA ALA D 210 20.52 6.41 -24.14
C ALA D 210 21.96 6.94 -24.27
N ALA D 211 22.17 8.25 -24.30
CA ALA D 211 23.49 8.89 -24.56
C ALA D 211 24.33 8.91 -23.29
N HIS D 212 24.69 7.72 -22.81
CA HIS D 212 25.60 7.56 -21.64
C HIS D 212 26.23 6.18 -21.65
N ASP D 213 27.34 6.05 -20.92
CA ASP D 213 28.19 4.83 -20.92
C ASP D 213 27.36 3.57 -20.70
N SER D 214 26.48 3.52 -19.69
CA SER D 214 25.85 2.26 -19.32
C SER D 214 25.07 1.68 -20.49
N ALA D 215 24.33 2.54 -21.18
CA ALA D 215 23.45 2.07 -22.27
C ALA D 215 24.31 1.44 -23.36
N TRP D 216 25.38 2.13 -23.76
CA TRP D 216 26.22 1.67 -24.88
C TRP D 216 27.10 0.50 -24.44
N ASP D 217 27.35 0.36 -23.11
CA ASP D 217 28.00 -0.84 -22.55
C ASP D 217 27.08 -2.03 -22.81
N PHE D 218 25.80 -1.89 -22.44
CA PHE D 218 24.82 -2.97 -22.61
C PHE D 218 24.67 -3.32 -24.08
N PHE D 219 24.54 -2.32 -24.93
CA PHE D 219 24.30 -2.57 -26.39
C PHE D 219 25.46 -3.37 -26.95
N SER D 220 26.68 -2.96 -26.58
CA SER D 220 27.90 -3.54 -27.19
C SER D 220 28.18 -4.92 -26.59
N GLN D 221 27.69 -5.24 -25.38
CA GLN D 221 27.90 -6.54 -24.72
C GLN D 221 26.77 -7.50 -25.09
N GLN D 222 25.61 -6.98 -25.50
CA GLN D 222 24.40 -7.76 -25.78
C GLN D 222 23.99 -7.51 -27.23
N PRO D 223 24.60 -8.24 -28.19
CA PRO D 223 24.45 -7.91 -29.60
C PRO D 223 23.05 -8.04 -30.17
N SER D 224 22.16 -8.79 -29.49
CA SER D 224 20.74 -8.82 -29.89
C SER D 224 20.18 -7.40 -30.08
N THR D 225 20.68 -6.45 -29.32
CA THR D 225 20.20 -5.05 -29.30
C THR D 225 20.40 -4.37 -30.65
N MET D 226 21.27 -4.88 -31.52
CA MET D 226 21.63 -4.10 -32.74
C MET D 226 20.40 -3.73 -33.58
N HIS D 227 19.41 -4.59 -33.79
CA HIS D 227 18.30 -4.29 -34.72
C HIS D 227 17.47 -3.12 -34.18
N THR D 228 16.99 -3.21 -32.95
CA THR D 228 16.23 -2.10 -32.36
C THR D 228 17.09 -0.84 -32.26
N LEU D 229 18.38 -1.00 -31.96
CA LEU D 229 19.27 0.16 -31.82
C LEU D 229 19.28 0.93 -33.13
N PHE D 230 19.45 0.22 -34.24
CA PHE D 230 19.45 0.90 -35.57
C PHE D 230 18.11 1.62 -35.80
N TRP D 231 16.98 1.00 -35.49
CA TRP D 231 15.66 1.66 -35.60
C TRP D 231 15.60 2.93 -34.72
N ALA D 232 16.06 2.85 -33.49
CA ALA D 232 15.98 3.98 -32.53
C ALA D 232 16.90 5.12 -33.00
N MET D 233 18.03 4.81 -33.64
CA MET D 233 18.99 5.84 -34.14
C MET D 233 18.54 6.44 -35.48
N SER D 234 17.52 5.86 -36.12
CA SER D 234 16.90 6.37 -37.33
C SER D 234 15.85 7.40 -36.92
N GLY D 235 15.18 7.96 -37.88
CA GLY D 235 14.10 8.90 -37.59
C GLY D 235 12.94 8.27 -36.80
N HIS D 236 12.86 6.92 -36.72
CA HIS D 236 11.81 6.23 -35.94
C HIS D 236 12.02 6.53 -34.45
N GLY D 237 13.20 6.96 -34.09
CA GLY D 237 13.46 7.40 -32.68
C GLY D 237 12.91 8.76 -32.34
N ILE D 238 12.62 9.60 -33.34
CA ILE D 238 12.13 11.00 -33.11
C ILE D 238 10.99 11.23 -34.08
N PRO D 239 9.88 10.50 -33.95
CA PRO D 239 8.74 10.70 -34.83
C PRO D 239 8.17 12.11 -34.73
N ARG D 240 7.61 12.60 -35.84
CA ARG D 240 6.99 13.94 -35.91
C ARG D 240 5.78 14.00 -34.98
N SER D 241 5.02 12.92 -34.86
CA SER D 241 3.87 12.86 -33.94
C SER D 241 3.53 11.40 -33.70
N TYR D 242 2.65 11.14 -32.72
CA TYR D 242 2.08 9.79 -32.53
C TYR D 242 1.26 9.39 -33.75
N ARG D 243 0.75 10.39 -34.50
CA ARG D 243 -0.16 10.14 -35.63
C ARG D 243 0.67 9.75 -36.87
N HIS D 244 1.95 10.08 -36.87
CA HIS D 244 2.90 9.89 -38.00
C HIS D 244 3.83 8.71 -37.75
N MET D 245 3.41 7.78 -36.88
CA MET D 245 4.17 6.55 -36.61
C MET D 245 3.21 5.38 -36.71
N ASP D 246 3.80 4.21 -36.88
CA ASP D 246 3.05 2.96 -36.94
C ASP D 246 3.08 2.32 -35.54
N GLY D 247 2.25 1.32 -35.38
CA GLY D 247 2.26 0.41 -34.21
C GLY D 247 2.61 -1.01 -34.61
N PHE D 248 3.33 -1.74 -33.78
CA PHE D 248 3.66 -3.14 -34.05
C PHE D 248 3.45 -3.97 -32.80
N GLY D 249 2.86 -5.15 -32.95
CA GLY D 249 2.82 -6.10 -31.82
C GLY D 249 4.18 -6.69 -31.49
N VAL D 250 5.15 -6.65 -32.41
CA VAL D 250 6.54 -7.15 -32.29
C VAL D 250 6.55 -8.69 -32.33
N HIS D 251 5.91 -9.34 -31.36
CA HIS D 251 5.92 -10.81 -31.31
C HIS D 251 5.08 -11.43 -32.42
N THR D 252 5.49 -12.63 -32.78
CA THR D 252 4.57 -13.55 -33.44
C THR D 252 3.47 -13.96 -32.45
N PHE D 253 2.21 -13.86 -32.84
CA PHE D 253 1.06 -14.42 -32.10
C PHE D 253 0.42 -15.50 -32.94
N ARG D 254 -0.67 -16.09 -32.47
CA ARG D 254 -1.48 -17.03 -33.25
C ARG D 254 -2.88 -16.45 -33.44
N PHE D 255 -3.43 -16.72 -34.62
CA PHE D 255 -4.88 -16.68 -34.85
C PHE D 255 -5.36 -18.12 -34.77
N VAL D 256 -6.43 -18.33 -34.04
CA VAL D 256 -7.03 -19.66 -33.78
C VAL D 256 -8.49 -19.65 -34.20
N LYS D 257 -8.84 -20.55 -35.11
CA LYS D 257 -10.21 -20.72 -35.56
C LYS D 257 -11.03 -21.51 -34.56
N ASP D 258 -12.36 -21.45 -34.66
CA ASP D 258 -13.27 -22.27 -33.85
C ASP D 258 -13.01 -23.76 -34.10
N ASP D 259 -12.47 -24.18 -35.25
CA ASP D 259 -12.12 -25.60 -35.49
C ASP D 259 -10.79 -25.99 -34.83
N GLY D 260 -10.08 -25.06 -34.16
CA GLY D 260 -8.84 -25.35 -33.45
C GLY D 260 -7.56 -25.15 -34.27
N SER D 261 -7.66 -24.90 -35.56
CA SER D 261 -6.48 -24.68 -36.42
C SER D 261 -5.91 -23.30 -36.12
N SER D 262 -4.63 -23.17 -36.31
CA SER D 262 -3.91 -21.91 -36.03
C SER D 262 -3.02 -21.49 -37.18
N LYS D 263 -2.76 -20.18 -37.25
CA LYS D 263 -1.80 -19.52 -38.12
C LYS D 263 -0.96 -18.59 -37.26
N LEU D 264 0.24 -18.30 -37.70
CA LEU D 264 1.17 -17.36 -37.05
C LEU D 264 0.95 -15.98 -37.62
N ILE D 265 0.85 -14.96 -36.76
CA ILE D 265 0.57 -13.57 -37.22
C ILE D 265 1.54 -12.55 -36.61
N LYS D 266 1.76 -11.47 -37.34
CA LYS D 266 2.38 -10.23 -36.82
C LYS D 266 1.35 -9.12 -36.97
N TRP D 267 1.18 -8.28 -35.95
CA TRP D 267 0.29 -7.11 -36.00
C TRP D 267 1.06 -5.89 -36.49
N HIS D 268 0.50 -5.22 -37.48
N HIS D 268 0.48 -5.11 -37.40
CA HIS D 268 1.01 -3.93 -38.00
CA HIS D 268 1.13 -3.92 -38.02
C HIS D 268 -0.16 -2.93 -38.02
C HIS D 268 0.06 -2.83 -38.21
N PHE D 269 0.00 -1.82 -37.32
CA PHE D 269 -0.95 -0.69 -37.39
C PHE D 269 -0.31 0.38 -38.29
N LYS D 270 -0.85 0.56 -39.50
CA LYS D 270 -0.22 1.40 -40.56
C LYS D 270 -0.90 2.74 -40.62
N SER D 271 -0.14 3.78 -40.31
CA SER D 271 -0.64 5.18 -40.19
C SER D 271 -1.28 5.60 -41.51
N ARG D 272 -2.51 6.12 -41.46
CA ARG D 272 -3.12 6.73 -42.67
C ARG D 272 -2.69 8.20 -42.76
N GLN D 273 -1.89 8.74 -41.82
CA GLN D 273 -1.42 10.13 -41.84
C GLN D 273 -0.10 10.23 -42.61
N GLY D 274 0.56 9.09 -42.87
CA GLY D 274 1.94 9.03 -43.37
C GLY D 274 2.97 8.98 -42.27
N LYS D 275 4.19 8.67 -42.64
CA LYS D 275 5.35 8.57 -41.72
C LYS D 275 6.15 9.84 -41.81
N ALA D 276 6.55 10.37 -40.68
CA ALA D 276 7.37 11.56 -40.62
C ALA D 276 8.18 11.59 -39.35
N SER D 277 9.31 12.24 -39.44
CA SER D 277 10.29 12.38 -38.36
C SER D 277 10.62 13.86 -38.16
N LEU D 278 11.07 14.18 -36.97
CA LEU D 278 11.88 15.38 -36.68
C LEU D 278 13.32 15.16 -37.12
N VAL D 279 14.11 16.24 -37.18
CA VAL D 279 15.58 16.10 -37.19
C VAL D 279 16.08 16.31 -35.76
N TRP D 280 17.21 15.71 -35.44
CA TRP D 280 17.65 15.69 -34.02
C TRP D 280 17.81 17.12 -33.48
N GLU D 281 18.41 18.02 -34.25
N GLU D 281 18.50 18.02 -34.21
CA GLU D 281 18.77 19.37 -33.75
CA GLU D 281 18.72 19.47 -33.84
C GLU D 281 17.49 20.23 -33.55
C GLU D 281 17.39 20.06 -33.37
N GLU D 282 16.38 19.84 -34.19
CA GLU D 282 15.02 20.34 -33.97
C GLU D 282 14.45 19.69 -32.71
N ALA D 283 14.51 18.36 -32.60
CA ALA D 283 13.94 17.61 -31.46
C ALA D 283 14.54 18.15 -30.17
N GLN D 284 15.85 18.45 -30.16
CA GLN D 284 16.51 18.93 -28.90
C GLN D 284 15.91 20.27 -28.43
N VAL D 285 15.70 21.20 -29.36
CA VAL D 285 15.09 22.51 -29.00
C VAL D 285 13.64 22.31 -28.60
N LEU D 286 12.91 21.46 -29.31
CA LEU D 286 11.49 21.24 -29.08
C LEU D 286 11.34 20.63 -27.68
N SER D 287 12.27 19.77 -27.26
CA SER D 287 12.19 19.18 -25.90
C SER D 287 12.13 20.30 -24.84
N GLY D 288 12.79 21.44 -25.06
CA GLY D 288 12.76 22.59 -24.15
C GLY D 288 11.62 23.53 -24.39
N LYS D 289 11.31 23.83 -25.66
CA LYS D 289 10.25 24.83 -25.98
C LYS D 289 8.88 24.22 -25.70
N ASN D 290 8.71 22.91 -25.88
CA ASN D 290 7.38 22.28 -25.73
C ASN D 290 7.59 20.79 -25.43
N ALA D 291 7.80 20.48 -24.16
CA ALA D 291 7.91 19.09 -23.68
C ALA D 291 6.64 18.30 -23.99
N ASP D 292 5.50 18.96 -24.17
CA ASP D 292 4.18 18.35 -24.42
C ASP D 292 3.85 18.27 -25.91
N PHE D 293 4.82 18.38 -26.80
CA PHE D 293 4.52 18.51 -28.25
C PHE D 293 3.66 17.35 -28.74
N HIS D 294 4.02 16.09 -28.48
CA HIS D 294 3.23 14.97 -29.05
C HIS D 294 1.84 14.92 -28.42
N ARG D 295 1.72 15.08 -27.10
CA ARG D 295 0.36 14.99 -26.51
C ARG D 295 -0.49 16.18 -27.00
N GLN D 296 0.10 17.35 -27.18
CA GLN D 296 -0.68 18.51 -27.71
C GLN D 296 -1.09 18.26 -29.17
N ASP D 297 -0.21 17.70 -29.97
CA ASP D 297 -0.49 17.40 -31.40
C ASP D 297 -1.69 16.48 -31.46
N LEU D 298 -1.73 15.41 -30.64
CA LEU D 298 -2.83 14.42 -30.67
C LEU D 298 -4.11 15.07 -30.19
N TRP D 299 -4.06 15.74 -29.04
N TRP D 299 -4.07 15.76 -29.04
CA TRP D 299 -5.25 16.40 -28.44
CA TRP D 299 -5.27 16.40 -28.45
C TRP D 299 -5.90 17.35 -29.46
C TRP D 299 -5.90 17.35 -29.48
N ASP D 300 -5.06 18.16 -30.11
CA ASP D 300 -5.51 19.20 -31.07
C ASP D 300 -6.09 18.53 -32.31
N ALA D 301 -5.48 17.47 -32.81
CA ALA D 301 -6.01 16.76 -33.98
C ALA D 301 -7.41 16.23 -33.72
N ILE D 302 -7.62 15.65 -32.53
CA ILE D 302 -8.95 15.16 -32.16
C ILE D 302 -9.91 16.33 -32.03
N GLU D 303 -9.52 17.41 -31.37
CA GLU D 303 -10.50 18.50 -31.14
C GLU D 303 -10.91 19.12 -32.49
N SER D 304 -10.03 19.13 -33.47
CA SER D 304 -10.29 19.79 -34.78
C SER D 304 -11.05 18.85 -35.71
N GLY D 305 -11.39 17.62 -35.28
CA GLY D 305 -12.09 16.65 -36.15
C GLY D 305 -11.16 15.99 -37.14
N ASN D 306 -9.86 15.99 -36.87
CA ASN D 306 -8.79 15.29 -37.60
C ASN D 306 -8.29 14.09 -36.77
N GLY D 307 -9.21 13.33 -36.19
CA GLY D 307 -8.82 12.17 -35.35
C GLY D 307 -7.98 11.21 -36.18
N PRO D 308 -6.81 10.77 -35.67
CA PRO D 308 -5.87 9.98 -36.47
C PRO D 308 -6.40 8.56 -36.70
N GLU D 309 -5.98 8.01 -37.84
CA GLU D 309 -6.42 6.68 -38.31
C GLU D 309 -5.23 5.78 -38.67
N TRP D 310 -5.43 4.48 -38.45
CA TRP D 310 -4.50 3.40 -38.79
C TRP D 310 -5.28 2.26 -39.40
N ASP D 311 -4.74 1.65 -40.45
CA ASP D 311 -5.20 0.31 -40.85
C ASP D 311 -4.58 -0.70 -39.91
N VAL D 312 -5.43 -1.46 -39.22
CA VAL D 312 -4.97 -2.59 -38.37
C VAL D 312 -4.76 -3.77 -39.33
N CYS D 313 -3.52 -4.21 -39.45
CA CYS D 313 -3.14 -5.24 -40.44
C CYS D 313 -2.43 -6.40 -39.74
N VAL D 314 -2.36 -7.53 -40.42
CA VAL D 314 -1.53 -8.69 -40.00
C VAL D 314 -0.75 -9.20 -41.20
N GLN D 315 0.44 -9.73 -40.94
CA GLN D 315 1.06 -10.79 -41.77
C GLN D 315 0.54 -12.13 -41.25
N ILE D 316 0.11 -13.04 -42.13
CA ILE D 316 -0.42 -14.35 -41.74
C ILE D 316 0.45 -15.39 -42.44
N VAL D 317 1.04 -16.32 -41.70
CA VAL D 317 1.88 -17.39 -42.30
C VAL D 317 1.53 -18.69 -41.60
N ASP D 318 1.90 -19.82 -42.20
N ASP D 318 1.93 -19.81 -42.20
CA ASP D 318 1.56 -21.13 -41.61
CA ASP D 318 1.59 -21.15 -41.65
C ASP D 318 2.49 -21.48 -40.45
C ASP D 318 2.51 -21.48 -40.46
N GLU D 319 2.01 -22.32 -39.54
CA GLU D 319 2.79 -22.93 -38.44
C GLU D 319 4.08 -23.56 -39.03
N SER D 320 3.99 -24.15 -40.22
CA SER D 320 5.14 -24.80 -40.89
C SER D 320 6.20 -23.77 -41.32
N GLN D 321 5.93 -22.46 -41.26
CA GLN D 321 6.88 -21.44 -41.74
C GLN D 321 7.66 -20.80 -40.60
N ALA D 322 7.62 -21.38 -39.40
CA ALA D 322 8.30 -20.82 -38.22
C ALA D 322 9.80 -20.59 -38.44
N GLN D 323 10.44 -21.49 -39.19
N GLN D 323 10.47 -21.44 -39.25
CA GLN D 323 11.88 -21.43 -39.46
CA GLN D 323 11.94 -21.37 -39.55
C GLN D 323 12.09 -21.49 -40.99
C GLN D 323 12.21 -21.10 -41.03
N ALA D 324 11.16 -20.97 -41.81
CA ALA D 324 11.22 -20.99 -43.29
C ALA D 324 11.88 -19.71 -43.87
N PHE D 325 11.88 -18.58 -43.19
CA PHE D 325 12.30 -17.26 -43.74
C PHE D 325 13.76 -16.93 -43.42
N GLY D 326 14.54 -17.88 -42.90
CA GLY D 326 15.99 -17.72 -42.60
C GLY D 326 16.25 -17.21 -41.18
N PHE D 327 15.20 -17.17 -40.38
CA PHE D 327 15.28 -16.81 -38.94
C PHE D 327 14.08 -17.49 -38.27
N ASP D 328 14.02 -17.37 -36.94
CA ASP D 328 13.00 -18.05 -36.12
C ASP D 328 11.87 -17.06 -35.82
N LEU D 329 10.62 -17.41 -36.12
CA LEU D 329 9.46 -16.52 -35.85
C LEU D 329 9.28 -16.35 -34.33
N LEU D 330 9.95 -17.12 -33.50
CA LEU D 330 9.87 -16.92 -32.03
C LEU D 330 10.83 -15.82 -31.58
N ASP D 331 11.69 -15.31 -32.46
CA ASP D 331 12.75 -14.37 -32.12
C ASP D 331 12.21 -12.95 -32.33
N PRO D 332 12.03 -12.15 -31.24
CA PRO D 332 11.42 -10.82 -31.35
C PRO D 332 12.38 -9.75 -31.88
N THR D 333 13.60 -10.15 -32.28
CA THR D 333 14.57 -9.21 -32.88
C THR D 333 14.49 -9.26 -34.39
N LYS D 334 13.52 -9.98 -34.94
CA LYS D 334 13.44 -10.18 -36.41
C LYS D 334 12.08 -9.71 -36.92
N ILE D 335 12.09 -9.11 -38.12
CA ILE D 335 10.87 -8.87 -38.92
C ILE D 335 10.75 -9.93 -40.00
N ILE D 336 9.51 -10.16 -40.42
CA ILE D 336 9.18 -10.87 -41.67
C ILE D 336 9.16 -9.81 -42.74
N PRO D 337 10.15 -9.78 -43.64
CA PRO D 337 10.13 -8.81 -44.73
C PRO D 337 8.79 -8.91 -45.48
N GLU D 338 8.22 -7.77 -45.82
CA GLU D 338 6.91 -7.75 -46.50
C GLU D 338 6.98 -8.46 -47.87
N GLU D 339 8.16 -8.55 -48.44
CA GLU D 339 8.34 -9.31 -49.72
C GLU D 339 8.00 -10.78 -49.48
N TYR D 340 8.14 -11.29 -48.27
CA TYR D 340 7.87 -12.72 -47.95
C TYR D 340 6.41 -12.98 -47.54
N ALA D 341 5.77 -11.98 -46.93
CA ALA D 341 4.40 -12.15 -46.41
C ALA D 341 3.75 -10.78 -46.44
N PRO D 342 2.75 -10.57 -47.30
CA PRO D 342 2.17 -9.24 -47.44
C PRO D 342 1.23 -8.94 -46.26
N LEU D 343 0.94 -7.66 -46.07
CA LEU D 343 -0.03 -7.20 -45.04
C LEU D 343 -1.43 -7.44 -45.55
N THR D 344 -2.28 -7.97 -44.71
CA THR D 344 -3.74 -8.09 -44.88
C THR D 344 -4.37 -7.02 -43.97
N LYS D 345 -5.18 -6.12 -44.51
CA LYS D 345 -5.90 -5.10 -43.70
C LYS D 345 -7.12 -5.72 -43.07
N LEU D 346 -7.21 -5.68 -41.74
CA LEU D 346 -8.36 -6.27 -41.04
C LEU D 346 -9.45 -5.21 -40.80
N GLY D 347 -9.03 -3.99 -40.49
CA GLY D 347 -10.01 -2.96 -40.09
C GLY D 347 -9.40 -1.61 -39.82
N LEU D 348 -10.22 -0.64 -39.43
CA LEU D 348 -9.81 0.76 -39.21
C LEU D 348 -9.77 1.07 -37.70
N LEU D 349 -8.67 1.65 -37.24
CA LEU D 349 -8.56 2.25 -35.88
C LEU D 349 -8.62 3.76 -36.06
N LYS D 350 -9.58 4.41 -35.44
CA LYS D 350 -9.69 5.88 -35.44
C LYS D 350 -9.82 6.37 -34.00
N LEU D 351 -8.97 7.30 -33.65
CA LEU D 351 -9.04 7.99 -32.34
C LEU D 351 -9.75 9.32 -32.51
N ASP D 352 -10.87 9.52 -31.84
CA ASP D 352 -11.67 10.74 -32.08
C ASP D 352 -12.25 11.34 -30.81
N ARG D 353 -11.85 10.90 -29.61
CA ARG D 353 -12.37 11.52 -28.38
C ARG D 353 -11.27 11.60 -27.32
N ASN D 354 -11.02 12.80 -26.85
CA ASN D 354 -10.03 13.04 -25.78
C ASN D 354 -10.66 12.66 -24.44
N PRO D 355 -9.78 12.30 -23.48
CA PRO D 355 -10.23 12.04 -22.13
C PRO D 355 -10.88 13.25 -21.48
N THR D 356 -11.64 12.97 -20.42
CA THR D 356 -12.25 13.99 -19.54
C THR D 356 -11.31 14.32 -18.37
N ASN D 357 -10.69 13.28 -17.80
CA ASN D 357 -9.73 13.45 -16.69
C ASN D 357 -8.54 12.58 -17.05
N TYR D 358 -7.39 13.23 -17.25
CA TYR D 358 -6.15 12.55 -17.65
C TYR D 358 -5.79 11.48 -16.62
N PHE D 359 -5.74 11.86 -15.34
CA PHE D 359 -5.31 10.88 -14.31
C PHE D 359 -6.20 9.66 -14.37
N ALA D 360 -7.50 9.88 -14.30
CA ALA D 360 -8.47 8.80 -14.13
C ALA D 360 -8.45 7.86 -15.33
N GLU D 361 -8.16 8.38 -16.54
CA GLU D 361 -8.30 7.58 -17.76
C GLU D 361 -6.93 7.24 -18.29
N THR D 362 -6.11 8.21 -18.65
CA THR D 362 -4.77 7.94 -19.20
C THR D 362 -3.78 7.42 -18.15
N GLU D 363 -3.66 8.07 -17.01
CA GLU D 363 -2.62 7.63 -16.05
C GLU D 363 -3.01 6.24 -15.52
N GLN D 364 -4.28 5.97 -15.28
CA GLN D 364 -4.75 4.72 -14.64
C GLN D 364 -4.95 3.56 -15.63
N VAL D 365 -4.88 3.77 -16.95
CA VAL D 365 -5.16 2.62 -17.86
C VAL D 365 -4.03 1.58 -17.68
N MET D 366 -4.40 0.34 -17.47
CA MET D 366 -3.46 -0.75 -17.11
C MET D 366 -3.54 -1.87 -18.14
N PHE D 367 -2.68 -1.74 -19.15
CA PHE D 367 -2.69 -2.69 -20.28
C PHE D 367 -2.05 -4.00 -19.87
N GLN D 368 -2.42 -5.08 -20.54
CA GLN D 368 -1.80 -6.40 -20.29
C GLN D 368 -1.85 -7.21 -21.57
N PRO D 369 -0.75 -7.87 -21.99
CA PRO D 369 -0.91 -8.88 -23.05
C PRO D 369 -1.69 -10.10 -22.60
N GLY D 370 -1.85 -10.30 -21.29
CA GLY D 370 -2.76 -11.31 -20.74
C GLY D 370 -4.21 -11.03 -20.98
N HIS D 371 -4.53 -9.80 -21.37
CA HIS D 371 -5.89 -9.47 -21.82
C HIS D 371 -6.04 -10.00 -23.24
N ILE D 372 -6.38 -11.28 -23.33
CA ILE D 372 -6.49 -12.01 -24.62
C ILE D 372 -7.94 -12.50 -24.73
N VAL D 373 -8.40 -12.72 -25.96
CA VAL D 373 -9.77 -13.21 -26.25
C VAL D 373 -9.67 -14.51 -27.07
N ARG D 374 -10.75 -15.28 -27.02
CA ARG D 374 -10.92 -16.50 -27.87
C ARG D 374 -10.62 -16.11 -29.31
N GLY D 375 -9.77 -16.88 -29.96
CA GLY D 375 -9.40 -16.60 -31.35
C GLY D 375 -7.99 -16.12 -31.50
N ILE D 376 -7.34 -15.77 -30.36
CA ILE D 376 -5.95 -15.34 -30.35
C ILE D 376 -5.20 -16.26 -29.39
N ASP D 377 -3.94 -16.53 -29.65
CA ASP D 377 -3.09 -17.28 -28.69
C ASP D 377 -1.69 -16.75 -28.74
N PHE D 378 -0.93 -17.15 -27.73
CA PHE D 378 0.47 -16.79 -27.58
C PHE D 378 1.34 -17.70 -28.43
N THR D 379 2.57 -17.29 -28.55
CA THR D 379 3.70 -18.12 -29.04
C THR D 379 4.78 -18.23 -27.96
N GLU D 380 5.69 -19.17 -28.18
CA GLU D 380 6.81 -19.51 -27.27
C GLU D 380 7.96 -18.50 -27.45
N ASP D 381 7.67 -17.30 -27.89
CA ASP D 381 8.68 -16.21 -27.90
C ASP D 381 9.04 -15.90 -26.45
N PRO D 382 10.30 -16.13 -26.00
CA PRO D 382 10.62 -16.02 -24.56
C PRO D 382 10.51 -14.60 -24.01
N LEU D 383 10.45 -13.61 -24.90
CA LEU D 383 10.13 -12.22 -24.50
C LEU D 383 8.64 -12.07 -24.20
N LEU D 384 7.76 -12.51 -25.10
CA LEU D 384 6.31 -12.45 -24.85
C LEU D 384 5.97 -13.28 -23.59
N GLN D 385 6.58 -14.46 -23.48
CA GLN D 385 6.26 -15.39 -22.40
C GLN D 385 6.40 -14.69 -21.04
N GLY D 386 7.51 -13.99 -20.83
CA GLY D 386 7.74 -13.36 -19.52
C GLY D 386 6.88 -12.12 -19.33
N ARG D 387 6.57 -11.40 -20.43
CA ARG D 387 5.68 -10.23 -20.33
C ARG D 387 4.38 -10.63 -19.66
N LEU D 388 3.82 -11.80 -19.98
CA LEU D 388 2.50 -12.17 -19.45
C LEU D 388 2.49 -12.10 -17.90
N PHE D 389 3.59 -12.46 -17.27
CA PHE D 389 3.72 -12.33 -15.80
C PHE D 389 3.77 -10.86 -15.41
N SER D 390 4.65 -10.07 -16.05
CA SER D 390 5.00 -8.70 -15.61
C SER D 390 3.76 -7.79 -15.52
N TYR D 391 2.91 -7.81 -16.53
CA TYR D 391 1.85 -6.78 -16.63
C TYR D 391 0.73 -7.10 -15.65
N LEU D 392 0.56 -8.33 -15.18
CA LEU D 392 -0.48 -8.57 -14.14
C LEU D 392 0.10 -8.11 -12.78
N ASP D 393 1.35 -8.40 -12.52
CA ASP D 393 2.03 -8.09 -11.23
C ASP D 393 2.16 -6.58 -11.08
N THR D 394 2.65 -5.90 -12.09
CA THR D 394 3.02 -4.47 -11.94
C THR D 394 1.80 -3.61 -11.58
N GLN D 395 0.59 -4.01 -11.94
CA GLN D 395 -0.60 -3.18 -11.61
C GLN D 395 -0.79 -3.17 -10.08
N LEU D 396 -0.34 -4.18 -9.35
CA LEU D 396 -0.39 -4.15 -7.88
C LEU D 396 0.41 -2.95 -7.35
N ASN D 397 1.57 -2.70 -7.93
CA ASN D 397 2.44 -1.55 -7.57
C ASN D 397 1.68 -0.24 -7.88
N ARG D 398 1.13 -0.15 -9.09
CA ARG D 398 0.51 1.14 -9.50
C ARG D 398 -0.74 1.42 -8.70
N ASN D 399 -1.63 0.43 -8.59
CA ASN D 399 -2.97 0.63 -8.00
C ASN D 399 -2.93 0.51 -6.47
N GLY D 400 -1.92 -0.17 -5.94
CA GLY D 400 -1.80 -0.38 -4.50
C GLY D 400 -2.68 -1.48 -3.97
N GLY D 401 -3.39 -2.20 -4.84
CA GLY D 401 -4.31 -3.26 -4.41
C GLY D 401 -4.76 -4.04 -5.63
N PRO D 402 -5.49 -5.13 -5.41
CA PRO D 402 -5.75 -6.11 -6.48
C PRO D 402 -6.98 -5.85 -7.35
N ASN D 403 -7.75 -4.79 -7.08
CA ASN D 403 -9.05 -4.57 -7.77
C ASN D 403 -8.90 -3.53 -8.89
N PHE D 404 -7.71 -3.43 -9.52
CA PHE D 404 -7.41 -2.44 -10.59
C PHE D 404 -8.30 -2.65 -11.83
N GLU D 405 -8.82 -3.85 -12.09
CA GLU D 405 -9.71 -4.05 -13.26
C GLU D 405 -11.05 -3.37 -13.00
N GLN D 406 -11.33 -2.89 -11.80
CA GLN D 406 -12.61 -2.20 -11.49
C GLN D 406 -12.55 -0.72 -11.80
N LEU D 407 -11.35 -0.17 -12.05
CA LEU D 407 -11.27 1.24 -12.42
C LEU D 407 -12.06 1.39 -13.71
N PRO D 408 -12.82 2.49 -13.86
CA PRO D 408 -13.63 2.67 -15.06
C PRO D 408 -12.90 2.37 -16.36
N ILE D 409 -11.71 2.93 -16.56
CA ILE D 409 -10.95 2.77 -17.84
C ILE D 409 -10.54 1.31 -18.05
N ASN D 410 -10.48 0.52 -16.99
CA ASN D 410 -10.08 -0.91 -17.14
C ASN D 410 -11.29 -1.86 -17.19
N MET D 411 -12.49 -1.43 -16.83
CA MET D 411 -13.68 -2.30 -16.81
C MET D 411 -13.97 -2.77 -18.22
N PRO D 412 -14.50 -4.01 -18.33
CA PRO D 412 -15.00 -4.47 -19.64
C PRO D 412 -16.40 -3.90 -19.85
N ARG D 413 -16.90 -4.11 -21.08
CA ARG D 413 -18.27 -3.63 -21.49
C ARG D 413 -19.21 -4.82 -21.57
N VAL D 414 -18.89 -5.94 -20.94
CA VAL D 414 -19.75 -7.15 -20.85
C VAL D 414 -19.71 -7.63 -19.41
N PRO D 415 -20.67 -8.47 -19.01
CA PRO D 415 -20.77 -8.94 -17.64
C PRO D 415 -19.54 -9.73 -17.21
N ILE D 416 -19.31 -9.68 -15.89
CA ILE D 416 -18.22 -10.42 -15.23
C ILE D 416 -18.86 -11.46 -14.34
N HIS D 417 -18.52 -12.72 -14.54
CA HIS D 417 -19.02 -13.83 -13.72
C HIS D 417 -17.85 -14.65 -13.20
N ASN D 418 -17.39 -14.38 -11.97
CA ASN D 418 -16.30 -15.23 -11.42
C ASN D 418 -16.31 -15.19 -9.90
N ASN D 419 -15.41 -15.99 -9.32
CA ASN D 419 -15.35 -16.20 -7.86
C ASN D 419 -14.17 -15.47 -7.26
N ASN D 420 -13.63 -14.47 -7.93
CA ASN D 420 -12.69 -13.53 -7.32
C ASN D 420 -13.43 -12.69 -6.30
N ARG D 421 -12.80 -12.45 -5.14
CA ARG D 421 -13.50 -11.82 -3.99
C ARG D 421 -12.58 -10.91 -3.20
N ASP D 422 -13.22 -9.95 -2.51
CA ASP D 422 -12.53 -9.18 -1.45
C ASP D 422 -11.36 -8.42 -2.06
N GLY D 423 -10.30 -8.24 -1.29
CA GLY D 423 -9.16 -7.38 -1.68
C GLY D 423 -9.44 -5.92 -1.38
N ALA D 424 -8.40 -5.14 -1.14
CA ALA D 424 -8.51 -3.71 -0.88
C ALA D 424 -9.27 -3.06 -2.04
N GLY D 425 -10.16 -2.16 -1.71
CA GLY D 425 -10.84 -1.35 -2.73
C GLY D 425 -11.91 -2.10 -3.47
N GLN D 426 -12.41 -3.19 -2.93
CA GLN D 426 -13.46 -4.01 -3.59
C GLN D 426 -14.73 -3.15 -3.77
N MET D 427 -15.13 -2.91 -5.02
CA MET D 427 -16.31 -2.08 -5.35
C MET D 427 -17.54 -2.95 -5.53
N PHE D 428 -17.42 -4.20 -5.90
CA PHE D 428 -18.61 -4.99 -6.21
C PHE D 428 -19.22 -5.53 -4.91
N ILE D 429 -20.54 -5.77 -4.95
CA ILE D 429 -21.29 -6.40 -3.85
C ILE D 429 -21.82 -7.70 -4.42
N HIS D 430 -21.07 -8.78 -4.26
CA HIS D 430 -21.38 -10.09 -4.89
C HIS D 430 -22.56 -10.75 -4.19
N ARG D 431 -23.61 -11.11 -4.93
N ARG D 431 -23.57 -11.12 -4.98
CA ARG D 431 -24.77 -11.83 -4.36
CA ARG D 431 -24.80 -11.81 -4.52
C ARG D 431 -24.43 -13.32 -4.11
C ARG D 431 -24.61 -13.32 -4.31
N ASN D 432 -23.65 -13.95 -5.00
CA ASN D 432 -23.41 -15.39 -4.92
C ASN D 432 -22.63 -15.70 -3.65
N LYS D 433 -23.27 -16.33 -2.67
CA LYS D 433 -22.63 -16.61 -1.37
C LYS D 433 -21.87 -17.94 -1.43
N TYR D 434 -21.78 -18.57 -2.60
CA TYR D 434 -21.04 -19.84 -2.73
C TYR D 434 -20.00 -19.76 -3.83
N PRO D 435 -19.00 -18.85 -3.70
CA PRO D 435 -18.02 -18.62 -4.78
C PRO D 435 -16.91 -19.67 -4.78
N TYR D 436 -17.29 -20.90 -5.02
CA TYR D 436 -16.35 -22.02 -5.24
C TYR D 436 -16.95 -22.95 -6.29
N THR D 437 -16.05 -23.60 -6.98
CA THR D 437 -16.36 -24.63 -7.99
C THR D 437 -15.60 -25.85 -7.56
N PRO D 438 -16.14 -27.07 -7.63
CA PRO D 438 -17.54 -27.30 -7.97
C PRO D 438 -18.49 -27.03 -6.79
N ASN D 439 -19.68 -26.55 -7.10
CA ASN D 439 -20.73 -26.30 -6.09
C ASN D 439 -22.06 -26.90 -6.57
N THR D 440 -22.94 -27.19 -5.61
CA THR D 440 -24.38 -27.39 -5.87
C THR D 440 -25.16 -26.20 -5.32
N LEU D 441 -24.64 -25.50 -4.31
CA LEU D 441 -25.50 -24.50 -3.60
C LEU D 441 -25.68 -23.24 -4.45
N ASN D 442 -24.88 -23.06 -5.49
CA ASN D 442 -25.14 -22.05 -6.54
C ASN D 442 -25.48 -22.72 -7.88
N SER D 443 -25.95 -23.97 -7.81
CA SER D 443 -26.47 -24.71 -9.01
C SER D 443 -25.35 -24.86 -10.04
N GLY D 444 -24.10 -24.89 -9.60
CA GLY D 444 -23.00 -25.14 -10.56
C GLY D 444 -22.60 -23.91 -11.37
N TYR D 445 -23.05 -22.71 -10.98
CA TYR D 445 -22.67 -21.47 -11.68
C TYR D 445 -21.59 -20.77 -10.85
N PRO D 446 -20.67 -20.02 -11.50
CA PRO D 446 -20.57 -19.86 -12.96
C PRO D 446 -20.09 -21.16 -13.62
N ARG D 447 -20.51 -21.37 -14.90
CA ARG D 447 -20.12 -22.59 -15.64
C ARG D 447 -18.76 -22.41 -16.29
N GLN D 448 -18.01 -23.49 -16.37
CA GLN D 448 -16.68 -23.47 -16.99
C GLN D 448 -16.83 -23.16 -18.48
N ALA D 449 -16.05 -22.25 -19.01
CA ALA D 449 -16.01 -21.97 -20.46
C ALA D 449 -14.74 -22.55 -21.07
N ASN D 450 -14.85 -23.16 -22.25
CA ASN D 450 -13.72 -23.85 -22.89
C ASN D 450 -13.98 -23.91 -24.41
N GLN D 451 -13.17 -24.67 -25.12
CA GLN D 451 -13.32 -24.68 -26.60
C GLN D 451 -14.77 -25.04 -26.98
N ASN D 452 -15.35 -26.00 -26.29
CA ASN D 452 -16.67 -26.57 -26.65
C ASN D 452 -17.86 -25.91 -25.95
N ALA D 453 -17.70 -25.04 -24.95
CA ALA D 453 -18.86 -24.48 -24.22
C ALA D 453 -18.60 -23.03 -23.81
N GLY D 454 -19.57 -22.16 -23.93
CA GLY D 454 -19.48 -20.82 -23.35
C GLY D 454 -18.49 -19.88 -24.03
N ARG D 455 -18.03 -20.21 -25.24
CA ARG D 455 -17.10 -19.34 -26.01
C ARG D 455 -15.83 -19.11 -25.17
N GLY D 456 -15.39 -20.13 -24.47
CA GLY D 456 -14.16 -20.01 -23.67
C GLY D 456 -12.94 -19.72 -24.50
N PHE D 457 -11.99 -18.97 -23.93
CA PHE D 457 -10.60 -18.97 -24.40
C PHE D 457 -10.12 -20.40 -24.43
N PHE D 458 -9.30 -20.76 -25.42
CA PHE D 458 -8.59 -22.06 -25.35
C PHE D 458 -7.23 -21.92 -25.97
N THR D 459 -6.27 -22.62 -25.39
CA THR D 459 -4.91 -22.69 -25.97
C THR D 459 -5.02 -23.38 -27.33
N ALA D 460 -4.27 -22.94 -28.32
CA ALA D 460 -4.29 -23.55 -29.67
C ALA D 460 -4.00 -25.05 -29.50
N PRO D 461 -4.89 -25.96 -29.88
CA PRO D 461 -4.72 -27.35 -29.46
C PRO D 461 -3.64 -28.15 -30.18
N GLY D 462 -3.08 -27.60 -31.26
CA GLY D 462 -1.92 -28.19 -31.95
C GLY D 462 -0.62 -27.85 -31.28
N ARG D 463 -0.64 -27.01 -30.23
CA ARG D 463 0.62 -26.63 -29.60
C ARG D 463 1.15 -27.79 -28.74
N THR D 464 2.46 -27.96 -28.74
CA THR D 464 3.16 -29.02 -28.00
C THR D 464 4.43 -28.42 -27.38
N ALA D 465 5.04 -29.22 -26.50
CA ALA D 465 6.40 -28.99 -26.05
C ALA D 465 7.10 -30.34 -25.99
N SER D 466 8.39 -30.30 -26.21
CA SER D 466 9.23 -31.52 -26.15
C SER D 466 10.64 -31.13 -25.78
N GLY D 467 11.26 -31.87 -24.89
CA GLY D 467 12.69 -31.76 -24.64
C GLY D 467 12.97 -31.55 -23.17
N ALA D 468 14.22 -31.28 -22.88
CA ALA D 468 14.73 -31.04 -21.54
C ALA D 468 14.12 -29.73 -21.00
N LEU D 469 13.99 -29.64 -19.67
CA LEU D 469 13.67 -28.36 -19.01
C LEU D 469 14.98 -27.57 -18.96
N VAL D 470 15.11 -26.51 -19.75
CA VAL D 470 16.42 -25.86 -19.97
C VAL D 470 16.35 -24.34 -19.78
N ARG D 471 17.44 -23.80 -19.25
CA ARG D 471 17.76 -22.35 -19.31
C ARG D 471 18.83 -22.15 -20.40
N GLU D 472 18.45 -22.44 -21.63
N GLU D 472 18.48 -22.47 -21.64
CA GLU D 472 19.34 -22.40 -22.81
CA GLU D 472 19.42 -22.31 -22.77
C GLU D 472 18.72 -21.53 -23.90
C GLU D 472 18.75 -21.53 -23.88
N VAL D 473 19.54 -20.76 -24.62
CA VAL D 473 19.08 -20.00 -25.81
C VAL D 473 19.12 -20.90 -27.05
N SER D 474 18.06 -20.87 -27.84
CA SER D 474 17.97 -21.58 -29.14
C SER D 474 19.04 -21.04 -30.08
N PRO D 475 19.91 -21.90 -30.67
CA PRO D 475 20.89 -21.40 -31.65
C PRO D 475 20.25 -20.70 -32.85
N THR D 476 18.97 -20.98 -33.10
CA THR D 476 18.18 -20.33 -34.19
C THR D 476 18.10 -18.80 -33.96
N PHE D 477 18.42 -18.34 -32.73
CA PHE D 477 18.35 -16.90 -32.34
C PHE D 477 19.68 -16.16 -32.54
N ASN D 478 20.73 -16.83 -33.01
CA ASN D 478 22.13 -16.37 -32.86
C ASN D 478 22.55 -15.29 -33.89
N ASP D 479 21.84 -15.06 -34.99
CA ASP D 479 22.24 -14.02 -35.97
C ASP D 479 21.71 -12.68 -35.53
N HIS D 480 22.55 -11.86 -34.91
CA HIS D 480 22.13 -10.56 -34.33
C HIS D 480 22.46 -9.43 -35.29
N TRP D 481 23.00 -9.73 -36.48
CA TRP D 481 23.60 -8.65 -37.33
C TRP D 481 22.99 -8.54 -38.73
N SER D 482 22.51 -9.64 -39.32
N SER D 482 22.47 -9.59 -39.36
CA SER D 482 22.00 -9.59 -40.71
CA SER D 482 22.05 -9.43 -40.78
C SER D 482 20.83 -8.59 -40.82
C SER D 482 20.75 -8.60 -40.89
N GLN D 483 19.86 -8.63 -39.90
CA GLN D 483 18.63 -7.84 -40.05
C GLN D 483 18.93 -6.39 -39.75
N PRO D 484 19.79 -6.02 -38.75
CA PRO D 484 20.20 -4.62 -38.67
C PRO D 484 20.77 -4.11 -40.03
N ARG D 485 21.55 -4.97 -40.71
CA ARG D 485 22.12 -4.58 -42.03
C ARG D 485 20.99 -4.43 -43.06
N LEU D 486 20.03 -5.33 -43.05
CA LEU D 486 18.83 -5.27 -43.91
C LEU D 486 18.15 -3.92 -43.73
N PHE D 487 17.90 -3.51 -42.48
CA PHE D 487 17.26 -2.23 -42.16
C PHE D 487 18.11 -1.07 -42.73
N PHE D 488 19.39 -1.02 -42.37
CA PHE D 488 20.28 0.07 -42.79
C PHE D 488 20.27 0.17 -44.32
N ASN D 489 20.30 -0.97 -44.98
CA ASN D 489 20.36 -1.04 -46.47
C ASN D 489 19.10 -0.44 -47.07
N SER D 490 17.99 -0.42 -46.33
CA SER D 490 16.63 -0.07 -46.81
C SER D 490 16.34 1.41 -46.59
N LEU D 491 17.30 2.17 -46.04
CA LEU D 491 17.17 3.63 -45.81
C LEU D 491 17.75 4.36 -47.01
N THR D 492 17.27 5.58 -47.24
CA THR D 492 17.85 6.44 -48.31
C THR D 492 19.21 6.93 -47.84
N PRO D 493 20.02 7.47 -48.75
CA PRO D 493 21.33 7.98 -48.36
C PRO D 493 21.30 9.03 -47.24
N VAL D 494 20.41 10.01 -47.32
CA VAL D 494 20.34 11.07 -46.26
C VAL D 494 19.90 10.41 -44.93
N GLU D 495 18.98 9.48 -45.02
CA GLU D 495 18.50 8.67 -43.86
C GLU D 495 19.66 7.90 -43.23
N GLN D 496 20.49 7.24 -44.03
CA GLN D 496 21.71 6.58 -43.51
C GLN D 496 22.60 7.60 -42.81
N GLN D 497 22.74 8.79 -43.39
CA GLN D 497 23.58 9.82 -42.76
C GLN D 497 22.98 10.21 -41.38
N PHE D 498 21.66 10.40 -41.31
CA PHE D 498 20.99 10.81 -40.05
C PHE D 498 21.28 9.74 -38.98
N LEU D 499 21.23 8.46 -39.36
CA LEU D 499 21.46 7.35 -38.41
C LEU D 499 22.91 7.36 -37.96
N VAL D 500 23.87 7.52 -38.88
CA VAL D 500 25.30 7.66 -38.52
C VAL D 500 25.45 8.85 -37.56
N ASN D 501 24.81 9.97 -37.87
CA ASN D 501 24.97 11.21 -37.08
C ASN D 501 24.39 11.03 -35.67
N ALA D 502 23.31 10.30 -35.52
CA ALA D 502 22.71 9.99 -34.20
C ALA D 502 23.73 9.18 -33.40
N MET D 503 24.32 8.17 -34.00
CA MET D 503 25.32 7.33 -33.31
C MET D 503 26.55 8.18 -33.00
N ARG D 504 26.98 9.03 -33.94
CA ARG D 504 28.12 9.92 -33.67
C ARG D 504 27.83 10.81 -32.44
N PHE D 505 26.64 11.40 -32.39
CA PHE D 505 26.19 12.27 -31.28
C PHE D 505 26.29 11.45 -29.97
N GLU D 506 25.60 10.31 -29.91
CA GLU D 506 25.49 9.60 -28.60
C GLU D 506 26.82 8.99 -28.21
N ILE D 507 27.50 8.32 -29.13
CA ILE D 507 28.73 7.60 -28.74
C ILE D 507 29.81 8.61 -28.33
N SER D 508 29.84 9.82 -28.89
CA SER D 508 30.83 10.85 -28.51
C SER D 508 30.66 11.28 -27.05
N LEU D 509 29.48 11.03 -26.45
CA LEU D 509 29.21 11.36 -25.03
C LEU D 509 29.57 10.19 -24.11
N VAL D 510 29.97 9.05 -24.63
CA VAL D 510 30.40 7.88 -23.81
C VAL D 510 31.82 8.16 -23.31
N LYS D 511 32.03 8.18 -22.00
CA LYS D 511 33.37 8.55 -21.43
C LYS D 511 34.39 7.43 -21.60
N SER D 512 33.99 6.18 -21.41
CA SER D 512 34.87 4.99 -21.44
C SER D 512 35.38 4.70 -22.86
N GLU D 513 36.71 4.62 -23.00
N GLU D 513 36.68 4.90 -23.13
CA GLU D 513 37.38 4.22 -24.26
CA GLU D 513 37.28 4.57 -24.45
C GLU D 513 37.18 2.71 -24.52
C GLU D 513 37.01 3.11 -24.77
N GLU D 514 37.10 1.83 -23.49
N GLU D 514 37.10 2.24 -23.76
CA GLU D 514 36.78 0.39 -23.69
CA GLU D 514 36.86 0.78 -23.88
C GLU D 514 35.36 0.32 -24.27
C GLU D 514 35.42 0.49 -24.35
N VAL D 515 34.37 1.04 -23.71
CA VAL D 515 32.98 0.92 -24.24
C VAL D 515 32.91 1.41 -25.71
N LYS D 516 33.53 2.55 -26.02
CA LYS D 516 33.48 3.08 -27.41
C LYS D 516 34.07 2.05 -28.39
N LYS D 517 35.21 1.45 -28.03
N LYS D 517 35.23 1.50 -28.02
CA LYS D 517 35.85 0.39 -28.89
CA LYS D 517 35.88 0.42 -28.82
C LYS D 517 34.93 -0.82 -29.02
C LYS D 517 34.90 -0.74 -29.01
N ASN D 518 34.30 -1.22 -27.91
CA ASN D 518 33.37 -2.37 -27.97
C ASN D 518 32.17 -2.07 -28.86
N VAL D 519 31.67 -0.82 -28.84
CA VAL D 519 30.53 -0.41 -29.69
C VAL D 519 30.95 -0.52 -31.17
N LEU D 520 32.12 0.00 -31.49
CA LEU D 520 32.63 -0.10 -32.89
C LEU D 520 32.80 -1.55 -33.32
N THR D 521 33.23 -2.45 -32.45
CA THR D 521 33.29 -3.91 -32.74
C THR D 521 31.90 -4.43 -33.18
N GLN D 522 30.82 -4.06 -32.46
CA GLN D 522 29.48 -4.56 -32.82
C GLN D 522 28.97 -3.89 -34.07
N LEU D 523 29.11 -2.56 -34.18
CA LEU D 523 28.58 -1.87 -35.38
C LEU D 523 29.26 -2.42 -36.65
N ASN D 524 30.55 -2.70 -36.53
CA ASN D 524 31.40 -3.23 -37.62
C ASN D 524 30.87 -4.57 -38.13
N ARG D 525 30.21 -5.36 -37.28
CA ARG D 525 29.63 -6.66 -37.71
C ARG D 525 28.35 -6.44 -38.51
N VAL D 526 27.69 -5.29 -38.38
CA VAL D 526 26.52 -4.94 -39.22
C VAL D 526 27.02 -4.29 -40.52
N SER D 527 27.89 -3.30 -40.40
CA SER D 527 28.38 -2.51 -41.56
C SER D 527 29.76 -1.94 -41.25
N HIS D 528 30.78 -2.29 -42.01
CA HIS D 528 32.10 -1.65 -41.85
C HIS D 528 31.96 -0.14 -42.11
N ASP D 529 31.17 0.27 -43.10
CA ASP D 529 31.02 1.71 -43.48
C ASP D 529 30.47 2.48 -42.26
N VAL D 530 29.46 1.92 -41.61
CA VAL D 530 28.87 2.58 -40.41
C VAL D 530 29.98 2.72 -39.37
N ALA D 531 30.74 1.66 -39.11
CA ALA D 531 31.78 1.69 -38.08
C ALA D 531 32.82 2.78 -38.41
N VAL D 532 33.22 2.86 -39.67
CA VAL D 532 34.27 3.85 -40.08
C VAL D 532 33.74 5.28 -39.86
N ARG D 533 32.50 5.54 -40.26
CA ARG D 533 31.91 6.89 -40.26
C ARG D 533 31.69 7.32 -38.80
N VAL D 534 31.22 6.40 -37.97
CA VAL D 534 30.99 6.69 -36.53
C VAL D 534 32.36 6.92 -35.90
N ALA D 535 33.32 6.04 -36.15
CA ALA D 535 34.67 6.10 -35.54
C ALA D 535 35.33 7.45 -35.85
N ALA D 536 35.05 8.03 -37.03
CA ALA D 536 35.61 9.34 -37.46
C ALA D 536 35.24 10.44 -36.46
N ALA D 537 34.03 10.42 -35.92
CA ALA D 537 33.57 11.47 -34.98
C ALA D 537 34.25 11.33 -33.61
N ILE D 538 34.73 10.15 -33.23
CA ILE D 538 35.15 9.89 -31.82
C ILE D 538 36.67 9.63 -31.76
N GLY D 539 37.37 9.80 -32.88
CA GLY D 539 38.85 9.79 -32.89
C GLY D 539 39.44 8.41 -32.63
N LEU D 540 38.66 7.35 -32.85
CA LEU D 540 39.18 5.96 -32.86
C LEU D 540 39.24 5.44 -34.29
N GLY D 541 40.02 4.39 -34.48
CA GLY D 541 40.01 3.62 -35.73
C GLY D 541 38.96 2.52 -35.66
N ALA D 542 38.19 2.34 -36.71
CA ALA D 542 37.27 1.20 -36.84
C ALA D 542 38.09 -0.06 -36.97
N PRO D 543 37.63 -1.17 -36.39
CA PRO D 543 38.30 -2.45 -36.60
C PRO D 543 38.12 -2.87 -38.07
N ASP D 544 39.02 -3.73 -38.51
CA ASP D 544 38.98 -4.30 -39.88
C ASP D 544 37.61 -4.91 -40.17
N ALA D 545 37.19 -4.78 -41.42
CA ALA D 545 35.94 -5.38 -41.91
C ALA D 545 35.84 -6.85 -41.48
N ASP D 546 34.63 -7.25 -41.06
CA ASP D 546 34.28 -8.65 -40.79
C ASP D 546 32.98 -8.93 -41.53
N ASP D 547 33.09 -9.55 -42.70
CA ASP D 547 31.97 -9.60 -43.67
C ASP D 547 31.04 -10.80 -43.44
N THR D 548 31.13 -11.50 -42.31
CA THR D 548 30.31 -12.69 -42.04
C THR D 548 28.83 -12.39 -42.29
N TYR D 549 28.33 -11.25 -41.81
CA TYR D 549 26.87 -10.95 -41.86
C TYR D 549 26.57 -9.85 -42.89
N TYR D 550 27.55 -9.35 -43.63
CA TYR D 550 27.34 -8.26 -44.61
C TYR D 550 26.54 -8.80 -45.79
N HIS D 551 25.63 -8.01 -46.31
CA HIS D 551 24.79 -8.36 -47.49
C HIS D 551 24.20 -7.06 -48.03
N ASN D 552 23.57 -7.13 -49.20
CA ASN D 552 23.05 -5.96 -49.91
C ASN D 552 21.54 -6.08 -50.07
N ASN D 553 20.88 -6.97 -49.31
CA ASN D 553 19.41 -7.11 -49.39
C ASN D 553 18.73 -5.88 -48.78
N LYS D 554 17.53 -5.58 -49.28
CA LYS D 554 16.68 -4.43 -48.86
C LYS D 554 15.26 -4.93 -48.68
N THR D 555 14.43 -4.15 -47.98
CA THR D 555 13.02 -4.48 -47.72
C THR D 555 12.24 -3.17 -47.77
N ALA D 556 11.04 -3.23 -48.27
CA ALA D 556 10.15 -2.06 -48.43
C ALA D 556 9.51 -1.72 -47.07
N GLY D 557 9.12 -0.46 -46.91
CA GLY D 557 8.17 -0.02 -45.87
C GLY D 557 8.84 0.38 -44.57
N VAL D 558 10.18 0.37 -44.47
CA VAL D 558 10.86 0.74 -43.19
C VAL D 558 11.46 2.13 -43.28
N SER D 559 11.64 2.68 -44.48
CA SER D 559 12.22 4.02 -44.67
C SER D 559 11.13 5.07 -44.43
N ILE D 560 11.50 6.15 -43.77
CA ILE D 560 10.60 7.34 -43.63
C ILE D 560 10.81 8.25 -44.85
N VAL D 561 12.04 8.63 -45.10
CA VAL D 561 12.36 9.55 -46.24
C VAL D 561 11.77 8.91 -47.50
N GLY D 562 11.89 7.60 -47.65
CA GLY D 562 11.48 6.87 -48.87
C GLY D 562 9.97 6.70 -49.00
N SER D 563 9.15 7.05 -48.01
CA SER D 563 7.71 6.70 -48.05
C SER D 563 6.92 7.81 -48.77
N GLY D 564 7.63 8.73 -49.43
CA GLY D 564 7.04 9.66 -50.42
C GLY D 564 6.35 10.80 -49.69
N PRO D 565 5.68 11.71 -50.40
CA PRO D 565 5.01 12.81 -49.72
C PRO D 565 3.90 12.29 -48.78
N LEU D 566 3.58 13.06 -47.76
CA LEU D 566 2.41 12.77 -46.87
C LEU D 566 1.12 12.74 -47.67
N PRO D 567 0.19 11.81 -47.36
CA PRO D 567 -1.08 11.68 -48.06
C PRO D 567 -2.06 12.81 -47.73
N THR D 568 -1.82 13.53 -46.63
CA THR D 568 -2.68 14.65 -46.20
C THR D 568 -1.77 15.67 -45.53
N ILE D 569 -2.09 16.93 -45.70
CA ILE D 569 -1.37 17.99 -44.96
C ILE D 569 -2.29 18.58 -43.90
N LYS D 570 -3.51 18.07 -43.75
CA LYS D 570 -4.43 18.61 -42.72
C LYS D 570 -3.72 18.48 -41.36
N THR D 571 -3.92 19.48 -40.50
CA THR D 571 -3.29 19.64 -39.15
C THR D 571 -1.87 20.21 -39.23
N LEU D 572 -1.17 20.20 -40.37
CA LEU D 572 0.21 20.72 -40.38
C LEU D 572 0.19 22.22 -40.09
N ARG D 573 1.28 22.68 -39.50
CA ARG D 573 1.36 23.97 -38.79
C ARG D 573 2.12 24.97 -39.69
N VAL D 574 1.48 26.10 -40.00
CA VAL D 574 2.15 27.18 -40.77
C VAL D 574 2.28 28.42 -39.89
N GLY D 575 3.48 28.85 -39.65
CA GLY D 575 3.73 30.13 -38.98
C GLY D 575 3.90 31.24 -40.01
N ILE D 576 3.12 32.29 -39.86
CA ILE D 576 3.20 33.51 -40.74
C ILE D 576 3.86 34.60 -39.91
N LEU D 577 5.07 35.04 -40.26
CA LEU D 577 5.83 36.06 -39.52
C LEU D 577 5.42 37.42 -40.08
N ALA D 578 4.80 38.25 -39.26
CA ALA D 578 4.22 39.55 -39.68
C ALA D 578 4.75 40.61 -38.73
N THR D 579 4.15 41.78 -38.79
CA THR D 579 4.50 42.94 -37.95
C THR D 579 3.24 43.77 -37.74
N THR D 580 3.16 44.38 -36.55
CA THR D 580 2.13 45.39 -36.23
C THR D 580 2.53 46.77 -36.81
N SER D 581 3.76 46.93 -37.29
CA SER D 581 4.33 48.23 -37.70
C SER D 581 3.82 48.63 -39.09
N GLU D 582 3.12 47.72 -39.78
CA GLU D 582 2.62 47.90 -41.17
C GLU D 582 1.26 47.24 -41.29
N SER D 583 0.19 48.02 -41.44
CA SER D 583 -1.19 47.49 -41.49
C SER D 583 -1.29 46.54 -42.70
N SER D 584 -0.50 46.80 -43.74
CA SER D 584 -0.47 45.97 -44.96
C SER D 584 0.19 44.60 -44.70
N ALA D 585 1.17 44.50 -43.80
CA ALA D 585 1.72 43.18 -43.37
C ALA D 585 0.61 42.36 -42.67
N LEU D 586 -0.21 42.99 -41.84
CA LEU D 586 -1.32 42.26 -41.18
C LEU D 586 -2.36 41.86 -42.24
N ASP D 587 -2.59 42.72 -43.23
CA ASP D 587 -3.52 42.36 -44.33
C ASP D 587 -2.99 41.15 -45.11
N GLN D 588 -1.70 41.09 -45.43
CA GLN D 588 -1.11 39.94 -46.16
C GLN D 588 -1.36 38.69 -45.31
N ALA D 589 -1.12 38.82 -44.01
CA ALA D 589 -1.18 37.63 -43.13
C ALA D 589 -2.63 37.13 -43.09
N ALA D 590 -3.60 38.03 -42.99
CA ALA D 590 -5.03 37.67 -42.98
C ALA D 590 -5.40 36.95 -44.27
N GLN D 591 -4.88 37.41 -45.43
CA GLN D 591 -5.28 36.81 -46.72
C GLN D 591 -4.67 35.41 -46.79
N LEU D 592 -3.41 35.27 -46.37
CA LEU D 592 -2.71 33.96 -46.29
C LEU D 592 -3.47 33.02 -45.34
N ARG D 593 -3.91 33.52 -44.21
CA ARG D 593 -4.65 32.66 -43.23
C ARG D 593 -5.88 32.04 -43.90
N THR D 594 -6.70 32.85 -44.56
CA THR D 594 -8.00 32.39 -45.09
C THR D 594 -7.73 31.24 -46.07
N ARG D 595 -6.75 31.46 -46.92
CA ARG D 595 -6.44 30.50 -48.00
C ARG D 595 -5.84 29.21 -47.40
N LEU D 596 -4.95 29.33 -46.41
CA LEU D 596 -4.33 28.13 -45.79
C LEU D 596 -5.35 27.39 -44.92
N GLU D 597 -6.19 28.09 -44.17
CA GLU D 597 -7.16 27.45 -43.26
C GLU D 597 -8.21 26.70 -44.10
N LYS D 598 -8.47 27.14 -45.32
CA LYS D 598 -9.46 26.49 -46.21
C LYS D 598 -9.05 25.02 -46.40
N ASP D 599 -7.74 24.77 -46.42
CA ASP D 599 -7.13 23.47 -46.75
C ASP D 599 -6.83 22.68 -45.46
N GLY D 600 -7.25 23.20 -44.30
CA GLY D 600 -7.17 22.46 -43.02
C GLY D 600 -5.81 22.56 -42.35
N LEU D 601 -4.96 23.49 -42.77
CA LEU D 601 -3.70 23.83 -42.07
C LEU D 601 -4.03 24.62 -40.79
N VAL D 602 -3.21 24.42 -39.77
CA VAL D 602 -3.26 25.22 -38.52
C VAL D 602 -2.34 26.41 -38.66
N VAL D 603 -2.94 27.61 -38.73
CA VAL D 603 -2.18 28.85 -39.03
C VAL D 603 -1.96 29.64 -37.74
N THR D 604 -0.71 30.00 -37.51
CA THR D 604 -0.30 30.94 -36.47
C THR D 604 0.24 32.20 -37.11
N VAL D 605 -0.40 33.35 -36.88
CA VAL D 605 0.19 34.65 -37.26
C VAL D 605 0.98 35.13 -36.05
N VAL D 606 2.25 35.42 -36.28
CA VAL D 606 3.24 35.89 -35.27
C VAL D 606 3.44 37.38 -35.50
N ALA D 607 3.41 38.18 -34.45
CA ALA D 607 3.85 39.59 -34.52
C ALA D 607 4.48 40.02 -33.21
N GLU D 608 4.80 41.30 -33.09
CA GLU D 608 5.57 41.80 -31.93
C GLU D 608 4.67 41.67 -30.70
N THR D 609 3.38 41.96 -30.86
CA THR D 609 2.36 42.02 -29.80
C THR D 609 1.08 41.38 -30.30
N LEU D 610 0.23 40.90 -29.40
CA LEU D 610 -1.11 40.35 -29.71
C LEU D 610 -2.07 41.50 -30.06
N ARG D 611 -2.98 41.17 -30.97
CA ARG D 611 -4.16 41.97 -31.37
C ARG D 611 -5.04 41.04 -32.21
N GLU D 612 -6.18 41.54 -32.65
CA GLU D 612 -7.12 40.69 -33.42
C GLU D 612 -6.35 40.19 -34.66
N GLY D 613 -6.35 38.87 -34.88
CA GLY D 613 -5.73 38.25 -36.06
C GLY D 613 -4.28 37.83 -35.84
N VAL D 614 -3.69 38.16 -34.68
CA VAL D 614 -2.32 37.73 -34.30
C VAL D 614 -2.47 36.70 -33.16
N ASP D 615 -1.89 35.52 -33.33
CA ASP D 615 -2.09 34.38 -32.39
C ASP D 615 -1.00 34.37 -31.34
N GLN D 616 0.19 34.84 -31.71
N GLN D 616 0.27 34.57 -31.73
CA GLN D 616 1.39 34.57 -30.91
CA GLN D 616 1.41 34.54 -30.78
C GLN D 616 2.45 35.67 -31.07
C GLN D 616 2.31 35.74 -31.00
N THR D 617 3.12 36.04 -29.97
CA THR D 617 4.20 37.06 -30.03
C THR D 617 5.47 36.40 -30.53
N TYR D 618 6.41 37.19 -31.01
CA TYR D 618 7.75 36.68 -31.36
C TYR D 618 8.42 36.07 -30.13
N SER D 619 8.11 36.62 -28.95
CA SER D 619 8.76 36.15 -27.70
C SER D 619 8.45 34.67 -27.48
N THR D 620 7.24 34.25 -27.79
CA THR D 620 6.84 32.82 -27.51
C THR D 620 6.96 31.91 -28.73
N ALA D 621 7.29 32.49 -29.89
CA ALA D 621 7.36 31.74 -31.16
C ALA D 621 8.72 31.10 -31.31
N ASP D 622 8.73 29.95 -32.00
CA ASP D 622 9.93 29.17 -32.30
C ASP D 622 9.68 28.34 -33.56
N ALA D 623 10.73 28.08 -34.36
CA ALA D 623 10.59 27.28 -35.58
C ALA D 623 10.12 25.85 -35.24
N THR D 624 10.40 25.32 -34.04
CA THR D 624 9.91 23.99 -33.64
C THR D 624 8.37 23.96 -33.54
N GLY D 625 7.72 25.11 -33.48
CA GLY D 625 6.26 25.21 -33.49
C GLY D 625 5.61 25.10 -34.85
N PHE D 626 6.37 24.99 -35.96
CA PHE D 626 5.78 25.07 -37.32
C PHE D 626 6.34 23.95 -38.19
N ASP D 627 5.54 23.48 -39.15
CA ASP D 627 5.98 22.59 -40.26
C ASP D 627 6.40 23.41 -41.48
N GLY D 628 5.99 24.67 -41.54
CA GLY D 628 6.50 25.58 -42.59
C GLY D 628 6.42 27.00 -42.10
N VAL D 629 7.28 27.86 -42.62
CA VAL D 629 7.30 29.29 -42.20
C VAL D 629 7.15 30.19 -43.44
N VAL D 630 6.28 31.16 -43.31
CA VAL D 630 6.01 32.17 -44.38
C VAL D 630 6.29 33.55 -43.79
N VAL D 631 7.09 34.38 -44.45
CA VAL D 631 7.27 35.80 -44.07
C VAL D 631 6.43 36.62 -45.07
N VAL D 632 5.58 37.51 -44.58
CA VAL D 632 4.87 38.50 -45.44
C VAL D 632 5.83 39.65 -45.72
N ASP D 633 5.95 40.06 -46.99
CA ASP D 633 7.10 40.95 -47.33
C ASP D 633 6.92 42.34 -46.70
N GLY D 634 5.72 42.69 -46.25
CA GLY D 634 5.51 43.89 -45.40
C GLY D 634 6.26 43.86 -44.08
N ALA D 635 6.74 42.70 -43.63
CA ALA D 635 7.49 42.59 -42.37
C ALA D 635 8.99 42.50 -42.60
N ALA D 636 9.51 42.80 -43.81
CA ALA D 636 10.93 42.51 -44.12
C ALA D 636 11.86 43.27 -43.18
N ALA D 637 11.45 44.43 -42.64
CA ALA D 637 12.34 45.25 -41.79
C ALA D 637 12.73 44.52 -40.49
N LEU D 638 11.90 43.59 -40.00
N LEU D 638 11.92 43.59 -40.00
CA LEU D 638 12.16 42.82 -38.76
CA LEU D 638 12.22 42.83 -38.74
C LEU D 638 13.32 41.84 -38.95
C LEU D 638 13.45 41.93 -38.94
N PHE D 639 13.77 41.61 -40.18
CA PHE D 639 14.80 40.59 -40.53
C PHE D 639 16.18 41.29 -40.64
N ALA D 640 16.27 42.63 -40.49
CA ALA D 640 17.53 43.42 -40.53
C ALA D 640 18.43 43.09 -39.32
N SER D 641 19.76 43.08 -39.52
CA SER D 641 20.77 42.78 -38.47
C SER D 641 20.65 43.77 -37.28
N THR D 642 20.14 44.98 -37.53
CA THR D 642 20.05 46.10 -36.55
C THR D 642 18.69 46.05 -35.82
N ALA D 643 17.75 45.22 -36.28
CA ALA D 643 16.41 45.05 -35.68
C ALA D 643 16.59 44.67 -34.19
N SER D 644 15.92 45.41 -33.30
CA SER D 644 15.97 45.21 -31.83
C SER D 644 14.67 45.70 -31.20
N SER D 645 14.16 44.99 -30.18
CA SER D 645 12.89 45.34 -29.48
C SER D 645 12.95 44.79 -28.06
N PRO D 646 12.43 45.52 -27.06
CA PRO D 646 12.30 44.95 -25.72
C PRO D 646 11.24 43.84 -25.71
N LEU D 647 10.51 43.64 -26.82
CA LEU D 647 9.34 42.75 -26.81
C LEU D 647 9.72 41.31 -27.22
N PHE D 648 10.94 41.07 -27.65
CA PHE D 648 11.42 39.71 -28.02
C PHE D 648 12.93 39.69 -28.08
N PRO D 649 13.55 38.51 -27.93
CA PRO D 649 15.00 38.41 -27.96
C PRO D 649 15.59 38.88 -29.28
N THR D 650 16.76 39.48 -29.18
CA THR D 650 17.52 39.95 -30.35
C THR D 650 17.53 38.87 -31.45
N GLY D 651 17.15 39.24 -32.68
CA GLY D 651 17.25 38.37 -33.86
C GLY D 651 16.16 37.32 -33.94
N ARG D 652 15.14 37.36 -33.09
CA ARG D 652 14.11 36.27 -33.01
C ARG D 652 13.39 36.06 -34.36
N PRO D 653 12.85 37.09 -35.06
CA PRO D 653 12.15 36.84 -36.32
C PRO D 653 13.04 36.06 -37.29
N LEU D 654 14.26 36.53 -37.52
CA LEU D 654 15.17 35.88 -38.50
C LEU D 654 15.52 34.47 -38.01
N GLN D 655 15.72 34.28 -36.70
CA GLN D 655 16.15 32.95 -36.19
C GLN D 655 15.06 31.92 -36.48
N ILE D 656 13.81 32.29 -36.37
CA ILE D 656 12.67 31.40 -36.69
C ILE D 656 12.78 30.94 -38.14
N PHE D 657 13.05 31.88 -39.06
CA PHE D 657 13.12 31.55 -40.51
C PHE D 657 14.35 30.67 -40.77
N VAL D 658 15.46 31.06 -40.24
CA VAL D 658 16.76 30.35 -40.40
C VAL D 658 16.63 28.91 -39.84
N ASP D 659 16.15 28.77 -38.60
CA ASP D 659 16.00 27.42 -38.01
C ASP D 659 15.10 26.58 -38.91
N ALA D 660 13.98 27.13 -39.33
CA ALA D 660 13.04 26.36 -40.17
C ALA D 660 13.77 25.89 -41.45
N TYR D 661 14.55 26.79 -42.09
CA TYR D 661 15.26 26.40 -43.33
C TYR D 661 16.27 25.28 -43.04
N ARG D 662 17.09 25.49 -41.99
CA ARG D 662 18.19 24.56 -41.69
C ARG D 662 17.61 23.20 -41.28
N TRP D 663 16.41 23.16 -40.71
CA TRP D 663 15.78 21.88 -40.29
C TRP D 663 15.01 21.23 -41.43
N GLY D 664 15.09 21.81 -42.64
CA GLY D 664 14.51 21.17 -43.83
C GLY D 664 13.09 21.54 -44.18
N LYS D 665 12.46 22.50 -43.51
CA LYS D 665 11.03 22.81 -43.70
C LYS D 665 10.84 23.68 -44.95
N PRO D 666 9.65 23.61 -45.57
CA PRO D 666 9.25 24.61 -46.59
C PRO D 666 9.27 25.98 -45.93
N VAL D 667 9.89 26.96 -46.63
CA VAL D 667 9.99 28.35 -46.14
C VAL D 667 9.77 29.27 -47.33
N GLY D 668 9.24 30.44 -47.07
CA GLY D 668 9.05 31.37 -48.19
C GLY D 668 8.74 32.76 -47.75
N VAL D 669 8.71 33.64 -48.75
CA VAL D 669 8.32 35.05 -48.57
C VAL D 669 7.20 35.33 -49.54
N CYS D 670 6.07 35.82 -49.07
CA CYS D 670 4.86 36.05 -49.88
C CYS D 670 4.71 37.56 -50.09
N GLY D 671 4.59 37.98 -51.35
CA GLY D 671 4.26 39.39 -51.68
C GLY D 671 5.10 39.93 -52.83
N GLY D 672 6.25 39.34 -53.14
CA GLY D 672 7.06 39.69 -54.33
C GLY D 672 8.41 40.29 -53.99
N LYS D 673 8.57 40.89 -52.82
CA LYS D 673 9.87 41.42 -52.35
C LYS D 673 10.49 40.44 -51.34
N SER D 674 11.33 39.57 -51.84
CA SER D 674 11.84 38.39 -51.11
C SER D 674 13.32 38.57 -50.81
N SER D 675 13.99 39.50 -51.47
CA SER D 675 15.47 39.56 -51.46
C SER D 675 16.01 39.88 -50.06
N GLU D 676 15.44 40.88 -49.39
CA GLU D 676 15.95 41.40 -48.09
C GLU D 676 15.89 40.22 -47.08
N VAL D 677 14.75 39.54 -47.03
CA VAL D 677 14.58 38.40 -46.06
C VAL D 677 15.49 37.24 -46.46
N LEU D 678 15.42 36.76 -47.71
CA LEU D 678 16.19 35.56 -48.10
C LEU D 678 17.68 35.85 -47.96
N ASP D 679 18.12 37.08 -48.25
CA ASP D 679 19.57 37.42 -48.13
C ASP D 679 19.98 37.45 -46.65
N ALA D 680 19.18 38.06 -45.78
CA ALA D 680 19.49 38.10 -44.32
C ALA D 680 19.63 36.65 -43.80
N ALA D 681 18.81 35.73 -44.32
CA ALA D 681 18.77 34.32 -43.88
C ALA D 681 19.81 33.46 -44.60
N ASP D 682 20.53 34.00 -45.59
CA ASP D 682 21.45 33.20 -46.42
C ASP D 682 20.65 32.04 -47.05
N VAL D 683 19.43 32.28 -47.49
CA VAL D 683 18.59 31.24 -48.13
C VAL D 683 18.53 31.56 -49.63
N PRO D 684 18.84 30.61 -50.53
CA PRO D 684 18.85 30.90 -51.97
C PRO D 684 17.41 30.89 -52.51
N GLU D 685 17.04 31.89 -53.31
CA GLU D 685 15.69 31.98 -53.88
C GLU D 685 15.41 30.75 -54.74
N ASP D 686 16.42 30.16 -55.37
CA ASP D 686 16.19 29.00 -56.28
C ASP D 686 16.17 27.66 -55.52
N GLY D 687 16.24 27.67 -54.19
CA GLY D 687 16.35 26.41 -53.44
C GLY D 687 15.08 25.62 -53.50
N ASP D 688 15.18 24.29 -53.51
N ASP D 688 15.19 24.29 -53.50
CA ASP D 688 14.00 23.41 -53.38
CA ASP D 688 14.04 23.36 -53.35
C ASP D 688 13.37 23.68 -52.00
C ASP D 688 13.38 23.66 -51.99
N GLY D 689 12.06 23.83 -51.97
CA GLY D 689 11.29 24.11 -50.73
C GLY D 689 11.51 25.52 -50.23
N VAL D 690 11.90 26.43 -51.12
CA VAL D 690 12.03 27.88 -50.86
C VAL D 690 11.08 28.57 -51.83
N TYR D 691 10.10 29.32 -51.34
CA TYR D 691 9.01 29.88 -52.17
C TYR D 691 9.06 31.40 -52.12
N SER D 692 8.92 32.01 -53.30
CA SER D 692 8.82 33.47 -53.46
C SER D 692 7.77 33.76 -54.55
N GLU D 693 6.61 34.26 -54.16
CA GLU D 693 5.53 34.59 -55.11
C GLU D 693 4.84 35.83 -54.60
N GLU D 694 4.47 36.71 -55.53
CA GLU D 694 3.58 37.85 -55.23
C GLU D 694 2.16 37.35 -54.97
N SER D 695 1.66 36.46 -55.80
CA SER D 695 0.25 35.97 -55.74
C SER D 695 0.09 35.08 -54.51
N VAL D 696 -0.86 35.41 -53.63
CA VAL D 696 -1.18 34.58 -52.44
C VAL D 696 -1.60 33.19 -52.93
N ASP D 697 -2.46 33.08 -53.93
CA ASP D 697 -2.96 31.77 -54.41
C ASP D 697 -1.81 30.91 -54.94
N MET D 698 -0.89 31.48 -55.71
CA MET D 698 0.25 30.75 -56.29
C MET D 698 1.24 30.38 -55.16
N PHE D 699 1.46 31.31 -54.23
CA PHE D 699 2.32 31.04 -53.06
C PHE D 699 1.79 29.79 -52.36
N VAL D 700 0.51 29.76 -52.08
CA VAL D 700 -0.10 28.69 -51.25
C VAL D 700 -0.10 27.37 -52.02
N GLU D 701 -0.39 27.37 -53.32
CA GLU D 701 -0.35 26.12 -54.13
C GLU D 701 1.05 25.52 -54.05
N GLU D 702 2.11 26.32 -54.24
CA GLU D 702 3.50 25.82 -54.20
C GLU D 702 3.82 25.31 -52.78
N PHE D 703 3.59 26.15 -51.80
CA PHE D 703 3.96 25.93 -50.39
C PHE D 703 3.27 24.65 -49.91
N GLU D 704 2.00 24.42 -50.27
CA GLU D 704 1.28 23.18 -49.89
C GLU D 704 1.96 21.92 -50.46
N LYS D 705 2.61 21.98 -51.63
CA LYS D 705 3.34 20.81 -52.16
C LYS D 705 4.56 20.59 -51.28
N GLY D 706 5.16 21.68 -50.81
CA GLY D 706 6.31 21.66 -49.90
C GLY D 706 5.96 21.01 -48.55
N LEU D 707 4.80 21.33 -48.01
CA LEU D 707 4.34 20.72 -46.73
C LEU D 707 4.13 19.21 -46.94
N ALA D 708 3.56 18.76 -48.06
CA ALA D 708 3.40 17.31 -48.35
C ALA D 708 4.79 16.69 -48.46
N THR D 709 5.77 17.34 -49.11
CA THR D 709 7.16 16.80 -49.19
C THR D 709 7.71 16.66 -47.76
N PHE D 710 7.37 17.65 -46.96
CA PHE D 710 7.59 17.71 -45.49
C PHE D 710 9.03 18.10 -45.15
N ARG D 711 10.01 17.42 -45.71
CA ARG D 711 11.42 17.75 -45.49
C ARG D 711 12.20 17.80 -46.80
N PHE D 712 13.02 18.84 -46.93
CA PHE D 712 13.94 19.07 -48.08
C PHE D 712 15.31 18.56 -47.67
N THR D 713 15.58 17.30 -48.02
CA THR D 713 16.77 16.59 -47.52
C THR D 713 18.03 17.06 -48.23
N ASP D 714 17.93 17.85 -49.30
CA ASP D 714 19.16 18.34 -49.97
C ASP D 714 19.89 19.38 -49.13
N ARG D 715 19.37 19.78 -47.94
CA ARG D 715 20.02 20.82 -47.11
C ARG D 715 20.93 20.19 -46.05
N PHE D 716 21.15 18.86 -46.14
CA PHE D 716 21.96 18.10 -45.17
C PHE D 716 23.18 17.54 -45.86
N ALA D 717 24.37 17.80 -45.31
CA ALA D 717 25.67 17.32 -45.83
C ALA D 717 25.78 15.81 -45.64
N LEU D 718 26.36 15.13 -46.61
CA LEU D 718 26.60 13.67 -46.58
C LEU D 718 28.10 13.42 -46.43
N ASP D 719 28.47 12.39 -45.69
CA ASP D 719 29.87 11.90 -45.73
C ASP D 719 30.13 11.45 -47.19
#